data_6PZZ
#
_entry.id   6PZZ
#
loop_
_entity.id
_entity.type
_entity.pdbx_description
1 polymer Neuraminidase
2 polymer 'NA-80 fragment antibody light chain'
3 polymer 'NA-80 fragment antibody heavy chain'
4 branched 2-acetamido-2-deoxy-beta-D-glucopyranose-(1-4)-2-acetamido-2-deoxy-beta-D-glucopyranose
5 branched alpha-D-mannopyranose-(1-2)-alpha-D-mannopyranose-(1-2)-alpha-D-mannopyranose-(1-3)-[alpha-D-mannopyranose-(1-3)-[alpha-D-mannopyranose-(1-6)]alpha-D-mannopyranose-(1-6)]beta-D-mannopyranose-(1-4)-2-acetamido-2-deoxy-beta-D-glucopyranose-(1-4)-2-acetamido-2-deoxy-beta-D-glucopyranose
6 non-polymer 2-acetamido-2-deoxy-beta-D-glucopyranose
#
loop_
_entity_poly.entity_id
_entity_poly.type
_entity_poly.pdbx_seq_one_letter_code
_entity_poly.pdbx_strand_id
1 'polypeptide(L)'
;LKPGCNCSHSQPETTNTSQTIINNYYNETNITNIQMEERTSRNFNNLTKGLCTINSWHIYGKDNAVRIGESSDVLVTREP
YVSCDPDECRFYALSQGTTIRGKHSNGTIHDRSQYRALISWPLSSPPTVYNSRVECIGWSSTSCHDGKSRMSICISGPNN
NASAVVWYNRRPVAEINTWARNILRTQESECVCHNGVCPVVFTDGSATGPADTRIYYFKEGKILKWESLTGTAKHIEECS
CYGERTGITCTCRDNWQGSNRPVIQIDPVAMTHTSQYICSPVLTDNPRPNDPNIGKCNDPYPGNNNNGVKGFSYLDGANT
WLGRTISTASRSGYEMLKVPNALTDDRSKPIQGQTIVLNADWSGYSGSFMDYWAEGDCYRACFYVELIRGRPKEDKVWWT
SNSIVSMCSSTEFLGQWNWPDGAKIEYFL
;
A,B,C,D
2 'polypeptide(L)'
;DIVMTQSPSSLSASVGDRVTISCRASQSISSYLNWYQQKPGKAPKLLIYAASSLQSGVPSRFSGSASGTDFTLTISSLQP
EDFATYYCQQSYSAPFTFGPGTKVDIERTVAAPSVFIFPPSDEQLKSGTASVVCLLNNFYPREAKVQWKVDNALQSGNSQ
ESVTEQDSKDSTYSLSSTLTLSKADYEKHKVYACEVTHQGLSSPVTKSFNRGEC
;
L,E,G,J
3 'polypeptide(L)'
;QVQLVQSGAEVKRPGASVKVSCKASGYTFISYGISWVRQAPGQGLEWMGWISAYNGNTNYAQNLQGRVTMTTDTSTSTAY
MELRSLRSDDTAVYYCARVIPGTAVDYFDYWGQGTLVTVSSASTKGPSVFPLAPSSKSTSGGTAALGCLVKDYFPEPVTV
SWNSGALTSGVHTFPAVLQSSGLYSLSSVVTVPSSSLGTQTYICNVNHKPSNTKVDKRVEPKSC
;
H,F,I,K
#
loop_
_chem_comp.id
_chem_comp.type
_chem_comp.name
_chem_comp.formula
BMA D-saccharide, beta linking beta-D-mannopyranose 'C6 H12 O6'
MAN D-saccharide, alpha linking alpha-D-mannopyranose 'C6 H12 O6'
NAG D-saccharide, beta linking 2-acetamido-2-deoxy-beta-D-glucopyranose 'C8 H15 N O6'
#
# COMPACT_ATOMS: atom_id res chain seq x y z
N ARG A 42 26.35 15.67 -11.27
CA ARG A 42 27.10 14.43 -11.34
C ARG A 42 27.85 14.32 -12.64
N ASN A 43 28.27 13.11 -12.97
CA ASN A 43 29.01 12.84 -14.18
C ASN A 43 28.67 11.43 -14.60
N PHE A 44 29.23 10.99 -15.69
CA PHE A 44 28.94 9.65 -16.16
C PHE A 44 29.79 8.63 -15.51
N ASN A 45 29.26 7.44 -15.38
CA ASN A 45 30.04 6.35 -14.85
C ASN A 45 31.10 5.93 -15.85
N ASN A 46 32.33 5.73 -15.35
CA ASN A 46 33.46 5.29 -16.15
C ASN A 46 33.98 3.95 -15.65
N LEU A 47 34.05 2.95 -16.53
CA LEU A 47 34.44 1.60 -16.12
C LEU A 47 35.93 1.43 -15.96
N THR A 48 36.48 2.04 -14.93
CA THR A 48 37.91 2.00 -14.74
C THR A 48 38.44 0.96 -13.77
N LYS A 49 37.61 0.40 -12.92
CA LYS A 49 38.12 -0.55 -11.94
C LYS A 49 38.07 -1.95 -12.51
N GLY A 50 38.83 -2.86 -11.93
CA GLY A 50 38.81 -4.25 -12.39
C GLY A 50 37.79 -5.06 -11.61
N LEU A 51 37.78 -6.37 -11.82
CA LEU A 51 36.89 -7.30 -11.12
C LEU A 51 37.54 -7.84 -9.86
N CYS A 52 36.77 -7.93 -8.79
CA CYS A 52 37.29 -8.45 -7.53
C CYS A 52 37.55 -9.94 -7.64
N THR A 53 38.49 -10.45 -6.84
CA THR A 53 38.73 -11.88 -6.78
C THR A 53 37.49 -12.60 -6.28
N ILE A 54 37.09 -13.66 -6.95
CA ILE A 54 35.94 -14.39 -6.49
C ILE A 54 36.31 -15.73 -5.93
N ASN A 55 36.15 -15.87 -4.62
CA ASN A 55 36.43 -17.12 -3.96
C ASN A 55 35.14 -17.84 -3.65
N SER A 56 34.10 -17.08 -3.32
CA SER A 56 32.81 -17.69 -3.00
C SER A 56 31.68 -16.70 -3.19
N TRP A 57 30.44 -17.20 -3.15
CA TRP A 57 29.27 -16.34 -3.30
C TRP A 57 28.40 -16.26 -2.04
N HIS A 58 27.75 -15.11 -1.80
CA HIS A 58 26.87 -14.95 -0.65
C HIS A 58 25.55 -14.31 -1.03
N ILE A 59 24.55 -14.49 -0.19
CA ILE A 59 23.23 -13.95 -0.49
C ILE A 59 23.22 -12.45 -0.51
N TYR A 60 22.63 -11.91 -1.56
CA TYR A 60 22.48 -10.48 -1.76
C TYR A 60 21.04 -10.09 -1.56
N GLY A 61 20.13 -10.87 -2.12
CA GLY A 61 18.72 -10.56 -2.03
C GLY A 61 17.83 -11.73 -2.39
N LYS A 62 16.56 -11.61 -2.02
CA LYS A 62 15.55 -12.63 -2.26
C LYS A 62 14.19 -12.05 -1.98
N ASP A 63 13.25 -12.13 -2.91
CA ASP A 63 11.94 -11.52 -2.60
C ASP A 63 10.87 -12.43 -2.01
N ASN A 64 10.96 -13.71 -2.30
CA ASN A 64 9.99 -14.71 -1.87
C ASN A 64 8.65 -14.33 -2.41
N ALA A 65 8.63 -13.82 -3.63
CA ALA A 65 7.39 -13.37 -4.21
C ALA A 65 6.32 -14.43 -4.31
N VAL A 66 6.65 -15.66 -4.62
CA VAL A 66 5.55 -16.59 -4.76
C VAL A 66 4.93 -16.92 -3.41
N ARG A 67 5.75 -17.15 -2.38
CA ARG A 67 5.20 -17.45 -1.07
C ARG A 67 4.32 -16.32 -0.57
N ILE A 68 4.76 -15.10 -0.73
CA ILE A 68 4.02 -13.96 -0.24
C ILE A 68 2.71 -13.84 -0.97
N GLY A 69 2.77 -14.04 -2.28
CA GLY A 69 1.64 -13.91 -3.17
C GLY A 69 0.50 -14.85 -2.88
N GLU A 70 0.69 -15.83 -2.01
CA GLU A 70 -0.40 -16.72 -1.70
C GLU A 70 -1.60 -15.98 -1.16
N SER A 71 -1.37 -14.94 -0.37
CA SER A 71 -2.45 -14.21 0.25
C SER A 71 -2.25 -12.70 0.23
N SER A 72 -1.65 -12.17 -0.82
CA SER A 72 -1.38 -10.73 -0.91
C SER A 72 -1.38 -10.28 -2.36
N ASP A 73 -1.35 -8.97 -2.59
CA ASP A 73 -1.45 -8.51 -3.97
C ASP A 73 -0.12 -8.43 -4.72
N VAL A 74 0.42 -9.60 -4.99
CA VAL A 74 1.68 -9.75 -5.71
C VAL A 74 1.40 -10.03 -7.16
N LEU A 75 2.05 -9.28 -8.02
CA LEU A 75 1.89 -9.38 -9.46
C LEU A 75 2.54 -10.60 -10.05
N VAL A 76 1.95 -11.09 -11.12
CA VAL A 76 2.53 -12.18 -11.85
C VAL A 76 3.61 -11.62 -12.71
N THR A 77 4.81 -12.15 -12.56
CA THR A 77 5.93 -11.69 -13.35
C THR A 77 6.70 -12.84 -13.92
N ARG A 78 7.56 -12.50 -14.87
CA ARG A 78 8.55 -13.36 -15.48
C ARG A 78 9.78 -12.60 -15.94
N GLU A 79 10.85 -13.34 -16.19
CA GLU A 79 12.04 -12.78 -16.81
C GLU A 79 12.61 -11.57 -16.09
N PRO A 80 13.02 -11.73 -14.83
CA PRO A 80 13.57 -10.72 -13.98
C PRO A 80 14.98 -10.39 -14.30
N TYR A 81 15.41 -9.25 -13.81
CA TYR A 81 16.81 -8.86 -13.81
C TYR A 81 17.05 -7.86 -12.70
N VAL A 82 18.30 -7.56 -12.42
CA VAL A 82 18.59 -6.68 -11.32
C VAL A 82 19.43 -5.55 -11.81
N SER A 83 19.17 -4.36 -11.31
CA SER A 83 19.97 -3.21 -11.70
C SER A 83 20.12 -2.18 -10.61
N CYS A 84 21.29 -1.55 -10.55
CA CYS A 84 21.53 -0.59 -9.49
C CYS A 84 21.88 0.80 -10.00
N ASP A 85 21.30 1.79 -9.35
CA ASP A 85 21.58 3.19 -9.60
C ASP A 85 22.61 3.56 -8.53
N PRO A 86 23.14 4.78 -8.48
CA PRO A 86 24.18 5.19 -7.55
C PRO A 86 23.84 5.05 -6.08
N ASP A 87 22.57 5.04 -5.73
CA ASP A 87 22.18 4.91 -4.37
C ASP A 87 21.09 3.89 -4.12
N GLU A 88 20.79 3.04 -5.10
CA GLU A 88 19.68 2.11 -4.92
C GLU A 88 19.68 0.89 -5.81
N CYS A 89 19.35 -0.27 -5.26
CA CYS A 89 19.19 -1.42 -6.13
C CYS A 89 17.74 -1.82 -6.18
N ARG A 90 17.29 -2.15 -7.38
CA ARG A 90 15.93 -2.55 -7.60
C ARG A 90 15.81 -3.77 -8.48
N PHE A 91 14.72 -4.46 -8.34
CA PHE A 91 14.40 -5.57 -9.17
C PHE A 91 13.57 -5.12 -10.32
N TYR A 92 13.82 -5.71 -11.47
CA TYR A 92 13.07 -5.40 -12.65
C TYR A 92 12.46 -6.66 -13.18
N ALA A 93 11.26 -6.57 -13.71
CA ALA A 93 10.64 -7.76 -14.29
C ALA A 93 9.53 -7.40 -15.23
N LEU A 94 9.11 -8.36 -16.04
CA LEU A 94 7.98 -8.12 -16.90
C LEU A 94 6.72 -8.66 -16.26
N SER A 95 5.80 -7.75 -16.02
CA SER A 95 4.53 -8.01 -15.39
C SER A 95 3.51 -8.43 -16.37
N GLN A 96 2.61 -9.30 -15.96
CA GLN A 96 1.53 -9.74 -16.83
C GLN A 96 0.25 -8.95 -16.61
N GLY A 97 0.30 -7.94 -15.74
CA GLY A 97 -0.86 -7.08 -15.48
C GLY A 97 -1.92 -7.68 -14.58
N THR A 98 -1.56 -8.59 -13.72
CA THR A 98 -2.52 -9.23 -12.86
C THR A 98 -1.85 -9.80 -11.65
N THR A 99 -2.58 -10.00 -10.56
CA THR A 99 -1.98 -10.66 -9.41
C THR A 99 -2.05 -12.15 -9.56
N ILE A 100 -1.23 -12.85 -8.81
CA ILE A 100 -1.14 -14.30 -8.94
C ILE A 100 -2.43 -14.96 -8.60
N ARG A 101 -3.01 -14.51 -7.54
CA ARG A 101 -4.23 -15.06 -7.01
C ARG A 101 -5.48 -14.65 -7.79
N GLY A 102 -5.37 -13.72 -8.72
CA GLY A 102 -6.56 -13.25 -9.43
C GLY A 102 -6.94 -14.18 -10.57
N LYS A 103 -8.05 -13.90 -11.23
CA LYS A 103 -8.48 -14.77 -12.29
C LYS A 103 -7.84 -14.46 -13.61
N HIS A 104 -7.17 -13.33 -13.70
CA HIS A 104 -6.53 -13.01 -14.95
C HIS A 104 -5.15 -13.64 -14.98
N SER A 105 -4.80 -14.42 -13.95
CA SER A 105 -3.52 -15.10 -13.97
C SER A 105 -3.65 -16.35 -14.84
N ASN A 106 -4.89 -16.69 -15.22
CA ASN A 106 -5.08 -17.88 -16.03
C ASN A 106 -4.61 -17.63 -17.44
N GLY A 107 -3.59 -18.36 -17.86
CA GLY A 107 -3.04 -18.15 -19.18
C GLY A 107 -1.82 -17.22 -19.25
N THR A 108 -1.23 -16.85 -18.12
CA THR A 108 -0.07 -15.95 -18.15
C THR A 108 1.21 -16.61 -18.61
N ILE A 109 1.09 -17.84 -19.06
CA ILE A 109 2.16 -18.60 -19.65
C ILE A 109 2.72 -17.94 -20.91
N HIS A 110 1.92 -17.16 -21.61
CA HIS A 110 2.38 -16.53 -22.84
C HIS A 110 3.43 -15.47 -22.63
N ASP A 111 4.35 -15.39 -23.58
CA ASP A 111 5.40 -14.40 -23.52
C ASP A 111 4.92 -13.00 -23.93
N ARG A 112 3.84 -12.91 -24.65
CA ARG A 112 3.34 -11.57 -24.90
C ARG A 112 1.85 -11.61 -24.98
N SER A 113 1.24 -10.63 -24.36
CA SER A 113 -0.19 -10.48 -24.33
C SER A 113 -0.49 -9.06 -24.60
N GLN A 114 0.58 -8.30 -24.56
CA GLN A 114 0.58 -6.85 -24.70
C GLN A 114 -0.08 -6.14 -23.53
N TYR A 115 -0.25 -6.87 -22.42
CA TYR A 115 -0.69 -6.30 -21.16
C TYR A 115 0.50 -6.27 -20.29
N ARG A 116 1.60 -6.63 -20.90
CA ARG A 116 2.86 -6.75 -20.29
C ARG A 116 3.65 -5.48 -20.25
N ALA A 117 4.29 -5.27 -19.12
CA ALA A 117 5.09 -4.08 -18.93
C ALA A 117 6.28 -4.31 -18.04
N LEU A 118 7.25 -3.43 -18.17
CA LEU A 118 8.44 -3.50 -17.36
C LEU A 118 8.27 -2.67 -16.16
N ILE A 119 8.39 -3.33 -15.02
CA ILE A 119 8.21 -2.69 -13.76
C ILE A 119 9.45 -2.80 -12.93
N SER A 120 9.51 -1.95 -11.92
CA SER A 120 10.63 -1.91 -11.01
C SER A 120 10.20 -1.75 -9.58
N TRP A 121 10.82 -2.50 -8.68
CA TRP A 121 10.45 -2.38 -7.29
C TRP A 121 11.70 -2.59 -6.42
N PRO A 122 11.72 -2.15 -5.15
CA PRO A 122 12.87 -2.21 -4.27
C PRO A 122 13.44 -3.58 -4.04
N LEU A 123 14.76 -3.65 -3.92
CA LEU A 123 15.46 -4.90 -3.71
C LEU A 123 14.86 -5.70 -2.58
N SER A 124 14.61 -6.97 -2.87
CA SER A 124 14.08 -7.98 -1.94
C SER A 124 12.65 -7.79 -1.46
N SER A 125 11.91 -6.84 -2.01
CA SER A 125 10.51 -6.75 -1.69
C SER A 125 9.81 -7.51 -2.80
N PRO A 126 8.61 -8.03 -2.62
CA PRO A 126 7.85 -8.63 -3.66
C PRO A 126 7.35 -7.55 -4.60
N PRO A 127 7.08 -7.87 -5.86
CA PRO A 127 6.54 -7.00 -6.88
C PRO A 127 5.07 -6.81 -6.70
N THR A 128 4.69 -6.05 -5.71
CA THR A 128 3.27 -5.89 -5.47
C THR A 128 2.70 -4.80 -6.31
N VAL A 129 1.39 -4.84 -6.39
CA VAL A 129 0.61 -3.90 -7.15
C VAL A 129 0.63 -2.51 -6.56
N TYR A 130 0.94 -2.40 -5.29
CA TYR A 130 0.90 -1.11 -4.66
C TYR A 130 2.27 -0.51 -4.46
N ASN A 131 3.34 -1.14 -4.96
CA ASN A 131 4.64 -0.51 -4.73
C ASN A 131 5.52 -0.50 -5.96
N SER A 132 5.00 -0.88 -7.11
CA SER A 132 5.82 -0.99 -8.28
C SER A 132 5.71 0.24 -9.14
N ARG A 133 6.80 0.55 -9.82
CA ARG A 133 6.81 1.65 -10.76
C ARG A 133 6.92 1.10 -12.15
N VAL A 134 6.23 1.70 -13.11
CA VAL A 134 6.34 1.23 -14.48
C VAL A 134 7.40 2.00 -15.23
N GLU A 135 8.32 1.30 -15.85
CA GLU A 135 9.39 1.96 -16.57
C GLU A 135 8.95 2.22 -17.99
N CYS A 136 8.36 1.19 -18.60
CA CYS A 136 7.88 1.25 -19.97
C CYS A 136 7.04 0.05 -20.32
N ILE A 137 6.39 0.08 -21.47
CA ILE A 137 5.53 -0.99 -21.92
C ILE A 137 6.07 -1.74 -23.09
N GLY A 138 5.98 -3.07 -23.02
CA GLY A 138 6.45 -3.94 -24.07
C GLY A 138 6.68 -5.33 -23.54
N TRP A 139 6.81 -6.29 -24.42
CA TRP A 139 7.03 -7.66 -24.02
C TRP A 139 8.48 -8.10 -23.88
N SER A 140 9.39 -7.24 -24.27
CA SER A 140 10.84 -7.50 -24.16
C SER A 140 11.57 -6.24 -23.78
N SER A 141 12.57 -6.34 -22.91
CA SER A 141 13.22 -5.10 -22.48
C SER A 141 14.65 -5.19 -21.96
N THR A 142 15.22 -4.01 -21.71
CA THR A 142 16.53 -3.83 -21.09
C THR A 142 16.68 -2.49 -20.43
N SER A 143 17.53 -2.38 -19.42
CA SER A 143 17.72 -1.04 -18.83
C SER A 143 18.99 -0.84 -18.05
N CYS A 144 19.39 0.42 -17.87
CA CYS A 144 20.55 0.73 -17.04
C CYS A 144 20.71 2.20 -16.73
N HIS A 145 21.60 2.49 -15.80
CA HIS A 145 21.88 3.86 -15.41
C HIS A 145 23.27 4.24 -15.85
N ASP A 146 23.40 5.40 -16.51
CA ASP A 146 24.69 5.81 -17.04
C ASP A 146 25.52 6.71 -16.15
N GLY A 147 25.02 7.01 -14.98
CA GLY A 147 25.64 7.89 -13.99
C GLY A 147 24.89 9.21 -13.82
N LYS A 148 24.12 9.59 -14.83
CA LYS A 148 23.32 10.79 -14.70
C LYS A 148 21.87 10.41 -14.64
N SER A 149 21.46 9.46 -15.47
CA SER A 149 20.08 9.02 -15.43
C SER A 149 19.87 7.64 -16.02
N ARG A 150 18.63 7.20 -16.01
CA ARG A 150 18.32 5.87 -16.48
C ARG A 150 17.76 5.79 -17.87
N MET A 151 18.20 4.78 -18.59
CA MET A 151 17.72 4.42 -19.90
C MET A 151 16.93 3.15 -19.79
N SER A 152 15.81 3.09 -20.48
CA SER A 152 15.01 1.87 -20.49
C SER A 152 14.54 1.62 -21.90
N ILE A 153 14.57 0.38 -22.33
CA ILE A 153 14.09 0.07 -23.65
C ILE A 153 13.03 -1.00 -23.60
N CYS A 154 11.89 -0.73 -24.22
CA CYS A 154 10.85 -1.71 -24.30
C CYS A 154 10.39 -1.97 -25.72
N ILE A 155 10.13 -3.24 -26.01
CA ILE A 155 9.65 -3.69 -27.29
C ILE A 155 8.23 -4.18 -27.20
N SER A 156 7.39 -3.65 -28.07
CA SER A 156 5.97 -3.95 -28.07
C SER A 156 5.42 -4.21 -29.46
N GLY A 157 4.16 -4.63 -29.54
CA GLY A 157 3.53 -4.84 -30.83
C GLY A 157 3.54 -6.29 -31.25
N PRO A 158 3.13 -6.60 -32.48
CA PRO A 158 2.94 -7.88 -33.09
C PRO A 158 4.26 -8.45 -33.38
N ASN A 159 4.30 -9.69 -33.80
CA ASN A 159 5.53 -10.31 -34.18
C ASN A 159 6.12 -9.78 -35.48
N ASN A 160 5.32 -9.13 -36.28
CA ASN A 160 5.76 -8.63 -37.56
C ASN A 160 6.13 -7.18 -37.48
N ASN A 161 5.13 -6.36 -37.26
CA ASN A 161 5.28 -4.92 -37.17
C ASN A 161 5.62 -4.48 -35.75
N ALA A 162 6.64 -5.09 -35.18
CA ALA A 162 7.10 -4.83 -33.81
C ALA A 162 7.90 -3.55 -33.74
N SER A 163 8.00 -2.95 -32.57
CA SER A 163 8.88 -1.79 -32.47
C SER A 163 9.49 -1.59 -31.10
N ALA A 164 10.63 -0.90 -31.07
CA ALA A 164 11.27 -0.60 -29.81
C ALA A 164 11.25 0.87 -29.50
N VAL A 165 10.95 1.17 -28.26
CA VAL A 165 10.98 2.55 -27.81
C VAL A 165 12.00 2.73 -26.74
N VAL A 166 12.87 3.67 -26.95
CA VAL A 166 13.94 3.97 -26.03
C VAL A 166 13.57 5.18 -25.22
N TRP A 167 13.57 4.99 -23.93
CA TRP A 167 13.25 5.99 -22.94
C TRP A 167 14.49 6.45 -22.24
N TYR A 168 14.53 7.70 -21.83
CA TYR A 168 15.64 8.15 -21.03
C TYR A 168 15.14 9.18 -20.08
N ASN A 169 15.51 9.04 -18.83
CA ASN A 169 15.10 9.97 -17.82
C ASN A 169 13.59 10.03 -17.79
N ARG A 170 12.98 8.86 -17.97
CA ARG A 170 11.55 8.62 -18.00
C ARG A 170 10.75 9.33 -19.09
N ARG A 171 11.39 9.70 -20.19
CA ARG A 171 10.68 10.26 -21.33
C ARG A 171 11.05 9.44 -22.56
N PRO A 172 10.19 9.26 -23.55
CA PRO A 172 10.55 8.58 -24.75
C PRO A 172 11.53 9.49 -25.47
N VAL A 173 12.55 8.92 -26.08
CA VAL A 173 13.54 9.69 -26.84
C VAL A 173 13.64 9.26 -28.29
N ALA A 174 13.73 7.97 -28.52
CA ALA A 174 14.00 7.48 -29.86
C ALA A 174 13.37 6.13 -30.10
N GLU A 175 13.14 5.81 -31.37
CA GLU A 175 12.56 4.52 -31.69
C GLU A 175 13.29 3.78 -32.79
N ILE A 176 13.20 2.47 -32.73
CA ILE A 176 13.75 1.56 -33.71
C ILE A 176 12.66 0.64 -34.25
N ASN A 177 12.51 0.56 -35.56
CA ASN A 177 11.51 -0.34 -36.10
C ASN A 177 12.15 -1.71 -36.29
N THR A 178 11.39 -2.67 -36.75
CA THR A 178 11.83 -4.03 -36.97
C THR A 178 12.48 -4.09 -38.33
N TRP A 179 13.48 -4.94 -38.51
CA TRP A 179 14.08 -5.00 -39.84
C TRP A 179 13.98 -6.35 -40.51
N ALA A 180 13.96 -7.43 -39.75
CA ALA A 180 13.89 -8.76 -40.35
C ALA A 180 12.47 -9.29 -40.27
N ARG A 181 11.61 -8.49 -39.71
CA ARG A 181 10.20 -8.77 -39.48
C ARG A 181 9.91 -10.04 -38.71
N ASN A 182 10.69 -10.36 -37.68
CA ASN A 182 10.34 -11.54 -36.93
C ASN A 182 10.76 -11.48 -35.48
N ILE A 183 9.86 -10.97 -34.64
CA ILE A 183 10.08 -10.83 -33.21
C ILE A 183 11.33 -10.03 -32.91
N LEU A 184 11.22 -8.73 -32.91
CA LEU A 184 12.36 -7.97 -32.46
C LEU A 184 12.54 -8.29 -31.00
N ARG A 185 13.74 -8.59 -30.56
CA ARG A 185 13.96 -8.93 -29.16
C ARG A 185 15.29 -8.48 -28.59
N THR A 186 15.38 -8.35 -27.27
CA THR A 186 16.65 -7.90 -26.70
C THR A 186 17.19 -8.68 -25.50
N GLN A 187 17.99 -8.00 -24.70
CA GLN A 187 18.76 -8.58 -23.62
C GLN A 187 18.07 -9.12 -22.36
N GLU A 188 16.99 -8.51 -21.89
CA GLU A 188 16.34 -8.95 -20.65
C GLU A 188 17.33 -8.89 -19.49
N SER A 189 18.21 -7.89 -19.49
CA SER A 189 19.24 -7.74 -18.49
C SER A 189 19.68 -6.31 -18.37
N GLU A 190 20.49 -6.05 -17.37
CA GLU A 190 21.05 -4.74 -17.18
C GLU A 190 22.03 -4.41 -18.32
N CYS A 191 21.97 -3.20 -18.83
CA CYS A 191 22.93 -2.75 -19.82
C CYS A 191 24.09 -2.04 -19.14
N VAL A 192 25.20 -1.91 -19.81
CA VAL A 192 26.34 -1.29 -19.15
C VAL A 192 26.79 -0.07 -19.88
N CYS A 193 26.95 1.03 -19.19
CA CYS A 193 27.36 2.25 -19.87
C CYS A 193 28.78 2.66 -19.54
N HIS A 194 29.45 3.30 -20.49
CA HIS A 194 30.78 3.86 -20.26
C HIS A 194 30.87 5.27 -20.81
N ASN A 195 31.05 6.22 -19.93
CA ASN A 195 31.13 7.62 -20.30
C ASN A 195 29.91 8.04 -21.08
N GLY A 196 28.76 7.55 -20.68
CA GLY A 196 27.52 7.90 -21.32
C GLY A 196 27.11 6.98 -22.46
N VAL A 197 28.00 6.10 -22.93
CA VAL A 197 27.61 5.24 -24.02
C VAL A 197 27.20 3.88 -23.56
N CYS A 198 26.01 3.47 -23.95
CA CYS A 198 25.43 2.22 -23.51
C CYS A 198 25.11 1.27 -24.67
N PRO A 199 25.98 0.32 -25.02
CA PRO A 199 25.76 -0.65 -26.09
C PRO A 199 24.59 -1.58 -25.76
N VAL A 200 23.72 -1.83 -26.71
CA VAL A 200 22.60 -2.74 -26.53
C VAL A 200 22.49 -3.75 -27.67
N VAL A 201 22.31 -5.01 -27.34
CA VAL A 201 22.21 -6.05 -28.36
C VAL A 201 20.75 -6.35 -28.74
N PHE A 202 20.46 -6.32 -30.04
CA PHE A 202 19.12 -6.64 -30.54
C PHE A 202 19.12 -7.74 -31.59
N THR A 203 18.10 -8.59 -31.52
CA THR A 203 17.98 -9.68 -32.47
C THR A 203 16.66 -9.62 -33.21
N ASP A 204 16.68 -9.98 -34.48
CA ASP A 204 15.45 -9.95 -35.29
C ASP A 204 15.51 -11.04 -36.36
N GLY A 205 14.64 -12.03 -36.30
CA GLY A 205 14.73 -13.13 -37.25
C GLY A 205 14.38 -14.46 -36.61
N SER A 206 14.41 -15.53 -37.40
CA SER A 206 14.02 -16.84 -36.91
C SER A 206 14.81 -17.31 -35.74
N ALA A 207 14.15 -17.93 -34.79
CA ALA A 207 14.82 -18.44 -33.59
C ALA A 207 15.45 -19.79 -33.85
N THR A 208 15.23 -20.35 -35.02
CA THR A 208 15.76 -21.65 -35.37
C THR A 208 16.39 -21.49 -36.72
N GLY A 209 17.25 -20.50 -36.84
CA GLY A 209 17.88 -20.18 -38.09
C GLY A 209 18.80 -19.00 -37.87
N PRO A 210 19.43 -18.50 -38.91
CA PRO A 210 20.38 -17.41 -38.87
C PRO A 210 19.71 -16.04 -38.75
N ALA A 211 19.15 -15.76 -37.58
CA ALA A 211 18.48 -14.47 -37.34
C ALA A 211 19.52 -13.38 -37.42
N ASP A 212 19.11 -12.17 -37.77
CA ASP A 212 20.16 -11.20 -37.84
C ASP A 212 20.39 -10.67 -36.45
N THR A 213 21.37 -9.79 -36.32
CA THR A 213 21.69 -9.17 -35.05
C THR A 213 22.30 -7.82 -35.24
N ARG A 214 21.94 -6.89 -34.38
CA ARG A 214 22.51 -5.58 -34.42
C ARG A 214 22.91 -5.10 -33.04
N ILE A 215 23.96 -4.32 -32.99
CA ILE A 215 24.33 -3.69 -31.76
C ILE A 215 24.21 -2.21 -31.91
N TYR A 216 23.45 -1.60 -31.03
CA TYR A 216 23.24 -0.18 -31.08
C TYR A 216 23.99 0.48 -29.96
N TYR A 217 24.51 1.64 -30.23
CA TYR A 217 25.19 2.40 -29.20
C TYR A 217 24.37 3.62 -28.92
N PHE A 218 23.92 3.71 -27.67
CA PHE A 218 23.07 4.81 -27.26
C PHE A 218 23.72 5.78 -26.31
N LYS A 219 23.31 7.03 -26.41
CA LYS A 219 23.73 8.05 -25.45
C LYS A 219 22.60 8.98 -25.13
N GLU A 220 22.21 9.00 -23.87
CA GLU A 220 21.09 9.79 -23.40
C GLU A 220 19.84 9.46 -24.20
N GLY A 221 19.71 8.21 -24.57
CA GLY A 221 18.56 7.74 -25.32
C GLY A 221 18.67 7.93 -26.83
N LYS A 222 19.72 8.61 -27.31
CA LYS A 222 19.84 8.85 -28.73
C LYS A 222 20.67 7.76 -29.37
N ILE A 223 20.51 7.55 -30.65
CA ILE A 223 21.32 6.54 -31.31
C ILE A 223 22.52 7.17 -31.95
N LEU A 224 23.71 6.72 -31.57
CA LEU A 224 24.90 7.29 -32.12
C LEU A 224 25.43 6.45 -33.25
N LYS A 225 25.23 5.16 -33.12
CA LYS A 225 25.75 4.23 -34.11
C LYS A 225 25.10 2.89 -33.99
N TRP A 226 25.19 2.10 -35.03
CA TRP A 226 24.87 0.72 -34.84
C TRP A 226 25.72 -0.10 -35.78
N GLU A 227 25.89 -1.37 -35.43
CA GLU A 227 26.66 -2.29 -36.22
C GLU A 227 25.98 -3.61 -36.45
N SER A 228 26.23 -4.19 -37.60
CA SER A 228 25.76 -5.54 -37.84
C SER A 228 26.66 -6.44 -37.03
N LEU A 229 26.15 -7.54 -36.55
CA LEU A 229 27.00 -8.46 -35.80
C LEU A 229 28.14 -9.06 -36.59
N THR A 230 29.34 -9.05 -35.99
CA THR A 230 30.48 -9.70 -36.59
C THR A 230 31.13 -10.73 -35.68
N GLY A 231 32.20 -11.34 -36.15
CA GLY A 231 32.92 -12.35 -35.40
C GLY A 231 32.43 -13.75 -35.77
N THR A 232 32.71 -14.73 -34.92
CA THR A 232 32.43 -16.11 -35.26
C THR A 232 31.21 -16.71 -34.59
N ALA A 233 30.54 -15.94 -33.74
CA ALA A 233 29.35 -16.48 -33.11
C ALA A 233 28.30 -16.66 -34.20
N LYS A 234 27.49 -17.71 -34.15
CA LYS A 234 26.52 -17.91 -35.20
C LYS A 234 25.10 -17.46 -34.92
N HIS A 235 24.72 -17.38 -33.65
CA HIS A 235 23.37 -16.99 -33.31
C HIS A 235 23.37 -16.37 -31.93
N ILE A 236 22.80 -15.19 -31.80
CA ILE A 236 22.79 -14.52 -30.51
C ILE A 236 21.48 -13.99 -29.99
N GLU A 237 21.12 -14.37 -28.77
CA GLU A 237 19.95 -13.84 -28.11
C GLU A 237 20.19 -13.57 -26.63
N GLU A 238 19.44 -12.63 -26.05
CA GLU A 238 19.41 -12.46 -24.60
C GLU A 238 20.75 -12.25 -23.86
N CYS A 239 21.58 -11.30 -24.29
CA CYS A 239 22.89 -11.11 -23.66
C CYS A 239 22.85 -10.54 -22.23
N SER A 240 23.76 -11.05 -21.41
CA SER A 240 24.04 -10.63 -20.03
C SER A 240 25.40 -10.00 -19.96
N CYS A 241 25.47 -8.73 -19.62
CA CYS A 241 26.75 -8.05 -19.74
C CYS A 241 27.23 -7.39 -18.45
N TYR A 242 28.56 -7.30 -18.34
CA TYR A 242 29.18 -6.56 -17.26
C TYR A 242 30.38 -5.82 -17.80
N GLY A 243 30.74 -4.71 -17.18
CA GLY A 243 31.91 -3.97 -17.62
C GLY A 243 33.09 -4.17 -16.71
N GLU A 244 34.29 -4.05 -17.27
CA GLU A 244 35.48 -4.13 -16.45
C GLU A 244 36.75 -3.53 -17.02
N ARG A 245 37.37 -2.62 -16.27
CA ARG A 245 38.66 -2.04 -16.62
C ARG A 245 38.72 -1.63 -18.07
N THR A 246 37.66 -0.98 -18.52
CA THR A 246 37.40 -0.54 -19.87
C THR A 246 37.07 -1.74 -20.74
N GLY A 247 35.85 -1.78 -21.24
CA GLY A 247 35.40 -2.88 -22.07
C GLY A 247 34.25 -3.62 -21.43
N ILE A 248 33.37 -4.11 -22.27
CA ILE A 248 32.19 -4.81 -21.84
C ILE A 248 32.13 -6.23 -22.35
N THR A 249 31.88 -7.14 -21.45
CA THR A 249 31.80 -8.53 -21.82
C THR A 249 30.39 -9.04 -21.71
N CYS A 250 29.90 -9.65 -22.76
CA CYS A 250 28.55 -10.18 -22.72
C CYS A 250 28.46 -11.64 -23.01
N THR A 251 27.71 -12.35 -22.19
CA THR A 251 27.49 -13.75 -22.43
C THR A 251 26.10 -13.87 -22.95
N CYS A 252 25.95 -14.53 -24.07
CA CYS A 252 24.67 -14.57 -24.71
C CYS A 252 24.22 -15.97 -24.96
N ARG A 253 23.07 -16.14 -25.56
CA ARG A 253 22.60 -17.47 -25.83
C ARG A 253 22.47 -17.81 -27.29
N ASP A 254 22.83 -19.04 -27.64
CA ASP A 254 22.66 -19.57 -28.98
C ASP A 254 21.50 -20.54 -28.94
N ASN A 255 20.37 -20.14 -29.51
CA ASN A 255 19.14 -20.91 -29.49
C ASN A 255 19.05 -21.73 -30.73
N TRP A 256 20.10 -21.79 -31.52
CA TRP A 256 19.98 -22.51 -32.75
C TRP A 256 20.80 -23.79 -32.74
N GLN A 257 22.11 -23.67 -32.62
CA GLN A 257 22.95 -24.86 -32.81
C GLN A 257 23.81 -25.41 -31.67
N GLY A 258 23.67 -25.00 -30.42
CA GLY A 258 24.59 -25.65 -29.47
C GLY A 258 24.53 -25.20 -28.02
N SER A 259 25.34 -25.89 -27.20
CA SER A 259 25.37 -25.66 -25.75
C SER A 259 26.52 -24.83 -25.17
N ASN A 260 27.38 -24.37 -26.05
CA ASN A 260 28.50 -23.53 -25.72
C ASN A 260 28.11 -22.11 -26.00
N ARG A 261 27.78 -21.39 -24.95
CA ARG A 261 27.26 -20.06 -25.12
C ARG A 261 28.25 -19.13 -25.81
N PRO A 262 27.79 -18.26 -26.73
CA PRO A 262 28.52 -17.22 -27.41
C PRO A 262 28.84 -16.07 -26.49
N VAL A 263 29.93 -15.40 -26.79
CA VAL A 263 30.37 -14.23 -26.09
C VAL A 263 30.63 -13.06 -27.01
N ILE A 264 30.16 -11.90 -26.61
CA ILE A 264 30.41 -10.69 -27.39
C ILE A 264 31.35 -9.84 -26.59
N GLN A 265 32.40 -9.40 -27.23
CA GLN A 265 33.35 -8.52 -26.57
C GLN A 265 33.21 -7.15 -27.20
N ILE A 266 32.78 -6.19 -26.39
CA ILE A 266 32.48 -4.86 -26.89
C ILE A 266 33.40 -3.79 -26.38
N ASP A 267 33.91 -2.99 -27.29
CA ASP A 267 34.71 -1.85 -26.94
C ASP A 267 33.85 -0.60 -27.08
N PRO A 268 33.34 -0.01 -25.98
CA PRO A 268 32.40 1.08 -25.97
C PRO A 268 33.00 2.38 -26.40
N VAL A 269 34.31 2.45 -26.48
CA VAL A 269 34.93 3.68 -26.85
C VAL A 269 35.05 3.69 -28.33
N ALA A 270 35.51 2.57 -28.84
CA ALA A 270 35.67 2.40 -30.25
C ALA A 270 34.35 2.15 -30.92
N MET A 271 33.41 1.60 -30.16
CA MET A 271 32.13 1.17 -30.65
C MET A 271 32.35 0.13 -31.69
N THR A 272 33.17 -0.85 -31.34
CA THR A 272 33.44 -2.00 -32.21
C THR A 272 33.30 -3.25 -31.39
N HIS A 273 33.19 -4.38 -32.06
CA HIS A 273 33.06 -5.60 -31.30
C HIS A 273 33.48 -6.81 -32.07
N THR A 274 33.71 -7.87 -31.32
CA THR A 274 33.96 -9.19 -31.87
C THR A 274 33.16 -10.23 -31.16
N SER A 275 33.23 -11.45 -31.66
CA SER A 275 32.51 -12.53 -31.00
C SER A 275 33.16 -13.89 -31.20
N GLN A 276 32.85 -14.79 -30.27
CA GLN A 276 33.34 -16.16 -30.26
C GLN A 276 32.54 -16.99 -29.30
N TYR A 277 32.83 -18.27 -29.16
CA TYR A 277 32.18 -19.09 -28.17
C TYR A 277 33.10 -19.34 -27.01
N ILE A 278 32.55 -19.71 -25.87
CA ILE A 278 33.42 -20.10 -24.77
C ILE A 278 33.99 -21.47 -25.09
N CYS A 279 35.31 -21.58 -25.12
CA CYS A 279 36.05 -22.78 -25.49
C CYS A 279 35.87 -23.96 -24.55
N SER A 280 35.74 -23.69 -23.27
CA SER A 280 35.65 -24.72 -22.27
C SER A 280 34.71 -25.87 -22.62
N PRO A 281 35.06 -27.12 -22.28
CA PRO A 281 34.29 -28.31 -22.47
C PRO A 281 33.11 -28.33 -21.55
N VAL A 282 33.07 -27.42 -20.60
CA VAL A 282 31.96 -27.40 -19.70
C VAL A 282 30.83 -26.75 -20.45
N LEU A 283 29.72 -27.45 -20.62
CA LEU A 283 28.65 -26.84 -21.36
C LEU A 283 27.75 -26.11 -20.40
N THR A 284 27.17 -24.99 -20.85
CA THR A 284 26.36 -24.20 -19.95
C THR A 284 24.90 -23.98 -20.31
N ASP A 285 24.47 -24.40 -21.48
CA ASP A 285 23.06 -24.17 -21.80
C ASP A 285 22.18 -25.30 -21.26
N ASN A 286 20.89 -25.22 -21.49
CA ASN A 286 19.92 -26.17 -21.01
C ASN A 286 18.73 -26.24 -21.96
N PRO A 287 18.46 -27.38 -22.56
CA PRO A 287 19.06 -28.69 -22.43
C PRO A 287 20.43 -28.71 -23.03
N ARG A 288 21.26 -29.60 -22.54
CA ARG A 288 22.61 -29.73 -23.07
C ARG A 288 23.09 -31.17 -23.11
N PRO A 289 24.09 -31.49 -23.92
CA PRO A 289 24.81 -32.74 -23.97
C PRO A 289 25.60 -32.89 -22.70
N ASN A 290 26.00 -34.10 -22.41
CA ASN A 290 26.88 -34.36 -21.30
C ASN A 290 28.26 -33.87 -21.68
N ASP A 291 28.99 -33.35 -20.74
CA ASP A 291 30.27 -32.77 -21.07
C ASP A 291 31.32 -33.72 -21.73
N PRO A 292 31.99 -33.27 -22.82
CA PRO A 292 33.05 -33.87 -23.60
C PRO A 292 34.36 -33.59 -22.93
N ASN A 293 35.47 -34.07 -23.50
CA ASN A 293 36.74 -33.69 -22.95
C ASN A 293 37.19 -32.39 -23.59
N ILE A 294 36.90 -32.25 -24.88
CA ILE A 294 37.35 -31.07 -25.61
C ILE A 294 36.19 -30.23 -26.14
N GLY A 295 36.23 -28.93 -25.85
CA GLY A 295 35.21 -28.00 -26.29
C GLY A 295 35.53 -27.37 -27.65
N LYS A 296 34.76 -26.34 -28.03
CA LYS A 296 34.91 -25.67 -29.31
C LYS A 296 34.89 -24.18 -29.16
N CYS A 297 35.56 -23.45 -30.06
CA CYS A 297 35.64 -22.01 -29.90
C CYS A 297 34.98 -21.15 -30.97
N ASN A 298 34.99 -21.61 -32.20
CA ASN A 298 34.48 -20.75 -33.28
C ASN A 298 33.32 -21.38 -34.00
N ASP A 299 32.65 -22.27 -33.32
CA ASP A 299 31.54 -22.99 -33.88
C ASP A 299 30.75 -23.56 -32.69
N PRO A 300 29.44 -23.60 -32.73
CA PRO A 300 28.59 -24.12 -31.68
C PRO A 300 28.79 -25.61 -31.48
N TYR A 301 28.56 -26.06 -30.28
CA TYR A 301 28.71 -27.46 -29.89
C TYR A 301 27.34 -28.15 -29.96
N PRO A 302 27.16 -29.15 -30.83
CA PRO A 302 25.93 -29.81 -31.21
C PRO A 302 25.31 -30.76 -30.22
N GLY A 303 24.07 -31.14 -30.52
CA GLY A 303 23.33 -32.18 -29.80
C GLY A 303 21.97 -31.75 -29.28
N ASN A 304 21.78 -30.47 -29.08
CA ASN A 304 20.51 -29.94 -28.61
C ASN A 304 20.15 -28.70 -29.39
N ASN A 305 19.38 -28.91 -30.44
CA ASN A 305 19.08 -27.82 -31.35
C ASN A 305 17.80 -27.13 -30.97
N ASN A 306 17.67 -25.90 -31.41
CA ASN A 306 16.47 -25.10 -31.28
C ASN A 306 15.98 -24.92 -29.85
N ASN A 307 16.88 -24.75 -28.89
CA ASN A 307 16.46 -24.55 -27.51
C ASN A 307 17.54 -23.84 -26.71
N GLY A 308 17.26 -23.59 -25.44
CA GLY A 308 18.23 -22.97 -24.53
C GLY A 308 17.58 -22.02 -23.52
N VAL A 309 18.39 -21.60 -22.55
CA VAL A 309 18.03 -20.69 -21.46
C VAL A 309 19.08 -19.58 -21.28
N LYS A 310 18.66 -18.37 -20.99
CA LYS A 310 19.55 -17.25 -20.73
C LYS A 310 20.46 -17.56 -19.55
N GLY A 311 21.74 -17.17 -19.64
CA GLY A 311 22.68 -17.41 -18.55
C GLY A 311 23.84 -16.43 -18.56
N PHE A 312 24.86 -16.70 -17.75
CA PHE A 312 25.96 -15.76 -17.67
C PHE A 312 27.25 -16.40 -17.25
N SER A 313 28.29 -15.62 -17.41
CA SER A 313 29.61 -15.98 -16.97
C SER A 313 30.42 -14.76 -16.69
N TYR A 314 31.47 -14.93 -15.91
CA TYR A 314 32.45 -13.90 -15.68
C TYR A 314 33.74 -14.42 -16.21
N LEU A 315 34.28 -13.75 -17.18
CA LEU A 315 35.48 -14.27 -17.79
C LEU A 315 36.65 -13.43 -17.39
N ASP A 316 37.55 -14.03 -16.62
CA ASP A 316 38.69 -13.31 -16.10
C ASP A 316 39.88 -14.22 -15.85
N GLY A 317 40.30 -14.96 -16.86
CA GLY A 317 41.47 -15.80 -16.68
C GLY A 317 41.25 -16.82 -15.59
N ALA A 318 42.12 -16.81 -14.60
CA ALA A 318 42.06 -17.76 -13.50
C ALA A 318 40.97 -17.38 -12.52
N ASN A 319 40.36 -16.24 -12.71
CA ASN A 319 39.28 -15.77 -11.86
C ASN A 319 37.97 -15.96 -12.59
N THR A 320 37.97 -16.82 -13.59
CA THR A 320 36.78 -17.13 -14.36
C THR A 320 35.80 -18.07 -13.70
N TRP A 321 34.54 -17.67 -13.73
CA TRP A 321 33.42 -18.46 -13.19
C TRP A 321 32.29 -18.60 -14.20
N LEU A 322 31.69 -19.77 -14.25
CA LEU A 322 30.58 -20.00 -15.17
C LEU A 322 29.32 -20.38 -14.42
N GLY A 323 28.15 -19.92 -14.87
CA GLY A 323 26.93 -20.40 -14.23
C GLY A 323 26.19 -21.37 -15.13
N ARG A 324 25.47 -22.30 -14.54
CA ARG A 324 24.65 -23.19 -15.34
C ARG A 324 23.62 -23.92 -14.50
N THR A 325 22.67 -24.60 -15.15
CA THR A 325 21.69 -25.41 -14.45
C THR A 325 22.35 -26.67 -14.06
N ILE A 326 21.74 -27.45 -13.20
CA ILE A 326 22.39 -28.67 -12.83
C ILE A 326 21.91 -29.77 -13.72
N SER A 327 20.62 -29.85 -13.90
CA SER A 327 20.11 -30.86 -14.78
C SER A 327 20.40 -30.49 -16.20
N THR A 328 20.68 -31.49 -17.01
CA THR A 328 20.91 -31.31 -18.41
C THR A 328 19.64 -31.45 -19.21
N ALA A 329 18.61 -31.99 -18.57
CA ALA A 329 17.35 -32.26 -19.24
C ALA A 329 16.32 -31.15 -19.12
N SER A 330 16.39 -30.35 -18.07
CA SER A 330 15.37 -29.35 -17.85
C SER A 330 15.88 -28.22 -17.01
N ARG A 331 15.10 -27.16 -16.88
CA ARG A 331 15.57 -26.02 -16.12
C ARG A 331 15.43 -26.12 -14.61
N SER A 332 16.31 -26.92 -14.03
CA SER A 332 16.35 -27.13 -12.58
C SER A 332 17.78 -27.12 -12.06
N GLY A 333 17.90 -26.60 -10.85
CA GLY A 333 19.16 -26.52 -10.14
C GLY A 333 19.94 -25.35 -10.64
N TYR A 334 20.98 -24.98 -9.92
CA TYR A 334 21.83 -23.94 -10.43
C TYR A 334 23.12 -23.97 -9.68
N GLU A 335 24.22 -23.88 -10.41
CA GLU A 335 25.51 -23.90 -9.77
C GLU A 335 26.52 -22.99 -10.41
N MET A 336 27.49 -22.60 -9.60
CA MET A 336 28.61 -21.82 -10.08
C MET A 336 29.86 -22.66 -10.10
N LEU A 337 30.59 -22.61 -11.20
CA LEU A 337 31.82 -23.36 -11.29
C LEU A 337 32.99 -22.45 -11.57
N LYS A 338 34.10 -22.70 -10.91
CA LYS A 338 35.32 -21.92 -11.15
C LYS A 338 36.11 -22.68 -12.17
N VAL A 339 36.25 -22.11 -13.35
CA VAL A 339 36.89 -22.79 -14.46
C VAL A 339 37.93 -21.90 -15.12
N PRO A 340 39.19 -21.96 -14.72
CA PRO A 340 40.24 -21.11 -15.18
C PRO A 340 40.35 -21.14 -16.67
N ASN A 341 40.48 -19.97 -17.23
CA ASN A 341 40.65 -19.74 -18.64
C ASN A 341 39.59 -20.38 -19.52
N ALA A 342 38.37 -20.49 -19.02
CA ALA A 342 37.29 -21.11 -19.80
C ALA A 342 37.06 -20.49 -21.15
N LEU A 343 37.29 -19.20 -21.27
CA LEU A 343 37.05 -18.58 -22.55
C LEU A 343 37.94 -19.11 -23.66
N THR A 344 39.20 -19.42 -23.35
CA THR A 344 40.14 -19.81 -24.40
C THR A 344 40.66 -21.24 -24.33
N ASP A 345 40.57 -21.89 -23.19
CA ASP A 345 41.14 -23.23 -23.03
C ASP A 345 40.09 -24.32 -23.22
N ASP A 346 40.16 -25.03 -24.33
CA ASP A 346 39.13 -25.99 -24.66
C ASP A 346 39.24 -27.30 -23.92
N ARG A 347 40.21 -27.41 -23.03
CA ARG A 347 40.35 -28.57 -22.18
C ARG A 347 40.23 -28.20 -20.70
N SER A 348 39.85 -26.96 -20.40
CA SER A 348 39.76 -26.55 -19.00
C SER A 348 38.63 -27.19 -18.24
N LYS A 349 38.86 -27.49 -16.98
CA LYS A 349 37.86 -28.08 -16.11
C LYS A 349 37.73 -27.34 -14.78
N PRO A 350 36.60 -27.46 -14.06
CA PRO A 350 36.36 -26.87 -12.78
C PRO A 350 37.33 -27.29 -11.72
N ILE A 351 37.69 -26.33 -10.90
CA ILE A 351 38.59 -26.54 -9.79
C ILE A 351 37.94 -26.21 -8.46
N GLN A 352 36.68 -25.82 -8.50
CA GLN A 352 35.93 -25.39 -7.34
C GLN A 352 34.53 -25.09 -7.81
N GLY A 353 33.56 -25.06 -6.90
CA GLY A 353 32.24 -24.59 -7.26
C GLY A 353 31.32 -24.41 -6.05
N GLN A 354 30.12 -23.93 -6.31
CA GLN A 354 29.13 -23.68 -5.27
C GLN A 354 27.72 -23.92 -5.76
N THR A 355 26.92 -24.61 -4.97
CA THR A 355 25.53 -24.88 -5.35
C THR A 355 24.66 -23.74 -4.90
N ILE A 356 23.79 -23.26 -5.78
CA ILE A 356 22.90 -22.17 -5.42
C ILE A 356 21.49 -22.73 -5.24
N VAL A 357 21.09 -23.55 -6.19
CA VAL A 357 19.78 -24.12 -6.22
C VAL A 357 19.93 -25.62 -6.41
N LEU A 358 19.15 -26.42 -5.73
CA LEU A 358 19.31 -27.86 -5.90
C LEU A 358 18.62 -28.29 -7.15
N ASN A 359 19.00 -29.42 -7.71
CA ASN A 359 18.33 -29.92 -8.89
C ASN A 359 16.91 -30.39 -8.59
N ALA A 360 16.61 -30.48 -7.30
CA ALA A 360 15.31 -30.85 -6.80
C ALA A 360 14.37 -29.65 -6.80
N ASP A 361 14.90 -28.46 -6.97
CA ASP A 361 14.14 -27.23 -6.93
C ASP A 361 13.93 -26.80 -8.38
N TRP A 362 13.21 -25.72 -8.61
CA TRP A 362 13.09 -25.23 -9.98
C TRP A 362 14.01 -24.07 -10.19
N SER A 363 14.50 -23.91 -11.41
CA SER A 363 15.39 -22.81 -11.76
C SER A 363 14.75 -21.95 -12.81
N GLY A 364 15.57 -21.34 -13.65
CA GLY A 364 15.04 -20.41 -14.63
C GLY A 364 16.15 -19.62 -15.28
N TYR A 365 15.82 -18.43 -15.76
CA TYR A 365 16.81 -17.63 -16.43
C TYR A 365 17.76 -17.08 -15.43
N SER A 366 19.00 -16.89 -15.80
CA SER A 366 19.92 -16.24 -14.89
C SER A 366 20.71 -15.21 -15.61
N GLY A 367 21.38 -14.36 -14.87
CA GLY A 367 22.19 -13.32 -15.50
C GLY A 367 23.06 -12.57 -14.52
N SER A 368 23.91 -11.70 -15.04
CA SER A 368 24.86 -10.94 -14.23
C SER A 368 24.52 -9.48 -14.05
N PHE A 369 25.07 -8.88 -13.00
CA PHE A 369 24.98 -7.44 -12.77
C PHE A 369 26.10 -6.97 -11.86
N MET A 370 26.35 -5.67 -11.84
CA MET A 370 27.34 -5.09 -10.94
C MET A 370 26.94 -3.73 -10.43
N ASP A 371 27.35 -3.40 -9.22
CA ASP A 371 27.14 -2.05 -8.74
C ASP A 371 28.37 -1.24 -9.08
N TYR A 372 28.22 -0.32 -9.99
CA TYR A 372 29.38 0.40 -10.50
C TYR A 372 29.66 1.68 -9.75
N TRP A 373 28.89 1.93 -8.70
CA TRP A 373 29.08 3.12 -7.88
C TRP A 373 29.54 2.80 -6.49
N ALA A 374 29.78 1.53 -6.24
CA ALA A 374 30.19 1.11 -4.92
C ALA A 374 31.62 1.55 -4.69
N GLU A 375 31.96 1.82 -3.45
CA GLU A 375 33.32 2.16 -3.11
C GLU A 375 34.20 0.94 -3.17
N GLY A 376 35.50 1.15 -3.37
CA GLY A 376 36.45 0.04 -3.41
C GLY A 376 37.31 0.14 -4.65
N ASP A 377 38.26 -0.77 -4.79
CA ASP A 377 39.19 -0.82 -5.90
C ASP A 377 38.85 -1.84 -6.98
N CYS A 378 37.68 -2.43 -6.90
CA CYS A 378 37.23 -3.41 -7.87
C CYS A 378 35.74 -3.49 -7.87
N TYR A 379 35.17 -4.11 -8.89
CA TYR A 379 33.74 -4.27 -8.90
C TYR A 379 33.37 -5.62 -8.36
N ARG A 380 32.35 -5.65 -7.54
CA ARG A 380 31.94 -6.91 -6.98
C ARG A 380 30.96 -7.55 -7.91
N ALA A 381 31.30 -8.70 -8.43
CA ALA A 381 30.41 -9.39 -9.33
C ALA A 381 29.20 -9.89 -8.62
N CYS A 382 28.04 -9.82 -9.27
CA CYS A 382 26.84 -10.40 -8.72
C CYS A 382 26.00 -11.08 -9.80
N PHE A 383 25.05 -11.89 -9.39
CA PHE A 383 24.16 -12.51 -10.35
C PHE A 383 22.82 -12.84 -9.76
N TYR A 384 21.88 -13.11 -10.62
CA TYR A 384 20.56 -13.49 -10.17
C TYR A 384 20.05 -14.69 -10.89
N VAL A 385 19.15 -15.38 -10.22
CA VAL A 385 18.46 -16.52 -10.80
C VAL A 385 16.95 -16.41 -10.63
N GLU A 386 16.24 -16.62 -11.72
CA GLU A 386 14.79 -16.67 -11.73
C GLU A 386 14.37 -18.03 -11.27
N LEU A 387 13.46 -18.13 -10.34
CA LEU A 387 13.00 -19.44 -9.93
C LEU A 387 11.57 -19.60 -10.40
N ILE A 388 11.35 -20.43 -11.39
CA ILE A 388 10.02 -20.52 -11.97
C ILE A 388 9.14 -21.57 -11.34
N ARG A 389 7.93 -21.16 -11.02
CA ARG A 389 6.93 -22.07 -10.45
C ARG A 389 5.68 -22.01 -11.29
N GLY A 390 4.91 -23.08 -11.27
CA GLY A 390 3.67 -23.11 -12.02
C GLY A 390 3.92 -23.67 -13.41
N ARG A 391 3.09 -23.27 -14.35
CA ARG A 391 3.21 -23.84 -15.66
C ARG A 391 4.50 -23.33 -16.21
N PRO A 392 5.12 -24.06 -17.11
CA PRO A 392 4.75 -25.30 -17.76
C PRO A 392 5.10 -26.59 -17.03
N LYS A 393 5.54 -26.54 -15.78
CA LYS A 393 5.96 -27.78 -15.14
C LYS A 393 4.93 -28.29 -14.17
N GLU A 394 4.20 -27.37 -13.58
CA GLU A 394 3.20 -27.72 -12.61
C GLU A 394 1.83 -27.44 -13.21
N ASP A 395 1.05 -28.49 -13.41
CA ASP A 395 -0.23 -28.40 -14.08
C ASP A 395 -1.38 -28.17 -13.15
N LYS A 396 -1.09 -27.94 -11.90
CA LYS A 396 -2.12 -27.79 -10.92
C LYS A 396 -2.60 -26.37 -10.84
N VAL A 397 -1.90 -25.49 -11.51
CA VAL A 397 -2.26 -24.12 -11.54
C VAL A 397 -2.32 -23.69 -12.98
N TRP A 398 -3.03 -22.62 -13.24
CA TRP A 398 -3.14 -22.11 -14.58
C TRP A 398 -2.22 -20.95 -14.89
N TRP A 399 -1.40 -20.60 -13.94
CA TRP A 399 -0.46 -19.52 -14.08
C TRP A 399 0.94 -19.99 -14.09
N THR A 400 1.84 -19.05 -14.29
CA THR A 400 3.28 -19.24 -14.21
C THR A 400 3.77 -18.00 -13.50
N SER A 401 4.79 -18.14 -12.68
CA SER A 401 5.35 -16.99 -11.97
C SER A 401 6.75 -17.30 -11.51
N ASN A 402 7.42 -16.31 -10.95
CA ASN A 402 8.77 -16.57 -10.49
C ASN A 402 9.11 -15.85 -9.22
N SER A 403 10.11 -16.38 -8.54
CA SER A 403 10.71 -15.71 -7.39
C SER A 403 12.13 -15.35 -7.78
N ILE A 404 12.70 -14.37 -7.11
CA ILE A 404 14.06 -13.97 -7.44
C ILE A 404 15.04 -14.21 -6.33
N VAL A 405 16.16 -14.85 -6.67
CA VAL A 405 17.24 -15.00 -5.70
C VAL A 405 18.51 -14.41 -6.29
N SER A 406 19.27 -13.67 -5.51
CA SER A 406 20.51 -13.12 -6.03
C SER A 406 21.66 -13.23 -5.07
N MET A 407 22.86 -13.30 -5.66
CA MET A 407 24.13 -13.50 -4.98
C MET A 407 25.22 -12.55 -5.40
N CYS A 408 26.11 -12.25 -4.47
CA CYS A 408 27.30 -11.48 -4.79
C CYS A 408 28.55 -12.19 -4.37
N SER A 409 29.63 -11.93 -5.07
CA SER A 409 30.88 -12.55 -4.74
C SER A 409 31.53 -11.94 -3.54
N SER A 410 32.48 -12.70 -3.03
CA SER A 410 33.38 -12.32 -1.95
C SER A 410 34.73 -12.94 -2.11
N THR A 411 35.71 -12.31 -1.47
CA THR A 411 37.09 -12.76 -1.48
C THR A 411 37.34 -13.78 -0.39
N GLU A 412 36.36 -13.93 0.47
CA GLU A 412 36.46 -14.88 1.55
C GLU A 412 35.89 -16.19 1.11
N PHE A 413 36.30 -17.25 1.77
CA PHE A 413 35.70 -18.53 1.49
C PHE A 413 34.61 -18.74 2.50
N LEU A 414 33.39 -18.62 2.04
CA LEU A 414 32.19 -18.70 2.83
C LEU A 414 31.52 -20.02 2.59
N GLY A 415 30.63 -20.42 3.48
CA GLY A 415 29.95 -21.70 3.32
C GLY A 415 28.82 -21.58 2.32
N GLN A 416 28.06 -22.64 2.13
CA GLN A 416 27.00 -22.61 1.13
C GLN A 416 25.67 -23.13 1.62
N TRP A 417 24.63 -22.66 0.99
CA TRP A 417 23.27 -23.05 1.28
C TRP A 417 22.46 -22.95 0.01
N ASN A 418 21.51 -23.87 -0.23
CA ASN A 418 20.67 -23.73 -1.41
C ASN A 418 19.51 -22.80 -1.12
N TRP A 419 18.94 -22.22 -2.15
CA TRP A 419 17.86 -21.29 -1.94
C TRP A 419 16.55 -21.51 -2.73
N PRO A 420 15.69 -22.45 -2.35
CA PRO A 420 14.45 -22.81 -3.02
C PRO A 420 13.54 -21.60 -2.94
N ASP A 421 12.56 -21.46 -3.83
CA ASP A 421 11.64 -20.35 -3.68
C ASP A 421 10.79 -20.57 -2.44
N GLY A 422 10.54 -21.83 -2.14
CA GLY A 422 9.82 -22.21 -0.94
C GLY A 422 8.31 -22.17 -0.98
N ALA A 423 7.70 -21.96 -2.12
CA ALA A 423 6.26 -21.92 -2.08
C ALA A 423 5.65 -23.30 -2.09
N LYS A 424 4.54 -23.44 -1.41
CA LYS A 424 3.78 -24.65 -1.52
C LYS A 424 2.77 -24.51 -2.62
N ILE A 425 2.86 -25.33 -3.64
CA ILE A 425 1.93 -25.18 -4.74
C ILE A 425 0.53 -25.54 -4.27
N GLU A 426 0.47 -26.41 -3.27
CA GLU A 426 -0.77 -26.87 -2.71
C GLU A 426 -1.61 -25.76 -2.15
N TYR A 427 -0.99 -24.66 -1.78
CA TYR A 427 -1.73 -23.58 -1.17
C TYR A 427 -2.43 -22.75 -2.22
N PHE A 428 -2.09 -22.98 -3.47
CA PHE A 428 -2.69 -22.27 -4.56
C PHE A 428 -3.68 -23.18 -5.25
N LEU A 429 -3.89 -24.34 -4.68
CA LEU A 429 -4.74 -25.34 -5.29
C LEU A 429 -5.97 -25.63 -4.45
N ASP B 1 52.57 -47.44 -29.82
CA ASP B 1 51.53 -48.44 -29.76
C ASP B 1 50.67 -48.15 -28.54
N ILE B 2 49.43 -47.73 -28.76
CA ILE B 2 48.55 -47.38 -27.67
C ILE B 2 47.65 -48.60 -27.49
N VAL B 3 47.93 -49.30 -26.41
CA VAL B 3 47.42 -50.63 -26.20
C VAL B 3 46.26 -50.77 -25.28
N MET B 4 45.26 -51.52 -25.74
CA MET B 4 44.11 -51.78 -24.91
C MET B 4 43.52 -53.15 -25.14
N THR B 5 43.06 -53.75 -24.06
CA THR B 5 42.40 -55.03 -24.09
C THR B 5 41.00 -54.96 -23.56
N GLN B 6 40.25 -56.01 -23.81
CA GLN B 6 38.86 -56.14 -23.38
C GLN B 6 38.75 -57.36 -22.49
N SER B 7 37.87 -57.31 -21.52
CA SER B 7 37.60 -58.45 -20.68
C SER B 7 36.18 -58.37 -20.14
N PRO B 8 35.37 -59.40 -20.32
CA PRO B 8 35.53 -60.67 -21.00
C PRO B 8 35.71 -60.46 -22.48
N SER B 9 36.33 -61.40 -23.18
CA SER B 9 36.39 -61.31 -24.63
C SER B 9 35.00 -61.64 -25.18
N SER B 10 34.29 -62.46 -24.43
CA SER B 10 32.95 -62.85 -24.73
C SER B 10 32.25 -63.22 -23.46
N LEU B 11 30.95 -63.08 -23.48
CA LEU B 11 30.09 -63.47 -22.37
C LEU B 11 28.70 -63.65 -22.88
N SER B 12 27.81 -64.10 -22.02
CA SER B 12 26.44 -64.19 -22.40
C SER B 12 25.60 -63.96 -21.19
N ALA B 13 24.39 -63.52 -21.41
CA ALA B 13 23.47 -63.33 -20.30
C ALA B 13 22.03 -63.38 -20.76
N SER B 14 21.14 -63.82 -19.88
CA SER B 14 19.70 -63.77 -20.12
C SER B 14 19.19 -62.36 -20.15
N VAL B 15 18.20 -62.10 -20.97
CA VAL B 15 17.65 -60.76 -21.02
C VAL B 15 17.12 -60.43 -19.62
N GLY B 16 17.41 -59.21 -19.18
CA GLY B 16 17.07 -58.73 -17.85
C GLY B 16 18.22 -58.90 -16.84
N ASP B 17 19.24 -59.66 -17.23
CA ASP B 17 20.41 -59.95 -16.40
C ASP B 17 21.53 -58.92 -16.57
N ARG B 18 21.77 -58.13 -15.54
CA ARG B 18 22.77 -57.06 -15.53
C ARG B 18 24.20 -57.54 -15.76
N VAL B 19 24.93 -56.89 -16.68
CA VAL B 19 26.32 -57.27 -16.96
C VAL B 19 27.28 -56.08 -16.91
N THR B 20 28.56 -56.40 -16.82
CA THR B 20 29.64 -55.41 -16.89
C THR B 20 30.73 -55.88 -17.86
N ILE B 21 31.21 -54.96 -18.68
CA ILE B 21 32.29 -55.18 -19.62
C ILE B 21 33.46 -54.25 -19.31
N SER B 22 34.68 -54.78 -19.24
CA SER B 22 35.81 -53.91 -18.93
C SER B 22 36.82 -53.74 -20.07
N CYS B 23 37.51 -52.61 -20.05
CA CYS B 23 38.63 -52.35 -20.93
C CYS B 23 39.84 -51.85 -20.15
N ARG B 24 41.00 -52.33 -20.54
CA ARG B 24 42.23 -51.93 -19.86
C ARG B 24 43.27 -51.35 -20.76
N ALA B 25 43.60 -50.11 -20.52
CA ALA B 25 44.60 -49.46 -21.33
C ALA B 25 45.95 -49.65 -20.66
N SER B 26 46.99 -49.72 -21.47
CA SER B 26 48.32 -49.76 -20.93
C SER B 26 48.70 -48.37 -20.46
N GLN B 27 48.44 -47.41 -21.32
CA GLN B 27 48.75 -46.02 -21.08
C GLN B 27 47.73 -45.27 -20.23
N SER B 28 48.21 -44.21 -19.58
CA SER B 28 47.37 -43.37 -18.76
C SER B 28 46.54 -42.39 -19.57
N ILE B 29 45.59 -42.95 -20.30
CA ILE B 29 44.70 -42.23 -21.19
C ILE B 29 43.68 -41.33 -20.51
N SER B 30 43.55 -41.45 -19.20
CA SER B 30 42.62 -40.66 -18.41
C SER B 30 41.20 -40.83 -18.84
N SER B 31 40.51 -39.74 -19.09
CA SER B 31 39.11 -39.78 -19.46
C SER B 31 38.87 -40.08 -20.93
N TYR B 32 39.91 -40.12 -21.73
CA TYR B 32 39.72 -40.23 -23.15
C TYR B 32 39.42 -41.62 -23.66
N LEU B 33 38.24 -42.09 -23.31
CA LEU B 33 37.79 -43.39 -23.76
C LEU B 33 36.31 -43.39 -24.09
N ASN B 34 36.00 -43.90 -25.27
CA ASN B 34 34.61 -43.94 -25.68
C ASN B 34 34.12 -45.35 -25.87
N TRP B 35 32.84 -45.57 -25.68
CA TRP B 35 32.27 -46.89 -25.92
C TRP B 35 31.29 -46.90 -27.06
N TYR B 36 31.46 -47.90 -27.90
CA TYR B 36 30.66 -48.17 -29.07
C TYR B 36 29.92 -49.48 -29.02
N GLN B 37 28.80 -49.54 -29.71
CA GLN B 37 28.00 -50.74 -29.83
C GLN B 37 27.80 -51.16 -31.27
N GLN B 38 28.20 -52.37 -31.64
CA GLN B 38 28.01 -52.75 -33.03
C GLN B 38 27.21 -54.01 -33.22
N LYS B 39 26.22 -53.90 -34.09
CA LYS B 39 25.37 -54.99 -34.46
C LYS B 39 25.79 -55.47 -35.84
N PRO B 40 25.55 -56.73 -36.20
CA PRO B 40 25.91 -57.25 -37.48
C PRO B 40 25.28 -56.47 -38.57
N GLY B 41 26.06 -56.13 -39.58
CA GLY B 41 25.57 -55.42 -40.74
C GLY B 41 25.45 -53.92 -40.56
N LYS B 42 25.80 -53.40 -39.39
CA LYS B 42 25.64 -51.97 -39.17
C LYS B 42 26.89 -51.26 -38.73
N ALA B 43 26.91 -49.96 -39.01
CA ALA B 43 27.95 -49.10 -38.53
C ALA B 43 27.83 -49.04 -37.03
N PRO B 44 28.90 -48.86 -36.27
CA PRO B 44 28.85 -48.82 -34.85
C PRO B 44 28.10 -47.59 -34.36
N LYS B 45 27.39 -47.77 -33.25
CA LYS B 45 26.62 -46.77 -32.54
C LYS B 45 27.38 -46.29 -31.32
N LEU B 46 27.10 -45.10 -30.85
CA LEU B 46 27.77 -44.67 -29.64
C LEU B 46 26.93 -44.74 -28.43
N LEU B 47 27.57 -45.08 -27.34
CA LEU B 47 26.88 -45.09 -26.09
C LEU B 47 27.43 -44.08 -25.12
N ILE B 48 28.72 -44.19 -24.84
CA ILE B 48 29.36 -43.38 -23.80
C ILE B 48 30.62 -42.70 -24.28
N TYR B 49 30.81 -41.48 -23.89
CA TYR B 49 32.02 -40.79 -24.26
C TYR B 49 32.69 -40.10 -23.12
N ALA B 50 33.97 -39.84 -23.29
CA ALA B 50 34.72 -39.17 -22.26
C ALA B 50 34.57 -39.96 -20.95
N ALA B 51 34.72 -41.28 -21.04
CA ALA B 51 34.66 -42.24 -19.96
C ALA B 51 33.27 -42.47 -19.41
N SER B 52 32.56 -41.42 -19.01
CA SER B 52 31.26 -41.61 -18.40
C SER B 52 30.09 -40.75 -18.91
N SER B 53 30.28 -39.95 -19.94
CA SER B 53 29.19 -39.12 -20.41
C SER B 53 28.28 -39.90 -21.34
N LEU B 54 27.01 -39.99 -21.01
CA LEU B 54 26.13 -40.75 -21.87
C LEU B 54 25.75 -39.92 -23.09
N GLN B 55 25.72 -40.54 -24.26
CA GLN B 55 25.26 -39.85 -25.46
C GLN B 55 23.77 -39.70 -25.53
N SER B 56 23.31 -38.50 -25.81
CA SER B 56 21.89 -38.25 -25.90
C SER B 56 21.26 -39.19 -26.89
N GLY B 57 20.12 -39.74 -26.50
CA GLY B 57 19.40 -40.69 -27.33
C GLY B 57 19.68 -42.12 -26.89
N VAL B 58 20.71 -42.30 -26.08
CA VAL B 58 21.07 -43.60 -25.57
C VAL B 58 20.28 -43.86 -24.31
N PRO B 59 19.63 -45.01 -24.16
CA PRO B 59 18.86 -45.35 -23.01
C PRO B 59 19.69 -45.23 -21.75
N SER B 60 19.01 -44.82 -20.69
CA SER B 60 19.54 -44.58 -19.37
C SER B 60 20.06 -45.82 -18.69
N ARG B 61 19.75 -46.97 -19.26
CA ARG B 61 20.22 -48.22 -18.70
C ARG B 61 21.73 -48.31 -18.81
N PHE B 62 22.35 -47.52 -19.69
CA PHE B 62 23.79 -47.60 -19.87
C PHE B 62 24.53 -46.61 -18.98
N SER B 63 25.65 -47.05 -18.44
CA SER B 63 26.48 -46.19 -17.62
C SER B 63 27.90 -46.72 -17.58
N GLY B 64 28.81 -45.95 -17.03
CA GLY B 64 30.17 -46.43 -16.93
C GLY B 64 31.01 -45.53 -16.05
N SER B 65 32.23 -45.95 -15.83
CA SER B 65 33.16 -45.25 -14.97
C SER B 65 34.56 -45.71 -15.23
N ALA B 66 35.53 -45.06 -14.58
CA ALA B 66 36.89 -45.50 -14.75
C ALA B 66 37.76 -45.23 -13.54
N SER B 67 38.79 -46.05 -13.39
CA SER B 67 39.81 -45.90 -12.36
C SER B 67 41.14 -46.37 -12.90
N GLY B 68 42.19 -45.58 -12.73
CA GLY B 68 43.48 -46.00 -13.27
C GLY B 68 43.30 -46.09 -14.76
N THR B 69 43.62 -47.24 -15.35
CA THR B 69 43.47 -47.41 -16.78
C THR B 69 42.34 -48.39 -17.06
N ASP B 70 41.60 -48.73 -16.02
CA ASP B 70 40.49 -49.68 -16.12
C ASP B 70 39.15 -48.99 -16.25
N PHE B 71 38.50 -49.24 -17.36
CA PHE B 71 37.25 -48.59 -17.69
C PHE B 71 36.16 -49.61 -17.76
N THR B 72 34.99 -49.26 -17.31
CA THR B 72 33.92 -50.22 -17.45
C THR B 72 32.67 -49.64 -18.01
N LEU B 73 31.93 -50.50 -18.67
CA LEU B 73 30.61 -50.22 -19.15
C LEU B 73 29.70 -51.18 -18.53
N THR B 74 28.61 -50.67 -18.05
CA THR B 74 27.65 -51.55 -17.48
C THR B 74 26.28 -51.16 -17.84
N ILE B 75 25.38 -52.02 -17.47
CA ILE B 75 24.00 -51.77 -17.69
C ILE B 75 23.20 -51.98 -16.45
N SER B 76 21.97 -51.51 -16.45
CA SER B 76 21.07 -51.88 -15.38
C SER B 76 20.48 -53.20 -15.83
N SER B 77 19.26 -53.21 -16.35
CA SER B 77 18.75 -54.47 -16.86
C SER B 77 19.30 -54.66 -18.26
N LEU B 78 19.24 -55.88 -18.77
CA LEU B 78 19.71 -56.16 -20.13
C LEU B 78 18.52 -56.11 -21.07
N GLN B 79 18.60 -55.26 -22.06
CA GLN B 79 17.54 -55.02 -23.02
C GLN B 79 17.52 -56.12 -24.07
N PRO B 80 16.38 -56.59 -24.56
CA PRO B 80 16.33 -57.59 -25.62
C PRO B 80 17.09 -57.17 -26.87
N GLU B 81 17.23 -55.87 -27.04
CA GLU B 81 17.89 -55.28 -28.18
C GLU B 81 19.36 -54.87 -28.01
N ASP B 82 19.98 -55.15 -26.87
CA ASP B 82 21.37 -54.68 -26.71
C ASP B 82 22.43 -55.78 -26.82
N PHE B 83 22.09 -56.87 -27.47
CA PHE B 83 23.09 -57.89 -27.67
C PHE B 83 23.87 -57.40 -28.86
N ALA B 84 25.14 -57.15 -28.62
CA ALA B 84 26.02 -56.53 -29.60
C ALA B 84 27.45 -56.74 -29.20
N THR B 85 28.36 -56.42 -30.10
CA THR B 85 29.74 -56.43 -29.70
C THR B 85 30.08 -55.04 -29.25
N TYR B 86 30.63 -54.92 -28.07
CA TYR B 86 30.95 -53.63 -27.53
C TYR B 86 32.41 -53.33 -27.67
N TYR B 87 32.73 -52.09 -27.96
CA TYR B 87 34.13 -51.75 -28.13
C TYR B 87 34.56 -50.52 -27.40
N CYS B 88 35.75 -50.57 -26.87
CA CYS B 88 36.34 -49.37 -26.33
C CYS B 88 37.23 -48.72 -27.33
N GLN B 89 37.21 -47.39 -27.34
CA GLN B 89 38.12 -46.62 -28.16
C GLN B 89 38.99 -45.71 -27.35
N GLN B 90 40.27 -45.70 -27.66
CA GLN B 90 41.21 -44.82 -27.00
C GLN B 90 41.39 -43.62 -27.87
N SER B 91 40.87 -42.50 -27.41
CA SER B 91 40.87 -41.26 -28.18
C SER B 91 41.95 -40.33 -27.69
N TYR B 92 42.70 -40.81 -26.74
CA TYR B 92 43.73 -40.02 -26.10
C TYR B 92 44.77 -39.46 -27.03
N SER B 93 45.31 -40.30 -27.88
CA SER B 93 46.34 -39.88 -28.80
C SER B 93 46.29 -40.68 -30.03
N ALA B 94 46.68 -40.06 -31.12
CA ALA B 94 46.77 -40.78 -32.34
C ALA B 94 47.90 -41.77 -32.15
N PRO B 95 47.86 -42.92 -32.82
CA PRO B 95 46.80 -43.44 -33.65
C PRO B 95 45.69 -43.78 -32.74
N PHE B 96 44.49 -43.62 -33.17
CA PHE B 96 43.44 -43.93 -32.25
C PHE B 96 43.21 -45.39 -32.37
N THR B 97 42.99 -46.05 -31.27
CA THR B 97 42.84 -47.49 -31.37
C THR B 97 41.60 -47.99 -30.67
N PHE B 98 41.21 -49.19 -31.03
CA PHE B 98 40.08 -49.85 -30.45
C PHE B 98 40.52 -51.13 -29.83
N GLY B 99 39.80 -51.56 -28.83
CA GLY B 99 40.09 -52.86 -28.28
C GLY B 99 39.48 -53.82 -29.28
N PRO B 100 39.71 -55.12 -29.16
CA PRO B 100 39.19 -56.17 -30.02
C PRO B 100 37.66 -56.33 -29.99
N GLY B 101 37.05 -55.83 -28.95
CA GLY B 101 35.62 -55.90 -28.74
C GLY B 101 35.17 -57.06 -27.87
N THR B 102 34.09 -56.85 -27.15
CA THR B 102 33.49 -57.87 -26.31
C THR B 102 32.12 -58.25 -26.79
N LYS B 103 31.94 -59.52 -27.06
CA LYS B 103 30.64 -59.94 -27.53
C LYS B 103 29.74 -60.43 -26.44
N VAL B 104 28.55 -59.85 -26.32
CA VAL B 104 27.61 -60.41 -25.36
C VAL B 104 26.55 -61.15 -26.13
N ASP B 105 26.46 -62.42 -25.86
CA ASP B 105 25.52 -63.29 -26.51
C ASP B 105 24.35 -63.53 -25.58
N ILE B 106 23.39 -64.30 -26.02
CA ILE B 106 22.24 -64.55 -25.19
C ILE B 106 22.35 -65.90 -24.53
N GLU B 107 22.15 -65.89 -23.24
CA GLU B 107 22.29 -67.11 -22.46
C GLU B 107 21.28 -68.17 -22.88
N ARG B 108 21.77 -69.40 -23.03
CA ARG B 108 20.93 -70.53 -23.42
C ARG B 108 21.32 -71.79 -22.65
N GLN C 1 18.41 -33.29 -39.73
CA GLN C 1 18.91 -34.63 -39.41
C GLN C 1 20.28 -34.88 -39.99
N VAL C 2 21.23 -35.19 -39.12
CA VAL C 2 22.56 -35.49 -39.59
C VAL C 2 22.69 -36.90 -40.11
N GLN C 3 23.24 -37.00 -41.31
CA GLN C 3 23.46 -38.26 -41.98
C GLN C 3 24.79 -38.25 -42.70
N LEU C 4 25.38 -39.43 -42.86
CA LEU C 4 26.56 -39.59 -43.68
C LEU C 4 26.26 -40.66 -44.69
N VAL C 5 26.43 -40.36 -45.97
CA VAL C 5 26.09 -41.33 -46.99
C VAL C 5 27.26 -41.73 -47.85
N GLN C 6 27.57 -43.00 -47.82
CA GLN C 6 28.71 -43.53 -48.53
C GLN C 6 28.38 -44.18 -49.86
N SER C 7 29.42 -44.24 -50.69
CA SER C 7 29.41 -44.94 -51.97
C SER C 7 29.14 -46.43 -51.78
N GLY C 8 28.53 -47.05 -52.79
CA GLY C 8 28.22 -48.46 -52.70
C GLY C 8 29.45 -49.33 -52.92
N ALA C 9 29.26 -50.64 -52.85
CA ALA C 9 30.35 -51.60 -52.94
C ALA C 9 31.03 -51.65 -54.30
N GLU C 10 32.34 -51.93 -54.25
CA GLU C 10 33.17 -52.07 -55.45
C GLU C 10 34.12 -53.26 -55.34
N VAL C 11 34.51 -53.81 -56.49
CA VAL C 11 35.52 -54.85 -56.52
C VAL C 11 36.67 -54.41 -57.39
N LYS C 12 37.87 -54.61 -56.87
CA LYS C 12 39.10 -54.23 -57.51
C LYS C 12 40.08 -55.37 -57.59
N ARG C 13 40.96 -55.32 -58.57
CA ARG C 13 42.02 -56.31 -58.58
C ARG C 13 43.22 -55.68 -57.89
N PRO C 14 44.11 -56.46 -57.30
CA PRO C 14 45.29 -55.97 -56.64
C PRO C 14 46.09 -55.07 -57.55
N GLY C 15 46.59 -54.00 -56.95
CA GLY C 15 47.38 -52.98 -57.62
C GLY C 15 46.54 -51.75 -57.96
N ALA C 16 45.22 -51.91 -57.98
CA ALA C 16 44.26 -50.86 -58.29
C ALA C 16 44.10 -49.88 -57.15
N SER C 17 43.58 -48.69 -57.44
CA SER C 17 43.23 -47.80 -56.34
C SER C 17 41.71 -47.72 -56.25
N VAL C 18 41.21 -47.39 -55.07
CA VAL C 18 39.79 -47.22 -54.87
C VAL C 18 39.50 -45.92 -54.16
N LYS C 19 38.52 -45.19 -54.65
CA LYS C 19 38.15 -43.96 -53.99
C LYS C 19 36.74 -44.08 -53.45
N VAL C 20 36.60 -43.84 -52.16
CA VAL C 20 35.31 -43.96 -51.52
C VAL C 20 34.83 -42.61 -51.04
N SER C 21 33.64 -42.23 -51.50
CA SER C 21 33.06 -40.98 -51.10
C SER C 21 32.18 -41.16 -49.86
N CYS C 22 31.93 -40.05 -49.19
CA CYS C 22 31.03 -39.95 -48.05
C CYS C 22 30.40 -38.56 -47.98
N LYS C 23 29.13 -38.48 -48.35
CA LYS C 23 28.44 -37.21 -48.39
C LYS C 23 27.80 -36.84 -47.08
N ALA C 24 28.02 -35.63 -46.65
CA ALA C 24 27.45 -35.14 -45.43
C ALA C 24 26.18 -34.37 -45.64
N SER C 25 25.27 -34.51 -44.71
CA SER C 25 24.08 -33.70 -44.70
C SER C 25 23.62 -33.41 -43.29
N GLY C 26 22.87 -32.31 -43.13
CA GLY C 26 22.28 -31.93 -41.85
C GLY C 26 23.16 -31.02 -40.98
N TYR C 27 24.36 -30.70 -41.45
CA TYR C 27 25.26 -29.87 -40.66
C TYR C 27 26.29 -29.17 -41.53
N THR C 28 26.96 -28.18 -40.97
CA THR C 28 28.01 -27.53 -41.74
C THR C 28 29.17 -28.48 -41.92
N PHE C 29 29.46 -28.80 -43.15
CA PHE C 29 30.50 -29.78 -43.45
C PHE C 29 31.85 -29.39 -42.93
N ILE C 30 32.22 -28.17 -43.21
CA ILE C 30 33.54 -27.67 -42.85
C ILE C 30 33.76 -27.46 -41.38
N SER C 31 32.75 -27.65 -40.54
CA SER C 31 32.99 -27.45 -39.13
C SER C 31 33.34 -28.73 -38.40
N TYR C 32 33.24 -29.87 -39.06
CA TYR C 32 33.50 -31.12 -38.40
C TYR C 32 34.58 -31.89 -39.06
N GLY C 33 35.26 -32.70 -38.30
CA GLY C 33 36.33 -33.46 -38.91
C GLY C 33 35.77 -34.74 -39.49
N ILE C 34 36.56 -35.39 -40.30
CA ILE C 34 36.17 -36.67 -40.88
C ILE C 34 37.22 -37.71 -40.63
N SER C 35 36.78 -38.89 -40.31
CA SER C 35 37.71 -39.96 -40.11
C SER C 35 37.19 -41.19 -40.73
N TRP C 36 38.09 -42.13 -40.93
CA TRP C 36 37.73 -43.40 -41.46
C TRP C 36 38.27 -44.54 -40.63
N VAL C 37 37.52 -45.63 -40.61
CA VAL C 37 37.95 -46.88 -40.02
C VAL C 37 37.64 -47.95 -41.04
N ARG C 38 38.26 -49.10 -40.92
CA ARG C 38 37.83 -50.19 -41.78
C ARG C 38 37.63 -51.44 -40.98
N GLN C 39 36.67 -52.22 -41.39
CA GLN C 39 36.45 -53.46 -40.70
C GLN C 39 36.56 -54.65 -41.62
N ALA C 40 37.66 -55.35 -41.51
CA ALA C 40 37.87 -56.51 -42.35
C ALA C 40 36.88 -57.54 -41.87
N PRO C 41 36.41 -58.48 -42.68
CA PRO C 41 35.49 -59.47 -42.22
C PRO C 41 36.02 -60.19 -41.01
N GLY C 42 35.18 -60.29 -39.99
CA GLY C 42 35.48 -60.97 -38.73
C GLY C 42 36.34 -60.16 -37.77
N GLN C 43 36.69 -58.94 -38.16
CA GLN C 43 37.58 -58.13 -37.35
C GLN C 43 36.91 -56.97 -36.67
N GLY C 44 37.68 -56.25 -35.86
CA GLY C 44 37.21 -55.07 -35.16
C GLY C 44 37.47 -53.86 -36.04
N LEU C 45 37.48 -52.69 -35.44
CA LEU C 45 37.63 -51.49 -36.25
C LEU C 45 39.06 -50.98 -36.30
N GLU C 46 39.61 -50.91 -37.49
CA GLU C 46 40.97 -50.40 -37.65
C GLU C 46 40.90 -48.96 -38.06
N TRP C 47 41.52 -48.08 -37.30
CA TRP C 47 41.49 -46.68 -37.67
C TRP C 47 42.34 -46.46 -38.89
N MET C 48 41.82 -45.73 -39.88
CA MET C 48 42.54 -45.46 -41.10
C MET C 48 43.27 -44.17 -41.01
N GLY C 49 42.58 -43.21 -40.44
CA GLY C 49 43.10 -41.86 -40.40
C GLY C 49 42.03 -40.83 -40.06
N TRP C 50 42.48 -39.60 -39.88
CA TRP C 50 41.66 -38.45 -39.55
C TRP C 50 42.06 -37.18 -40.26
N ILE C 51 41.09 -36.52 -40.87
CA ILE C 51 41.32 -35.27 -41.54
C ILE C 51 40.59 -34.11 -40.84
N SER C 52 41.35 -33.08 -40.53
CA SER C 52 40.90 -31.88 -39.83
C SER C 52 39.90 -31.04 -40.61
N ALA C 53 38.89 -30.55 -39.90
CA ALA C 53 37.78 -29.78 -40.47
C ALA C 53 38.11 -28.51 -41.22
N TYR C 54 39.09 -27.74 -40.79
CA TYR C 54 39.27 -26.46 -41.48
C TYR C 54 40.40 -26.42 -42.46
N ASN C 55 41.41 -27.22 -42.24
CA ASN C 55 42.56 -27.15 -43.11
C ASN C 55 42.95 -28.44 -43.78
N GLY C 56 42.28 -29.54 -43.46
CA GLY C 56 42.63 -30.77 -44.13
C GLY C 56 44.05 -31.28 -43.85
N ASN C 57 44.63 -31.01 -42.67
CA ASN C 57 46.01 -31.43 -42.46
C ASN C 57 46.28 -32.92 -42.53
N THR C 58 45.29 -33.72 -42.17
CA THR C 58 45.37 -35.17 -42.17
C THR C 58 46.31 -35.78 -41.15
N ASN C 59 46.08 -37.06 -40.93
CA ASN C 59 46.78 -37.89 -39.99
C ASN C 59 46.49 -39.31 -40.39
N TYR C 60 47.48 -40.03 -40.89
CA TYR C 60 47.20 -41.35 -41.40
C TYR C 60 47.69 -42.44 -40.49
N ALA C 61 46.92 -43.52 -40.39
CA ALA C 61 47.35 -44.65 -39.58
C ALA C 61 48.67 -45.12 -40.14
N GLN C 62 49.62 -45.44 -39.27
CA GLN C 62 50.95 -45.77 -39.74
C GLN C 62 51.05 -46.97 -40.65
N ASN C 63 50.24 -47.97 -40.41
CA ASN C 63 50.34 -49.20 -41.17
C ASN C 63 49.81 -49.07 -42.58
N LEU C 64 49.19 -47.94 -42.87
CA LEU C 64 48.65 -47.66 -44.17
C LEU C 64 49.45 -46.65 -44.95
N GLN C 65 50.44 -46.04 -44.32
CA GLN C 65 51.08 -44.94 -44.98
C GLN C 65 51.77 -45.38 -46.24
N GLY C 66 51.64 -44.52 -47.24
CA GLY C 66 52.20 -44.73 -48.55
C GLY C 66 51.14 -45.26 -49.51
N ARG C 67 50.02 -45.75 -48.96
CA ARG C 67 48.95 -46.25 -49.80
C ARG C 67 47.69 -45.42 -49.64
N VAL C 68 47.68 -44.51 -48.69
CA VAL C 68 46.43 -43.81 -48.38
C VAL C 68 46.48 -42.30 -48.43
N THR C 69 45.41 -41.73 -48.95
CA THR C 69 45.24 -40.29 -48.98
C THR C 69 43.79 -39.90 -48.66
N MET C 70 43.63 -38.72 -48.05
CA MET C 70 42.30 -38.17 -47.76
C MET C 70 42.16 -36.75 -48.30
N THR C 71 40.96 -36.42 -48.74
CA THR C 71 40.65 -35.10 -49.27
C THR C 71 39.18 -34.78 -49.14
N THR C 72 38.82 -33.50 -49.11
CA THR C 72 37.41 -33.17 -49.09
C THR C 72 37.03 -32.13 -50.12
N ASP C 73 35.77 -32.16 -50.53
CA ASP C 73 35.20 -31.17 -51.40
C ASP C 73 34.11 -30.44 -50.66
N THR C 74 34.41 -29.22 -50.27
CA THR C 74 33.53 -28.46 -49.42
C THR C 74 32.33 -27.94 -50.16
N SER C 75 32.38 -27.95 -51.49
CA SER C 75 31.27 -27.41 -52.25
C SER C 75 30.17 -28.45 -52.41
N THR C 76 30.49 -29.72 -52.16
CA THR C 76 29.54 -30.81 -52.33
C THR C 76 29.34 -31.50 -51.01
N SER C 77 29.95 -30.94 -49.98
CA SER C 77 29.95 -31.47 -48.63
C SER C 77 30.32 -32.94 -48.64
N THR C 78 31.32 -33.29 -49.42
CA THR C 78 31.69 -34.67 -49.54
C THR C 78 33.12 -34.97 -49.28
N ALA C 79 33.32 -35.97 -48.45
CA ALA C 79 34.64 -36.42 -48.12
C ALA C 79 35.04 -37.58 -48.97
N TYR C 80 36.32 -37.64 -49.31
CA TYR C 80 36.84 -38.76 -50.04
C TYR C 80 38.07 -39.35 -49.40
N MET C 81 38.17 -40.65 -49.53
CA MET C 81 39.35 -41.37 -49.10
C MET C 81 39.79 -42.27 -50.22
N GLU C 82 41.09 -42.37 -50.42
CA GLU C 82 41.57 -43.26 -51.47
C GLU C 82 42.73 -44.14 -51.05
N LEU C 83 42.61 -45.41 -51.43
CA LEU C 83 43.69 -46.34 -51.21
C LEU C 83 44.28 -46.72 -52.53
N ARG C 84 45.58 -46.88 -52.55
CA ARG C 84 46.30 -47.25 -53.75
C ARG C 84 46.98 -48.57 -53.56
N SER C 85 47.35 -49.17 -54.68
CA SER C 85 48.10 -50.40 -54.63
C SER C 85 47.45 -51.42 -53.73
N LEU C 86 46.17 -51.69 -53.96
CA LEU C 86 45.38 -52.61 -53.16
C LEU C 86 45.87 -54.03 -53.18
N ARG C 87 45.64 -54.72 -52.06
CA ARG C 87 45.97 -56.12 -51.86
C ARG C 87 44.70 -56.88 -51.44
N SER C 88 44.70 -58.20 -51.57
CA SER C 88 43.50 -58.95 -51.18
C SER C 88 43.13 -58.81 -49.70
N ASP C 89 44.09 -58.47 -48.85
CA ASP C 89 43.81 -58.33 -47.44
C ASP C 89 43.33 -56.94 -47.06
N ASP C 90 43.08 -56.11 -48.06
CA ASP C 90 42.50 -54.80 -47.82
C ASP C 90 40.99 -54.92 -47.96
N THR C 91 40.49 -56.14 -48.14
CA THR C 91 39.06 -56.30 -48.20
C THR C 91 38.52 -55.90 -46.85
N ALA C 92 37.57 -54.98 -46.86
CA ALA C 92 37.00 -54.49 -45.62
C ALA C 92 35.81 -53.62 -45.90
N VAL C 93 35.00 -53.37 -44.88
CA VAL C 93 34.00 -52.35 -45.04
C VAL C 93 34.58 -51.07 -44.53
N TYR C 94 34.60 -50.07 -45.36
CA TYR C 94 35.18 -48.81 -44.97
C TYR C 94 34.10 -47.90 -44.48
N TYR C 95 34.32 -47.28 -43.35
CA TYR C 95 33.31 -46.40 -42.81
C TYR C 95 33.82 -45.03 -42.64
N CYS C 96 32.98 -44.08 -42.94
CA CYS C 96 33.32 -42.70 -42.68
C CYS C 96 32.62 -42.31 -41.42
N ALA C 97 33.22 -41.39 -40.69
CA ALA C 97 32.58 -40.90 -39.50
C ALA C 97 32.92 -39.45 -39.20
N ARG C 98 32.02 -38.82 -38.48
CA ARG C 98 32.19 -37.43 -38.09
C ARG C 98 32.71 -37.34 -36.68
N VAL C 99 33.67 -36.42 -36.48
CA VAL C 99 34.26 -36.17 -35.15
C VAL C 99 33.92 -34.79 -34.62
N ILE C 100 33.54 -34.76 -33.34
CA ILE C 100 33.07 -33.54 -32.73
C ILE C 100 33.99 -32.35 -32.70
N PRO C 101 35.14 -32.28 -32.05
CA PRO C 101 35.98 -31.16 -32.31
C PRO C 101 36.34 -31.41 -33.73
N GLY C 102 36.44 -30.40 -34.55
CA GLY C 102 36.84 -30.67 -35.91
C GLY C 102 38.34 -30.48 -36.03
N THR C 103 38.95 -30.06 -34.93
CA THR C 103 40.36 -29.73 -34.87
C THR C 103 41.15 -30.64 -33.99
N ALA C 104 40.47 -31.58 -33.39
CA ALA C 104 41.06 -32.51 -32.46
C ALA C 104 40.22 -33.73 -32.43
N VAL C 105 40.75 -34.83 -32.01
CA VAL C 105 39.87 -35.96 -31.90
C VAL C 105 39.40 -36.19 -30.51
N ASP C 106 38.09 -36.22 -30.41
CA ASP C 106 37.39 -36.48 -29.19
C ASP C 106 36.02 -36.92 -29.60
N TYR C 107 35.81 -38.23 -29.74
CA TYR C 107 34.49 -38.76 -30.03
C TYR C 107 33.90 -38.63 -31.44
N PHE C 108 33.85 -39.78 -32.13
CA PHE C 108 33.33 -39.89 -33.49
C PHE C 108 31.89 -40.33 -33.36
N ASP C 109 30.93 -39.40 -33.54
CA ASP C 109 29.52 -39.69 -33.25
C ASP C 109 28.63 -40.09 -34.43
N TYR C 110 28.99 -39.70 -35.63
CA TYR C 110 28.13 -40.07 -36.75
C TYR C 110 28.84 -40.93 -37.69
N TRP C 111 28.15 -41.98 -38.10
CA TRP C 111 28.73 -42.96 -38.98
C TRP C 111 27.95 -43.18 -40.25
N GLY C 112 28.65 -43.44 -41.34
CA GLY C 112 28.01 -43.74 -42.60
C GLY C 112 27.60 -45.18 -42.58
N GLN C 113 26.97 -45.68 -43.63
CA GLN C 113 26.51 -47.06 -43.59
C GLN C 113 27.62 -48.07 -43.85
N GLY C 114 28.73 -47.60 -44.41
CA GLY C 114 29.85 -48.46 -44.75
C GLY C 114 29.91 -48.85 -46.23
N THR C 115 31.12 -48.86 -46.78
CA THR C 115 31.33 -49.23 -48.16
C THR C 115 32.13 -50.49 -48.25
N LEU C 116 31.60 -51.50 -48.89
CA LEU C 116 32.38 -52.72 -48.98
C LEU C 116 33.28 -52.73 -50.17
N VAL C 117 34.56 -52.91 -49.91
CA VAL C 117 35.50 -52.98 -50.98
C VAL C 117 36.11 -54.36 -50.95
N THR C 118 36.01 -55.05 -52.09
CA THR C 118 36.55 -56.38 -52.25
C THR C 118 37.73 -56.37 -53.17
N VAL C 119 38.82 -57.00 -52.77
CA VAL C 119 39.97 -57.03 -53.65
C VAL C 119 40.24 -58.48 -54.05
N SER C 120 40.26 -58.73 -55.36
CA SER C 120 40.39 -60.08 -55.88
C SER C 120 41.03 -60.20 -57.26
N ARG D 42 27.76 15.49 7.51
CA ARG D 42 27.59 15.18 8.91
C ARG D 42 28.88 14.69 9.53
N ASN D 43 28.77 14.05 10.67
CA ASN D 43 29.92 13.52 11.38
C ASN D 43 29.44 12.31 12.14
N PHE D 44 30.33 11.66 12.84
CA PHE D 44 29.95 10.48 13.59
C PHE D 44 29.38 10.82 14.92
N ASN D 45 28.50 9.96 15.38
CA ASN D 45 27.96 10.13 16.71
C ASN D 45 29.02 9.83 17.76
N ASN D 46 29.10 10.70 18.76
CA ASN D 46 30.04 10.56 19.87
C ASN D 46 29.28 10.45 21.18
N LEU D 47 29.52 9.39 21.94
CA LEU D 47 28.78 9.12 23.17
C LEU D 47 29.26 9.94 24.35
N THR D 48 28.99 11.22 24.30
CA THR D 48 29.49 12.10 25.34
C THR D 48 28.52 12.45 26.46
N LYS D 49 27.23 12.24 26.26
CA LYS D 49 26.29 12.64 27.30
C LYS D 49 26.07 11.48 28.26
N GLY D 50 25.55 11.77 29.45
CA GLY D 50 25.26 10.72 30.42
C GLY D 50 23.83 10.23 30.26
N LEU D 51 23.40 9.38 31.18
CA LEU D 51 22.04 8.85 31.21
C LEU D 51 21.12 9.71 32.05
N CYS D 52 19.91 9.94 31.57
CA CYS D 52 18.95 10.74 32.31
C CYS D 52 18.46 10.01 33.56
N THR D 53 18.05 10.75 34.57
CA THR D 53 17.47 10.14 35.76
C THR D 53 16.20 9.41 35.40
N ILE D 54 16.05 8.19 35.86
CA ILE D 54 14.84 7.46 35.57
C ILE D 54 13.97 7.30 36.78
N ASN D 55 12.83 7.98 36.77
CA ASN D 55 11.88 7.88 37.85
C ASN D 55 10.73 6.99 37.44
N SER D 56 10.35 7.05 36.17
CA SER D 56 9.25 6.23 35.70
C SER D 56 9.32 6.04 34.19
N TRP D 57 8.50 5.12 33.67
CA TRP D 57 8.47 4.85 32.24
C TRP D 57 7.14 5.23 31.57
N HIS D 58 7.19 5.65 30.30
CA HIS D 58 5.98 6.02 29.56
C HIS D 58 5.96 5.41 28.18
N ILE D 59 4.78 5.30 27.60
CA ILE D 59 4.65 4.69 26.28
C ILE D 59 5.34 5.49 25.21
N TYR D 60 6.12 4.78 24.41
CA TYR D 60 6.85 5.35 23.29
C TYR D 60 6.22 4.91 22.00
N GLY D 61 5.88 3.63 21.92
CA GLY D 61 5.30 3.10 20.69
C GLY D 61 4.65 1.74 20.90
N LYS D 62 3.83 1.37 19.92
CA LYS D 62 3.10 0.11 19.92
C LYS D 62 2.52 -0.12 18.55
N ASP D 63 2.77 -1.28 17.94
CA ASP D 63 2.21 -1.46 16.58
C ASP D 63 0.87 -2.15 16.47
N ASN D 64 0.54 -2.97 17.44
CA ASN D 64 -0.68 -3.77 17.47
C ASN D 64 -0.71 -4.64 16.24
N ALA D 65 0.45 -5.16 15.87
CA ALA D 65 0.53 -5.95 14.68
C ALA D 65 -0.36 -7.17 14.66
N VAL D 66 -0.53 -7.86 15.77
CA VAL D 66 -1.35 -9.05 15.65
C VAL D 66 -2.81 -8.70 15.45
N ARG D 67 -3.33 -7.71 16.19
CA ARG D 67 -4.72 -7.33 16.02
C ARG D 67 -5.00 -6.88 14.60
N ILE D 68 -4.12 -6.07 14.05
CA ILE D 68 -4.32 -5.55 12.72
C ILE D 68 -4.30 -6.66 11.71
N GLY D 69 -3.36 -7.57 11.89
CA GLY D 69 -3.13 -8.69 11.00
C GLY D 69 -4.30 -9.63 10.86
N GLU D 70 -5.32 -9.50 11.69
CA GLU D 70 -6.45 -10.38 11.54
C GLU D 70 -7.09 -10.27 10.18
N SER D 71 -7.12 -9.07 9.60
CA SER D 71 -7.75 -8.86 8.32
C SER D 71 -6.96 -7.95 7.39
N SER D 72 -5.64 -8.01 7.44
CA SER D 72 -4.80 -7.15 6.61
C SER D 72 -3.49 -7.83 6.29
N ASP D 73 -2.70 -7.27 5.39
CA ASP D 73 -1.48 -7.96 4.99
C ASP D 73 -0.26 -7.68 5.87
N VAL D 74 -0.34 -8.18 7.08
CA VAL D 74 0.71 -8.05 8.07
C VAL D 74 1.57 -9.28 8.07
N LEU D 75 2.87 -9.08 8.00
CA LEU D 75 3.85 -10.14 7.96
C LEU D 75 4.05 -10.84 9.27
N VAL D 76 4.37 -12.11 9.21
CA VAL D 76 4.70 -12.85 10.39
C VAL D 76 6.11 -12.51 10.75
N THR D 77 6.30 -12.06 11.97
CA THR D 77 7.62 -11.71 12.44
C THR D 77 7.89 -12.28 13.79
N ARG D 78 9.16 -12.25 14.16
CA ARG D 78 9.70 -12.58 15.47
C ARG D 78 10.95 -11.79 15.79
N GLU D 79 11.29 -11.77 17.08
CA GLU D 79 12.56 -11.23 17.52
C GLU D 79 12.82 -9.80 17.07
N PRO D 80 11.97 -8.86 17.47
CA PRO D 80 12.04 -7.47 17.15
C PRO D 80 13.07 -6.72 17.91
N TYR D 81 13.41 -5.56 17.40
CA TYR D 81 14.22 -4.59 18.11
C TYR D 81 13.94 -3.21 17.58
N VAL D 82 14.43 -2.19 18.26
CA VAL D 82 14.12 -0.85 17.84
C VAL D 82 15.39 -0.09 17.63
N SER D 83 15.43 0.73 16.61
CA SER D 83 16.61 1.52 16.36
C SER D 83 16.31 2.87 15.74
N CYS D 84 17.09 3.88 16.12
CA CYS D 84 16.83 5.22 15.61
C CYS D 84 18.00 5.84 14.88
N ASP D 85 17.69 6.48 13.76
CA ASP D 85 18.64 7.23 12.97
C ASP D 85 18.46 8.66 13.44
N PRO D 86 19.22 9.66 12.96
CA PRO D 86 19.17 11.03 13.40
C PRO D 86 17.83 11.72 13.26
N ASP D 87 16.97 11.25 12.38
CA ASP D 87 15.69 11.85 12.19
C ASP D 87 14.54 10.86 12.15
N GLU D 88 14.77 9.61 12.53
CA GLU D 88 13.70 8.63 12.40
C GLU D 88 13.83 7.39 13.27
N CYS D 89 12.74 6.94 13.85
CA CYS D 89 12.81 5.66 14.54
C CYS D 89 12.00 4.63 13.81
N ARG D 90 12.56 3.44 13.73
CA ARG D 90 11.93 2.34 13.04
C ARG D 90 12.00 1.05 13.82
N PHE D 91 11.08 0.18 13.53
CA PHE D 91 11.07 -1.13 14.11
C PHE D 91 11.77 -2.07 13.19
N TYR D 92 12.49 -2.99 13.78
CA TYR D 92 13.20 -3.99 13.03
C TYR D 92 12.75 -5.35 13.49
N ALA D 93 12.65 -6.29 12.58
CA ALA D 93 12.27 -7.65 12.98
C ALA D 93 12.65 -8.66 11.94
N LEU D 94 12.64 -9.93 12.32
CA LEU D 94 12.90 -10.95 11.35
C LEU D 94 11.59 -11.52 10.84
N SER D 95 11.40 -11.37 9.55
CA SER D 95 10.21 -11.79 8.84
C SER D 95 10.31 -13.19 8.41
N GLN D 96 9.20 -13.90 8.40
CA GLN D 96 9.16 -15.28 7.94
C GLN D 96 8.77 -15.40 6.47
N GLY D 97 8.59 -14.27 5.79
CA GLY D 97 8.25 -14.26 4.37
C GLY D 97 6.80 -14.58 4.04
N THR D 98 5.90 -14.32 4.95
CA THR D 98 4.51 -14.63 4.72
C THR D 98 3.63 -13.80 5.61
N THR D 99 2.37 -13.61 5.23
CA THR D 99 1.46 -12.90 6.12
C THR D 99 0.87 -13.85 7.13
N ILE D 100 0.35 -13.29 8.20
CA ILE D 100 -0.16 -14.12 9.30
C ILE D 100 -1.31 -14.96 8.85
N ARG D 101 -2.18 -14.34 8.12
CA ARG D 101 -3.39 -14.95 7.65
C ARG D 101 -3.18 -15.91 6.48
N GLY D 102 -1.99 -15.96 5.90
CA GLY D 102 -1.78 -16.79 4.73
C GLY D 102 -1.50 -18.24 5.11
N LYS D 103 -1.38 -19.10 4.13
CA LYS D 103 -1.16 -20.50 4.43
C LYS D 103 0.29 -20.83 4.67
N HIS D 104 1.17 -19.91 4.34
CA HIS D 104 2.56 -20.20 4.56
C HIS D 104 2.93 -19.81 5.98
N SER D 105 1.95 -19.38 6.78
CA SER D 105 2.24 -19.08 8.17
C SER D 105 2.28 -20.38 8.96
N ASN D 106 1.85 -21.48 8.33
CA ASN D 106 1.84 -22.75 9.03
C ASN D 106 3.25 -23.27 9.19
N GLY D 107 3.71 -23.38 10.42
CA GLY D 107 5.07 -23.82 10.66
C GLY D 107 6.10 -22.70 10.86
N THR D 108 5.66 -21.45 11.02
CA THR D 108 6.62 -20.36 11.21
C THR D 108 7.26 -20.32 12.57
N ILE D 109 7.00 -21.35 13.36
CA ILE D 109 7.59 -21.55 14.66
C ILE D 109 9.11 -21.70 14.58
N HIS D 110 9.63 -22.16 13.45
CA HIS D 110 11.07 -22.36 13.34
C HIS D 110 11.87 -21.09 13.33
N ASP D 111 13.05 -21.16 13.92
CA ASP D 111 13.94 -20.02 13.95
C ASP D 111 14.66 -19.78 12.63
N ARG D 112 14.77 -20.78 11.80
CA ARG D 112 15.34 -20.48 10.51
C ARG D 112 14.70 -21.36 9.48
N SER D 113 14.40 -20.76 8.34
CA SER D 113 13.78 -21.43 7.23
C SER D 113 14.49 -20.99 6.02
N GLN D 114 15.31 -19.99 6.24
CA GLN D 114 16.07 -19.29 5.21
C GLN D 114 15.19 -18.50 4.24
N TYR D 115 13.93 -18.28 4.64
CA TYR D 115 13.03 -17.41 3.93
C TYR D 115 12.91 -16.18 4.75
N ARG D 116 13.72 -16.18 5.78
CA ARG D 116 13.77 -15.16 6.76
C ARG D 116 14.68 -14.02 6.42
N ALA D 117 14.20 -12.83 6.73
CA ALA D 117 14.97 -11.63 6.45
C ALA D 117 14.72 -10.54 7.45
N LEU D 118 15.67 -9.63 7.52
CA LEU D 118 15.56 -8.50 8.41
C LEU D 118 14.93 -7.37 7.70
N ILE D 119 13.82 -6.93 8.25
CA ILE D 119 13.06 -5.87 7.68
C ILE D 119 12.94 -4.72 8.63
N SER D 120 12.58 -3.58 8.08
CA SER D 120 12.41 -2.37 8.84
C SER D 120 11.20 -1.59 8.43
N TRP D 121 10.45 -1.09 9.39
CA TRP D 121 9.27 -0.33 9.06
C TRP D 121 9.08 0.79 10.08
N PRO D 122 8.32 1.86 9.80
CA PRO D 122 8.14 3.02 10.65
C PRO D 122 7.60 2.73 12.02
N LEU D 123 8.08 3.48 13.00
CA LEU D 123 7.67 3.31 14.38
C LEU D 123 6.17 3.29 14.54
N SER D 124 5.70 2.28 15.25
CA SER D 124 4.29 2.03 15.60
C SER D 124 3.36 1.68 14.45
N SER D 125 3.87 1.44 13.25
CA SER D 125 3.03 0.94 12.20
C SER D 125 3.22 -0.56 12.24
N PRO D 126 2.28 -1.38 11.77
CA PRO D 126 2.47 -2.79 11.65
C PRO D 126 3.45 -3.08 10.52
N PRO D 127 4.15 -4.21 10.55
CA PRO D 127 5.08 -4.68 9.56
C PRO D 127 4.36 -5.26 8.39
N THR D 128 3.77 -4.42 7.58
CA THR D 128 3.01 -4.94 6.47
C THR D 128 3.89 -5.20 5.29
N VAL D 129 3.33 -5.98 4.39
CA VAL D 129 3.99 -6.38 3.18
C VAL D 129 4.17 -5.24 2.21
N TYR D 130 3.38 -4.19 2.35
CA TYR D 130 3.48 -3.11 1.41
C TYR D 130 4.22 -1.91 1.95
N ASN D 131 4.81 -2.00 3.15
CA ASN D 131 5.51 -0.81 3.63
C ASN D 131 6.86 -1.12 4.25
N SER D 132 7.32 -2.35 4.14
CA SER D 132 8.55 -2.71 4.79
C SER D 132 9.71 -2.66 3.85
N ARG D 133 10.87 -2.35 4.40
CA ARG D 133 12.09 -2.34 3.62
C ARG D 133 12.96 -3.49 4.09
N VAL D 134 13.66 -4.14 3.18
CA VAL D 134 14.53 -5.22 3.58
C VAL D 134 15.93 -4.72 3.78
N GLU D 135 16.52 -5.00 4.92
CA GLU D 135 17.85 -4.52 5.21
C GLU D 135 18.87 -5.53 4.73
N CYS D 136 18.59 -6.80 5.03
CA CYS D 136 19.45 -7.91 4.64
C CYS D 136 18.78 -9.25 4.90
N ILE D 137 19.39 -10.31 4.41
CA ILE D 137 18.86 -11.65 4.56
C ILE D 137 19.65 -12.51 5.48
N GLY D 138 18.96 -13.23 6.36
CA GLY D 138 19.58 -14.13 7.30
C GLY D 138 18.64 -14.41 8.45
N TRP D 139 18.95 -15.44 9.24
CA TRP D 139 18.12 -15.80 10.34
C TRP D 139 18.47 -15.17 11.68
N SER D 140 19.58 -14.45 11.71
CA SER D 140 20.04 -13.74 12.92
C SER D 140 20.65 -12.42 12.55
N SER D 141 20.40 -11.38 13.32
CA SER D 141 20.92 -10.07 12.91
C SER D 141 21.14 -9.01 13.98
N THR D 142 21.75 -7.91 13.54
CA THR D 142 21.95 -6.70 14.35
C THR D 142 22.13 -5.48 13.51
N SER D 143 21.78 -4.30 14.03
CA SER D 143 22.03 -3.09 13.22
C SER D 143 22.10 -1.80 13.98
N CYS D 144 22.72 -0.78 13.37
CA CYS D 144 22.76 0.55 13.98
C CYS D 144 23.26 1.63 13.05
N HIS D 145 23.08 2.87 13.47
CA HIS D 145 23.53 4.01 12.69
C HIS D 145 24.68 4.69 13.41
N ASP D 146 25.76 4.96 12.68
CA ASP D 146 26.94 5.54 13.31
C ASP D 146 27.05 7.05 13.25
N GLY D 147 26.07 7.69 12.69
CA GLY D 147 25.98 9.14 12.51
C GLY D 147 26.12 9.56 11.05
N LYS D 148 26.70 8.69 10.23
CA LYS D 148 26.78 9.00 8.82
C LYS D 148 25.91 8.05 8.06
N SER D 149 25.93 6.78 8.44
CA SER D 149 25.07 5.81 7.78
C SER D 149 24.79 4.58 8.61
N ARG D 150 24.02 3.68 8.04
CA ARG D 150 23.65 2.48 8.76
C ARG D 150 24.41 1.24 8.41
N MET D 151 24.70 0.48 9.46
CA MET D 151 25.33 -0.82 9.36
C MET D 151 24.30 -1.87 9.69
N SER D 152 24.29 -2.95 8.94
CA SER D 152 23.39 -4.05 9.24
C SER D 152 24.13 -5.35 9.09
N ILE D 153 23.92 -6.28 9.99
CA ILE D 153 24.56 -7.56 9.86
C ILE D 153 23.56 -8.68 9.86
N CYS D 154 23.64 -9.54 8.87
CA CYS D 154 22.77 -10.70 8.83
C CYS D 154 23.53 -12.00 8.68
N ILE D 155 23.06 -13.01 9.40
CA ILE D 155 23.63 -14.34 9.38
C ILE D 155 22.69 -15.31 8.72
N SER D 156 23.21 -16.03 7.75
CA SER D 156 22.42 -16.98 6.96
C SER D 156 23.12 -18.31 6.75
N GLY D 157 22.40 -19.27 6.16
CA GLY D 157 23.01 -20.55 5.86
C GLY D 157 22.68 -21.60 6.89
N PRO D 158 23.31 -22.78 6.82
CA PRO D 158 23.10 -23.97 7.59
C PRO D 158 23.67 -23.75 8.93
N ASN D 159 23.44 -24.67 9.83
CA ASN D 159 24.01 -24.59 11.14
C ASN D 159 25.51 -24.82 11.18
N ASN D 160 26.06 -25.41 10.14
CA ASN D 160 27.47 -25.73 10.10
C ASN D 160 28.24 -24.69 9.34
N ASN D 161 27.98 -24.64 8.05
CA ASN D 161 28.63 -23.73 7.14
C ASN D 161 27.90 -22.39 7.07
N ALA D 162 27.66 -21.80 8.23
CA ALA D 162 26.93 -20.53 8.37
C ALA D 162 27.82 -19.37 8.02
N SER D 163 27.25 -18.23 7.69
CA SER D 163 28.09 -17.06 7.47
C SER D 163 27.42 -15.74 7.77
N ALA D 164 28.23 -14.73 8.08
CA ALA D 164 27.70 -13.41 8.33
C ALA D 164 28.11 -12.43 7.27
N VAL D 165 27.16 -11.62 6.85
CA VAL D 165 27.45 -10.57 5.90
C VAL D 165 27.18 -9.23 6.51
N VAL D 166 28.17 -8.39 6.44
CA VAL D 166 28.10 -7.06 6.99
C VAL D 166 27.85 -6.09 5.88
N TRP D 167 26.77 -5.35 6.01
CA TRP D 167 26.32 -4.35 5.08
C TRP D 167 26.56 -2.97 5.63
N TYR D 168 26.84 -2.02 4.78
CA TYR D 168 26.94 -0.66 5.24
C TYR D 168 26.44 0.24 4.17
N ASN D 169 25.60 1.17 4.53
CA ASN D 169 25.05 2.11 3.58
C ASN D 169 24.36 1.33 2.47
N ARG D 170 23.70 0.26 2.87
CA ARG D 170 22.96 -0.66 2.03
C ARG D 170 23.76 -1.41 0.95
N ARG D 171 25.06 -1.58 1.15
CA ARG D 171 25.86 -2.40 0.25
C ARG D 171 26.59 -3.42 1.09
N PRO D 172 26.87 -4.62 0.61
CA PRO D 172 27.66 -5.57 1.33
C PRO D 172 29.06 -5.01 1.38
N VAL D 173 29.74 -5.15 2.51
CA VAL D 173 31.11 -4.71 2.66
C VAL D 173 32.08 -5.80 3.04
N ALA D 174 31.71 -6.60 4.01
CA ALA D 174 32.64 -7.58 4.55
C ALA D 174 31.92 -8.81 5.05
N GLU D 175 32.65 -9.93 5.12
CA GLU D 175 32.04 -11.14 5.62
C GLU D 175 32.89 -11.86 6.65
N ILE D 176 32.19 -12.58 7.51
CA ILE D 176 32.78 -13.40 8.55
C ILE D 176 32.29 -14.84 8.42
N ASN D 177 33.19 -15.81 8.38
CA ASN D 177 32.73 -17.19 8.30
C ASN D 177 32.55 -17.70 9.72
N THR D 178 32.12 -18.92 9.87
CA THR D 178 31.87 -19.57 11.13
C THR D 178 33.19 -20.12 11.64
N TRP D 179 33.40 -20.17 12.95
CA TRP D 179 34.66 -20.72 13.41
C TRP D 179 34.51 -21.94 14.30
N ALA D 180 33.43 -22.05 15.05
CA ALA D 180 33.26 -23.19 15.93
C ALA D 180 32.30 -24.19 15.32
N ARG D 181 31.84 -23.87 14.13
CA ARG D 181 30.90 -24.64 13.34
C ARG D 181 29.60 -24.98 14.03
N ASN D 182 29.02 -24.08 14.82
CA ASN D 182 27.75 -24.44 15.41
C ASN D 182 26.86 -23.22 15.65
N ILE D 183 26.04 -22.90 14.66
CA ILE D 183 25.11 -21.78 14.73
C ILE D 183 25.81 -20.48 15.03
N LEU D 184 26.36 -19.83 14.04
CA LEU D 184 26.88 -18.51 14.31
C LEU D 184 25.69 -17.66 14.67
N ARG D 185 25.77 -16.88 15.73
CA ARG D 185 24.64 -16.05 16.13
C ARG D 185 25.02 -14.72 16.75
N THR D 186 24.11 -13.75 16.72
CA THR D 186 24.46 -12.46 17.31
C THR D 186 23.43 -11.81 18.24
N GLN D 187 23.49 -10.50 18.33
CA GLN D 187 22.75 -9.70 19.28
C GLN D 187 21.23 -9.56 19.18
N GLU D 188 20.65 -9.51 17.99
CA GLU D 188 19.21 -9.29 17.84
C GLU D 188 18.80 -7.98 18.50
N SER D 189 19.66 -6.97 18.42
CA SER D 189 19.42 -5.68 19.04
C SER D 189 20.17 -4.59 18.34
N GLU D 190 19.90 -3.37 18.73
CA GLU D 190 20.62 -2.24 18.20
C GLU D 190 22.07 -2.26 18.65
N CYS D 191 22.99 -1.96 17.75
CA CYS D 191 24.38 -1.84 18.11
C CYS D 191 24.72 -0.39 18.43
N VAL D 192 25.80 -0.15 19.12
CA VAL D 192 26.09 1.22 19.48
C VAL D 192 27.42 1.66 18.94
N CYS D 193 27.46 2.79 18.28
CA CYS D 193 28.72 3.23 17.70
C CYS D 193 29.30 4.44 18.42
N HIS D 194 30.62 4.52 18.44
CA HIS D 194 31.30 5.69 18.97
C HIS D 194 32.41 6.16 18.05
N ASN D 195 32.25 7.34 17.50
CA ASN D 195 33.21 7.90 16.57
C ASN D 195 33.43 6.97 15.40
N GLY D 196 32.38 6.33 14.95
CA GLY D 196 32.46 5.45 13.82
C GLY D 196 32.73 3.99 14.17
N VAL D 197 33.09 3.69 15.42
CA VAL D 197 33.37 2.32 15.75
C VAL D 197 32.20 1.66 16.43
N CYS D 198 31.78 0.54 15.88
CA CYS D 198 30.60 -0.17 16.35
C CYS D 198 30.92 -1.60 16.79
N PRO D 199 31.16 -1.88 18.08
CA PRO D 199 31.43 -3.21 18.61
C PRO D 199 30.22 -4.12 18.44
N VAL D 200 30.45 -5.34 18.01
CA VAL D 200 29.38 -6.33 17.86
C VAL D 200 29.75 -7.67 18.49
N VAL D 201 28.84 -8.24 19.25
CA VAL D 201 29.09 -9.52 19.92
C VAL D 201 28.59 -10.71 19.10
N PHE D 202 29.46 -11.69 18.87
CA PHE D 202 29.10 -12.90 18.15
C PHE D 202 29.39 -14.17 18.93
N THR D 203 28.50 -15.14 18.82
CA THR D 203 28.67 -16.41 19.49
C THR D 203 28.65 -17.57 18.51
N ASP D 204 29.48 -18.57 18.78
CA ASP D 204 29.56 -19.74 17.89
C ASP D 204 29.91 -20.99 18.70
N GLY D 205 29.01 -21.96 18.79
CA GLY D 205 29.29 -23.11 19.63
C GLY D 205 28.03 -23.62 20.33
N SER D 206 28.17 -24.68 21.10
CA SER D 206 27.01 -25.29 21.75
C SER D 206 26.27 -24.36 22.64
N ALA D 207 24.95 -24.44 22.62
CA ALA D 207 24.12 -23.59 23.45
C ALA D 207 23.98 -24.14 24.85
N THR D 208 24.53 -25.32 25.08
CA THR D 208 24.45 -25.96 26.38
C THR D 208 25.84 -26.40 26.71
N GLY D 209 26.77 -25.48 26.62
CA GLY D 209 28.16 -25.77 26.84
C GLY D 209 28.95 -24.49 26.66
N PRO D 210 30.26 -24.55 26.74
CA PRO D 210 31.15 -23.43 26.65
C PRO D 210 31.38 -22.97 25.20
N ALA D 211 30.36 -22.36 24.61
CA ALA D 211 30.46 -21.86 23.23
C ALA D 211 31.48 -20.78 23.19
N ASP D 212 32.11 -20.56 22.04
CA ASP D 212 33.08 -19.51 22.10
C ASP D 212 32.37 -18.20 21.89
N THR D 213 33.12 -17.11 21.96
CA THR D 213 32.57 -15.78 21.76
C THR D 213 33.61 -14.85 21.22
N ARG D 214 33.20 -13.99 20.31
CA ARG D 214 34.09 -12.99 19.79
C ARG D 214 33.44 -11.63 19.73
N ILE D 215 34.23 -10.61 19.92
CA ILE D 215 33.73 -9.28 19.75
C ILE D 215 34.47 -8.64 18.61
N TYR D 216 33.72 -8.16 17.65
CA TYR D 216 34.32 -7.52 16.49
C TYR D 216 34.11 -6.05 16.55
N TYR D 217 35.07 -5.30 16.10
CA TYR D 217 34.94 -3.86 16.05
C TYR D 217 34.90 -3.46 14.60
N PHE D 218 33.78 -2.85 14.22
CA PHE D 218 33.58 -2.45 12.84
C PHE D 218 33.58 -0.96 12.62
N LYS D 219 34.04 -0.57 11.44
CA LYS D 219 33.95 0.83 11.03
C LYS D 219 33.63 0.92 9.58
N GLU D 220 32.50 1.54 9.28
CA GLU D 220 31.98 1.66 7.93
C GLU D 220 31.87 0.29 7.28
N GLY D 221 31.53 -0.70 8.08
CA GLY D 221 31.36 -2.05 7.60
C GLY D 221 32.66 -2.86 7.53
N LYS D 222 33.81 -2.24 7.79
CA LYS D 222 35.07 -2.96 7.71
C LYS D 222 35.43 -3.51 9.05
N ILE D 223 36.25 -4.54 9.09
CA ILE D 223 36.67 -5.07 10.38
C ILE D 223 37.99 -4.49 10.78
N LEU D 224 38.03 -3.85 11.94
CA LEU D 224 39.26 -3.25 12.38
C LEU D 224 39.98 -4.15 13.33
N LYS D 225 39.22 -4.87 14.11
CA LYS D 225 39.78 -5.72 15.13
C LYS D 225 38.78 -6.73 15.62
N TRP D 226 39.26 -7.78 16.25
CA TRP D 226 38.35 -8.59 17.00
C TRP D 226 39.08 -9.17 18.18
N GLU D 227 38.31 -9.53 19.19
CA GLU D 227 38.86 -10.13 20.40
C GLU D 227 38.13 -11.36 20.85
N SER D 228 38.85 -12.28 21.43
CA SER D 228 38.21 -13.41 22.05
C SER D 228 37.59 -12.89 23.32
N LEU D 229 36.49 -13.46 23.75
CA LEU D 229 35.90 -13.02 25.00
C LEU D 229 36.74 -13.22 26.24
N THR D 230 36.82 -12.20 27.07
CA THR D 230 37.52 -12.32 28.34
C THR D 230 36.65 -11.93 29.52
N GLY D 231 37.22 -11.99 30.71
CA GLY D 231 36.52 -11.67 31.93
C GLY D 231 35.94 -12.92 32.57
N THR D 232 34.97 -12.75 33.48
CA THR D 232 34.49 -13.88 34.25
C THR D 232 33.14 -14.42 33.81
N ALA D 233 32.54 -13.83 32.80
CA ALA D 233 31.26 -14.36 32.34
C ALA D 233 31.54 -15.73 31.72
N LYS D 234 30.65 -16.69 31.89
CA LYS D 234 30.93 -18.01 31.34
C LYS D 234 30.26 -18.35 30.02
N HIS D 235 29.16 -17.70 29.70
CA HIS D 235 28.46 -17.99 28.47
C HIS D 235 27.68 -16.78 28.03
N ILE D 236 27.85 -16.36 26.79
CA ILE D 236 27.17 -15.17 26.32
C ILE D 236 26.41 -15.26 25.02
N GLU D 237 25.15 -14.87 25.04
CA GLU D 237 24.35 -14.79 23.83
C GLU D 237 23.44 -13.56 23.82
N GLU D 238 23.07 -13.10 22.62
CA GLU D 238 22.04 -12.07 22.49
C GLU D 238 22.17 -10.77 23.28
N CYS D 239 23.31 -10.07 23.21
CA CYS D 239 23.52 -8.86 23.99
C CYS D 239 22.67 -7.66 23.57
N SER D 240 22.22 -6.90 24.56
CA SER D 240 21.48 -5.64 24.47
C SER D 240 22.33 -4.52 24.99
N CYS D 241 22.68 -3.57 24.14
CA CYS D 241 23.67 -2.59 24.56
C CYS D 241 23.20 -1.15 24.44
N TYR D 242 23.76 -0.31 25.31
CA TYR D 242 23.55 1.13 25.23
C TYR D 242 24.85 1.83 25.56
N GLY D 243 25.04 3.02 25.02
CA GLY D 243 26.24 3.77 25.32
C GLY D 243 26.00 4.89 26.30
N GLU D 244 27.03 5.24 27.06
CA GLU D 244 26.90 6.36 27.96
C GLU D 244 28.19 7.01 28.43
N ARG D 245 28.32 8.33 28.23
CA ARG D 245 29.44 9.11 28.73
C ARG D 245 30.76 8.43 28.48
N THR D 246 30.91 7.93 27.27
CA THR D 246 32.03 7.16 26.78
C THR D 246 32.00 5.77 27.39
N GLY D 247 31.82 4.76 26.55
CA GLY D 247 31.74 3.39 27.01
C GLY D 247 30.39 2.78 26.73
N ILE D 248 30.41 1.49 26.45
CA ILE D 248 29.22 0.75 26.10
C ILE D 248 28.95 -0.38 27.07
N THR D 249 27.73 -0.43 27.54
CA THR D 249 27.36 -1.47 28.47
C THR D 249 26.39 -2.42 27.82
N CYS D 250 26.70 -3.71 27.92
CA CYS D 250 25.81 -4.69 27.33
C CYS D 250 25.32 -5.72 28.30
N THR D 251 24.03 -5.98 28.27
CA THR D 251 23.48 -7.01 29.11
C THR D 251 23.19 -8.16 28.21
N CYS D 252 23.68 -9.32 28.57
CA CYS D 252 23.56 -10.45 27.69
C CYS D 252 22.91 -11.61 28.37
N ARG D 253 22.77 -12.71 27.67
CA ARG D 253 22.16 -13.86 28.29
C ARG D 253 23.07 -15.06 28.43
N ASP D 254 22.94 -15.75 29.55
CA ASP D 254 23.65 -16.99 29.81
C ASP D 254 22.65 -18.12 29.67
N ASN D 255 22.75 -18.88 28.59
CA ASN D 255 21.83 -19.96 28.27
C ASN D 255 22.37 -21.24 28.78
N TRP D 256 23.42 -21.21 29.56
CA TRP D 256 23.96 -22.46 30.00
C TRP D 256 23.76 -22.71 31.46
N GLN D 257 24.33 -21.85 32.31
CA GLN D 257 24.31 -22.16 33.75
C GLN D 257 23.58 -21.27 34.74
N GLY D 258 22.74 -20.31 34.36
CA GLY D 258 22.15 -19.56 35.46
C GLY D 258 21.22 -18.41 35.11
N SER D 259 20.64 -17.82 36.17
CA SER D 259 19.65 -16.75 36.04
C SER D 259 20.11 -15.30 36.26
N ASN D 260 21.38 -15.15 36.54
CA ASN D 260 22.03 -13.89 36.75
C ASN D 260 22.70 -13.50 35.46
N ARG D 261 22.07 -12.62 34.72
CA ARG D 261 22.57 -12.28 33.41
C ARG D 261 23.97 -11.69 33.45
N PRO D 262 24.86 -12.06 32.50
CA PRO D 262 26.18 -11.54 32.29
C PRO D 262 26.15 -10.15 31.70
N VAL D 263 27.17 -9.39 32.00
CA VAL D 263 27.39 -8.07 31.48
C VAL D 263 28.73 -7.89 30.83
N ILE D 264 28.74 -7.25 29.67
CA ILE D 264 29.98 -6.97 29.00
C ILE D 264 30.20 -5.48 29.06
N GLN D 265 31.37 -5.09 29.49
CA GLN D 265 31.69 -3.68 29.55
C GLN D 265 32.73 -3.41 28.47
N ILE D 266 32.35 -2.60 27.49
CA ILE D 266 33.20 -2.37 26.34
C ILE D 266 33.71 -0.96 26.23
N ASP D 267 35.01 -0.84 26.02
CA ASP D 267 35.63 0.44 25.78
C ASP D 267 35.91 0.56 24.29
N PRO D 268 35.10 1.30 23.52
CA PRO D 268 35.15 1.39 22.09
C PRO D 268 36.35 2.16 21.58
N VAL D 269 37.04 2.84 22.47
CA VAL D 269 38.16 3.61 22.02
C VAL D 269 39.35 2.73 22.10
N ALA D 270 39.45 2.04 23.21
CA ALA D 270 40.53 1.13 23.45
C ALA D 270 40.32 -0.16 22.69
N MET D 271 39.06 -0.46 22.41
CA MET D 271 38.65 -1.70 21.82
C MET D 271 39.08 -2.83 22.70
N THR D 272 38.74 -2.69 23.97
CA THR D 272 39.01 -3.71 24.98
C THR D 272 37.75 -3.94 25.78
N HIS D 273 37.70 -5.05 26.49
CA HIS D 273 36.50 -5.29 27.26
C HIS D 273 36.73 -6.21 28.42
N THR D 274 35.79 -6.18 29.33
CA THR D 274 35.73 -7.12 30.44
C THR D 274 34.35 -7.66 30.62
N SER D 275 34.20 -8.60 31.52
CA SER D 275 32.88 -9.16 31.78
C SER D 275 32.71 -9.67 33.20
N GLN D 276 31.46 -9.73 33.62
CA GLN D 276 31.05 -10.21 34.94
C GLN D 276 29.57 -10.45 34.96
N TYR D 277 29.02 -10.90 36.07
CA TYR D 277 27.59 -11.06 36.19
C TYR D 277 27.01 -9.94 37.03
N ILE D 278 25.71 -9.72 36.90
CA ILE D 278 25.10 -8.75 37.79
C ILE D 278 24.97 -9.40 39.16
N CYS D 279 25.56 -8.76 40.18
CA CYS D 279 25.63 -9.25 41.55
C CYS D 279 24.30 -9.38 42.26
N SER D 280 23.38 -8.47 41.97
CA SER D 280 22.10 -8.45 42.64
C SER D 280 21.43 -9.80 42.79
N PRO D 281 20.75 -10.06 43.92
CA PRO D 281 20.01 -11.25 44.22
C PRO D 281 18.75 -11.31 43.40
N VAL D 282 18.42 -10.22 42.73
CA VAL D 282 17.23 -10.23 41.93
C VAL D 282 17.58 -10.97 40.67
N LEU D 283 16.90 -12.06 40.38
CA LEU D 283 17.25 -12.79 39.19
C LEU D 283 16.44 -12.27 38.04
N THR D 284 17.02 -12.26 36.84
CA THR D 284 16.31 -11.69 35.72
C THR D 284 16.03 -12.59 34.53
N ASP D 285 16.54 -13.80 34.51
CA ASP D 285 16.25 -14.65 33.36
C ASP D 285 14.92 -15.39 33.55
N ASN D 286 14.54 -16.19 32.56
CA ASN D 286 13.30 -16.94 32.55
C ASN D 286 13.46 -18.22 31.76
N PRO D 287 13.26 -19.37 32.38
CA PRO D 287 12.86 -19.67 33.72
C PRO D 287 13.93 -19.32 34.71
N ARG D 288 13.53 -19.04 35.93
CA ARG D 288 14.49 -18.72 36.96
C ARG D 288 14.09 -19.26 38.33
N PRO D 289 15.02 -19.43 39.26
CA PRO D 289 14.82 -19.74 40.65
C PRO D 289 14.15 -18.58 41.32
N ASN D 290 13.55 -18.83 42.46
CA ASN D 290 12.98 -17.78 43.27
C ASN D 290 14.13 -17.01 43.89
N ASP D 291 13.98 -15.73 44.05
CA ASP D 291 15.08 -14.94 44.54
C ASP D 291 15.64 -15.31 45.94
N PRO D 292 16.98 -15.41 46.10
CA PRO D 292 17.78 -15.66 47.28
C PRO D 292 17.99 -14.36 48.01
N ASN D 293 18.72 -14.40 49.13
CA ASN D 293 19.06 -13.14 49.76
C ASN D 293 20.33 -12.62 49.15
N ILE D 294 21.26 -13.52 48.85
CA ILE D 294 22.55 -13.11 48.33
C ILE D 294 22.81 -13.62 46.91
N GLY D 295 23.19 -12.71 46.03
CA GLY D 295 23.49 -13.06 44.65
C GLY D 295 24.97 -13.40 44.42
N LYS D 296 25.37 -13.50 43.15
CA LYS D 296 26.73 -13.89 42.78
C LYS D 296 27.28 -12.99 41.70
N CYS D 297 28.60 -12.81 41.66
CA CYS D 297 29.16 -11.88 40.70
C CYS D 297 30.07 -12.46 39.63
N ASN D 298 30.82 -13.50 39.95
CA ASN D 298 31.79 -14.00 38.98
C ASN D 298 31.54 -15.44 38.60
N ASP D 299 30.30 -15.84 38.76
CA ASP D 299 29.90 -17.20 38.49
C ASP D 299 28.38 -17.17 38.35
N PRO D 300 27.78 -17.93 37.43
CA PRO D 300 26.35 -17.98 37.22
C PRO D 300 25.63 -18.57 38.41
N TYR D 301 24.38 -18.16 38.57
CA TYR D 301 23.52 -18.59 39.65
C TYR D 301 22.65 -19.74 39.18
N PRO D 302 22.77 -20.94 39.76
CA PRO D 302 22.20 -22.20 39.35
C PRO D 302 20.73 -22.42 39.59
N GLY D 303 20.22 -23.49 38.99
CA GLY D 303 18.86 -23.99 39.20
C GLY D 303 18.03 -24.15 37.94
N ASN D 304 18.39 -23.44 36.89
CA ASN D 304 17.68 -23.54 35.62
C ASN D 304 18.68 -23.57 34.50
N ASN D 305 19.04 -24.76 34.09
CA ASN D 305 20.08 -24.93 33.11
C ASN D 305 19.53 -25.01 31.71
N ASN D 306 20.37 -24.69 30.75
CA ASN D 306 20.07 -24.81 29.34
C ASN D 306 18.83 -24.07 28.87
N ASN D 307 18.59 -22.87 29.39
CA ASN D 307 17.44 -22.11 28.95
C ASN D 307 17.63 -20.62 29.21
N GLY D 308 16.65 -19.81 28.83
CA GLY D 308 16.68 -18.37 29.08
C GLY D 308 16.04 -17.55 27.95
N VAL D 309 15.85 -16.26 28.25
CA VAL D 309 15.27 -15.27 27.34
C VAL D 309 16.12 -13.98 27.29
N LYS D 310 16.25 -13.37 26.14
CA LYS D 310 16.97 -12.11 25.98
C LYS D 310 16.33 -11.03 26.85
N GLY D 311 17.17 -10.18 27.47
CA GLY D 311 16.65 -9.11 28.30
C GLY D 311 17.64 -7.95 28.45
N PHE D 312 17.36 -7.02 29.34
CA PHE D 312 18.22 -5.87 29.46
C PHE D 312 18.20 -5.25 30.83
N SER D 313 19.15 -4.36 31.01
CA SER D 313 19.25 -3.57 32.20
C SER D 313 19.96 -2.28 31.90
N TYR D 314 19.77 -1.31 32.77
CA TYR D 314 20.51 -0.06 32.73
C TYR D 314 21.26 0.01 34.01
N LEU D 315 22.56 0.04 33.92
CA LEU D 315 23.34 0.00 35.12
C LEU D 315 23.94 1.36 35.37
N ASP D 316 23.50 2.02 36.43
CA ASP D 316 23.94 3.35 36.72
C ASP D 316 23.88 3.67 38.21
N GLY D 317 24.51 2.84 39.02
CA GLY D 317 24.52 3.12 40.45
C GLY D 317 23.12 3.16 41.02
N ALA D 318 22.78 4.27 41.63
CA ALA D 318 21.47 4.44 42.26
C ALA D 318 20.39 4.69 41.23
N ASN D 319 20.78 4.86 39.98
CA ASN D 319 19.86 5.07 38.90
C ASN D 319 19.72 3.79 38.10
N THR D 320 20.10 2.67 38.70
CA THR D 320 20.01 1.38 38.08
C THR D 320 18.62 0.76 38.06
N TRP D 321 18.25 0.27 36.88
CA TRP D 321 16.98 -0.41 36.65
C TRP D 321 17.17 -1.76 35.95
N LEU D 322 16.40 -2.74 36.36
CA LEU D 322 16.49 -4.06 35.73
C LEU D 322 15.17 -4.47 35.11
N GLY D 323 15.20 -5.13 33.96
CA GLY D 323 13.93 -5.64 33.44
C GLY D 323 13.84 -7.14 33.60
N ARG D 324 12.64 -7.66 33.75
CA ARG D 324 12.47 -9.10 33.80
C ARG D 324 11.03 -9.52 33.59
N THR D 325 10.78 -10.82 33.39
CA THR D 325 9.43 -11.33 33.27
C THR D 325 8.87 -11.40 34.64
N ILE D 326 7.57 -11.61 34.76
CA ILE D 326 7.03 -11.67 36.09
C ILE D 326 6.99 -13.10 36.52
N SER D 327 6.51 -13.96 35.67
CA SER D 327 6.50 -15.35 36.02
C SER D 327 7.88 -15.91 35.96
N THR D 328 8.18 -16.82 36.86
CA THR D 328 9.44 -17.50 36.90
C THR D 328 9.41 -18.78 36.10
N ALA D 329 8.19 -19.21 35.75
CA ALA D 329 8.01 -20.47 35.05
C ALA D 329 7.95 -20.35 33.53
N SER D 330 7.54 -19.21 33.02
CA SER D 330 7.37 -19.08 31.60
C SER D 330 7.47 -17.64 31.15
N ARG D 331 7.49 -17.41 29.86
CA ARG D 331 7.64 -16.05 29.38
C ARG D 331 6.38 -15.20 29.36
N SER D 332 5.97 -14.79 30.55
CA SER D 332 4.79 -13.95 30.72
C SER D 332 5.04 -12.83 31.73
N GLY D 333 4.41 -11.71 31.45
CA GLY D 333 4.48 -10.53 32.28
C GLY D 333 5.74 -9.79 32.00
N TYR D 334 5.84 -8.57 32.48
CA TYR D 334 7.07 -7.88 32.34
C TYR D 334 7.09 -6.71 33.29
N GLU D 335 8.19 -6.54 33.99
CA GLU D 335 8.28 -5.44 34.92
C GLU D 335 9.63 -4.80 34.99
N MET D 336 9.64 -3.55 35.40
CA MET D 336 10.87 -2.83 35.63
C MET D 336 11.08 -2.62 37.11
N LEU D 337 12.27 -2.91 37.59
CA LEU D 337 12.57 -2.71 38.99
C LEU D 337 13.72 -1.76 39.17
N LYS D 338 13.62 -0.88 40.14
CA LYS D 338 14.71 0.05 40.45
C LYS D 338 15.51 -0.59 41.54
N VAL D 339 16.73 -0.96 41.23
CA VAL D 339 17.57 -1.70 42.17
C VAL D 339 18.95 -1.07 42.27
N PRO D 340 19.19 -0.18 43.20
CA PRO D 340 20.40 0.55 43.34
C PRO D 340 21.59 -0.35 43.44
N ASN D 341 22.60 -0.01 42.69
CA ASN D 341 23.87 -0.70 42.66
C ASN D 341 23.77 -2.19 42.36
N ALA D 342 22.78 -2.59 41.57
CA ALA D 342 22.59 -4.00 41.25
C ALA D 342 23.81 -4.67 40.64
N LEU D 343 24.60 -3.92 39.89
CA LEU D 343 25.74 -4.54 39.28
C LEU D 343 26.75 -5.06 40.29
N THR D 344 26.96 -4.35 41.40
CA THR D 344 28.00 -4.73 42.33
C THR D 344 27.55 -5.17 43.73
N ASP D 345 26.34 -4.83 44.12
CA ASP D 345 25.87 -5.16 45.46
C ASP D 345 25.04 -6.43 45.49
N ASP D 346 25.61 -7.50 46.04
CA ASP D 346 24.93 -8.79 45.99
C ASP D 346 23.83 -8.96 47.00
N ARG D 347 23.54 -7.91 47.76
CA ARG D 347 22.43 -7.92 48.68
C ARG D 347 21.41 -6.83 48.34
N SER D 348 21.57 -6.18 47.19
CA SER D 348 20.64 -5.10 46.84
C SER D 348 19.25 -5.57 46.50
N LYS D 349 18.26 -4.80 46.88
CA LYS D 349 16.87 -5.10 46.59
C LYS D 349 16.13 -3.92 45.98
N PRO D 350 15.01 -4.13 45.27
CA PRO D 350 14.18 -3.12 44.68
C PRO D 350 13.63 -2.13 45.67
N ILE D 351 13.60 -0.89 45.24
CA ILE D 351 13.06 0.19 46.03
C ILE D 351 11.90 0.88 45.35
N GLN D 352 11.54 0.38 44.17
CA GLN D 352 10.50 0.96 43.34
C GLN D 352 10.35 0.05 42.13
N GLY D 353 9.23 0.13 41.44
CA GLY D 353 9.12 -0.56 40.17
C GLY D 353 7.85 -0.18 39.39
N GLN D 354 7.71 -0.74 38.20
CA GLN D 354 6.58 -0.46 37.33
C GLN D 354 6.21 -1.68 36.51
N THR D 355 4.92 -1.97 36.43
CA THR D 355 4.46 -3.12 35.63
C THR D 355 4.24 -2.68 34.21
N ILE D 356 4.73 -3.45 33.27
CA ILE D 356 4.53 -3.12 31.86
C ILE D 356 3.51 -4.06 31.25
N VAL D 357 3.68 -5.33 31.56
CA VAL D 357 2.85 -6.38 31.03
C VAL D 357 2.38 -7.23 32.20
N LEU D 358 1.14 -7.64 32.22
CA LEU D 358 0.69 -8.44 33.35
C LEU D 358 1.12 -9.86 33.17
N ASN D 359 1.22 -10.62 34.23
CA ASN D 359 1.59 -12.03 34.10
C ASN D 359 0.50 -12.85 33.44
N ALA D 360 -0.65 -12.23 33.29
CA ALA D 360 -1.80 -12.80 32.64
C ALA D 360 -1.68 -12.67 31.12
N ASP D 361 -0.77 -11.84 30.66
CA ASP D 361 -0.59 -11.57 29.25
C ASP D 361 0.61 -12.38 28.79
N TRP D 362 0.96 -12.34 27.52
CA TRP D 362 2.17 -13.01 27.08
C TRP D 362 3.28 -12.02 26.91
N SER D 363 4.51 -12.45 27.15
CA SER D 363 5.68 -11.60 26.99
C SER D 363 6.58 -12.16 25.93
N GLY D 364 7.88 -11.92 26.08
CA GLY D 364 8.80 -12.33 25.04
C GLY D 364 10.16 -11.73 25.26
N TYR D 365 10.92 -11.57 24.19
CA TYR D 365 12.26 -11.04 24.33
C TYR D 365 12.16 -9.57 24.61
N SER D 366 13.11 -9.04 25.34
CA SER D 366 13.11 -7.61 25.54
C SER D 366 14.50 -7.08 25.36
N GLY D 367 14.63 -5.78 25.24
CA GLY D 367 15.94 -5.19 25.08
C GLY D 367 15.93 -3.68 25.16
N SER D 368 17.12 -3.09 25.16
CA SER D 368 17.27 -1.64 25.28
C SER D 368 17.64 -0.91 24.01
N PHE D 369 17.36 0.39 23.97
CA PHE D 369 17.80 1.25 22.89
C PHE D 369 17.83 2.71 23.35
N MET D 370 18.51 3.56 22.61
CA MET D 370 18.54 4.99 22.90
C MET D 370 18.58 5.84 21.66
N ASP D 371 18.00 7.02 21.71
CA ASP D 371 18.14 7.95 20.62
C ASP D 371 19.32 8.83 20.90
N TYR D 372 20.38 8.66 20.15
CA TYR D 372 21.63 9.35 20.46
C TYR D 372 21.76 10.68 19.74
N TRP D 373 20.71 11.08 19.03
CA TRP D 373 20.72 12.35 18.32
C TRP D 373 19.72 13.32 18.88
N ALA D 374 19.06 12.92 19.94
CA ALA D 374 18.05 13.76 20.55
C ALA D 374 18.72 14.93 21.23
N GLU D 375 18.04 16.06 21.29
CA GLU D 375 18.57 17.19 22.00
C GLU D 375 18.46 16.97 23.50
N GLY D 376 19.30 17.66 24.26
CA GLY D 376 19.26 17.55 25.72
C GLY D 376 20.64 17.26 26.26
N ASP D 377 20.77 17.20 27.58
CA ASP D 377 22.03 16.95 28.25
C ASP D 377 22.24 15.52 28.74
N CYS D 378 21.37 14.63 28.33
CA CYS D 378 21.46 13.23 28.71
C CYS D 378 20.75 12.37 27.70
N TYR D 379 20.98 11.08 27.74
CA TYR D 379 20.28 10.20 26.85
C TYR D 379 19.08 9.62 27.54
N ARG D 380 17.97 9.59 26.84
CA ARG D 380 16.79 9.04 27.45
C ARG D 380 16.76 7.56 27.21
N ALA D 381 16.78 6.79 28.27
CA ALA D 381 16.76 5.35 28.12
C ALA D 381 15.43 4.89 27.62
N CYS D 382 15.44 3.88 26.74
CA CYS D 382 14.20 3.26 26.30
C CYS D 382 14.33 1.75 26.19
N PHE D 383 13.22 1.06 26.10
CA PHE D 383 13.27 -0.37 25.91
C PHE D 383 12.07 -0.89 25.19
N TYR D 384 12.17 -2.10 24.72
CA TYR D 384 11.05 -2.73 24.05
C TYR D 384 10.82 -4.12 24.54
N VAL D 385 9.58 -4.55 24.39
CA VAL D 385 9.20 -5.91 24.71
C VAL D 385 8.43 -6.56 23.56
N GLU D 386 8.84 -7.76 23.21
CA GLU D 386 8.17 -8.58 22.22
C GLU D 386 7.01 -9.25 22.89
N LEU D 387 5.83 -9.20 22.32
CA LEU D 387 4.72 -9.90 22.92
C LEU D 387 4.35 -11.05 22.03
N ILE D 388 4.63 -12.26 22.45
CA ILE D 388 4.42 -13.41 21.58
C ILE D 388 3.07 -14.04 21.70
N ARG D 389 2.45 -14.27 20.55
CA ARG D 389 1.16 -14.93 20.49
C ARG D 389 1.25 -16.12 19.56
N GLY D 390 0.40 -17.10 19.78
CA GLY D 390 0.39 -18.27 18.93
C GLY D 390 1.32 -19.33 19.49
N ARG D 391 1.84 -20.17 18.63
CA ARG D 391 2.64 -21.25 19.10
C ARG D 391 3.88 -20.64 19.66
N PRO D 392 4.53 -21.28 20.61
CA PRO D 392 4.28 -22.57 21.22
C PRO D 392 3.31 -22.61 22.38
N LYS D 393 2.57 -21.53 22.66
CA LYS D 393 1.71 -21.57 23.84
C LYS D 393 0.27 -21.78 23.47
N GLU D 394 -0.11 -21.30 22.31
CA GLU D 394 -1.48 -21.40 21.85
C GLU D 394 -1.50 -22.38 20.69
N ASP D 395 -2.18 -23.49 20.87
CA ASP D 395 -2.21 -24.57 19.90
C ASP D 395 -3.34 -24.47 18.93
N LYS D 396 -4.06 -23.39 18.98
CA LYS D 396 -5.21 -23.23 18.14
C LYS D 396 -4.85 -22.67 16.80
N VAL D 397 -3.61 -22.25 16.69
CA VAL D 397 -3.13 -21.72 15.44
C VAL D 397 -1.87 -22.43 15.10
N TRP D 398 -1.50 -22.41 13.84
CA TRP D 398 -0.30 -23.05 13.40
C TRP D 398 0.89 -22.14 13.23
N TRP D 399 0.68 -20.89 13.56
CA TRP D 399 1.72 -19.89 13.46
C TRP D 399 2.14 -19.38 14.79
N THR D 400 3.14 -18.52 14.75
CA THR D 400 3.65 -17.79 15.90
C THR D 400 3.89 -16.40 15.38
N SER D 401 3.67 -15.40 16.20
CA SER D 401 3.90 -14.03 15.78
C SER D 401 4.04 -13.13 16.99
N ASN D 402 4.38 -11.87 16.77
CA ASN D 402 4.52 -10.98 17.89
C ASN D 402 4.02 -9.60 17.63
N SER D 403 3.72 -8.90 18.72
CA SER D 403 3.42 -7.47 18.67
C SER D 403 4.53 -6.76 19.41
N ILE D 404 4.71 -5.49 19.13
CA ILE D 404 5.77 -4.75 19.81
C ILE D 404 5.27 -3.64 20.67
N VAL D 405 5.74 -3.59 21.92
CA VAL D 405 5.44 -2.47 22.79
C VAL D 405 6.73 -1.85 23.27
N SER D 406 6.81 -0.53 23.28
CA SER D 406 8.02 0.10 23.76
C SER D 406 7.76 1.29 24.67
N MET D 407 8.73 1.52 25.55
CA MET D 407 8.70 2.53 26.60
C MET D 407 9.94 3.36 26.69
N CYS D 408 9.78 4.61 27.11
CA CYS D 408 10.91 5.46 27.41
C CYS D 408 10.84 6.02 28.79
N SER D 409 11.98 6.30 29.37
CA SER D 409 12.03 6.85 30.69
C SER D 409 11.69 8.31 30.72
N SER D 410 11.38 8.74 31.93
CA SER D 410 11.14 10.12 32.30
C SER D 410 11.59 10.42 33.70
N THR D 411 11.84 11.69 33.95
CA THR D 411 12.27 12.19 35.24
C THR D 411 11.09 12.48 36.13
N GLU D 412 9.91 12.42 35.56
CA GLU D 412 8.69 12.65 36.29
C GLU D 412 8.18 11.35 36.82
N PHE D 413 7.38 11.43 37.86
CA PHE D 413 6.74 10.23 38.34
C PHE D 413 5.38 10.17 37.73
N LEU D 414 5.23 9.28 36.77
CA LEU D 414 4.04 9.10 35.98
C LEU D 414 3.32 7.87 36.46
N GLY D 415 2.05 7.74 36.10
CA GLY D 415 1.29 6.58 36.53
C GLY D 415 1.59 5.39 35.64
N GLN D 416 0.90 4.27 35.86
CA GLN D 416 1.20 3.08 35.07
C GLN D 416 -0.03 2.39 34.51
N TRP D 417 0.21 1.68 33.44
CA TRP D 417 -0.82 0.92 32.76
C TRP D 417 -0.17 -0.28 32.11
N ASN D 418 -0.83 -1.44 32.09
CA ASN D 418 -0.25 -2.58 31.40
C ASN D 418 -0.58 -2.52 29.92
N TRP D 419 0.21 -3.18 29.10
CA TRP D 419 -0.02 -3.13 27.68
C TRP D 419 -0.11 -4.46 26.91
N PRO D 420 -1.23 -5.19 26.97
CA PRO D 420 -1.44 -6.49 26.34
C PRO D 420 -1.37 -6.27 24.85
N ASP D 421 -1.07 -7.30 24.06
CA ASP D 421 -1.10 -7.10 22.62
C ASP D 421 -2.53 -6.88 22.18
N GLY D 422 -3.45 -7.50 22.89
CA GLY D 422 -4.88 -7.32 22.65
C GLY D 422 -5.51 -8.15 21.56
N ALA D 423 -4.82 -9.11 20.98
CA ALA D 423 -5.50 -9.82 19.93
C ALA D 423 -6.39 -10.92 20.48
N LYS D 424 -7.48 -11.15 19.80
CA LYS D 424 -8.29 -12.29 20.11
C LYS D 424 -7.85 -13.46 19.29
N ILE D 425 -7.41 -14.52 19.93
CA ILE D 425 -6.91 -15.65 19.17
C ILE D 425 -8.07 -16.30 18.44
N GLU D 426 -9.26 -16.16 19.01
CA GLU D 426 -10.47 -16.72 18.46
C GLU D 426 -10.77 -16.21 17.08
N TYR D 427 -10.27 -15.04 16.74
CA TYR D 427 -10.59 -14.46 15.46
C TYR D 427 -9.73 -15.06 14.38
N PHE D 428 -8.72 -15.81 14.77
CA PHE D 428 -7.84 -16.45 13.85
C PHE D 428 -8.17 -17.93 13.79
N LEU D 429 -9.24 -18.31 14.46
CA LEU D 429 -9.61 -19.70 14.57
C LEU D 429 -10.94 -19.98 13.91
N ASP E 1 25.30 -16.47 70.66
CA ASP E 1 24.32 -17.52 70.63
C ASP E 1 23.12 -17.06 69.82
N ILE E 2 22.92 -17.63 68.64
CA ILE E 2 21.84 -17.22 67.77
C ILE E 2 20.74 -18.24 68.00
N VAL E 3 19.73 -17.79 68.71
CA VAL E 3 18.73 -18.65 69.29
C VAL E 3 17.44 -18.76 68.57
N MET E 4 16.99 -19.99 68.39
CA MET E 4 15.71 -20.23 67.76
C MET E 4 15.00 -21.43 68.31
N THR E 5 13.69 -21.31 68.41
CA THR E 5 12.83 -22.38 68.86
C THR E 5 11.81 -22.76 67.82
N GLN E 6 11.18 -23.90 68.03
CA GLN E 6 10.16 -24.44 67.14
C GLN E 6 8.88 -24.59 67.93
N SER E 7 7.76 -24.42 67.27
CA SER E 7 6.48 -24.64 67.89
C SER E 7 5.45 -25.01 66.83
N PRO E 8 4.74 -26.13 66.98
CA PRO E 8 4.77 -27.17 67.99
C PRO E 8 6.08 -27.91 67.97
N SER E 9 6.47 -28.53 69.08
CA SER E 9 7.65 -29.38 69.05
C SER E 9 7.28 -30.67 68.30
N SER E 10 6.02 -31.01 68.38
CA SER E 10 5.46 -32.14 67.70
C SER E 10 4.00 -31.90 67.48
N LEU E 11 3.47 -32.55 66.46
CA LEU E 11 2.07 -32.50 66.13
C LEU E 11 1.74 -33.69 65.27
N SER E 12 0.48 -33.86 64.98
CA SER E 12 0.10 -34.89 64.06
C SER E 12 -1.11 -34.44 63.31
N ALA E 13 -1.29 -35.00 62.13
CA ALA E 13 -2.47 -34.68 61.36
C ALA E 13 -2.80 -35.78 60.37
N SER E 14 -4.08 -35.93 60.06
CA SER E 14 -4.53 -36.84 59.00
C SER E 14 -4.10 -36.37 57.65
N VAL E 15 -3.81 -37.29 56.76
CA VAL E 15 -3.42 -36.89 55.43
C VAL E 15 -4.57 -36.10 54.82
N GLY E 16 -4.23 -35.00 54.16
CA GLY E 16 -5.19 -34.07 53.58
C GLY E 16 -5.50 -32.90 54.53
N ASP E 17 -5.09 -33.00 55.78
CA ASP E 17 -5.32 -32.00 56.81
C ASP E 17 -4.22 -30.94 56.88
N ARG E 18 -4.54 -29.72 56.48
CA ARG E 18 -3.60 -28.59 56.44
C ARG E 18 -2.99 -28.22 57.78
N VAL E 19 -1.66 -28.07 57.84
CA VAL E 19 -0.98 -27.70 59.09
C VAL E 19 -0.05 -26.51 58.93
N THR E 20 0.33 -25.93 60.06
CA THR E 20 1.32 -24.85 60.12
C THR E 20 2.34 -25.14 61.22
N ILE E 21 3.61 -24.91 60.90
CA ILE E 21 4.72 -25.05 61.82
C ILE E 21 5.45 -23.72 61.99
N SER E 22 5.71 -23.30 63.23
CA SER E 22 6.38 -22.02 63.42
C SER E 22 7.78 -22.12 64.00
N CYS E 23 8.59 -21.11 63.70
CA CYS E 23 9.90 -20.93 64.29
C CYS E 23 10.09 -19.51 64.80
N ARG E 24 10.69 -19.39 65.96
CA ARG E 24 10.92 -18.08 66.55
C ARG E 24 12.34 -17.78 66.87
N ALA E 25 12.88 -16.77 66.22
CA ALA E 25 14.25 -16.40 66.48
C ALA E 25 14.27 -15.34 67.56
N SER E 26 15.32 -15.34 68.34
CA SER E 26 15.50 -14.29 69.32
C SER E 26 15.94 -13.04 68.60
N GLN E 27 16.92 -13.20 67.74
CA GLN E 27 17.51 -12.13 66.97
C GLN E 27 16.74 -11.73 65.72
N SER E 28 16.93 -10.48 65.32
CA SER E 28 16.30 -9.94 64.13
C SER E 28 16.99 -10.39 62.84
N ILE E 29 16.85 -11.68 62.56
CA ILE E 29 17.47 -12.34 61.42
C ILE E 29 16.88 -11.96 60.07
N SER E 30 15.76 -11.25 60.08
CA SER E 30 15.11 -10.83 58.86
C SER E 30 14.69 -11.97 57.96
N SER E 31 15.07 -11.90 56.71
CA SER E 31 14.71 -12.93 55.75
C SER E 31 15.58 -14.16 55.79
N TYR E 32 16.65 -14.14 56.55
CA TYR E 32 17.60 -15.21 56.49
C TYR E 32 17.23 -16.45 57.25
N LEU E 33 16.20 -17.12 56.76
CA LEU E 33 15.76 -18.36 57.36
C LEU E 33 15.33 -19.36 56.31
N ASN E 34 15.86 -20.57 56.45
CA ASN E 34 15.53 -21.62 55.50
C ASN E 34 14.80 -22.77 56.15
N TRP E 35 13.96 -23.46 55.40
CA TRP E 35 13.30 -24.63 55.94
C TRP E 35 13.71 -25.90 55.24
N TYR E 36 13.98 -26.89 56.07
CA TYR E 36 14.40 -28.22 55.69
C TYR E 36 13.43 -29.30 56.11
N GLN E 37 13.41 -30.38 55.35
CA GLN E 37 12.59 -31.55 55.63
C GLN E 37 13.42 -32.80 55.79
N GLN E 38 13.33 -33.48 56.92
CA GLN E 38 14.14 -34.68 57.05
C GLN E 38 13.36 -35.92 57.38
N LYS E 39 13.61 -36.95 56.60
CA LYS E 39 13.02 -38.25 56.78
C LYS E 39 14.05 -39.16 57.40
N PRO E 40 13.64 -40.20 58.13
CA PRO E 40 14.55 -41.12 58.75
C PRO E 40 15.45 -41.74 57.73
N GLY E 41 16.73 -41.78 58.06
CA GLY E 41 17.72 -42.41 57.21
C GLY E 41 18.21 -41.54 56.06
N LYS E 42 17.71 -40.32 55.94
CA LYS E 42 18.11 -39.48 54.83
C LYS E 42 18.67 -38.15 55.20
N ALA E 43 19.47 -37.62 54.29
CA ALA E 43 19.98 -36.27 54.42
C ALA E 43 18.80 -35.35 54.29
N PRO E 44 18.79 -34.19 54.93
CA PRO E 44 17.70 -33.26 54.86
C PRO E 44 17.54 -32.69 53.46
N LYS E 45 16.28 -32.46 53.09
CA LYS E 45 15.85 -31.88 51.85
C LYS E 45 15.47 -30.44 52.04
N LEU E 46 15.53 -29.62 51.00
CA LEU E 46 15.10 -28.25 51.17
C LEU E 46 13.77 -27.96 50.63
N LEU E 47 13.06 -27.10 51.33
CA LEU E 47 11.79 -26.68 50.85
C LEU E 47 11.75 -25.21 50.53
N ILE E 48 12.07 -24.38 51.52
CA ILE E 48 11.94 -22.94 51.40
C ILE E 48 13.19 -22.19 51.80
N TYR E 49 13.53 -21.18 51.07
CA TYR E 49 14.68 -20.39 51.44
C TYR E 49 14.43 -18.92 51.43
N ALA E 50 15.26 -18.20 52.15
CA ALA E 50 15.12 -16.76 52.21
C ALA E 50 13.69 -16.43 52.67
N ALA E 51 13.23 -17.13 53.70
CA ALA E 51 11.93 -16.99 54.34
C ALA E 51 10.77 -17.52 53.52
N SER E 52 10.62 -17.06 52.29
CA SER E 52 9.48 -17.48 51.50
C SER E 52 9.72 -17.97 50.07
N SER E 53 10.96 -18.11 49.63
CA SER E 53 11.20 -18.55 48.27
C SER E 53 11.14 -20.05 48.17
N LEU E 54 10.27 -20.58 47.34
CA LEU E 54 10.19 -22.03 47.26
C LEU E 54 11.32 -22.56 46.40
N GLN E 55 11.91 -23.67 46.81
CA GLN E 55 12.94 -24.30 46.00
C GLN E 55 12.38 -25.08 44.83
N SER E 56 12.94 -24.86 43.66
CA SER E 56 12.46 -25.54 42.49
C SER E 56 12.51 -27.03 42.71
N GLY E 57 11.44 -27.70 42.29
CA GLY E 57 11.32 -29.14 42.45
C GLY E 57 10.46 -29.48 43.66
N VAL E 58 10.23 -28.50 44.51
CA VAL E 58 9.42 -28.68 45.69
C VAL E 58 7.97 -28.43 45.32
N PRO E 59 7.04 -29.31 45.67
CA PRO E 59 5.65 -29.17 45.38
C PRO E 59 5.12 -27.85 45.88
N SER E 60 4.19 -27.31 45.11
CA SER E 60 3.52 -26.04 45.32
C SER E 60 2.67 -26.00 46.57
N ARG E 61 2.45 -27.16 47.16
CA ARG E 61 1.68 -27.22 48.37
C ARG E 61 2.40 -26.53 49.50
N PHE E 62 3.72 -26.33 49.38
CA PHE E 62 4.48 -25.70 50.45
C PHE E 62 4.58 -24.20 50.28
N SER E 63 4.47 -23.48 51.38
CA SER E 63 4.62 -22.04 51.36
C SER E 63 5.00 -21.54 52.74
N GLY E 64 5.35 -20.27 52.84
CA GLY E 64 5.67 -19.73 54.14
C GLY E 64 5.79 -18.22 54.09
N SER E 65 5.98 -17.65 55.26
CA SER E 65 6.06 -16.21 55.42
C SER E 65 6.69 -15.87 56.74
N ALA E 66 6.93 -14.58 56.96
CA ALA E 66 7.48 -14.19 58.24
C ALA E 66 7.08 -12.79 58.66
N SER E 67 7.07 -12.58 59.97
CA SER E 67 6.80 -11.30 60.58
C SER E 67 7.62 -11.17 61.86
N GLY E 68 8.32 -10.06 62.04
CA GLY E 68 9.13 -9.95 63.25
C GLY E 68 10.15 -11.05 63.18
N THR E 69 10.23 -11.87 64.22
CA THR E 69 11.17 -12.97 64.23
C THR E 69 10.44 -14.30 64.14
N ASP E 70 9.14 -14.22 63.85
CA ASP E 70 8.28 -15.39 63.73
C ASP E 70 8.09 -15.82 62.29
N PHE E 71 8.53 -17.02 62.02
CA PHE E 71 8.49 -17.57 60.68
C PHE E 71 7.59 -18.74 60.63
N THR E 72 6.87 -18.91 59.55
CA THR E 72 6.05 -20.09 59.47
C THR E 72 6.18 -20.81 58.17
N LEU E 73 5.95 -22.10 58.26
CA LEU E 73 5.85 -22.98 57.12
C LEU E 73 4.52 -23.59 57.17
N THR E 74 3.89 -23.59 56.04
CA THR E 74 2.62 -24.22 55.98
C THR E 74 2.44 -24.98 54.74
N ILE E 75 1.36 -25.70 54.71
CA ILE E 75 1.01 -26.45 53.55
C ILE E 75 -0.41 -26.19 53.15
N SER E 76 -0.75 -26.61 51.94
CA SER E 76 -2.14 -26.61 51.57
C SER E 76 -2.67 -27.93 52.08
N SER E 77 -2.83 -28.93 51.23
CA SER E 77 -3.24 -30.22 51.76
C SER E 77 -2.01 -30.93 52.28
N LEU E 78 -2.20 -31.94 53.10
CA LEU E 78 -1.07 -32.71 53.62
C LEU E 78 -0.88 -33.94 52.76
N GLN E 79 0.32 -34.08 52.21
CA GLN E 79 0.67 -35.14 51.28
C GLN E 79 0.97 -36.42 52.05
N PRO E 80 0.60 -37.61 51.58
CA PRO E 80 0.94 -38.86 52.24
C PRO E 80 2.44 -39.02 52.48
N GLU E 81 3.23 -38.35 51.66
CA GLU E 81 4.67 -38.41 51.71
C GLU E 81 5.38 -37.28 52.45
N ASP E 82 4.67 -36.36 53.10
CA ASP E 82 5.39 -35.24 53.73
C ASP E 82 5.47 -35.34 55.26
N PHE E 83 5.31 -36.54 55.80
CA PHE E 83 5.46 -36.68 57.22
C PHE E 83 6.95 -36.76 57.43
N ALA E 84 7.46 -35.79 58.15
CA ALA E 84 8.89 -35.60 58.33
C ALA E 84 9.15 -34.68 59.49
N THR E 85 10.40 -34.60 59.91
CA THR E 85 10.71 -33.60 60.90
C THR E 85 11.16 -32.37 60.14
N TYR E 86 10.56 -31.25 60.46
CA TYR E 86 10.87 -30.02 59.77
C TYR E 86 11.78 -29.16 60.58
N TYR E 87 12.71 -28.51 59.93
CA TYR E 87 13.63 -27.68 60.68
C TYR E 87 13.82 -26.31 60.12
N CYS E 88 13.94 -25.35 61.01
CA CYS E 88 14.34 -24.04 60.56
C CYS E 88 15.81 -23.84 60.73
N GLN E 89 16.42 -23.15 59.78
CA GLN E 89 17.81 -22.76 59.87
C GLN E 89 17.99 -21.27 59.84
N GLN E 90 18.82 -20.78 60.74
CA GLN E 90 19.14 -19.36 60.78
C GLN E 90 20.44 -19.18 60.06
N SER E 91 20.35 -18.56 58.90
CA SER E 91 21.50 -18.38 58.02
C SER E 91 22.04 -16.98 58.13
N TYR E 92 21.45 -16.22 59.00
CA TYR E 92 21.78 -14.83 59.17
C TYR E 92 23.22 -14.55 59.50
N SER E 93 23.73 -15.27 60.48
CA SER E 93 25.10 -15.07 60.90
C SER E 93 25.66 -16.33 61.43
N ALA E 94 26.95 -16.48 61.27
CA ALA E 94 27.60 -17.61 61.85
C ALA E 94 27.52 -17.41 63.34
N PRO E 95 27.50 -18.49 64.12
CA PRO E 95 27.41 -19.87 63.74
C PRO E 95 26.05 -20.07 63.20
N PHE E 96 25.90 -20.92 62.24
CA PHE E 96 24.59 -21.06 61.72
C PHE E 96 23.92 -22.05 62.59
N THR E 97 22.66 -21.82 62.90
CA THR E 97 22.01 -22.75 63.81
C THR E 97 20.70 -23.24 63.30
N PHE E 98 20.26 -24.33 63.87
CA PHE E 98 18.99 -24.92 63.54
C PHE E 98 18.13 -24.98 64.75
N GLY E 99 16.83 -24.97 64.55
CA GLY E 99 15.97 -25.15 65.68
C GLY E 99 16.02 -26.65 65.93
N PRO E 100 15.43 -27.15 67.01
CA PRO E 100 15.38 -28.55 67.37
C PRO E 100 14.59 -29.44 66.42
N GLY E 101 13.74 -28.83 65.63
CA GLY E 101 12.90 -29.52 64.66
C GLY E 101 11.51 -29.82 65.17
N THR E 102 10.55 -29.83 64.26
CA THR E 102 9.17 -30.17 64.56
C THR E 102 8.75 -31.42 63.87
N LYS E 103 8.29 -32.38 64.63
CA LYS E 103 7.87 -33.62 64.01
C LYS E 103 6.40 -33.67 63.72
N VAL E 104 6.03 -33.92 62.47
CA VAL E 104 4.62 -34.11 62.21
C VAL E 104 4.39 -35.59 61.98
N ASP E 105 3.56 -36.15 62.81
CA ASP E 105 3.23 -37.55 62.76
C ASP E 105 1.88 -37.70 62.11
N ILE E 106 1.43 -38.93 61.98
CA ILE E 106 0.15 -39.15 61.34
C ILE E 106 -0.91 -39.40 62.38
N GLU E 107 -1.99 -38.67 62.23
CA GLU E 107 -3.08 -38.75 63.19
C GLU E 107 -3.70 -40.14 63.23
N ARG E 108 -3.91 -40.64 64.44
CA ARG E 108 -4.51 -41.96 64.65
C ARG E 108 -5.50 -41.94 65.82
N GLN F 1 23.72 -33.64 36.49
CA GLN F 1 23.09 -33.89 37.79
C GLN F 1 24.04 -33.66 38.93
N VAL F 2 23.68 -32.75 39.82
CA VAL F 2 24.51 -32.50 40.98
C VAL F 2 24.31 -33.53 42.07
N GLN F 3 25.44 -34.05 42.52
CA GLN F 3 25.49 -35.05 43.57
C GLN F 3 26.66 -34.79 44.51
N LEU F 4 26.50 -35.21 45.75
CA LEU F 4 27.60 -35.19 46.69
C LEU F 4 27.75 -36.59 47.25
N VAL F 5 28.95 -37.14 47.15
CA VAL F 5 29.13 -38.51 47.59
C VAL F 5 30.14 -38.65 48.70
N GLN F 6 29.69 -39.16 49.82
CA GLN F 6 30.51 -39.29 51.00
C GLN F 6 31.08 -40.66 51.22
N SER F 7 32.15 -40.68 51.99
CA SER F 7 32.82 -41.88 52.48
C SER F 7 31.88 -42.72 53.35
N GLY F 8 32.09 -44.02 53.35
CA GLY F 8 31.23 -44.90 54.14
C GLY F 8 31.58 -44.84 55.61
N ALA F 9 30.83 -45.62 56.40
CA ALA F 9 30.96 -45.61 57.86
C ALA F 9 32.30 -46.13 58.37
N GLU F 10 32.73 -45.55 59.49
CA GLU F 10 33.96 -45.95 60.18
C GLU F 10 33.78 -46.00 61.69
N VAL F 11 34.59 -46.84 62.35
CA VAL F 11 34.60 -46.88 63.81
C VAL F 11 35.99 -46.57 64.31
N LYS F 12 36.05 -45.70 65.29
CA LYS F 12 37.27 -45.23 65.89
C LYS F 12 37.26 -45.38 67.39
N ARG F 13 38.43 -45.50 67.98
CA ARG F 13 38.48 -45.47 69.42
C ARG F 13 38.77 -44.04 69.83
N PRO F 14 38.38 -43.60 71.01
CA PRO F 14 38.63 -42.28 71.50
C PRO F 14 40.11 -41.94 71.43
N GLY F 15 40.36 -40.71 71.02
CA GLY F 15 41.69 -40.15 70.85
C GLY F 15 42.14 -40.16 69.39
N ALA F 16 41.46 -40.97 68.58
CA ALA F 16 41.75 -41.12 67.15
C ALA F 16 41.25 -39.94 66.35
N SER F 17 41.77 -39.76 65.13
CA SER F 17 41.17 -38.77 64.26
C SER F 17 40.44 -39.49 63.13
N VAL F 18 39.47 -38.82 62.55
CA VAL F 18 38.74 -39.36 61.42
C VAL F 18 38.65 -38.37 60.30
N LYS F 19 38.92 -38.81 59.09
CA LYS F 19 38.80 -37.92 57.96
C LYS F 19 37.68 -38.41 57.05
N VAL F 20 36.75 -37.52 56.78
CA VAL F 20 35.62 -37.87 55.96
C VAL F 20 35.63 -37.09 54.66
N SER F 21 35.62 -37.82 53.57
CA SER F 21 35.61 -37.21 52.26
C SER F 21 34.19 -36.98 51.77
N CYS F 22 34.06 -36.07 50.81
CA CYS F 22 32.83 -35.77 50.10
C CYS F 22 33.11 -35.32 48.68
N LYS F 23 32.85 -36.20 47.71
CA LYS F 23 33.14 -35.91 46.33
C LYS F 23 32.01 -35.22 45.63
N ALA F 24 32.35 -34.17 44.92
CA ALA F 24 31.36 -33.42 44.19
C ALA F 24 31.29 -33.83 42.74
N SER F 25 30.09 -33.80 42.19
CA SER F 25 29.92 -34.00 40.77
C SER F 25 28.76 -33.17 40.25
N GLY F 26 28.80 -32.89 38.94
CA GLY F 26 27.73 -32.18 38.25
C GLY F 26 27.87 -30.65 38.24
N TYR F 27 28.92 -30.12 38.86
CA TYR F 27 29.11 -28.68 38.90
C TYR F 27 30.55 -28.30 39.14
N THR F 28 30.89 -27.05 38.91
CA THR F 28 32.24 -26.62 39.19
C THR F 28 32.47 -26.62 40.69
N PHE F 29 33.41 -27.44 41.12
CA PHE F 29 33.67 -27.59 42.54
C PHE F 29 34.07 -26.32 43.22
N ILE F 30 35.01 -25.64 42.61
CA ILE F 30 35.55 -24.42 43.19
C ILE F 30 34.62 -23.24 43.20
N SER F 31 33.43 -23.35 42.63
CA SER F 31 32.56 -22.20 42.66
C SER F 31 31.57 -22.24 43.81
N TYR F 32 31.52 -23.33 44.55
CA TYR F 32 30.56 -23.45 45.62
C TYR F 32 31.22 -23.70 46.92
N GLY F 33 30.58 -23.28 47.99
CA GLY F 33 31.20 -23.51 49.28
C GLY F 33 30.80 -24.88 49.78
N ILE F 34 31.48 -25.34 50.81
CA ILE F 34 31.17 -26.61 51.43
C ILE F 34 30.97 -26.45 52.91
N SER F 35 30.00 -27.11 53.43
CA SER F 35 29.79 -27.07 54.85
C SER F 35 29.47 -28.42 55.35
N TRP F 36 29.60 -28.55 56.66
CA TRP F 36 29.28 -29.79 57.30
C TRP F 36 28.36 -29.58 58.48
N VAL F 37 27.51 -30.56 58.72
CA VAL F 37 26.69 -30.62 59.91
C VAL F 37 26.84 -32.02 60.44
N ARG F 38 26.51 -32.24 61.70
CA ARG F 38 26.49 -33.61 62.17
C ARG F 38 25.21 -33.88 62.91
N GLN F 39 24.73 -35.09 62.78
CA GLN F 39 23.54 -35.44 63.50
C GLN F 39 23.76 -36.61 64.42
N ALA F 40 23.86 -36.33 65.70
CA ALA F 40 24.07 -37.38 66.67
C ALA F 40 22.78 -38.17 66.69
N PRO F 41 22.76 -39.45 67.03
CA PRO F 41 21.54 -40.20 67.08
C PRO F 41 20.53 -39.51 67.96
N GLY F 42 19.32 -39.36 67.44
CA GLY F 42 18.19 -38.77 68.14
C GLY F 42 18.21 -37.24 68.17
N GLN F 43 19.22 -36.64 67.56
CA GLN F 43 19.37 -35.20 67.62
C GLN F 43 19.06 -34.50 66.32
N GLY F 44 19.14 -33.17 66.37
CA GLY F 44 18.92 -32.33 65.20
C GLY F 44 20.25 -32.10 64.52
N LEU F 45 20.34 -31.09 63.71
CA LEU F 45 21.56 -30.87 62.96
C LEU F 45 22.49 -29.85 63.60
N GLU F 46 23.69 -30.28 63.94
CA GLU F 46 24.66 -29.37 64.54
C GLU F 46 25.60 -28.89 63.47
N TRP F 47 25.69 -27.60 63.29
CA TRP F 47 26.59 -27.10 62.27
C TRP F 47 28.02 -27.30 62.72
N MET F 48 28.87 -27.82 61.83
CA MET F 48 30.26 -28.07 62.15
C MET F 48 31.11 -26.92 61.75
N GLY F 49 30.79 -26.40 60.58
CA GLY F 49 31.61 -25.36 59.99
C GLY F 49 31.32 -25.17 58.52
N TRP F 50 31.95 -24.14 57.96
CA TRP F 50 31.86 -23.75 56.57
C TRP F 50 33.15 -23.29 55.95
N ILE F 51 33.47 -23.86 54.80
CA ILE F 51 34.65 -23.49 54.07
C ILE F 51 34.31 -22.81 52.74
N SER F 52 34.89 -21.63 52.56
CA SER F 52 34.70 -20.77 51.38
C SER F 52 35.22 -21.37 50.08
N ALA F 53 34.43 -21.19 49.02
CA ALA F 53 34.71 -21.74 47.70
C ALA F 53 36.02 -21.36 47.03
N TYR F 54 36.48 -20.13 47.17
CA TYR F 54 37.67 -19.79 46.39
C TYR F 54 38.96 -19.78 47.16
N ASN F 55 38.89 -19.52 48.44
CA ASN F 55 40.10 -19.42 49.20
C ASN F 55 40.21 -20.35 50.39
N GLY F 56 39.17 -21.10 50.70
CA GLY F 56 39.28 -22.01 51.81
C GLY F 56 39.48 -21.33 53.17
N ASN F 57 38.96 -20.12 53.39
CA ASN F 57 39.24 -19.46 54.67
C ASN F 57 38.74 -20.17 55.92
N THR F 58 37.66 -20.90 55.78
CA THR F 58 37.03 -21.65 56.86
C THR F 58 36.41 -20.81 57.96
N ASN F 59 35.55 -21.49 58.71
CA ASN F 59 34.77 -20.95 59.79
C ASN F 59 34.30 -22.15 60.59
N TYR F 60 34.80 -22.32 61.79
CA TYR F 60 34.48 -23.51 62.53
C TYR F 60 33.50 -23.24 63.66
N ALA F 61 32.59 -24.18 63.88
CA ALA F 61 31.66 -24.05 64.97
C ALA F 61 32.47 -23.95 66.24
N GLN F 62 32.10 -23.05 67.14
CA GLN F 62 32.91 -22.81 68.31
C GLN F 62 33.11 -23.99 69.23
N ASN F 63 32.10 -24.82 69.37
CA ASN F 63 32.17 -25.92 70.30
C ASN F 63 33.07 -27.04 69.84
N LEU F 64 33.53 -26.95 68.60
CA LEU F 64 34.40 -27.93 68.01
C LEU F 64 35.82 -27.45 67.87
N GLN F 65 36.06 -26.18 68.13
CA GLN F 65 37.35 -25.66 67.81
C GLN F 65 38.44 -26.33 68.60
N GLY F 66 39.53 -26.58 67.90
CA GLY F 66 40.70 -27.24 68.44
C GLY F 66 40.70 -28.72 68.07
N ARG F 67 39.56 -29.23 67.62
CA ARG F 67 39.49 -30.63 67.22
C ARG F 67 39.17 -30.76 65.75
N VAL F 68 38.84 -29.66 65.09
CA VAL F 68 38.35 -29.75 63.72
C VAL F 68 39.09 -28.95 62.69
N THR F 69 39.26 -29.53 61.53
CA THR F 69 39.86 -28.87 60.38
C THR F 69 39.14 -29.24 59.08
N MET F 70 39.12 -28.31 58.14
CA MET F 70 38.55 -28.53 56.81
C MET F 70 39.54 -28.19 55.71
N THR F 71 39.47 -28.94 54.62
CA THR F 71 40.34 -28.73 53.47
C THR F 71 39.72 -29.27 52.20
N THR F 72 40.11 -28.76 51.06
CA THR F 72 39.61 -29.33 49.81
C THR F 72 40.69 -29.62 48.81
N ASP F 73 40.42 -30.59 47.94
CA ASP F 73 41.27 -30.93 46.83
C ASP F 73 40.54 -30.63 45.54
N THR F 74 40.93 -29.55 44.90
CA THR F 74 40.22 -29.08 43.74
C THR F 74 40.48 -29.92 42.52
N SER F 75 41.52 -30.76 42.56
CA SER F 75 41.84 -31.57 41.40
C SER F 75 40.99 -32.82 41.35
N THR F 76 40.36 -33.17 42.47
CA THR F 76 39.57 -34.38 42.57
C THR F 76 38.15 -34.02 42.92
N SER F 77 37.89 -32.72 42.97
CA SER F 77 36.62 -32.15 43.34
C SER F 77 36.13 -32.74 44.64
N THR F 78 37.03 -32.89 45.59
CA THR F 78 36.65 -33.53 46.83
C THR F 78 36.97 -32.73 48.06
N ALA F 79 35.98 -32.64 48.90
CA ALA F 79 36.13 -31.95 50.16
C ALA F 79 36.43 -32.91 51.26
N TYR F 80 37.24 -32.48 52.20
CA TYR F 80 37.54 -33.27 53.36
C TYR F 80 37.33 -32.52 54.65
N MET F 81 36.89 -33.25 55.65
CA MET F 81 36.78 -32.72 56.98
C MET F 81 37.43 -33.69 57.92
N GLU F 82 38.12 -33.18 58.92
CA GLU F 82 38.74 -34.07 59.88
C GLU F 82 38.55 -33.65 61.33
N LEU F 83 38.22 -34.64 62.14
CA LEU F 83 38.12 -34.43 63.56
C LEU F 83 39.23 -35.16 64.25
N ARG F 84 39.76 -34.55 65.28
CA ARG F 84 40.84 -35.14 66.05
C ARG F 84 40.42 -35.36 67.46
N SER F 85 41.15 -36.22 68.15
CA SER F 85 40.91 -36.44 69.54
C SER F 85 39.46 -36.77 69.81
N LEU F 86 38.93 -37.75 69.10
CA LEU F 86 37.54 -38.17 69.19
C LEU F 86 37.14 -38.68 70.55
N ARG F 87 35.86 -38.46 70.87
CA ARG F 87 35.21 -38.91 72.10
C ARG F 87 33.99 -39.74 71.74
N SER F 88 33.48 -40.53 72.66
CA SER F 88 32.29 -41.34 72.36
C SER F 88 31.05 -40.51 71.99
N ASP F 89 30.99 -39.26 72.43
CA ASP F 89 29.86 -38.44 72.15
C ASP F 89 29.97 -37.70 70.82
N ASP F 90 30.99 -38.03 70.05
CA ASP F 90 31.14 -37.47 68.71
C ASP F 90 30.51 -38.44 67.73
N THR F 91 29.87 -39.49 68.24
CA THR F 91 29.18 -40.40 67.34
C THR F 91 28.08 -39.60 66.68
N ALA F 92 28.08 -39.61 65.36
CA ALA F 92 27.08 -38.87 64.61
C ALA F 92 27.16 -39.21 63.16
N VAL F 93 26.12 -38.87 62.42
CA VAL F 93 26.25 -38.96 60.98
C VAL F 93 26.70 -37.62 60.49
N TYR F 94 27.80 -37.60 59.79
CA TYR F 94 28.34 -36.36 59.32
C TYR F 94 27.88 -36.13 57.90
N TYR F 95 27.40 -34.95 57.63
CA TYR F 95 26.93 -34.67 56.29
C TYR F 95 27.65 -33.53 55.69
N CYS F 96 27.93 -33.67 54.41
CA CYS F 96 28.51 -32.57 53.67
C CYS F 96 27.40 -31.93 52.91
N ALA F 97 27.53 -30.64 52.68
CA ALA F 97 26.55 -29.96 51.88
C ALA F 97 27.14 -28.79 51.10
N ARG F 98 26.46 -28.47 50.02
CA ARG F 98 26.86 -27.38 49.16
C ARG F 98 26.07 -26.13 49.47
N VAL F 99 26.77 -24.99 49.50
CA VAL F 99 26.14 -23.68 49.74
C VAL F 99 26.20 -22.78 48.52
N ILE F 100 25.05 -22.15 48.24
CA ILE F 100 24.93 -21.35 47.04
C ILE F 100 25.87 -20.18 46.85
N PRO F 101 25.93 -19.11 47.61
CA PRO F 101 27.02 -18.21 47.41
C PRO F 101 28.16 -19.07 47.84
N GLY F 102 29.29 -18.99 47.19
CA GLY F 102 30.38 -19.79 47.67
C GLY F 102 31.25 -18.96 48.58
N THR F 103 30.88 -17.70 48.72
CA THR F 103 31.63 -16.72 49.49
C THR F 103 30.90 -16.21 50.70
N ALA F 104 29.70 -16.71 50.88
CA ALA F 104 28.84 -16.29 51.96
C ALA F 104 27.88 -17.39 52.23
N VAL F 105 27.29 -17.42 53.39
CA VAL F 105 26.30 -18.44 53.56
C VAL F 105 24.92 -17.93 53.38
N ASP F 106 24.23 -18.59 52.49
CA ASP F 106 22.86 -18.33 52.18
C ASP F 106 22.35 -19.57 51.52
N TYR F 107 21.77 -20.48 52.29
CA TYR F 107 21.14 -21.67 51.74
C TYR F 107 22.02 -22.82 51.23
N PHE F 108 22.00 -23.92 52.01
CA PHE F 108 22.76 -25.13 51.71
C PHE F 108 21.80 -26.06 51.01
N ASP F 109 21.92 -26.20 49.67
CA ASP F 109 20.92 -26.93 48.88
C ASP F 109 21.24 -28.38 48.53
N TYR F 110 22.50 -28.76 48.51
CA TYR F 110 22.80 -30.14 48.16
C TYR F 110 23.44 -30.84 49.27
N TRP F 111 22.97 -32.04 49.52
CA TRP F 111 23.45 -32.82 50.63
C TRP F 111 23.98 -34.18 50.22
N GLY F 112 25.02 -34.63 50.91
CA GLY F 112 25.56 -35.96 50.66
C GLY F 112 24.69 -36.94 51.39
N GLN F 113 24.99 -38.24 51.29
CA GLN F 113 24.12 -39.21 51.95
C GLN F 113 24.37 -39.32 53.44
N GLY F 114 25.52 -38.83 53.90
CA GLY F 114 25.90 -38.90 55.29
C GLY F 114 26.88 -40.03 55.61
N THR F 115 27.84 -39.75 56.47
CA THR F 115 28.84 -40.72 56.88
C THR F 115 28.70 -41.02 58.33
N LEU F 116 28.47 -42.27 58.68
CA LEU F 116 28.36 -42.56 60.09
C LEU F 116 29.68 -42.85 60.73
N VAL F 117 29.98 -42.08 61.76
CA VAL F 117 31.19 -42.31 62.48
C VAL F 117 30.82 -42.71 63.89
N THR F 118 31.34 -43.86 64.29
CA THR F 118 31.09 -44.40 65.63
C THR F 118 32.35 -44.34 66.45
N VAL F 119 32.25 -43.83 67.67
CA VAL F 119 33.44 -43.81 68.50
C VAL F 119 33.21 -44.70 69.71
N SER F 120 34.11 -45.67 69.90
CA SER F 120 33.95 -46.67 70.94
C SER F 120 35.26 -47.27 71.48
N ARG G 42 13.94 28.24 8.67
CA ARG G 42 12.65 28.88 8.77
C ARG G 42 12.55 29.71 10.03
N ASN G 43 11.33 30.04 10.41
CA ASN G 43 11.08 30.82 11.60
C ASN G 43 9.72 30.40 12.12
N PHE G 44 9.30 30.98 13.21
CA PHE G 44 8.03 30.61 13.78
C PHE G 44 6.89 31.34 13.13
N ASN G 45 5.75 30.71 13.12
CA ASN G 45 4.56 31.36 12.62
C ASN G 45 4.11 32.45 13.58
N ASN G 46 3.78 33.60 13.02
CA ASN G 46 3.28 34.75 13.79
C ASN G 46 1.88 35.13 13.33
N LEU G 47 0.94 35.17 14.26
CA LEU G 47 -0.47 35.42 13.93
C LEU G 47 -0.78 36.87 13.69
N THR G 48 -0.28 37.40 12.59
CA THR G 48 -0.46 38.82 12.32
C THR G 48 -1.59 39.19 11.39
N LYS G 49 -2.13 38.25 10.63
CA LYS G 49 -3.17 38.63 9.68
C LYS G 49 -4.53 38.50 10.35
N GLY G 50 -5.54 39.14 9.79
CA GLY G 50 -6.89 39.03 10.33
C GLY G 50 -7.65 37.90 9.66
N LEU G 51 -8.94 37.79 9.96
CA LEU G 51 -9.83 36.79 9.37
C LEU G 51 -10.49 37.30 8.11
N CYS G 52 -10.58 36.46 7.09
CA CYS G 52 -11.22 36.86 5.85
C CYS G 52 -12.72 37.00 6.03
N THR G 53 -13.36 37.83 5.21
CA THR G 53 -14.80 37.95 5.23
C THR G 53 -15.44 36.63 4.85
N ILE G 54 -16.42 36.19 5.61
CA ILE G 54 -17.07 34.95 5.27
C ILE G 54 -18.47 35.17 4.77
N ASN G 55 -18.68 34.92 3.49
CA ASN G 55 -19.98 35.05 2.90
C ASN G 55 -20.59 33.69 2.71
N SER G 56 -19.77 32.69 2.39
CA SER G 56 -20.28 31.35 2.20
C SER G 56 -19.19 30.31 2.38
N TRP G 57 -19.58 29.03 2.45
CA TRP G 57 -18.61 27.95 2.61
C TRP G 57 -18.54 27.00 1.40
N HIS G 58 -17.35 26.45 1.14
CA HIS G 58 -17.18 25.51 0.02
C HIS G 58 -16.40 24.28 0.44
N ILE G 59 -16.54 23.21 -0.33
CA ILE G 59 -15.87 21.96 0.01
C ILE G 59 -14.38 22.08 -0.06
N TYR G 60 -13.72 21.60 0.99
CA TYR G 60 -12.29 21.59 1.11
C TYR G 60 -11.78 20.18 0.96
N GLY G 61 -12.45 19.25 1.63
CA GLY G 61 -12.02 17.86 1.60
C GLY G 61 -13.09 16.90 2.09
N LYS G 62 -12.88 15.63 1.78
CA LYS G 62 -13.79 14.56 2.15
C LYS G 62 -13.11 13.23 1.90
N ASP G 63 -13.05 12.35 2.90
CA ASP G 63 -12.35 11.07 2.62
C ASP G 63 -13.19 9.90 2.16
N ASN G 64 -14.45 9.90 2.52
CA ASN G 64 -15.39 8.83 2.22
C ASN G 64 -14.87 7.55 2.81
N ALA G 65 -14.29 7.66 4.00
CA ALA G 65 -13.70 6.50 4.61
C ALA G 65 -14.65 5.35 4.85
N VAL G 66 -15.88 5.60 5.21
CA VAL G 66 -16.70 4.44 5.48
C VAL G 66 -17.06 3.71 4.19
N ARG G 67 -17.42 4.44 3.14
CA ARG G 67 -17.74 3.78 1.88
C ARG G 67 -16.58 2.96 1.36
N ILE G 68 -15.39 3.52 1.41
CA ILE G 68 -14.22 2.84 0.90
C ILE G 68 -13.94 1.60 1.70
N GLY G 69 -14.07 1.73 3.00
CA GLY G 69 -13.79 0.67 3.95
C GLY G 69 -14.64 -0.56 3.80
N GLU G 70 -15.68 -0.50 2.98
CA GLU G 70 -16.49 -1.69 2.81
C GLU G 70 -15.68 -2.85 2.28
N SER G 71 -14.71 -2.59 1.40
CA SER G 71 -13.93 -3.64 0.81
C SER G 71 -12.44 -3.31 0.72
N SER G 72 -11.90 -2.61 1.70
CA SER G 72 -10.50 -2.22 1.67
C SER G 72 -9.96 -2.08 3.09
N ASP G 73 -8.65 -1.93 3.25
CA ASP G 73 -8.10 -1.90 4.59
C ASP G 73 -8.09 -0.53 5.26
N VAL G 74 -9.28 -0.07 5.57
CA VAL G 74 -9.51 1.22 6.21
C VAL G 74 -9.67 1.01 7.69
N LEU G 75 -8.93 1.78 8.47
CA LEU G 75 -8.94 1.70 9.91
C LEU G 75 -10.17 2.29 10.55
N VAL G 76 -10.55 1.72 11.67
CA VAL G 76 -11.63 2.26 12.44
C VAL G 76 -11.12 3.44 13.19
N THR G 77 -11.76 4.58 13.01
CA THR G 77 -11.36 5.78 13.69
C THR G 77 -12.53 6.49 14.30
N ARG G 78 -12.22 7.43 15.17
CA ARG G 78 -13.12 8.38 15.77
C ARG G 78 -12.45 9.70 16.12
N GLU G 79 -13.26 10.72 16.35
CA GLU G 79 -12.77 11.98 16.85
C GLU G 79 -11.66 12.61 16.03
N PRO G 80 -11.92 12.91 14.77
CA PRO G 80 -11.02 13.50 13.82
C PRO G 80 -10.80 14.95 14.02
N TYR G 81 -9.72 15.43 13.45
CA TYR G 81 -9.46 16.86 13.33
C TYR G 81 -8.56 17.11 12.15
N VAL G 82 -8.39 18.36 11.78
CA VAL G 82 -7.60 18.66 10.61
C VAL G 82 -6.52 19.61 10.97
N SER G 83 -5.34 19.43 10.42
CA SER G 83 -4.25 20.33 10.69
C SER G 83 -3.30 20.50 9.52
N CYS G 84 -2.78 21.72 9.35
CA CYS G 84 -1.90 21.97 8.22
C CYS G 84 -0.53 22.47 8.62
N ASP G 85 0.47 21.93 7.94
CA ASP G 85 1.85 22.35 8.09
C ASP G 85 2.07 23.32 6.93
N PRO G 86 3.23 23.96 6.78
CA PRO G 86 3.49 24.97 5.77
C PRO G 86 3.30 24.52 4.33
N ASP G 87 3.37 23.24 4.05
CA ASP G 87 3.20 22.75 2.73
C ASP G 87 2.27 21.56 2.62
N GLU G 88 1.51 21.26 3.66
CA GLU G 88 0.67 20.07 3.60
C GLU G 88 -0.49 20.02 4.57
N CYS G 89 -1.65 19.57 4.13
CA CYS G 89 -2.72 19.35 5.07
C CYS G 89 -2.99 17.89 5.23
N ARG G 90 -3.22 17.49 6.47
CA ARG G 90 -3.48 16.10 6.80
C ARG G 90 -4.63 15.96 7.76
N PHE G 91 -5.22 14.80 7.72
CA PHE G 91 -6.27 14.45 8.65
C PHE G 91 -5.67 13.73 9.81
N TYR G 92 -6.20 14.00 10.98
CA TYR G 92 -5.76 13.35 12.18
C TYR G 92 -6.93 12.67 12.82
N ALA G 93 -6.71 11.52 13.42
CA ALA G 93 -7.80 10.85 14.11
C ALA G 93 -7.29 9.84 15.09
N LEU G 94 -8.17 9.39 15.98
CA LEU G 94 -7.77 8.35 16.88
C LEU G 94 -8.24 7.01 16.37
N SER G 95 -7.27 6.15 16.12
CA SER G 95 -7.45 4.82 15.57
C SER G 95 -7.72 3.84 16.64
N GLN G 96 -8.54 2.85 16.35
CA GLN G 96 -8.83 1.79 17.30
C GLN G 96 -7.94 0.56 17.11
N GLY G 97 -6.99 0.64 16.17
CA GLY G 97 -6.05 -0.45 15.92
C GLY G 97 -6.61 -1.62 15.13
N THR G 98 -7.59 -1.39 14.31
CA THR G 98 -8.20 -2.46 13.55
C THR G 98 -8.90 -1.91 12.34
N THR G 99 -9.10 -2.72 11.31
CA THR G 99 -9.87 -2.26 10.17
C THR G 99 -11.34 -2.44 10.42
N ILE G 100 -12.15 -1.73 9.67
CA ILE G 100 -13.59 -1.75 9.89
C ILE G 100 -14.16 -3.12 9.67
N ARG G 101 -13.72 -3.73 8.62
CA ARG G 101 -14.20 -5.01 8.21
C ARG G 101 -13.63 -6.17 9.02
N GLY G 102 -12.65 -5.93 9.89
CA GLY G 102 -12.05 -7.02 10.63
C GLY G 102 -12.87 -7.41 11.86
N LYS G 103 -12.45 -8.44 12.55
CA LYS G 103 -13.22 -8.88 13.69
C LYS G 103 -12.89 -8.13 14.95
N HIS G 104 -11.81 -7.37 14.93
CA HIS G 104 -11.50 -6.62 16.12
C HIS G 104 -12.23 -5.30 16.10
N SER G 105 -13.10 -5.08 15.10
CA SER G 105 -13.88 -3.87 15.09
C SER G 105 -15.06 -4.05 16.05
N ASN G 106 -15.28 -5.28 16.52
CA ASN G 106 -16.39 -5.52 17.41
C ASN G 106 -16.11 -4.94 18.78
N GLY G 107 -16.89 -3.95 19.19
CA GLY G 107 -16.65 -3.31 20.45
C GLY G 107 -15.83 -2.01 20.39
N THR G 108 -15.58 -1.47 19.20
CA THR G 108 -14.80 -0.24 19.10
C THR G 108 -15.53 1.00 19.53
N ILE G 109 -16.71 0.82 20.08
CA ILE G 109 -17.53 1.86 20.64
C ILE G 109 -16.85 2.55 21.82
N HIS G 110 -15.96 1.86 22.51
CA HIS G 110 -15.30 2.45 23.67
C HIS G 110 -14.35 3.57 23.33
N ASP G 111 -14.30 4.55 24.22
CA ASP G 111 -13.39 5.67 24.05
C ASP G 111 -11.95 5.34 24.38
N ARG G 112 -11.72 4.32 25.16
CA ARG G 112 -10.34 3.96 25.35
C ARG G 112 -10.24 2.48 25.52
N SER G 113 -9.24 1.90 24.88
CA SER G 113 -8.97 0.49 24.92
C SER G 113 -7.52 0.34 25.10
N GLN G 114 -6.86 1.46 24.97
CA GLN G 114 -5.41 1.59 25.01
C GLN G 114 -4.71 0.92 23.83
N TYR G 115 -5.49 0.62 22.79
CA TYR G 115 -4.96 0.14 21.53
C TYR G 115 -5.09 1.28 20.58
N ARG G 116 -5.50 2.37 21.16
CA ARG G 116 -5.77 3.58 20.47
C ARG G 116 -4.58 4.47 20.31
N ALA G 117 -4.48 5.05 19.13
CA ALA G 117 -3.38 5.94 18.82
C ALA G 117 -3.77 7.04 17.87
N LEU G 118 -2.98 8.09 17.90
CA LEU G 118 -3.20 9.22 17.02
C LEU G 118 -2.43 9.04 15.78
N ILE G 119 -3.16 9.04 14.69
CA ILE G 119 -2.58 8.82 13.39
C ILE G 119 -2.84 9.99 12.50
N SER G 120 -2.07 10.06 11.43
CA SER G 120 -2.18 11.12 10.46
C SER G 120 -2.06 10.62 9.05
N TRP G 121 -2.92 11.10 8.17
CA TRP G 121 -2.85 10.66 6.80
C TRP G 121 -3.22 11.83 5.87
N PRO G 122 -2.86 11.81 4.58
CA PRO G 122 -3.07 12.89 3.63
C PRO G 122 -4.50 13.32 3.46
N LEU G 123 -4.69 14.62 3.27
CA LEU G 123 -6.00 15.20 3.10
C LEU G 123 -6.82 14.47 2.06
N SER G 124 -8.04 14.13 2.44
CA SER G 124 -9.05 13.45 1.63
C SER G 124 -8.77 12.02 1.21
N SER G 125 -7.73 11.40 1.74
CA SER G 125 -7.53 9.99 1.50
C SER G 125 -8.16 9.31 2.69
N PRO G 126 -8.59 8.06 2.62
CA PRO G 126 -9.06 7.32 3.74
C PRO G 126 -7.88 6.97 4.64
N PRO G 127 -8.09 6.75 5.93
CA PRO G 127 -7.13 6.36 6.92
C PRO G 127 -6.82 4.91 6.81
N THR G 128 -6.08 4.52 5.80
CA THR G 128 -5.82 3.11 5.63
C THR G 128 -4.64 2.69 6.43
N VAL G 129 -4.56 1.39 6.60
CA VAL G 129 -3.51 0.74 7.34
C VAL G 129 -2.17 0.84 6.66
N TYR G 130 -2.16 1.07 5.36
CA TYR G 130 -0.90 1.10 4.66
C TYR G 130 -0.44 2.50 4.34
N ASN G 131 -1.13 3.54 4.82
CA ASN G 131 -0.63 4.87 4.47
C ASN G 131 -0.63 5.84 5.65
N SER G 132 -0.89 5.35 6.84
CA SER G 132 -1.00 6.24 7.97
C SER G 132 0.28 6.29 8.75
N ARG G 133 0.53 7.44 9.35
CA ARG G 133 1.68 7.60 10.21
C ARG G 133 1.20 7.75 11.64
N VAL G 134 1.92 7.19 12.59
CA VAL G 134 1.52 7.33 13.97
C VAL G 134 2.24 8.49 14.60
N GLU G 135 1.50 9.40 15.22
CA GLU G 135 2.10 10.56 15.82
C GLU G 135 2.48 10.25 17.25
N CYS G 136 1.55 9.61 17.96
CA CYS G 136 1.74 9.22 19.34
C CYS G 136 0.63 8.30 19.82
N ILE G 137 0.79 7.74 21.00
CA ILE G 137 -0.17 6.82 21.57
C ILE G 137 -0.90 7.37 22.75
N GLY G 138 -2.22 7.17 22.77
CA GLY G 138 -3.07 7.63 23.85
C GLY G 138 -4.50 7.71 23.39
N TRP G 139 -5.43 7.83 24.33
CA TRP G 139 -6.82 7.89 24.00
C TRP G 139 -7.38 9.28 23.81
N SER G 140 -6.59 10.29 24.08
CA SER G 140 -6.98 11.70 23.91
C SER G 140 -5.82 12.51 23.41
N SER G 141 -6.05 13.44 22.49
CA SER G 141 -4.90 14.16 21.94
C SER G 141 -5.14 15.54 21.35
N THR G 142 -4.04 16.19 21.00
CA THR G 142 -4.02 17.48 20.29
C THR G 142 -2.72 17.69 19.54
N SER G 143 -2.75 18.48 18.46
CA SER G 143 -1.47 18.74 17.78
C SER G 143 -1.43 19.97 16.92
N CYS G 144 -0.23 20.47 16.63
CA CYS G 144 -0.07 21.60 15.72
C CYS G 144 1.36 21.86 15.31
N HIS G 145 1.52 22.71 14.30
CA HIS G 145 2.84 23.07 13.81
C HIS G 145 3.12 24.52 14.14
N ASP G 146 4.29 24.78 14.73
CA ASP G 146 4.62 26.13 15.14
C ASP G 146 5.40 26.98 14.15
N GLY G 147 5.67 26.43 13.00
CA GLY G 147 6.42 27.06 11.91
C GLY G 147 7.80 26.41 11.72
N LYS G 148 8.30 25.73 12.73
CA LYS G 148 9.56 25.04 12.57
C LYS G 148 9.31 23.56 12.63
N SER G 149 8.45 23.12 13.54
CA SER G 149 8.13 21.71 13.62
C SER G 149 6.80 21.43 14.30
N ARG G 150 6.48 20.16 14.38
CA ARG G 150 5.21 19.77 14.97
C ARG G 150 5.26 19.29 16.38
N MET G 151 4.25 19.70 17.14
CA MET G 151 4.02 19.28 18.50
C MET G 151 2.82 18.37 18.51
N SER G 152 2.90 17.29 19.27
CA SER G 152 1.76 16.40 19.41
C SER G 152 1.63 16.00 20.86
N ILE G 153 0.42 15.96 21.36
CA ILE G 153 0.23 15.53 22.72
C ILE G 153 -0.74 14.39 22.81
N CYS G 154 -0.34 13.33 23.48
CA CYS G 154 -1.22 12.19 23.68
C CYS G 154 -1.35 11.81 25.13
N ILE G 155 -2.57 11.47 25.52
CA ILE G 155 -2.90 11.04 26.86
C ILE G 155 -3.27 9.59 26.88
N SER G 156 -2.62 8.85 27.76
CA SER G 156 -2.80 7.41 27.87
C SER G 156 -2.93 6.93 29.30
N GLY G 157 -3.24 5.64 29.47
CA GLY G 157 -3.30 5.08 30.81
C GLY G 157 -4.73 5.00 31.33
N PRO G 158 -4.92 4.65 32.60
CA PRO G 158 -6.15 4.39 33.30
C PRO G 158 -6.81 5.68 33.54
N ASN G 159 -8.02 5.63 34.04
CA ASN G 159 -8.72 6.83 34.38
C ASN G 159 -8.18 7.55 35.62
N ASN G 160 -7.40 6.85 36.41
CA ASN G 160 -6.87 7.42 37.63
C ASN G 160 -5.46 7.90 37.44
N ASN G 161 -4.57 6.97 37.22
CA ASN G 161 -3.16 7.22 37.04
C ASN G 161 -2.84 7.51 35.57
N ALA G 162 -3.57 8.44 34.98
CA ALA G 162 -3.43 8.83 33.57
C ALA G 162 -2.23 9.71 33.39
N SER G 163 -1.71 9.80 32.16
CA SER G 163 -0.64 10.76 31.93
C SER G 163 -0.58 11.30 30.53
N ALA G 164 0.02 12.49 30.39
CA ALA G 164 0.18 13.08 29.08
C ALA G 164 1.63 13.15 28.67
N VAL G 165 1.88 12.81 27.43
CA VAL G 165 3.21 12.92 26.89
C VAL G 165 3.24 13.89 25.75
N VAL G 166 4.12 14.84 25.85
CA VAL G 166 4.27 15.86 24.87
C VAL G 166 5.45 15.55 24.00
N TRP G 167 5.19 15.45 22.71
CA TRP G 167 6.15 15.15 21.68
C TRP G 167 6.46 16.38 20.88
N TYR G 168 7.67 16.50 20.40
CA TYR G 168 7.99 17.58 19.51
C TYR G 168 8.98 17.11 18.52
N ASN G 169 8.74 17.39 17.26
CA ASN G 169 9.64 16.99 16.22
C ASN G 169 9.82 15.49 16.27
N ARG G 170 8.74 14.80 16.57
CA ARG G 170 8.62 13.37 16.69
C ARG G 170 9.47 12.70 17.79
N ARG G 171 9.84 13.44 18.83
CA ARG G 171 10.52 12.85 19.97
C ARG G 171 9.75 13.23 21.21
N PRO G 172 9.70 12.42 22.26
CA PRO G 172 9.07 12.80 23.48
C PRO G 172 9.93 13.90 24.08
N VAL G 173 9.31 14.90 24.66
CA VAL G 173 10.03 15.99 25.32
C VAL G 173 9.69 16.15 26.78
N ALA G 174 8.41 16.15 27.08
CA ALA G 174 7.97 16.47 28.44
C ALA G 174 6.71 15.73 28.80
N GLU G 175 6.48 15.57 30.11
CA GLU G 175 5.27 14.90 30.54
C GLU G 175 4.53 15.64 31.64
N ILE G 176 3.23 15.43 31.66
CA ILE G 176 2.34 15.97 32.66
C ILE G 176 1.55 14.84 33.33
N ASN G 177 1.56 14.77 34.65
CA ASN G 177 0.78 13.73 35.30
C ASN G 177 -0.62 14.27 35.54
N THR G 178 -1.48 13.47 36.11
CA THR G 178 -2.85 13.79 36.40
C THR G 178 -2.90 14.53 37.71
N TRP G 179 -3.83 15.47 37.90
CA TRP G 179 -3.85 16.15 39.18
C TRP G 179 -5.15 15.98 39.94
N ALA G 180 -6.27 15.82 39.25
CA ALA G 180 -7.55 15.67 39.94
C ALA G 180 -7.96 14.22 39.98
N ARG G 181 -7.11 13.38 39.41
CA ARG G 181 -7.29 11.95 39.29
C ARG G 181 -8.56 11.50 38.63
N ASN G 182 -9.02 12.19 37.57
CA ASN G 182 -10.22 11.68 36.93
C ASN G 182 -10.26 12.02 35.44
N ILE G 183 -9.73 11.11 34.63
CA ILE G 183 -9.70 11.25 33.18
C ILE G 183 -9.02 12.54 32.76
N LEU G 184 -7.72 12.55 32.68
CA LEU G 184 -7.09 13.71 32.12
C LEU G 184 -7.51 13.76 30.67
N ARG G 185 -7.94 14.91 30.18
CA ARG G 185 -8.38 15.00 28.80
C ARG G 185 -8.08 16.33 28.13
N THR G 186 -8.03 16.35 26.80
CA THR G 186 -7.74 17.61 26.13
C THR G 186 -8.62 18.00 24.95
N GLN G 187 -8.07 18.81 24.06
CA GLN G 187 -8.78 19.45 22.97
C GLN G 187 -9.33 18.64 21.80
N GLU G 188 -8.66 17.59 21.35
CA GLU G 188 -9.11 16.83 20.18
C GLU G 188 -9.20 17.74 18.96
N SER G 189 -8.29 18.71 18.86
CA SER G 189 -8.29 19.68 17.78
C SER G 189 -6.92 20.22 17.55
N GLU G 190 -6.78 20.99 16.48
CA GLU G 190 -5.53 21.64 16.19
C GLU G 190 -5.22 22.71 17.24
N CYS G 191 -3.99 22.79 17.66
CA CYS G 191 -3.57 23.84 18.57
C CYS G 191 -3.01 25.01 17.77
N VAL G 192 -2.93 26.18 18.37
CA VAL G 192 -2.46 27.31 17.61
C VAL G 192 -1.24 27.92 18.24
N CYS G 193 -0.20 28.13 17.47
CA CYS G 193 1.01 28.68 18.05
C CYS G 193 1.29 30.10 17.59
N HIS G 194 1.90 30.87 18.47
CA HIS G 194 2.35 32.22 18.13
C HIS G 194 3.76 32.47 18.58
N ASN G 195 4.65 32.68 17.62
CA ASN G 195 6.05 32.90 17.90
C ASN G 195 6.62 31.78 18.73
N GLY G 196 6.21 30.56 18.43
CA GLY G 196 6.71 29.39 19.11
C GLY G 196 5.89 28.98 20.32
N VAL G 197 4.97 29.82 20.79
CA VAL G 197 4.21 29.44 21.97
C VAL G 197 2.87 28.89 21.62
N CYS G 198 2.58 27.69 22.10
CA CYS G 198 1.37 26.98 21.77
C CYS G 198 0.53 26.66 23.02
N PRO G 199 -0.48 27.47 23.38
CA PRO G 199 -1.36 27.23 24.51
C PRO G 199 -2.20 25.98 24.31
N VAL G 200 -2.32 25.16 25.33
CA VAL G 200 -3.14 23.95 25.28
C VAL G 200 -4.06 23.83 26.48
N VAL G 201 -5.32 23.53 26.25
CA VAL G 201 -6.29 23.39 27.33
C VAL G 201 -6.44 21.95 27.82
N PHE G 202 -6.31 21.74 29.12
CA PHE G 202 -6.47 20.42 29.72
C PHE G 202 -7.51 20.40 30.83
N THR G 203 -8.27 19.31 30.89
CA THR G 203 -9.28 19.15 31.91
C THR G 203 -9.07 17.89 32.71
N ASP G 204 -9.34 17.96 34.01
CA ASP G 204 -9.16 16.80 34.88
C ASP G 204 -10.19 16.84 36.03
N GLY G 205 -11.11 15.88 36.07
CA GLY G 205 -12.15 15.95 37.09
C GLY G 205 -13.48 15.44 36.56
N SER G 206 -14.50 15.44 37.41
CA SER G 206 -15.79 14.90 37.03
C SER G 206 -16.40 15.58 35.84
N ALA G 207 -17.02 14.80 34.97
CA ALA G 207 -17.65 15.35 33.77
C ALA G 207 -19.03 15.88 34.08
N THR G 208 -19.49 15.68 35.30
CA THR G 208 -20.82 16.13 35.70
C THR G 208 -20.63 16.86 36.99
N GLY G 209 -19.72 17.80 37.00
CA GLY G 209 -19.38 18.53 38.19
C GLY G 209 -18.31 19.54 37.83
N PRO G 210 -17.80 20.27 38.80
CA PRO G 210 -16.81 21.30 38.64
C PRO G 210 -15.39 20.75 38.47
N ALA G 211 -15.12 20.13 37.33
CA ALA G 211 -13.80 19.57 37.04
C ALA G 211 -12.81 20.68 36.99
N ASP G 212 -11.55 20.41 37.28
CA ASP G 212 -10.66 21.54 37.22
C ASP G 212 -10.24 21.73 35.79
N THR G 213 -9.46 22.77 35.55
CA THR G 213 -8.95 23.06 34.22
C THR G 213 -7.64 23.78 34.30
N ARG G 214 -6.75 23.45 33.40
CA ARG G 214 -5.48 24.13 33.31
C ARG G 214 -5.12 24.48 31.89
N ILE G 215 -4.44 25.58 31.74
CA ILE G 215 -3.93 25.92 30.44
C ILE G 215 -2.43 25.94 30.50
N TYR G 216 -1.82 25.17 29.63
CA TYR G 216 -0.37 25.09 29.60
C TYR G 216 0.15 25.82 28.41
N TYR G 217 1.27 26.45 28.56
CA TYR G 217 1.91 27.12 27.46
C TYR G 217 3.17 26.39 27.14
N PHE G 218 3.23 25.88 25.92
CA PHE G 218 4.38 25.10 25.48
C PHE G 218 5.23 25.76 24.45
N LYS G 219 6.52 25.46 24.48
CA LYS G 219 7.43 25.91 23.43
C LYS G 219 8.44 24.84 23.13
N GLU G 220 8.42 24.38 21.89
CA GLU G 220 9.28 23.29 21.44
C GLU G 220 9.11 22.07 22.33
N GLY G 221 7.89 21.86 22.79
CA GLY G 221 7.57 20.74 23.64
C GLY G 221 7.84 20.96 25.12
N LYS G 222 8.45 22.08 25.49
CA LYS G 222 8.76 22.32 26.89
C LYS G 222 7.64 23.09 27.54
N ILE G 223 7.52 22.99 28.84
CA ILE G 223 6.49 23.76 29.52
C ILE G 223 7.05 25.05 30.04
N LEU G 224 6.47 26.16 29.62
CA LEU G 224 6.96 27.44 30.07
C LEU G 224 6.16 27.96 31.21
N LYS G 225 4.88 27.65 31.18
CA LYS G 225 3.97 28.15 32.18
C LYS G 225 2.69 27.38 32.20
N TRP G 226 1.95 27.47 33.28
CA TRP G 226 0.59 27.02 33.21
C TRP G 226 -0.25 27.87 34.14
N GLU G 227 -1.54 27.91 33.86
CA GLU G 227 -2.48 28.65 34.66
C GLU G 227 -3.71 27.88 35.02
N SER G 228 -4.25 28.15 36.18
CA SER G 228 -5.53 27.59 36.54
C SER G 228 -6.55 28.35 35.73
N LEU G 229 -7.63 27.72 35.36
CA LEU G 229 -8.66 28.45 34.62
C LEU G 229 -9.32 29.58 35.37
N THR G 230 -9.45 30.72 34.70
CA THR G 230 -10.16 31.86 35.28
C THR G 230 -11.29 32.34 34.40
N GLY G 231 -11.96 33.39 34.85
CA GLY G 231 -13.08 33.97 34.12
C GLY G 231 -14.39 33.39 34.60
N THR G 232 -15.46 33.54 33.80
CA THR G 232 -16.78 33.17 34.26
C THR G 232 -17.30 31.86 33.69
N ALA G 233 -16.54 31.20 32.84
CA ALA G 233 -17.01 29.93 32.32
C ALA G 233 -17.03 28.95 33.48
N LYS G 234 -18.00 28.05 33.53
CA LYS G 234 -18.05 27.13 34.66
C LYS G 234 -17.50 25.74 34.42
N HIS G 235 -17.46 25.29 33.19
CA HIS G 235 -16.96 23.95 32.90
C HIS G 235 -16.44 23.92 31.48
N ILE G 236 -15.22 23.44 31.31
CA ILE G 236 -14.64 23.41 29.98
C ILE G 236 -14.03 22.12 29.52
N GLU G 237 -14.44 21.65 28.34
CA GLU G 237 -13.84 20.48 27.72
C GLU G 237 -13.69 20.66 26.20
N GLU G 238 -12.73 19.94 25.62
CA GLU G 238 -12.63 19.84 24.16
C GLU G 238 -12.59 21.14 23.33
N CYS G 239 -11.70 22.08 23.64
CA CYS G 239 -11.65 23.35 22.93
C CYS G 239 -11.17 23.27 21.49
N SER G 240 -11.80 24.08 20.63
CA SER G 240 -11.49 24.30 19.21
C SER G 240 -10.99 25.71 19.03
N CYS G 241 -9.75 25.86 18.60
CA CYS G 241 -9.18 27.19 18.61
C CYS G 241 -8.65 27.65 17.26
N TYR G 242 -8.67 28.96 17.05
CA TYR G 242 -8.06 29.58 15.89
C TYR G 242 -7.40 30.87 16.31
N GLY G 243 -6.36 31.27 15.60
CA GLY G 243 -5.70 32.53 15.92
C GLY G 243 -6.05 33.64 14.97
N GLU G 244 -6.01 34.87 15.45
CA GLU G 244 -6.25 35.99 14.56
C GLU G 244 -5.72 37.34 15.01
N ARG G 245 -4.91 37.98 14.18
CA ARG G 245 -4.44 39.35 14.41
C ARG G 245 -3.95 39.52 15.82
N THR G 246 -3.17 38.56 16.29
CA THR G 246 -2.63 38.43 17.62
C THR G 246 -3.74 38.05 18.59
N GLY G 247 -3.65 36.87 19.16
CA GLY G 247 -4.66 36.39 20.09
C GLY G 247 -5.33 35.14 19.56
N ILE G 248 -5.69 34.27 20.48
CA ILE G 248 -6.31 33.01 20.16
C ILE G 248 -7.69 32.87 20.77
N THR G 249 -8.62 32.49 19.95
CA THR G 249 -9.98 32.32 20.42
C THR G 249 -10.36 30.86 20.41
N CYS G 250 -10.87 30.39 21.54
CA CYS G 250 -11.28 29.00 21.60
C CYS G 250 -12.71 28.80 21.99
N THR G 251 -13.39 27.95 21.27
CA THR G 251 -14.76 27.63 21.61
C THR G 251 -14.72 26.27 22.22
N CYS G 252 -15.30 26.14 23.38
CA CYS G 252 -15.19 24.90 24.09
C CYS G 252 -16.52 24.35 24.47
N ARG G 253 -16.56 23.23 25.13
CA ARG G 253 -17.83 22.68 25.52
C ARG G 253 -18.07 22.61 27.00
N ASP G 254 -19.30 22.89 27.41
CA ASP G 254 -19.74 22.76 28.79
C ASP G 254 -20.60 21.52 28.88
N ASN G 255 -20.07 20.47 29.48
CA ASN G 255 -20.73 19.19 29.60
C ASN G 255 -21.46 19.10 30.89
N TRP G 256 -21.56 20.19 31.61
CA TRP G 256 -22.21 20.08 32.89
C TRP G 256 -23.55 20.79 32.92
N GLN G 257 -23.55 22.11 32.72
CA GLN G 257 -24.79 22.85 32.92
C GLN G 257 -25.49 23.58 31.78
N GLY G 258 -25.14 23.41 30.51
CA GLY G 258 -25.92 24.20 29.55
C GLY G 258 -25.55 24.09 28.09
N SER G 259 -26.35 24.77 27.27
CA SER G 259 -26.22 24.73 25.81
C SER G 259 -25.53 25.91 25.11
N ASN G 260 -25.09 26.86 25.90
CA ASN G 260 -24.38 28.03 25.46
C ASN G 260 -22.91 27.77 25.66
N ARG G 261 -22.23 27.44 24.59
CA ARG G 261 -20.85 27.05 24.70
C ARG G 261 -19.98 28.15 25.27
N PRO G 262 -19.01 27.82 26.16
CA PRO G 262 -18.00 28.68 26.73
C PRO G 262 -16.94 29.04 25.72
N VAL G 263 -16.35 30.19 25.91
CA VAL G 263 -15.27 30.70 25.12
C VAL G 263 -14.07 31.10 25.94
N ILE G 264 -12.90 30.70 25.49
CA ILE G 264 -11.69 31.10 26.18
C ILE G 264 -10.96 32.06 25.27
N GLN G 265 -10.57 33.18 25.82
CA GLN G 265 -9.83 34.16 25.05
C GLN G 265 -8.41 34.17 25.59
N ILE G 266 -7.46 33.77 24.75
CA ILE G 266 -6.09 33.62 25.18
C ILE G 266 -5.13 34.59 24.55
N ASP G 267 -4.33 35.22 25.38
CA ASP G 267 -3.28 36.10 24.91
C ASP G 267 -1.96 35.35 25.02
N PRO G 268 -1.40 34.83 23.93
CA PRO G 268 -0.24 33.98 23.90
C PRO G 268 1.04 34.71 24.21
N VAL G 269 0.99 36.03 24.20
CA VAL G 269 2.19 36.77 24.45
C VAL G 269 2.27 36.98 25.92
N ALA G 270 1.15 37.38 26.47
CA ALA G 270 1.05 37.62 27.89
C ALA G 270 0.95 36.32 28.65
N MET G 271 0.45 35.30 27.97
CA MET G 271 0.16 34.02 28.56
C MET G 271 -0.84 34.22 29.66
N THR G 272 -1.90 34.92 29.32
CA THR G 272 -3.01 35.16 30.24
C THR G 272 -4.29 34.86 29.52
N HIS G 273 -5.36 34.70 30.26
CA HIS G 273 -6.61 34.41 29.59
C HIS G 273 -7.81 34.79 30.41
N THR G 274 -8.93 34.88 29.71
CA THR G 274 -10.23 35.05 30.34
C THR G 274 -11.24 34.12 29.75
N SER G 275 -12.43 34.12 30.31
CA SER G 275 -13.48 33.27 29.77
C SER G 275 -14.87 33.80 30.03
N GLN G 276 -15.79 33.38 29.18
CA GLN G 276 -17.21 33.75 29.23
C GLN G 276 -18.01 32.82 28.35
N TYR G 277 -19.31 33.00 28.29
CA TYR G 277 -20.14 32.22 27.39
C TYR G 277 -20.54 33.04 26.20
N ILE G 278 -20.92 32.38 25.11
CA ILE G 278 -21.45 33.15 23.99
C ILE G 278 -22.85 33.61 24.37
N CYS G 279 -23.07 34.93 24.34
CA CYS G 279 -24.30 35.58 24.73
C CYS G 279 -25.52 35.25 23.88
N SER G 280 -25.31 35.06 22.60
CA SER G 280 -26.40 34.81 21.67
C SER G 280 -27.43 33.81 22.15
N PRO G 281 -28.72 34.03 21.86
CA PRO G 281 -29.83 33.18 22.18
C PRO G 281 -29.80 31.94 21.33
N VAL G 282 -28.94 31.92 20.33
CA VAL G 282 -28.88 30.75 19.50
C VAL G 282 -28.09 29.73 20.27
N LEU G 283 -28.68 28.59 20.55
CA LEU G 283 -27.94 27.61 21.32
C LEU G 283 -27.18 26.72 20.37
N THR G 284 -26.00 26.27 20.78
CA THR G 284 -25.20 25.47 19.86
C THR G 284 -24.82 24.06 20.30
N ASP G 285 -25.14 23.67 21.52
CA ASP G 285 -24.77 22.31 21.91
C ASP G 285 -25.85 21.31 21.50
N ASN G 286 -25.64 20.04 21.79
CA ASN G 286 -26.53 18.96 21.44
C ASN G 286 -26.44 17.84 22.46
N PRO G 287 -27.52 17.51 23.14
CA PRO G 287 -28.87 18.00 23.07
C PRO G 287 -28.98 19.40 23.58
N ARG G 288 -29.97 20.11 23.10
CA ARG G 288 -30.18 21.48 23.56
C ARG G 288 -31.65 21.84 23.66
N PRO G 289 -32.01 22.86 24.44
CA PRO G 289 -33.31 23.47 24.51
C PRO G 289 -33.61 24.17 23.22
N ASN G 290 -34.87 24.44 22.99
CA ASN G 290 -35.26 25.22 21.84
C ASN G 290 -34.87 26.66 22.11
N ASP G 291 -34.48 27.37 21.10
CA ASP G 291 -34.00 28.72 21.32
C ASP G 291 -34.98 29.72 21.97
N PRO G 292 -34.53 30.49 22.98
CA PRO G 292 -35.18 31.56 23.74
C PRO G 292 -35.06 32.84 22.98
N ASN G 293 -35.60 33.94 23.52
CA ASN G 293 -35.36 35.20 22.86
C ASN G 293 -34.08 35.78 23.38
N ILE G 294 -33.83 35.60 24.69
CA ILE G 294 -32.65 36.19 25.30
C ILE G 294 -31.68 35.14 25.84
N GLY G 295 -30.42 35.28 25.48
CA GLY G 295 -29.39 34.35 25.92
C GLY G 295 -28.69 34.82 27.21
N LYS G 296 -27.58 34.17 27.56
CA LYS G 296 -26.86 34.45 28.80
C LYS G 296 -25.37 34.54 28.55
N CYS G 297 -24.66 35.33 29.35
CA CYS G 297 -23.24 35.52 29.09
C CYS G 297 -22.26 35.01 30.14
N ASN G 298 -22.64 35.05 31.41
CA ASN G 298 -21.69 34.69 32.45
C ASN G 298 -22.17 33.53 33.28
N ASP G 299 -23.03 32.74 32.69
CA ASP G 299 -23.63 31.62 33.37
C ASP G 299 -24.19 30.71 32.26
N PRO G 300 -24.11 29.40 32.38
CA PRO G 300 -24.62 28.45 31.42
C PRO G 300 -26.13 28.51 31.32
N TYR G 301 -26.64 28.16 30.15
CA TYR G 301 -28.06 28.16 29.85
C TYR G 301 -28.61 26.76 30.04
N PRO G 302 -29.54 26.55 30.98
CA PRO G 302 -30.06 25.29 31.48
C PRO G 302 -31.01 24.54 30.59
N GLY G 303 -31.28 23.29 30.98
CA GLY G 303 -32.28 22.43 30.38
C GLY G 303 -31.77 21.08 29.90
N ASN G 304 -30.49 20.98 29.65
CA ASN G 304 -29.88 19.73 29.21
C ASN G 304 -28.57 19.53 29.94
N ASN G 305 -28.64 18.81 31.04
CA ASN G 305 -27.49 18.65 31.89
C ASN G 305 -26.71 17.41 31.56
N ASN G 306 -25.45 17.43 31.92
CA ASN G 306 -24.56 16.29 31.80
C ASN G 306 -24.42 15.72 30.39
N ASN G 307 -24.39 16.58 29.37
CA ASN G 307 -24.24 16.08 28.02
C ASN G 307 -23.67 17.16 27.10
N GLY G 308 -23.46 16.82 25.83
CA GLY G 308 -22.99 17.78 24.84
C GLY G 308 -22.04 17.15 23.81
N VAL G 309 -21.76 17.93 22.76
CA VAL G 309 -20.88 17.58 21.65
C VAL G 309 -19.88 18.70 21.33
N LYS G 310 -18.66 18.36 20.99
CA LYS G 310 -17.64 19.33 20.60
C LYS G 310 -18.10 20.13 19.40
N GLY G 311 -17.81 21.44 19.39
CA GLY G 311 -18.20 22.28 18.26
C GLY G 311 -17.34 23.53 18.14
N PHE G 312 -17.73 24.46 17.29
CA PHE G 312 -16.91 25.64 17.09
C PHE G 312 -17.67 26.83 16.64
N SER G 313 -16.98 27.95 16.68
CA SER G 313 -17.49 29.20 16.20
C SER G 313 -16.35 30.09 15.78
N TYR G 314 -16.67 31.06 14.96
CA TYR G 314 -15.73 32.12 14.60
C TYR G 314 -16.33 33.38 15.08
N LEU G 315 -15.66 34.04 15.98
CA LEU G 315 -16.24 35.22 16.55
C LEU G 315 -15.54 36.44 16.02
N ASP G 316 -16.26 37.24 15.25
CA ASP G 316 -15.67 38.39 14.61
C ASP G 316 -16.68 39.48 14.36
N GLY G 317 -17.40 39.90 15.38
CA GLY G 317 -18.36 40.98 15.19
C GLY G 317 -19.42 40.61 14.17
N ALA G 318 -19.54 41.42 13.15
CA ALA G 318 -20.54 41.20 12.12
C ALA G 318 -20.13 40.09 11.18
N ASN G 319 -18.93 39.59 11.32
CA ASN G 319 -18.42 38.51 10.52
C ASN G 319 -18.44 37.22 11.33
N THR G 320 -19.25 37.22 12.38
CA THR G 320 -19.40 36.07 13.23
C THR G 320 -20.29 34.96 12.70
N TRP G 321 -19.78 33.74 12.77
CA TRP G 321 -20.50 32.54 12.36
C TRP G 321 -20.48 31.46 13.44
N LEU G 322 -21.59 30.78 13.60
CA LEU G 322 -21.67 29.71 14.59
C LEU G 322 -21.99 28.37 13.94
N GLY G 323 -21.39 27.29 14.43
CA GLY G 323 -21.80 25.99 13.90
C GLY G 323 -22.64 25.23 14.90
N ARG G 324 -23.55 24.40 14.42
CA ARG G 324 -24.31 23.55 15.31
C ARG G 324 -25.00 22.42 14.59
N THR G 325 -25.54 21.45 15.34
CA THR G 325 -26.30 20.36 14.75
C THR G 325 -27.64 20.90 14.40
N ILE G 326 -28.42 20.17 13.63
CA ILE G 326 -29.71 20.70 13.31
C ILE G 326 -30.71 20.18 14.28
N SER G 327 -30.67 18.90 14.55
CA SER G 327 -31.58 18.37 15.52
C SER G 327 -31.14 18.78 16.90
N THR G 328 -32.12 19.03 17.75
CA THR G 328 -31.88 19.37 19.13
C THR G 328 -31.86 18.14 20.00
N ALA G 329 -32.34 17.03 19.45
CA ALA G 329 -32.46 15.80 20.21
C ALA G 329 -31.28 14.85 20.08
N SER G 330 -30.55 14.92 18.98
CA SER G 330 -29.48 13.98 18.76
C SER G 330 -28.44 14.52 17.82
N ARG G 331 -27.34 13.83 17.67
CA ARG G 331 -26.28 14.34 16.81
C ARG G 331 -26.46 14.10 15.32
N SER G 332 -27.37 14.87 14.74
CA SER G 332 -27.66 14.80 13.31
C SER G 332 -27.81 16.19 12.70
N GLY G 333 -27.38 16.27 11.46
CA GLY G 333 -27.45 17.49 10.67
C GLY G 333 -26.32 18.39 11.05
N TYR G 334 -26.09 19.41 10.26
CA TYR G 334 -25.11 20.36 10.64
C TYR G 334 -25.29 21.61 9.83
N GLU G 335 -25.25 22.76 10.48
CA GLU G 335 -25.42 24.00 9.76
C GLU G 335 -24.56 25.12 10.28
N MET G 336 -24.31 26.07 9.39
CA MET G 336 -23.61 27.28 9.76
C MET G 336 -24.54 28.45 9.76
N LEU G 337 -24.50 29.24 10.81
CA LEU G 337 -25.35 30.42 10.88
C LEU G 337 -24.53 31.67 11.02
N LYS G 338 -24.91 32.72 10.31
CA LYS G 338 -24.23 34.00 10.43
C LYS G 338 -24.99 34.79 11.46
N VAL G 339 -24.36 35.06 12.58
CA VAL G 339 -25.04 35.72 13.70
C VAL G 339 -24.20 36.86 14.23
N PRO G 340 -24.40 38.08 13.76
CA PRO G 340 -23.62 39.22 14.10
C PRO G 340 -23.56 39.43 15.59
N ASN G 341 -22.38 39.69 16.06
CA ASN G 341 -22.08 39.97 17.44
C ASN G 341 -22.58 38.92 18.42
N ALA G 342 -22.60 37.65 18.01
CA ALA G 342 -23.08 36.59 18.88
C ALA G 342 -22.37 36.50 20.20
N LEU G 343 -21.10 36.84 20.23
CA LEU G 343 -20.39 36.74 21.48
C LEU G 343 -20.93 37.65 22.56
N THR G 344 -21.36 38.86 22.21
CA THR G 344 -21.78 39.82 23.21
C THR G 344 -23.25 40.23 23.21
N ASP G 345 -23.95 40.01 22.12
CA ASP G 345 -25.34 40.45 22.02
C ASP G 345 -26.32 39.33 22.33
N ASP G 346 -26.96 39.40 23.48
CA ASP G 346 -27.82 38.31 23.92
C ASP G 346 -29.18 38.27 23.27
N ARG G 347 -29.41 39.18 22.33
CA ARG G 347 -30.63 39.16 21.55
C ARG G 347 -30.33 38.98 20.05
N SER G 348 -29.09 38.68 19.70
CA SER G 348 -28.75 38.54 18.29
C SER G 348 -29.34 37.31 17.63
N LYS G 349 -29.73 37.44 16.38
CA LYS G 349 -30.28 36.33 15.61
C LYS G 349 -29.62 36.18 14.25
N PRO G 350 -29.68 35.01 13.61
CA PRO G 350 -29.15 34.73 12.31
C PRO G 350 -29.71 35.60 11.23
N ILE G 351 -28.83 35.98 10.32
CA ILE G 351 -29.19 36.78 9.18
C ILE G 351 -28.88 36.08 7.88
N GLN G 352 -28.38 34.87 7.97
CA GLN G 352 -27.95 34.08 6.82
C GLN G 352 -27.51 32.74 7.36
N GLY G 353 -27.45 31.72 6.51
CA GLY G 353 -26.84 30.47 6.91
C GLY G 353 -26.65 29.49 5.75
N GLN G 354 -26.06 28.35 6.04
CA GLN G 354 -25.78 27.32 5.05
C GLN G 354 -25.88 25.94 5.65
N THR G 355 -26.53 25.03 4.94
CA THR G 355 -26.66 23.65 5.42
C THR G 355 -25.47 22.85 4.95
N ILE G 356 -24.87 22.09 5.85
CA ILE G 356 -23.74 21.27 5.48
C ILE G 356 -24.17 19.81 5.42
N VAL G 357 -24.90 19.41 6.43
CA VAL G 357 -25.35 18.05 6.59
C VAL G 357 -26.84 18.09 6.86
N LEU G 358 -27.61 17.20 6.28
CA LEU G 358 -29.05 17.25 6.52
C LEU G 358 -29.35 16.61 7.83
N ASN G 359 -30.46 16.93 8.44
CA ASN G 359 -30.84 16.29 9.70
C ASN G 359 -31.20 14.83 9.51
N ALA G 360 -31.33 14.44 8.25
CA ALA G 360 -31.61 13.09 7.85
C ALA G 360 -30.34 12.24 7.83
N ASP G 361 -29.19 12.89 7.90
CA ASP G 361 -27.91 12.23 7.82
C ASP G 361 -27.38 12.15 9.25
N TRP G 362 -26.23 11.54 9.46
CA TRP G 362 -25.64 11.55 10.79
C TRP G 362 -24.56 12.58 10.87
N SER G 363 -24.38 13.16 12.06
CA SER G 363 -23.34 14.15 12.27
C SER G 363 -22.36 13.66 13.30
N GLY G 364 -21.78 14.58 14.05
CA GLY G 364 -20.75 14.19 15.00
C GLY G 364 -20.02 15.39 15.53
N TYR G 365 -18.79 15.20 15.95
CA TYR G 365 -18.04 16.30 16.52
C TYR G 365 -17.63 17.22 15.42
N SER G 366 -17.52 18.50 15.71
CA SER G 366 -17.02 19.40 14.70
C SER G 366 -16.01 20.32 15.31
N GLY G 367 -15.27 21.02 14.47
CA GLY G 367 -14.27 21.94 14.99
C GLY G 367 -13.66 22.81 13.91
N SER G 368 -12.85 23.77 14.33
CA SER G 368 -12.22 24.72 13.42
C SER G 368 -10.75 24.49 13.16
N PHE G 369 -10.26 25.03 12.05
CA PHE G 369 -8.84 25.03 11.74
C PHE G 369 -8.51 26.13 10.74
N MET G 370 -7.25 26.49 10.61
CA MET G 370 -6.81 27.46 9.61
C MET G 370 -5.45 27.15 9.04
N ASP G 371 -5.23 27.51 7.79
CA ASP G 371 -3.90 27.38 7.23
C ASP G 371 -3.18 28.68 7.45
N TYR G 372 -2.20 28.68 8.32
CA TYR G 372 -1.55 29.92 8.70
C TYR G 372 -0.34 30.26 7.85
N TRP G 373 -0.09 29.45 6.83
CA TRP G 373 1.03 29.68 5.94
C TRP G 373 0.58 30.03 4.54
N ALA G 374 -0.71 30.14 4.36
CA ALA G 374 -1.25 30.44 3.06
C ALA G 374 -0.94 31.87 2.70
N GLU G 375 -0.79 32.16 1.44
CA GLU G 375 -0.58 33.51 1.00
C GLU G 375 -1.87 34.30 1.08
N GLY G 376 -1.76 35.62 1.19
CA GLY G 376 -2.94 36.47 1.24
C GLY G 376 -2.85 37.41 2.43
N ASP G 377 -3.83 38.29 2.56
CA ASP G 377 -3.89 39.28 3.62
C ASP G 377 -4.82 38.93 4.79
N CYS G 378 -5.30 37.71 4.80
CA CYS G 378 -6.18 37.25 5.86
C CYS G 378 -6.13 35.75 5.96
N TYR G 379 -6.64 35.20 7.04
CA TYR G 379 -6.68 33.77 7.16
C TYR G 379 -8.01 33.25 6.72
N ARG G 380 -8.00 32.18 5.96
CA ARG G 380 -9.25 31.64 5.52
C ARG G 380 -9.76 30.66 6.55
N ALA G 381 -10.89 30.94 7.11
CA ALA G 381 -11.45 30.06 8.11
C ALA G 381 -11.88 28.76 7.50
N CYS G 382 -11.67 27.66 8.22
CA CYS G 382 -12.18 26.37 7.77
C CYS G 382 -12.72 25.55 8.94
N PHE G 383 -13.46 24.52 8.64
CA PHE G 383 -13.94 23.65 9.69
C PHE G 383 -14.18 22.25 9.20
N TYR G 384 -14.32 21.35 10.13
CA TYR G 384 -14.61 19.97 9.79
C TYR G 384 -15.71 19.41 10.61
N VAL G 385 -16.37 18.41 10.05
CA VAL G 385 -17.40 17.67 10.73
C VAL G 385 -17.17 16.17 10.65
N GLU G 386 -17.26 15.51 11.78
CA GLU G 386 -17.17 14.07 11.88
C GLU G 386 -18.52 13.51 11.55
N LEU G 387 -18.59 12.53 10.67
CA LEU G 387 -19.88 11.94 10.38
C LEU G 387 -19.89 10.54 10.93
N ILE G 388 -20.63 10.31 11.99
CA ILE G 388 -20.58 9.01 12.65
C ILE G 388 -21.58 8.02 12.14
N ARG G 389 -21.09 6.82 11.86
CA ARG G 389 -21.93 5.72 11.42
C ARG G 389 -21.72 4.53 12.33
N GLY G 390 -22.72 3.67 12.42
CA GLY G 390 -22.59 2.49 13.24
C GLY G 390 -23.09 2.78 14.65
N ARG G 391 -22.57 2.05 15.60
CA ARG G 391 -23.06 2.20 16.94
C ARG G 391 -22.64 3.57 17.38
N PRO G 392 -23.36 4.18 18.30
CA PRO G 392 -24.53 3.74 19.03
C PRO G 392 -25.88 3.94 18.37
N LYS G 393 -25.94 4.30 17.09
CA LYS G 393 -27.25 4.57 16.51
C LYS G 393 -27.73 3.45 15.64
N GLU G 394 -26.79 2.75 15.03
CA GLU G 394 -27.11 1.66 14.15
C GLU G 394 -26.67 0.38 14.82
N ASP G 395 -27.63 -0.48 15.12
CA ASP G 395 -27.39 -1.70 15.86
C ASP G 395 -27.11 -2.89 15.00
N LYS G 396 -26.99 -2.65 13.71
CA LYS G 396 -26.81 -3.73 12.79
C LYS G 396 -25.36 -4.09 12.65
N VAL G 397 -24.52 -3.27 13.22
CA VAL G 397 -23.10 -3.52 13.18
C VAL G 397 -22.58 -3.45 14.58
N TRP G 398 -21.45 -4.05 14.82
CA TRP G 398 -20.85 -4.03 16.13
C TRP G 398 -19.77 -3.00 16.32
N TRP G 399 -19.54 -2.22 15.29
CA TRP G 399 -18.54 -1.18 15.31
C TRP G 399 -19.13 0.17 15.26
N THR G 400 -18.26 1.16 15.36
CA THR G 400 -18.58 2.56 15.20
C THR G 400 -17.44 3.12 14.39
N SER G 401 -17.71 4.06 13.52
CA SER G 401 -16.67 4.66 12.71
C SER G 401 -17.12 6.00 12.18
N ASN G 402 -16.23 6.72 11.52
CA ASN G 402 -16.62 8.01 11.00
C ASN G 402 -16.02 8.32 9.67
N SER G 403 -16.67 9.24 8.96
CA SER G 403 -16.12 9.82 7.74
C SER G 403 -15.86 11.28 8.02
N ILE G 404 -14.98 11.87 7.26
CA ILE G 404 -14.69 13.29 7.48
C ILE G 404 -15.07 14.18 6.33
N VAL G 405 -15.79 15.26 6.64
CA VAL G 405 -16.09 16.26 5.63
C VAL G 405 -15.57 17.61 6.11
N SER G 406 -14.95 18.37 5.23
CA SER G 406 -14.49 19.69 5.65
C SER G 406 -14.75 20.76 4.62
N MET G 407 -14.89 21.98 5.14
CA MET G 407 -15.24 23.18 4.41
C MET G 407 -14.37 24.37 4.70
N CYS G 408 -14.20 25.23 3.70
CA CYS G 408 -13.52 26.49 3.91
C CYS G 408 -14.37 27.65 3.45
N SER G 409 -14.16 28.79 4.07
CA SER G 409 -14.90 29.96 3.71
C SER G 409 -14.42 30.59 2.44
N SER G 410 -15.29 31.43 1.91
CA SER G 410 -15.05 32.29 0.76
C SER G 410 -15.78 33.59 0.89
N THR G 411 -15.28 34.58 0.16
CA THR G 411 -15.85 35.92 0.11
C THR G 411 -16.93 35.99 -0.92
N GLU G 412 -17.06 34.96 -1.72
CA GLU G 412 -18.08 34.91 -2.74
C GLU G 412 -19.31 34.27 -2.18
N PHE G 413 -20.43 34.54 -2.80
CA PHE G 413 -21.64 33.85 -2.40
C PHE G 413 -21.82 32.70 -3.32
N LEU G 414 -21.56 31.51 -2.80
CA LEU G 414 -21.58 30.27 -3.51
C LEU G 414 -22.82 29.51 -3.15
N GLY G 415 -23.19 28.53 -3.96
CA GLY G 415 -24.39 27.76 -3.68
C GLY G 415 -24.11 26.71 -2.63
N GLN G 416 -25.10 25.88 -2.32
CA GLN G 416 -24.91 24.88 -1.27
C GLN G 416 -25.35 23.49 -1.64
N TRP G 417 -24.75 22.54 -0.98
CA TRP G 417 -25.03 21.13 -1.16
C TRP G 417 -24.78 20.41 0.15
N ASN G 418 -25.60 19.41 0.49
CA ASN G 418 -25.32 18.66 1.71
C ASN G 418 -24.32 17.57 1.43
N TRP G 419 -23.62 17.12 2.45
CA TRP G 419 -22.62 16.10 2.25
C TRP G 419 -22.68 14.84 3.13
N PRO G 420 -23.56 13.88 2.86
CA PRO G 420 -23.76 12.66 3.62
C PRO G 420 -22.49 11.85 3.52
N ASP G 421 -22.22 10.94 4.45
CA ASP G 421 -21.04 10.11 4.29
C ASP G 421 -21.25 9.16 3.12
N GLY G 422 -22.49 8.79 2.92
CA GLY G 422 -22.89 7.97 1.78
C GLY G 422 -22.72 6.48 1.92
N ALA G 423 -22.39 5.96 3.08
CA ALA G 423 -22.23 4.53 3.11
C ALA G 423 -23.55 3.81 3.25
N LYS G 424 -23.63 2.65 2.65
CA LYS G 424 -24.76 1.80 2.87
C LYS G 424 -24.45 0.87 4.02
N ILE G 425 -25.22 0.94 5.09
CA ILE G 425 -24.93 0.12 6.22
C ILE G 425 -25.19 -1.33 5.86
N GLU G 426 -26.11 -1.54 4.93
CA GLU G 426 -26.49 -2.84 4.47
C GLU G 426 -25.34 -3.63 3.90
N TYR G 427 -24.33 -2.94 3.42
CA TYR G 427 -23.23 -3.62 2.78
C TYR G 427 -22.28 -4.17 3.81
N PHE G 428 -22.46 -3.78 5.05
CA PHE G 428 -21.65 -4.25 6.13
C PHE G 428 -22.41 -5.26 6.94
N LEU G 429 -23.59 -5.61 6.45
CA LEU G 429 -24.48 -6.49 7.18
C LEU G 429 -24.70 -7.79 6.43
N ASP H 1 -50.02 50.22 29.66
CA ASP H 1 -50.92 49.10 29.72
C ASP H 1 -50.64 48.18 28.54
N ILE H 2 -50.09 47.00 28.81
CA ILE H 2 -49.73 46.08 27.75
C ILE H 2 -50.87 45.09 27.70
N VAL H 3 -51.66 45.24 26.66
CA VAL H 3 -52.95 44.61 26.56
C VAL H 3 -53.05 43.38 25.72
N MET H 4 -53.67 42.36 26.28
CA MET H 4 -53.88 41.13 25.54
C MET H 4 -55.17 40.45 25.89
N THR H 5 -55.79 39.87 24.88
CA THR H 5 -57.01 39.11 25.04
C THR H 5 -56.85 37.69 24.58
N GLN H 6 -57.81 36.87 24.94
CA GLN H 6 -57.85 35.45 24.60
C GLN H 6 -59.10 35.18 23.81
N SER H 7 -59.03 34.25 22.89
CA SER H 7 -60.19 33.83 22.15
C SER H 7 -60.02 32.40 21.68
N PRO H 8 -60.96 31.51 21.97
CA PRO H 8 -62.20 31.60 22.72
C PRO H 8 -61.92 31.89 24.18
N SER H 9 -62.87 32.48 24.89
CA SER H 9 -62.70 32.64 26.33
C SER H 9 -62.88 31.27 26.99
N SER H 10 -63.67 30.45 26.33
CA SER H 10 -63.92 29.10 26.73
C SER H 10 -64.30 28.29 25.53
N LEU H 11 -64.05 27.01 25.61
CA LEU H 11 -64.42 26.05 24.58
C LEU H 11 -64.46 24.69 25.20
N SER H 12 -64.88 23.72 24.42
CA SER H 12 -64.82 22.36 24.88
C SER H 12 -64.60 21.47 23.70
N ALA H 13 -64.03 20.32 23.97
CA ALA H 13 -63.83 19.35 22.90
C ALA H 13 -63.73 17.94 23.45
N SER H 14 -64.14 16.97 22.65
CA SER H 14 -63.95 15.55 22.98
C SER H 14 -62.50 15.17 22.95
N VAL H 15 -62.11 14.25 23.80
CA VAL H 15 -60.72 13.82 23.80
C VAL H 15 -60.43 13.24 22.42
N GLY H 16 -59.27 13.59 21.88
CA GLY H 16 -58.85 13.21 20.54
C GLY H 16 -59.18 14.28 19.49
N ASP H 17 -60.00 15.25 19.86
CA ASP H 17 -60.43 16.34 18.99
C ASP H 17 -59.51 17.55 19.02
N ARG H 18 -58.79 17.78 17.93
CA ARG H 18 -57.82 18.87 17.79
C ARG H 18 -58.40 20.27 17.97
N VAL H 19 -57.76 21.10 18.80
CA VAL H 19 -58.25 22.47 19.02
C VAL H 19 -57.15 23.52 18.84
N THR H 20 -57.59 24.77 18.69
CA THR H 20 -56.70 25.93 18.63
C THR H 20 -57.20 27.03 19.57
N ILE H 21 -56.28 27.64 20.29
CA ILE H 21 -56.53 28.76 21.18
C ILE H 21 -55.73 29.98 20.76
N SER H 22 -56.37 31.14 20.64
CA SER H 22 -55.62 32.32 20.21
C SER H 22 -55.48 33.41 21.27
N CYS H 23 -54.41 34.19 21.14
CA CYS H 23 -54.20 35.38 21.93
C CYS H 23 -53.85 36.58 21.05
N ARG H 24 -54.42 37.71 21.40
CA ARG H 24 -54.16 38.92 20.63
C ARG H 24 -53.63 40.06 21.43
N ALA H 25 -52.43 40.49 21.09
CA ALA H 25 -51.83 41.59 21.80
C ALA H 25 -52.17 42.87 21.07
N SER H 26 -52.29 43.95 21.81
CA SER H 26 -52.48 45.24 21.20
C SER H 26 -51.16 45.69 20.62
N GLN H 27 -50.12 45.58 21.43
CA GLN H 27 -48.79 45.99 21.08
C GLN H 27 -48.00 44.99 20.26
N SER H 28 -47.03 45.50 19.51
CA SER H 28 -46.16 44.69 18.67
C SER H 28 -45.07 43.99 19.48
N ILE H 29 -45.50 43.04 20.29
CA ILE H 29 -44.65 42.28 21.19
C ILE H 29 -43.71 41.29 20.51
N SER H 30 -43.90 41.08 19.22
CA SER H 30 -43.08 40.17 18.45
C SER H 30 -43.10 38.75 18.96
N SER H 31 -41.94 38.19 19.18
CA SER H 31 -41.83 36.82 19.64
C SER H 31 -42.02 36.65 21.13
N TYR H 32 -42.10 37.73 21.88
CA TYR H 32 -42.11 37.62 23.31
C TYR H 32 -43.44 37.24 23.92
N LEU H 33 -43.83 36.01 23.67
CA LEU H 33 -45.05 35.48 24.23
C LEU H 33 -44.90 34.03 24.64
N ASN H 34 -45.31 33.75 25.87
CA ASN H 34 -45.21 32.39 26.37
C ASN H 34 -46.56 31.80 26.67
N TRP H 35 -46.68 30.48 26.57
CA TRP H 35 -47.92 29.84 26.93
C TRP H 35 -47.78 28.93 28.12
N TYR H 36 -48.74 29.07 29.01
CA TYR H 36 -48.87 28.33 30.25
C TYR H 36 -50.12 27.49 30.33
N GLN H 37 -50.03 26.41 31.08
CA GLN H 37 -51.15 25.51 31.33
C GLN H 37 -51.46 25.38 32.79
N GLN H 38 -52.68 25.69 33.22
CA GLN H 38 -52.95 25.56 34.64
C GLN H 38 -54.13 24.68 34.97
N LYS H 39 -53.88 23.76 35.88
CA LYS H 39 -54.88 22.85 36.37
C LYS H 39 -55.30 23.31 37.74
N PRO H 40 -56.51 22.99 38.20
CA PRO H 40 -56.99 23.39 39.48
C PRO H 40 -56.08 22.89 40.56
N GLY H 41 -55.76 23.77 41.49
CA GLY H 41 -54.95 23.41 42.63
C GLY H 41 -53.45 23.41 42.37
N LYS H 42 -53.03 23.72 41.15
CA LYS H 42 -51.61 23.67 40.84
C LYS H 42 -51.04 24.94 40.29
N ALA H 43 -49.74 25.08 40.48
CA ALA H 43 -48.99 26.17 39.89
C ALA H 43 -49.02 25.94 38.40
N PRO H 44 -48.99 26.98 37.57
CA PRO H 44 -49.01 26.85 36.15
C PRO H 44 -47.75 26.17 35.62
N LYS H 45 -47.94 25.38 34.59
CA LYS H 45 -46.92 24.66 33.85
C LYS H 45 -46.59 25.36 32.57
N LEU H 46 -45.40 25.16 32.03
CA LEU H 46 -45.10 25.79 30.76
C LEU H 46 -45.16 24.87 29.61
N LEU H 47 -45.63 25.40 28.50
CA LEU H 47 -45.65 24.63 27.30
C LEU H 47 -44.75 25.20 26.24
N ILE H 48 -44.99 26.46 25.89
CA ILE H 48 -44.31 27.10 24.77
C ILE H 48 -43.70 28.44 25.12
N TYR H 49 -42.53 28.71 24.64
CA TYR H 49 -41.93 29.99 24.90
C TYR H 49 -41.37 30.64 23.68
N ALA H 50 -41.22 31.94 23.75
CA ALA H 50 -40.67 32.69 22.64
C ALA H 50 -41.52 32.39 21.40
N ALA H 51 -42.84 32.42 21.57
CA ALA H 51 -43.86 32.22 20.56
C ALA H 51 -43.99 30.77 20.10
N SER H 52 -42.92 30.14 19.68
CA SER H 52 -43.03 28.79 19.16
C SER H 52 -42.04 27.73 19.68
N SER H 53 -41.20 28.05 20.65
CA SER H 53 -40.25 27.06 21.12
C SER H 53 -40.89 26.16 22.15
N LEU H 54 -40.89 24.86 21.90
CA LEU H 54 -41.53 23.98 22.87
C LEU H 54 -40.59 23.75 24.05
N GLN H 55 -41.13 23.74 25.25
CA GLN H 55 -40.33 23.43 26.43
C GLN H 55 -40.05 21.95 26.58
N SER H 56 -38.80 21.62 26.81
CA SER H 56 -38.43 20.24 26.96
C SER H 56 -39.25 19.59 28.05
N GLY H 57 -39.72 18.39 27.76
CA GLY H 57 -40.55 17.64 28.69
C GLY H 57 -42.02 17.78 28.34
N VAL H 58 -42.34 18.73 27.48
CA VAL H 58 -43.69 18.95 27.03
C VAL H 58 -43.95 18.06 25.84
N PRO H 59 -45.05 17.31 25.80
CA PRO H 59 -45.39 16.45 24.72
C PRO H 59 -45.42 17.19 23.41
N SER H 60 -45.00 16.48 22.37
CA SER H 60 -44.89 16.95 21.00
C SER H 60 -46.22 17.31 20.38
N ARG H 61 -47.30 16.95 21.04
CA ARG H 61 -48.61 17.28 20.54
C ARG H 61 -48.83 18.78 20.56
N PHE H 62 -48.05 19.52 21.35
CA PHE H 62 -48.24 20.96 21.45
C PHE H 62 -47.38 21.71 20.46
N SER H 63 -47.94 22.75 19.87
CA SER H 63 -47.21 23.60 18.95
C SER H 63 -47.86 24.97 18.87
N GLY H 64 -47.21 25.90 18.22
CA GLY H 64 -47.80 27.21 18.07
C GLY H 64 -47.04 28.06 17.08
N SER H 65 -47.58 29.23 16.83
CA SER H 65 -47.02 30.16 15.86
C SER H 65 -47.58 31.53 16.06
N ALA H 66 -47.06 32.50 15.32
CA ALA H 66 -47.61 33.83 15.44
C ALA H 66 -47.48 34.64 14.16
N SER H 67 -48.39 35.59 14.01
CA SER H 67 -48.39 36.54 12.91
C SER H 67 -48.94 37.87 13.40
N GLY H 68 -48.26 38.96 13.12
CA GLY H 68 -48.76 40.24 13.61
C GLY H 68 -48.75 40.15 15.11
N THR H 69 -49.88 40.42 15.75
CA THR H 69 -49.96 40.34 17.20
C THR H 69 -50.82 39.16 17.61
N ASP H 70 -51.17 38.32 16.64
CA ASP H 70 -51.99 37.14 16.86
C ASP H 70 -51.18 35.88 17.03
N PHE H 71 -51.31 35.29 18.19
CA PHE H 71 -50.55 34.11 18.55
C PHE H 71 -51.46 32.96 18.75
N THR H 72 -51.03 31.78 18.35
CA THR H 72 -51.88 30.65 18.61
C THR H 72 -51.15 29.49 19.20
N LEU H 73 -51.92 28.73 19.96
CA LEU H 73 -51.48 27.47 20.50
C LEU H 73 -52.40 26.44 19.99
N THR H 74 -51.83 25.37 19.54
CA THR H 74 -52.65 24.31 19.10
C THR H 74 -52.12 23.01 19.50
N ILE H 75 -52.92 22.01 19.25
CA ILE H 75 -52.53 20.67 19.53
C ILE H 75 -52.75 19.78 18.35
N SER H 76 -52.17 18.60 18.40
CA SER H 76 -52.53 17.60 17.41
C SER H 76 -53.76 16.93 17.98
N SER H 77 -53.64 15.76 18.56
CA SER H 77 -54.81 15.17 19.19
C SER H 77 -54.97 15.79 20.56
N LEU H 78 -56.14 15.67 21.15
CA LEU H 78 -56.38 16.20 22.49
C LEU H 78 -56.19 15.07 23.50
N GLN H 79 -55.28 15.29 24.44
CA GLN H 79 -54.88 14.32 25.44
C GLN H 79 -55.92 14.28 26.55
N PRO H 80 -56.27 13.14 27.13
CA PRO H 80 -57.19 13.07 28.26
C PRO H 80 -56.76 13.94 29.43
N GLU H 81 -55.47 14.20 29.51
CA GLU H 81 -54.87 14.98 30.57
C GLU H 81 -54.61 16.46 30.28
N ASP H 82 -55.01 16.99 29.13
CA ASP H 82 -54.66 18.40 28.86
C ASP H 82 -55.84 19.36 28.98
N PHE H 83 -56.87 18.97 29.71
CA PHE H 83 -57.95 19.90 29.92
C PHE H 83 -57.46 20.79 31.03
N ALA H 84 -57.35 22.05 30.70
CA ALA H 84 -56.74 23.05 31.58
C ALA H 84 -57.10 24.43 31.12
N THR H 85 -56.82 25.42 31.94
CA THR H 85 -56.98 26.77 31.46
C THR H 85 -55.63 27.19 30.90
N TYR H 86 -55.64 27.68 29.69
CA TYR H 86 -54.41 28.06 29.04
C TYR H 86 -54.23 29.54 29.07
N TYR H 87 -53.01 29.98 29.28
CA TYR H 87 -52.78 31.41 29.33
C TYR H 87 -51.65 31.90 28.50
N CYS H 88 -51.83 33.05 27.90
CA CYS H 88 -50.72 33.69 27.26
C CYS H 88 -50.09 34.71 28.16
N GLN H 89 -48.77 34.80 28.09
CA GLN H 89 -48.03 35.82 28.80
C GLN H 89 -47.25 36.71 27.88
N GLN H 90 -47.34 38.00 28.11
CA GLN H 90 -46.58 38.97 27.34
C GLN H 90 -45.35 39.30 28.13
N SER H 91 -44.22 38.85 27.63
CA SER H 91 -42.94 39.00 28.31
C SER H 91 -42.14 40.12 27.70
N TYR H 92 -42.74 40.77 26.74
CA TYR H 92 -42.08 41.81 25.99
C TYR H 92 -41.56 42.95 26.82
N SER H 93 -42.40 43.48 27.69
CA SER H 93 -42.01 44.60 28.52
C SER H 93 -42.73 44.56 29.80
N ALA H 94 -42.08 45.07 30.82
CA ALA H 94 -42.74 45.18 32.08
C ALA H 94 -43.83 46.21 31.89
N PRO H 95 -44.93 46.11 32.63
CA PRO H 95 -45.31 45.07 33.55
C PRO H 95 -45.60 43.88 32.73
N PHE H 96 -45.31 42.73 33.22
CA PHE H 96 -45.58 41.60 32.39
C PHE H 96 -47.01 41.26 32.62
N THR H 97 -47.71 40.90 31.57
CA THR H 97 -49.13 40.63 31.77
C THR H 97 -49.55 39.33 31.19
N PHE H 98 -50.68 38.86 31.66
CA PHE H 98 -51.28 37.64 31.17
C PHE H 98 -52.63 37.93 30.61
N GLY H 99 -53.06 37.10 29.69
CA GLY H 99 -54.40 37.26 29.21
C GLY H 99 -55.25 36.64 30.30
N PRO H 100 -56.56 36.75 30.24
CA PRO H 100 -57.51 36.20 31.20
C PRO H 100 -57.55 34.68 31.27
N GLY H 101 -57.05 34.03 30.24
CA GLY H 101 -57.00 32.59 30.13
C GLY H 101 -58.17 31.99 29.36
N THR H 102 -57.91 30.89 28.69
CA THR H 102 -58.93 30.15 27.95
C THR H 102 -59.15 28.80 28.54
N LYS H 103 -60.38 28.52 28.90
CA LYS H 103 -60.66 27.23 29.47
C LYS H 103 -61.14 26.22 28.47
N VAL H 104 -60.46 25.07 28.39
CA VAL H 104 -60.99 24.04 27.51
C VAL H 104 -61.59 22.97 28.40
N ASP H 105 -62.86 22.75 28.21
CA ASP H 105 -63.61 21.78 28.97
C ASP H 105 -63.79 20.55 28.13
N ILE H 106 -64.46 19.56 28.67
CA ILE H 106 -64.65 18.33 27.93
C ILE H 106 -66.04 18.30 27.35
N GLU H 107 -66.09 18.01 26.08
CA GLU H 107 -67.36 17.99 25.37
C GLU H 107 -68.30 16.93 25.91
N ARG H 108 -69.56 17.32 26.12
CA ARG H 108 -70.58 16.42 26.62
C ARG H 108 -71.92 16.65 25.92
N GLN I 1 -32.38 18.08 40.64
CA GLN I 1 -33.77 18.44 40.37
C GLN I 1 -34.10 19.82 40.88
N VAL I 2 -34.54 20.68 39.98
CA VAL I 2 -34.93 22.01 40.39
C VAL I 2 -36.32 22.05 40.99
N GLN I 3 -36.39 22.66 42.16
CA GLN I 3 -37.62 22.83 42.89
C GLN I 3 -37.69 24.20 43.54
N LEU I 4 -38.90 24.69 43.73
CA LEU I 4 -39.11 25.90 44.49
C LEU I 4 -40.10 25.59 45.59
N VAL I 5 -39.73 25.86 46.83
CA VAL I 5 -40.61 25.51 47.93
C VAL I 5 -41.06 26.69 48.74
N GLN I 6 -42.36 26.89 48.78
CA GLN I 6 -42.94 28.03 49.46
C GLN I 6 -43.47 27.73 50.83
N SER I 7 -43.59 28.80 51.60
CA SER I 7 -44.19 28.82 52.92
C SER I 7 -45.67 28.42 52.85
N GLY I 8 -46.16 27.83 53.93
CA GLY I 8 -47.56 27.39 53.95
C GLY I 8 -48.51 28.56 54.15
N ALA I 9 -49.80 28.25 54.18
CA ALA I 9 -50.85 29.26 54.27
C ALA I 9 -50.87 30.03 55.58
N GLU I 10 -51.27 31.30 55.47
CA GLU I 10 -51.41 32.19 56.63
C GLU I 10 -52.68 33.04 56.54
N VAL I 11 -53.20 33.44 57.70
CA VAL I 11 -54.33 34.36 57.74
C VAL I 11 -53.93 35.61 58.51
N LYS I 12 -54.26 36.74 57.93
CA LYS I 12 -53.96 38.04 58.47
C LYS I 12 -55.17 38.92 58.57
N ARG I 13 -55.14 39.87 59.48
CA ARG I 13 -56.21 40.84 59.50
C ARG I 13 -55.74 42.03 58.69
N PRO I 14 -56.62 42.82 58.10
CA PRO I 14 -56.29 43.99 57.35
C PRO I 14 -55.40 44.92 58.15
N GLY I 15 -54.42 45.47 57.46
CA GLY I 15 -53.43 46.38 58.00
C GLY I 15 -52.11 45.68 58.33
N ALA I 16 -52.17 44.35 58.42
CA ALA I 16 -51.01 43.51 58.72
C ALA I 16 -50.09 43.36 57.54
N SER I 17 -48.84 42.95 57.78
CA SER I 17 -48.00 42.61 56.65
C SER I 17 -47.79 41.10 56.64
N VAL I 18 -47.49 40.56 55.48
CA VAL I 18 -47.19 39.14 55.34
C VAL I 18 -45.93 38.91 54.58
N LYS I 19 -45.08 38.04 55.08
CA LYS I 19 -43.87 37.73 54.36
C LYS I 19 -43.90 36.28 53.91
N VAL I 20 -43.72 36.08 52.62
CA VAL I 20 -43.76 34.75 52.07
C VAL I 20 -42.41 34.35 51.53
N SER I 21 -41.90 33.23 52.03
CA SER I 21 -40.64 32.73 51.59
C SER I 21 -40.81 31.77 50.42
N CYS I 22 -39.72 31.57 49.69
CA CYS I 22 -39.61 30.61 48.60
C CYS I 22 -38.18 30.09 48.48
N LYS I 23 -37.96 28.86 48.92
CA LYS I 23 -36.63 28.28 48.91
C LYS I 23 -36.30 27.58 47.63
N ALA I 24 -35.13 27.88 47.12
CA ALA I 24 -34.67 27.28 45.90
C ALA I 24 -33.78 26.08 46.13
N SER I 25 -33.90 25.11 45.26
CA SER I 25 -32.98 23.99 45.28
C SER I 25 -32.73 23.48 43.87
N GLY I 26 -31.59 22.81 43.69
CA GLY I 26 -31.23 22.17 42.43
C GLY I 26 -30.46 23.07 41.46
N TYR I 27 -30.22 24.32 41.82
CA TYR I 27 -29.51 25.24 40.93
C TYR I 27 -28.86 26.37 41.69
N THR I 28 -27.96 27.08 41.05
CA THR I 28 -27.36 28.23 41.70
C THR I 28 -28.40 29.31 41.86
N PHE I 29 -28.68 29.66 43.10
CA PHE I 29 -29.72 30.63 43.40
C PHE I 29 -29.48 31.98 42.78
N ILE I 30 -28.28 32.46 42.96
CA ILE I 30 -27.92 33.79 42.48
C ILE I 30 -27.82 33.93 40.99
N SER I 31 -27.97 32.86 40.23
CA SER I 31 -27.87 33.02 38.80
C SER I 31 -29.22 33.21 38.13
N TYR I 32 -30.30 33.07 38.87
CA TYR I 32 -31.61 33.18 38.27
C TYR I 32 -32.43 34.23 38.92
N GLY I 33 -33.35 34.79 38.18
CA GLY I 33 -34.16 35.84 38.78
C GLY I 33 -35.34 35.20 39.46
N ILE I 34 -36.03 35.99 40.27
CA ILE I 34 -37.22 35.53 40.95
C ILE I 34 -38.37 36.46 40.70
N SER I 35 -39.51 35.91 40.48
CA SER I 35 -40.67 36.74 40.31
C SER I 35 -41.82 36.16 41.04
N TRP I 36 -42.81 36.99 41.23
CA TRP I 36 -44.02 36.56 41.88
C TRP I 36 -45.24 36.94 41.08
N VAL I 37 -46.26 36.09 41.18
CA VAL I 37 -47.58 36.39 40.64
C VAL I 37 -48.55 36.06 41.74
N ARG I 38 -49.76 36.57 41.66
CA ARG I 38 -50.75 36.11 42.62
C ARG I 38 -52.02 35.75 41.91
N GLN I 39 -52.69 34.75 42.42
CA GLN I 39 -53.95 34.39 41.84
C GLN I 39 -55.09 34.46 42.82
N ALA I 40 -55.89 35.49 42.69
CA ALA I 40 -57.01 35.66 43.58
C ALA I 40 -57.97 34.55 43.23
N PRO I 41 -58.82 34.06 44.12
CA PRO I 41 -59.76 33.03 43.79
C PRO I 41 -60.59 33.42 42.59
N GLY I 42 -60.67 32.52 41.63
CA GLY I 42 -61.45 32.67 40.41
C GLY I 42 -60.77 33.54 39.35
N GLN I 43 -59.57 34.01 39.64
CA GLN I 43 -58.89 34.91 38.73
C GLN I 43 -57.72 34.29 38.01
N GLY I 44 -57.12 35.08 37.12
CA GLY I 44 -55.94 34.66 36.37
C GLY I 44 -54.71 35.07 37.15
N LEU I 45 -53.58 35.15 36.49
CA LEU I 45 -52.36 35.44 37.20
C LEU I 45 -51.97 36.91 37.13
N GLU I 46 -51.87 37.55 38.28
CA GLU I 46 -51.48 38.94 38.33
C GLU I 46 -50.02 39.03 38.66
N TRP I 47 -49.24 39.67 37.81
CA TRP I 47 -47.83 39.77 38.08
C TRP I 47 -47.61 40.72 39.23
N MET I 48 -46.78 40.32 40.20
CA MET I 48 -46.50 41.14 41.36
C MET I 48 -45.28 41.96 41.15
N GLY I 49 -44.30 41.33 40.56
CA GLY I 49 -43.01 41.95 40.39
C GLY I 49 -41.92 40.95 40.05
N TRP I 50 -40.74 41.50 39.77
CA TRP I 50 -39.55 40.76 39.42
C TRP I 50 -38.27 41.31 40.01
N ILE I 51 -37.50 40.43 40.64
CA ILE I 51 -36.24 40.80 41.22
C ILE I 51 -35.07 40.13 40.48
N SER I 52 -34.12 40.96 40.06
CA SER I 52 -32.92 40.56 39.32
C SER I 52 -31.96 39.69 40.10
N ALA I 53 -31.43 38.67 39.42
CA ALA I 53 -30.53 37.68 40.00
C ALA I 53 -29.25 38.16 40.65
N TYR I 54 -28.59 39.17 40.11
CA TYR I 54 -27.31 39.50 40.72
C TYR I 54 -27.30 40.70 41.62
N ASN I 55 -28.19 41.62 41.38
CA ASN I 55 -28.18 42.82 42.18
C ASN I 55 -29.45 43.14 42.91
N GLY I 56 -30.51 42.37 42.71
CA GLY I 56 -31.72 42.66 43.43
C GLY I 56 -32.37 44.00 43.09
N ASN I 57 -32.22 44.52 41.87
CA ASN I 57 -32.77 45.85 41.60
C ASN I 57 -34.28 45.99 41.76
N THR I 58 -35.00 44.93 41.51
CA THR I 58 -36.46 44.88 41.59
C THR I 58 -37.20 45.71 40.56
N ASN I 59 -38.47 45.36 40.44
CA ASN I 59 -39.41 45.92 39.51
C ASN I 59 -40.78 45.54 40.02
N TYR I 60 -41.55 46.49 40.50
CA TYR I 60 -42.80 46.14 41.12
C TYR I 60 -43.98 46.48 40.25
N ALA I 61 -45.00 45.62 40.26
CA ALA I 61 -46.21 45.89 39.51
C ALA I 61 -46.76 47.20 40.02
N GLN I 62 -47.21 48.07 39.11
CA GLN I 62 -47.62 49.40 39.53
C GLN I 62 -48.77 49.45 40.50
N ASN I 63 -49.71 48.54 40.38
CA ASN I 63 -50.89 48.59 41.21
C ASN I 63 -50.64 48.17 42.63
N LEU I 64 -49.44 47.66 42.89
CA LEU I 64 -49.04 47.23 44.20
C LEU I 64 -48.06 48.16 44.86
N GLN I 65 -47.58 49.15 44.13
CA GLN I 65 -46.50 49.92 44.68
C GLN I 65 -46.93 50.66 45.92
N GLY I 66 -46.00 50.67 46.87
CA GLY I 66 -46.18 51.29 48.16
C GLY I 66 -46.56 50.25 49.21
N ARG I 67 -46.98 49.07 48.76
CA ARG I 67 -47.33 48.01 49.70
C ARG I 67 -46.42 46.82 49.56
N VAL I 68 -45.56 46.82 48.55
CA VAL I 68 -44.77 45.62 48.27
C VAL I 68 -43.28 45.79 48.23
N THR I 69 -42.58 44.81 48.76
CA THR I 69 -41.14 44.76 48.71
C THR I 69 -40.63 43.34 48.46
N MET I 70 -39.49 43.23 47.78
CA MET I 70 -38.84 41.94 47.53
C MET I 70 -37.39 41.95 47.99
N THR I 71 -36.93 40.81 48.48
CA THR I 71 -35.56 40.65 48.93
C THR I 71 -35.12 39.21 48.88
N THR I 72 -33.82 38.95 48.79
CA THR I 72 -33.36 37.58 48.83
C THR I 72 -32.23 37.37 49.81
N ASP I 73 -32.13 36.13 50.29
CA ASP I 73 -31.05 35.69 51.14
C ASP I 73 -30.26 34.62 50.41
N THR I 74 -29.10 35.01 49.92
CA THR I 74 -28.32 34.14 49.08
C THR I 74 -27.64 33.03 49.86
N SER I 75 -27.59 33.17 51.18
CA SER I 75 -26.92 32.16 51.98
C SER I 75 -27.84 30.99 52.27
N THR I 76 -29.15 31.19 52.08
CA THR I 76 -30.12 30.16 52.37
C THR I 76 -30.88 29.82 51.11
N SER I 77 -30.45 30.41 50.01
CA SER I 77 -31.05 30.28 48.71
C SER I 77 -32.54 30.52 48.78
N THR I 78 -32.92 31.54 49.52
CA THR I 78 -34.34 31.79 49.71
C THR I 78 -34.77 33.19 49.37
N ALA I 79 -35.83 33.24 48.61
CA ALA I 79 -36.41 34.50 48.23
C ALA I 79 -37.55 34.85 49.13
N TYR I 80 -37.70 36.13 49.40
CA TYR I 80 -38.81 36.61 50.17
C TYR I 80 -39.55 37.73 49.49
N MET I 81 -40.85 37.74 49.70
CA MET I 81 -41.68 38.83 49.25
C MET I 81 -42.55 39.26 50.41
N GLU I 82 -42.77 40.55 50.54
CA GLU I 82 -43.62 41.02 51.60
C GLU I 82 -44.62 42.07 51.18
N LEU I 83 -45.85 41.88 51.64
CA LEU I 83 -46.89 42.87 51.43
C LEU I 83 -47.23 43.50 52.72
N ARG I 84 -47.51 44.79 52.67
CA ARG I 84 -47.87 45.54 53.85
C ARG I 84 -49.24 46.10 53.71
N SER I 85 -49.82 46.48 54.84
CA SER I 85 -51.10 47.13 54.82
C SER I 85 -52.11 46.33 54.03
N LEU I 86 -52.26 45.06 54.36
CA LEU I 86 -53.16 44.14 53.67
C LEU I 86 -54.61 44.52 53.75
N ARG I 87 -55.33 44.16 52.69
CA ARG I 87 -56.77 44.35 52.56
C ARG I 87 -57.43 43.00 52.26
N SER I 88 -58.74 42.89 52.47
CA SER I 88 -59.41 41.62 52.20
C SER I 88 -59.32 41.17 50.74
N ASP I 89 -59.12 42.09 49.82
CA ASP I 89 -59.04 41.75 48.43
C ASP I 89 -57.64 41.35 47.99
N ASP I 90 -56.73 41.22 48.94
CA ASP I 90 -55.39 40.75 48.65
C ASP I 90 -55.37 39.25 48.89
N THR I 91 -56.53 38.66 49.18
CA THR I 91 -56.56 37.23 49.33
C THR I 91 -56.20 36.63 47.99
N ALA I 92 -55.20 35.78 47.99
CA ALA I 92 -54.73 35.16 46.76
C ALA I 92 -53.75 34.08 47.06
N VAL I 93 -53.50 33.22 46.08
CA VAL I 93 -52.38 32.33 46.23
C VAL I 93 -51.19 32.98 45.61
N TYR I 94 -50.14 33.13 46.36
CA TYR I 94 -48.97 33.79 45.86
C TYR I 94 -47.99 32.76 45.38
N TYR I 95 -47.47 32.96 44.20
CA TYR I 95 -46.53 32.00 43.67
C TYR I 95 -45.22 32.61 43.38
N CYS I 96 -44.18 31.87 43.66
CA CYS I 96 -42.86 32.30 43.29
C CYS I 96 -42.48 31.56 42.06
N ALA I 97 -41.66 32.18 41.23
CA ALA I 97 -41.19 31.51 40.06
C ALA I 97 -39.80 31.95 39.65
N ARG I 98 -39.13 31.07 38.94
CA ARG I 98 -37.80 31.33 38.46
C ARG I 98 -37.82 31.76 37.01
N VAL I 99 -37.01 32.78 36.70
CA VAL I 99 -36.89 33.31 35.32
C VAL I 99 -35.52 33.05 34.72
N ILE I 100 -35.54 32.58 33.46
CA ILE I 100 -34.32 32.18 32.81
C ILE I 100 -33.21 33.20 32.65
N PRO I 101 -33.28 34.31 31.93
CA PRO I 101 -32.23 35.24 32.07
C PRO I 101 -32.42 35.67 33.48
N GLY I 102 -31.38 35.91 34.23
CA GLY I 102 -31.60 36.38 35.57
C GLY I 102 -31.53 37.89 35.59
N THR I 103 -31.24 38.46 34.43
CA THR I 103 -31.04 39.88 34.27
C THR I 103 -32.07 40.54 33.40
N ALA I 104 -32.98 39.75 32.91
CA ALA I 104 -34.00 40.20 32.00
C ALA I 104 -35.15 39.26 32.10
N VAL I 105 -36.31 39.67 31.72
CA VAL I 105 -37.37 38.69 31.74
C VAL I 105 -37.62 38.10 30.40
N ASP I 106 -37.56 36.81 30.38
CA ASP I 106 -37.82 36.00 29.22
C ASP I 106 -38.12 34.63 29.74
N TYR I 107 -39.39 34.32 29.97
CA TYR I 107 -39.79 32.98 30.37
C TYR I 107 -39.53 32.50 31.80
N PHE I 108 -40.63 32.40 32.57
CA PHE I 108 -40.61 31.96 33.96
C PHE I 108 -40.92 30.49 33.96
N ASP I 109 -39.91 29.62 34.12
CA ASP I 109 -40.09 28.17 33.93
C ASP I 109 -40.34 27.33 35.18
N TYR I 110 -39.91 27.80 36.34
CA TYR I 110 -40.13 26.99 37.52
C TYR I 110 -41.01 27.67 38.48
N TRP I 111 -41.96 26.93 39.00
CA TRP I 111 -42.95 27.48 39.90
C TRP I 111 -43.01 26.76 41.22
N GLY I 112 -43.26 27.52 42.28
CA GLY I 112 -43.43 26.93 43.60
C GLY I 112 -44.83 26.41 43.68
N GLN I 113 -45.21 25.80 44.81
CA GLN I 113 -46.55 25.23 44.89
C GLN I 113 -47.63 26.26 45.15
N GLY I 114 -47.23 27.44 45.61
CA GLY I 114 -48.16 28.50 45.93
C GLY I 114 -48.46 28.63 47.42
N THR I 115 -48.56 29.86 47.90
CA THR I 115 -48.85 30.13 49.30
C THR I 115 -50.17 30.83 49.41
N LEU I 116 -51.10 30.25 50.14
CA LEU I 116 -52.36 30.94 50.27
C LEU I 116 -52.39 31.91 51.40
N VAL I 117 -52.69 33.15 51.08
CA VAL I 117 -52.79 34.14 52.10
C VAL I 117 -54.22 34.64 52.13
N THR I 118 -54.82 34.55 53.30
CA THR I 118 -56.20 34.98 53.51
C THR I 118 -56.22 36.23 54.36
N VAL I 119 -56.97 37.23 53.94
CA VAL I 119 -57.05 38.42 54.76
C VAL I 119 -58.49 38.59 55.23
N SER I 120 -58.66 38.68 56.55
CA SER I 120 -59.99 38.72 57.15
C SER I 120 -60.08 39.45 58.50
N ARG J 42 12.53 28.42 -10.11
CA ARG J 42 12.16 28.13 -11.48
C ARG J 42 11.51 29.34 -12.13
N ASN J 43 10.83 29.10 -13.23
CA ASN J 43 10.16 30.15 -13.96
C ASN J 43 8.95 29.52 -14.62
N PHE J 44 8.18 30.31 -15.33
CA PHE J 44 7.00 29.79 -15.97
C PHE J 44 7.31 29.16 -17.28
N ASN J 45 6.51 28.19 -17.64
CA ASN J 45 6.65 27.57 -18.94
C ASN J 45 6.20 28.54 -20.03
N ASN J 46 6.99 28.63 -21.08
CA ASN J 46 6.71 29.47 -22.24
C ASN J 46 6.59 28.63 -23.50
N LEU J 47 5.46 28.74 -24.20
CA LEU J 47 5.19 27.90 -25.37
C LEU J 47 5.89 28.36 -26.62
N THR J 48 7.20 28.21 -26.64
CA THR J 48 7.96 28.71 -27.77
C THR J 48 8.33 27.70 -28.84
N LYS J 49 8.25 26.42 -28.56
CA LYS J 49 8.66 25.44 -29.56
C LYS J 49 7.48 25.06 -30.41
N GLY J 50 7.74 24.50 -31.59
CA GLY J 50 6.65 24.07 -32.47
C GLY J 50 6.30 22.62 -32.20
N LEU J 51 5.44 22.05 -33.04
CA LEU J 51 5.03 20.65 -32.96
C LEU J 51 5.92 19.76 -33.80
N CYS J 52 6.28 18.60 -33.27
CA CYS J 52 7.12 17.66 -34.00
C CYS J 52 6.36 17.05 -35.16
N THR J 53 7.08 16.64 -36.19
CA THR J 53 6.46 15.93 -37.30
C THR J 53 5.86 14.62 -36.82
N ILE J 54 4.63 14.34 -37.20
CA ILE J 54 4.03 13.09 -36.78
C ILE J 54 3.87 12.14 -37.93
N ASN J 55 4.64 11.07 -37.90
CA ASN J 55 4.57 10.04 -38.91
C ASN J 55 3.81 8.85 -38.38
N SER J 56 3.98 8.56 -37.10
CA SER J 56 3.28 7.43 -36.51
C SER J 56 3.17 7.58 -35.00
N TRP J 57 2.36 6.71 -34.37
CA TRP J 57 2.18 6.76 -32.92
C TRP J 57 2.72 5.52 -32.21
N HIS J 58 3.21 5.68 -30.97
CA HIS J 58 3.72 4.55 -30.19
C HIS J 58 3.19 4.57 -28.77
N ILE J 59 3.23 3.42 -28.12
CA ILE J 59 2.71 3.32 -26.76
C ILE J 59 3.50 4.15 -25.79
N TYR J 60 2.78 4.92 -24.98
CA TYR J 60 3.35 5.76 -23.95
C TYR J 60 3.04 5.18 -22.60
N GLY J 61 1.81 4.74 -22.41
CA GLY J 61 1.40 4.21 -21.13
C GLY J 61 0.10 3.43 -21.20
N LYS J 62 -0.15 2.65 -20.16
CA LYS J 62 -1.33 1.81 -20.04
C LYS J 62 -1.43 1.31 -18.62
N ASP J 63 -2.57 1.49 -17.95
CA ASP J 63 -2.62 1.01 -16.56
C ASP J 63 -3.18 -0.38 -16.32
N ASN J 64 -4.03 -0.83 -17.22
CA ASN J 64 -4.72 -2.11 -17.11
C ASN J 64 -5.51 -2.14 -15.84
N ALA J 65 -6.10 -1.00 -15.51
CA ALA J 65 -6.83 -0.91 -14.27
C ALA J 65 -7.96 -1.90 -14.13
N VAL J 66 -8.70 -2.20 -15.18
CA VAL J 66 -9.80 -3.10 -14.93
C VAL J 66 -9.31 -4.52 -14.67
N ARG J 67 -8.34 -4.99 -15.43
CA ARG J 67 -7.82 -6.34 -15.21
C ARG J 67 -7.26 -6.48 -13.81
N ILE J 68 -6.51 -5.51 -13.36
CA ILE J 68 -5.89 -5.58 -12.06
C ILE J 68 -6.94 -5.58 -10.98
N GLY J 69 -7.94 -4.74 -11.16
CA GLY J 69 -9.02 -4.55 -10.22
C GLY J 69 -9.84 -5.78 -9.95
N GLU J 70 -9.67 -6.83 -10.71
CA GLU J 70 -10.44 -8.03 -10.46
C GLU J 70 -10.19 -8.56 -9.06
N SER J 71 -8.96 -8.46 -8.56
CA SER J 71 -8.63 -8.99 -7.26
C SER J 71 -7.73 -8.06 -6.44
N SER J 72 -7.91 -6.76 -6.56
CA SER J 72 -7.08 -5.80 -5.85
C SER J 72 -7.85 -4.53 -5.56
N ASP J 73 -7.31 -3.63 -4.75
CA ASP J 73 -8.07 -2.46 -4.37
C ASP J 73 -7.96 -1.28 -5.33
N VAL J 74 -8.53 -1.48 -6.50
CA VAL J 74 -8.54 -0.48 -7.57
C VAL J 74 -9.84 0.27 -7.54
N LEU J 75 -9.75 1.58 -7.56
CA LEU J 75 -10.89 2.47 -7.50
C LEU J 75 -11.68 2.53 -8.78
N VAL J 76 -12.97 2.74 -8.65
CA VAL J 76 -13.80 2.94 -9.80
C VAL J 76 -13.61 4.34 -10.27
N THR J 77 -13.25 4.49 -11.52
CA THR J 77 -13.04 5.80 -12.09
C THR J 77 -13.72 5.94 -13.41
N ARG J 78 -13.81 7.18 -13.86
CA ARG J 78 -14.26 7.59 -15.17
C ARG J 78 -13.62 8.89 -15.63
N GLU J 79 -13.70 9.15 -16.92
CA GLU J 79 -13.30 10.43 -17.47
C GLU J 79 -11.87 10.84 -17.13
N PRO J 80 -10.89 10.05 -17.53
CA PRO J 80 -9.49 10.25 -17.31
C PRO J 80 -8.88 11.28 -18.18
N TYR J 81 -7.73 11.76 -17.77
CA TYR J 81 -6.88 12.59 -18.59
C TYR J 81 -5.44 12.46 -18.13
N VAL J 82 -4.52 12.99 -18.90
CA VAL J 82 -3.13 12.82 -18.55
C VAL J 82 -2.48 14.16 -18.46
N SER J 83 -1.60 14.34 -17.50
CA SER J 83 -0.90 15.59 -17.37
C SER J 83 0.50 15.45 -16.83
N CYS J 84 1.42 16.28 -17.32
CA CYS J 84 2.80 16.16 -16.88
C CYS J 84 3.35 17.44 -16.25
N ASP J 85 4.09 17.24 -15.17
CA ASP J 85 4.79 18.31 -14.49
C ASP J 85 6.21 18.22 -15.02
N PRO J 86 7.16 19.09 -14.66
CA PRO J 86 8.50 19.13 -15.19
C PRO J 86 9.31 17.86 -15.01
N ASP J 87 8.97 17.03 -14.05
CA ASP J 87 9.69 15.81 -13.83
C ASP J 87 8.82 14.58 -13.65
N GLU J 88 7.53 14.69 -13.97
CA GLU J 88 6.65 13.55 -13.72
C GLU J 88 5.36 13.52 -14.51
N CYS J 89 4.97 12.36 -15.00
CA CYS J 89 3.66 12.27 -15.61
C CYS J 89 2.74 11.44 -14.76
N ARG J 90 1.51 11.90 -14.63
CA ARG J 90 0.51 11.22 -13.84
C ARG J 90 -0.82 11.13 -14.55
N PHE J 91 -1.58 10.16 -14.15
CA PHE J 91 -2.92 10.00 -14.63
C PHE J 91 -3.87 10.68 -13.71
N TYR J 92 -4.88 11.29 -14.28
CA TYR J 92 -5.90 11.96 -13.50
C TYR J 92 -7.23 11.37 -13.84
N ALA J 93 -8.11 11.25 -12.87
CA ALA J 93 -9.44 10.73 -13.16
C ALA J 93 -10.42 11.09 -12.09
N LEU J 94 -11.70 10.95 -12.38
CA LEU J 94 -12.69 11.18 -11.37
C LEU J 94 -13.11 9.87 -10.75
N SER J 95 -12.86 9.77 -9.46
CA SER J 95 -13.14 8.60 -8.65
C SER J 95 -14.52 8.61 -8.14
N GLN J 96 -15.12 7.44 -8.02
CA GLN J 96 -16.46 7.32 -7.47
C GLN J 96 -16.46 7.02 -5.98
N GLY J 97 -15.28 6.97 -5.36
CA GLY J 97 -15.16 6.73 -3.93
C GLY J 97 -15.33 5.29 -3.49
N THR J 98 -15.05 4.35 -4.36
CA THR J 98 -15.22 2.95 -4.03
C THR J 98 -14.37 2.09 -4.91
N THR J 99 -14.05 0.88 -4.48
CA THR J 99 -13.32 -0.02 -5.36
C THR J 99 -14.26 -0.75 -6.27
N ILE J 100 -13.73 -1.29 -7.34
CA ILE J 100 -14.58 -1.93 -8.34
C ILE J 100 -15.28 -3.13 -7.78
N ARG J 101 -14.55 -3.89 -7.04
CA ARG J 101 -15.03 -5.11 -6.47
C ARG J 101 -15.92 -4.92 -5.24
N GLY J 102 -16.04 -3.69 -4.72
CA GLY J 102 -16.82 -3.48 -3.53
C GLY J 102 -18.30 -3.35 -3.83
N LYS J 103 -19.12 -3.24 -2.80
CA LYS J 103 -20.54 -3.15 -3.03
C LYS J 103 -21.02 -1.76 -3.33
N HIS J 104 -20.16 -0.77 -3.11
CA HIS J 104 -20.59 0.56 -3.41
C HIS J 104 -20.31 0.88 -4.86
N SER J 105 -19.84 -0.12 -5.63
CA SER J 105 -19.65 0.11 -7.04
C SER J 105 -21.00 -0.01 -7.75
N ASN J 106 -22.01 -0.49 -7.03
CA ASN J 106 -23.31 -0.65 -7.64
C ASN J 106 -23.97 0.70 -7.85
N GLY J 107 -24.19 1.07 -9.10
CA GLY J 107 -24.76 2.36 -9.39
C GLY J 107 -23.75 3.47 -9.72
N THR J 108 -22.47 3.13 -9.93
CA THR J 108 -21.49 4.16 -10.25
C THR J 108 -21.59 4.71 -11.65
N ILE J 109 -22.63 4.32 -12.35
CA ILE J 109 -22.96 4.81 -13.66
C ILE J 109 -23.23 6.31 -13.66
N HIS J 110 -23.67 6.86 -12.55
CA HIS J 110 -23.99 8.28 -12.50
C HIS J 110 -22.79 9.19 -12.62
N ASP J 111 -23.00 10.32 -13.28
CA ASP J 111 -21.95 11.30 -13.43
C ASP J 111 -21.69 12.12 -12.18
N ARG J 112 -22.65 12.19 -11.29
CA ARG J 112 -22.33 12.87 -10.06
C ARG J 112 -23.08 12.22 -8.94
N SER J 113 -22.40 12.04 -7.83
CA SER J 113 -22.95 11.45 -6.64
C SER J 113 -22.50 12.27 -5.50
N GLN J 114 -21.58 13.15 -5.84
CA GLN J 114 -20.90 14.03 -4.89
C GLN J 114 -19.98 13.28 -3.94
N TYR J 115 -19.67 12.03 -4.27
CA TYR J 115 -18.68 11.25 -3.56
C TYR J 115 -17.50 11.18 -4.46
N ARG J 116 -17.63 11.92 -5.52
CA ARG J 116 -16.68 11.99 -6.58
C ARG J 116 -15.61 13.02 -6.36
N ALA J 117 -14.40 12.62 -6.71
CA ALA J 117 -13.25 13.49 -6.55
C ALA J 117 -12.21 13.28 -7.61
N LEU J 118 -11.39 14.29 -7.80
CA LEU J 118 -10.31 14.22 -8.75
C LEU J 118 -9.09 13.74 -8.08
N ILE J 119 -8.58 12.63 -8.59
CA ILE J 119 -7.43 12.00 -8.04
C ILE J 119 -6.34 11.92 -9.06
N SER J 120 -5.14 11.69 -8.56
CA SER J 120 -3.96 11.58 -9.39
C SER J 120 -3.06 10.46 -8.95
N TRP J 121 -2.55 9.69 -9.91
CA TRP J 121 -1.67 8.61 -9.55
C TRP J 121 -0.60 8.44 -10.63
N PRO J 122 0.55 7.80 -10.37
CA PRO J 122 1.67 7.66 -11.28
C PRO J 122 1.34 7.01 -12.59
N LEU J 123 1.99 7.49 -13.65
CA LEU J 123 1.78 6.98 -14.99
C LEU J 123 1.87 5.48 -15.05
N SER J 124 0.88 4.88 -15.67
CA SER J 124 0.72 3.44 -15.91
C SER J 124 0.53 2.55 -14.70
N SER J 125 0.31 3.12 -13.53
CA SER J 125 -0.05 2.31 -12.39
C SER J 125 -1.56 2.36 -12.35
N PRO J 126 -2.27 1.40 -11.76
CA PRO J 126 -3.68 1.47 -11.57
C PRO J 126 -3.98 2.50 -10.49
N PRO J 127 -5.17 3.09 -10.49
CA PRO J 127 -5.66 4.04 -9.53
C PRO J 127 -6.10 3.35 -8.28
N THR J 128 -5.17 2.89 -7.49
CA THR J 128 -5.55 2.16 -6.31
C THR J 128 -5.83 3.09 -5.16
N VAL J 129 -6.50 2.53 -4.19
CA VAL J 129 -6.88 3.23 -2.99
C VAL J 129 -5.71 3.57 -2.12
N TYR J 130 -4.61 2.86 -2.27
CA TYR J 130 -3.48 3.11 -1.41
C TYR J 130 -2.39 3.91 -2.07
N ASN J 131 -2.60 4.41 -3.30
CA ASN J 131 -1.50 5.18 -3.89
C ASN J 131 -1.96 6.45 -4.56
N SER J 132 -3.22 6.82 -4.41
CA SER J 132 -3.73 7.96 -5.10
C SER J 132 -3.72 9.19 -4.24
N ARG J 133 -3.55 10.34 -4.86
CA ARG J 133 -3.60 11.60 -4.17
C ARG J 133 -4.84 12.33 -4.61
N VAL J 134 -5.50 13.02 -3.70
CA VAL J 134 -6.68 13.78 -4.09
C VAL J 134 -6.31 15.21 -4.40
N GLU J 135 -6.70 15.69 -5.56
CA GLU J 135 -6.36 17.04 -5.96
C GLU J 135 -7.43 17.99 -5.47
N CYS J 136 -8.68 17.60 -5.67
CA CYS J 136 -9.84 18.39 -5.26
C CYS J 136 -11.13 17.59 -5.39
N ILE J 137 -12.21 18.14 -4.88
CA ILE J 137 -13.50 17.49 -4.91
C ILE J 137 -14.49 18.15 -5.80
N GLY J 138 -15.19 17.33 -6.60
CA GLY J 138 -16.20 17.82 -7.52
C GLY J 138 -16.46 16.79 -8.59
N TRP J 139 -17.56 16.97 -9.32
CA TRP J 139 -17.91 16.03 -10.36
C TRP J 139 -17.39 16.36 -11.74
N SER J 140 -16.77 17.51 -11.89
CA SER J 140 -16.18 17.95 -13.17
C SER J 140 -14.90 18.69 -12.92
N SER J 141 -13.88 18.48 -13.75
CA SER J 141 -12.61 19.14 -13.45
C SER J 141 -11.64 19.37 -14.58
N THR J 142 -10.57 20.10 -14.26
CA THR J 142 -9.43 20.34 -15.16
C THR J 142 -8.17 20.67 -14.40
N SER J 143 -7.01 20.40 -14.99
CA SER J 143 -5.78 20.80 -14.27
C SER J 143 -4.54 20.93 -15.12
N CYS J 144 -3.55 21.67 -14.61
CA CYS J 144 -2.27 21.78 -15.30
C CYS J 144 -1.18 22.43 -14.46
N HIS J 145 0.04 22.33 -14.97
CA HIS J 145 1.19 22.92 -14.29
C HIS J 145 1.71 24.07 -15.11
N ASP J 146 1.93 25.22 -14.47
CA ASP J 146 2.36 26.41 -15.19
C ASP J 146 3.86 26.64 -15.25
N GLY J 147 4.62 25.75 -14.67
CA GLY J 147 6.08 25.80 -14.58
C GLY J 147 6.57 26.06 -13.15
N LYS J 148 5.71 26.62 -12.32
CA LYS J 148 6.09 26.82 -10.94
C LYS J 148 5.27 25.92 -10.06
N SER J 149 3.98 25.81 -10.36
CA SER J 149 3.13 24.92 -9.59
C SER J 149 1.88 24.49 -10.33
N ARG J 150 1.09 23.68 -9.66
CA ARG J 150 -0.12 23.16 -10.28
C ARG J 150 -1.40 23.84 -9.90
N MET J 151 -2.25 24.00 -10.90
CA MET J 151 -3.59 24.52 -10.77
C MET J 151 -4.55 23.39 -10.97
N SER J 152 -5.58 23.33 -10.15
CA SER J 152 -6.61 22.33 -10.33
C SER J 152 -7.97 22.97 -10.13
N ILE J 153 -8.93 22.62 -10.96
CA ILE J 153 -10.25 23.16 -10.79
C ILE J 153 -11.27 22.07 -10.66
N CYS J 154 -12.08 22.14 -9.62
CA CYS J 154 -13.16 21.18 -9.45
C CYS J 154 -14.50 21.84 -9.27
N ILE J 155 -15.50 21.24 -9.89
CA ILE J 155 -16.88 21.69 -9.82
C ILE J 155 -17.72 20.72 -9.04
N SER J 156 -18.43 21.24 -8.06
CA SER J 156 -19.25 20.42 -7.17
C SER J 156 -20.62 21.02 -6.92
N GLY J 157 -21.48 20.27 -6.22
CA GLY J 157 -22.79 20.79 -5.88
C GLY J 157 -23.87 20.30 -6.82
N PRO J 158 -25.10 20.83 -6.71
CA PRO J 158 -26.31 20.48 -7.39
C PRO J 158 -26.21 20.97 -8.77
N ASN J 159 -27.16 20.62 -9.59
CA ASN J 159 -27.20 21.11 -10.93
C ASN J 159 -27.56 22.58 -11.05
N ASN J 160 -28.14 23.14 -10.01
CA ASN J 160 -28.59 24.52 -10.02
C ASN J 160 -27.57 25.42 -9.37
N ASN J 161 -27.42 25.25 -8.09
CA ASN J 161 -26.52 26.03 -7.28
C ASN J 161 -25.12 25.41 -7.26
N ALA J 162 -24.58 25.15 -8.42
CA ALA J 162 -23.26 24.52 -8.61
C ALA J 162 -22.16 25.54 -8.38
N SER J 163 -20.96 25.08 -8.09
CA SER J 163 -19.86 26.03 -8.01
C SER J 163 -18.51 25.45 -8.35
N ALA J 164 -17.59 26.33 -8.77
CA ALA J 164 -16.24 25.88 -9.07
C ALA J 164 -15.25 26.45 -8.10
N VAL J 165 -14.33 25.60 -7.69
CA VAL J 165 -13.26 26.04 -6.82
C VAL J 165 -11.94 25.84 -7.48
N VAL J 166 -11.18 26.90 -7.54
CA VAL J 166 -9.89 26.90 -8.16
C VAL J 166 -8.84 26.81 -7.11
N TRP J 167 -8.01 25.79 -7.23
CA TRP J 167 -6.93 25.48 -6.33
C TRP J 167 -5.60 25.79 -6.98
N TYR J 168 -4.63 26.21 -6.22
CA TYR J 168 -3.32 26.40 -6.76
C TYR J 168 -2.31 26.04 -5.72
N ASN J 169 -1.34 25.26 -6.10
CA ASN J 169 -0.31 24.86 -5.18
C ASN J 169 -0.95 24.18 -3.99
N ARG J 170 -1.99 23.41 -4.26
CA ARG J 170 -2.78 22.65 -3.33
C ARG J 170 -3.54 23.44 -2.26
N ARG J 171 -3.82 24.71 -2.52
CA ARG J 171 -4.66 25.50 -1.63
C ARG J 171 -5.79 26.09 -2.43
N PRO J 172 -6.98 26.30 -1.89
CA PRO J 172 -8.03 26.95 -2.60
C PRO J 172 -7.60 28.39 -2.77
N VAL J 173 -7.87 28.98 -3.92
CA VAL J 173 -7.56 30.37 -4.18
C VAL J 173 -8.75 31.22 -4.53
N ALA J 174 -9.57 30.72 -5.44
CA ALA J 174 -10.66 31.53 -5.97
C ALA J 174 -11.85 30.68 -6.34
N GLU J 175 -13.02 31.31 -6.38
CA GLU J 175 -14.22 30.57 -6.76
C GLU J 175 -15.06 31.28 -7.81
N ILE J 176 -15.76 30.48 -8.58
CA ILE J 176 -16.70 30.93 -9.59
C ILE J 176 -18.08 30.32 -9.34
N ASN J 177 -19.12 31.14 -9.29
CA ASN J 177 -20.44 30.58 -9.10
C ASN J 177 -21.02 30.27 -10.47
N THR J 178 -22.20 29.72 -10.50
CA THR J 178 -22.91 29.35 -11.71
C THR J 178 -23.60 30.57 -12.26
N TRP J 179 -23.74 30.69 -13.58
CA TRP J 179 -24.43 31.87 -14.07
C TRP J 179 -25.68 31.56 -14.87
N ALA J 180 -25.74 30.43 -15.55
CA ALA J 180 -26.91 30.11 -16.35
C ALA J 180 -27.79 29.12 -15.60
N ARG J 181 -27.35 28.76 -14.42
CA ARG J 181 -27.99 27.81 -13.53
C ARG J 181 -28.26 26.45 -14.11
N ASN J 182 -27.35 25.89 -14.92
CA ASN J 182 -27.63 24.57 -15.42
C ASN J 182 -26.37 23.76 -15.69
N ILE J 183 -25.91 23.04 -14.67
CA ILE J 183 -24.72 22.20 -14.75
C ILE J 183 -23.51 22.99 -15.19
N LEU J 184 -22.85 23.65 -14.27
CA LEU J 184 -21.60 24.26 -14.65
C LEU J 184 -20.67 23.13 -14.99
N ARG J 185 -19.96 23.20 -16.10
CA ARG J 185 -19.07 22.13 -16.48
C ARG J 185 -17.82 22.58 -17.21
N THR J 186 -16.77 21.75 -17.20
CA THR J 186 -15.54 22.17 -17.88
C THR J 186 -14.87 21.14 -18.79
N GLN J 187 -13.57 21.31 -18.97
CA GLN J 187 -12.77 20.57 -19.93
C GLN J 187 -12.49 19.08 -19.74
N GLU J 188 -12.32 18.58 -18.53
CA GLU J 188 -11.97 17.18 -18.31
C GLU J 188 -10.67 16.84 -19.02
N SER J 189 -9.73 17.78 -19.06
CA SER J 189 -8.47 17.61 -19.75
C SER J 189 -7.41 18.50 -19.16
N GLU J 190 -6.19 18.30 -19.61
CA GLU J 190 -5.10 19.15 -19.19
C GLU J 190 -5.28 20.57 -19.73
N CYS J 191 -5.01 21.55 -18.91
CA CYS J 191 -5.03 22.93 -19.36
C CYS J 191 -3.63 23.36 -19.79
N VAL J 192 -3.53 24.42 -20.56
CA VAL J 192 -2.21 24.80 -21.03
C VAL J 192 -1.86 26.18 -20.59
N CYS J 193 -0.70 26.36 -20.01
CA CYS J 193 -0.34 27.69 -19.54
C CYS J 193 0.77 28.32 -20.36
N HIS J 194 0.73 29.64 -20.47
CA HIS J 194 1.80 30.39 -21.11
C HIS J 194 2.23 31.58 -20.28
N ASN J 195 3.45 31.56 -19.81
CA ASN J 195 3.98 32.62 -18.97
C ASN J 195 3.10 32.84 -17.77
N GLY J 196 2.59 31.77 -17.21
CA GLY J 196 1.77 31.85 -16.03
C GLY J 196 0.27 31.97 -16.31
N VAL J 197 -0.13 32.23 -17.54
CA VAL J 197 -1.54 32.36 -17.81
C VAL J 197 -2.14 31.11 -18.38
N CYS J 198 -3.18 30.62 -17.73
CA CYS J 198 -3.81 29.37 -18.08
C CYS J 198 -5.29 29.54 -18.45
N PRO J 199 -5.65 29.66 -19.73
CA PRO J 199 -7.03 29.79 -20.19
C PRO J 199 -7.83 28.53 -19.89
N VAL J 200 -9.04 28.67 -19.39
CA VAL J 200 -9.91 27.54 -19.12
C VAL J 200 -11.32 27.76 -19.68
N VAL J 201 -11.85 26.75 -20.35
CA VAL J 201 -13.18 26.87 -20.94
C VAL J 201 -14.28 26.31 -20.03
N PHE J 202 -15.31 27.11 -19.79
CA PHE J 202 -16.44 26.69 -18.97
C PHE J 202 -17.78 26.83 -19.68
N THR J 203 -18.65 25.86 -19.44
CA THR J 203 -19.97 25.89 -20.05
C THR J 203 -21.06 25.84 -19.01
N ASP J 204 -22.15 26.56 -19.25
CA ASP J 204 -23.26 26.59 -18.30
C ASP J 204 -24.59 26.78 -19.04
N GLY J 205 -25.48 25.81 -19.02
CA GLY J 205 -26.69 25.93 -19.79
C GLY J 205 -27.13 24.60 -20.39
N SER J 206 -28.25 24.59 -21.10
CA SER J 206 -28.79 23.36 -21.63
C SER J 206 -27.85 22.63 -22.54
N ALA J 207 -27.82 21.32 -22.43
CA ALA J 207 -26.95 20.50 -23.27
C ALA J 207 -27.57 20.23 -24.62
N THR J 208 -28.80 20.66 -24.81
CA THR J 208 -29.51 20.45 -26.06
C THR J 208 -30.09 21.77 -26.44
N GLY J 209 -29.25 22.78 -26.47
CA GLY J 209 -29.67 24.13 -26.73
C GLY J 209 -28.45 25.03 -26.69
N PRO J 210 -28.63 26.32 -26.85
CA PRO J 210 -27.58 27.31 -26.88
C PRO J 210 -27.07 27.67 -25.48
N ALA J 211 -26.35 26.75 -24.86
CA ALA J 211 -25.77 26.97 -23.53
C ALA J 211 -24.78 28.08 -23.62
N ASP J 212 -24.55 28.80 -22.53
CA ASP J 212 -23.59 29.85 -22.71
C ASP J 212 -22.22 29.26 -22.54
N THR J 213 -21.21 30.09 -22.73
CA THR J 213 -19.82 29.67 -22.57
C THR J 213 -18.96 30.82 -22.16
N ARG J 214 -18.02 30.55 -21.29
CA ARG J 214 -17.06 31.54 -20.89
C ARG J 214 -15.66 31.02 -20.88
N ILE J 215 -14.72 31.88 -21.17
CA ILE J 215 -13.33 31.51 -21.06
C ILE J 215 -12.70 32.36 -20.02
N TYR J 216 -12.09 31.73 -19.04
CA TYR J 216 -11.45 32.44 -17.97
C TYR J 216 -9.97 32.34 -18.10
N TYR J 217 -9.28 33.40 -17.75
CA TYR J 217 -7.85 33.39 -17.79
C TYR J 217 -7.36 33.47 -16.38
N PHE J 218 -6.63 32.44 -15.98
CA PHE J 218 -6.13 32.36 -14.62
C PHE J 218 -4.64 32.51 -14.48
N LYS J 219 -4.22 33.07 -13.36
CA LYS J 219 -2.80 33.13 -13.04
C LYS J 219 -2.58 32.90 -11.57
N GLU J 220 -1.86 31.85 -11.26
CA GLU J 220 -1.62 31.43 -9.88
C GLU J 220 -2.93 31.25 -9.14
N GLY J 221 -3.94 30.78 -9.86
CA GLY J 221 -5.23 30.53 -9.28
C GLY J 221 -6.14 31.75 -9.24
N LYS J 222 -5.65 32.93 -9.61
CA LYS J 222 -6.46 34.13 -9.55
C LYS J 222 -7.12 34.36 -10.88
N ILE J 223 -8.22 35.08 -10.91
CA ILE J 223 -8.86 35.37 -12.17
C ILE J 223 -8.42 36.71 -12.69
N LEU J 224 -7.86 36.73 -13.88
CA LEU J 224 -7.39 37.97 -14.44
C LEU J 224 -8.40 38.56 -15.38
N LYS J 225 -9.11 37.68 -16.06
CA LYS J 225 -10.06 38.10 -17.06
C LYS J 225 -11.00 37.01 -17.41
N TRP J 226 -12.13 37.35 -18.00
CA TRP J 226 -12.89 36.33 -18.64
C TRP J 226 -13.60 36.93 -19.82
N GLU J 227 -13.96 36.07 -20.77
CA GLU J 227 -14.67 36.49 -21.96
C GLU J 227 -15.86 35.63 -22.29
N SER J 228 -16.87 36.24 -22.86
CA SER J 228 -17.98 35.46 -23.36
C SER J 228 -17.48 34.81 -24.62
N LEU J 229 -17.97 33.64 -24.94
CA LEU J 229 -17.55 33.00 -26.18
C LEU J 229 -17.91 33.74 -27.45
N THR J 230 -16.93 33.87 -28.35
CA THR J 230 -17.20 34.46 -29.65
C THR J 230 -16.81 33.55 -30.80
N GLY J 231 -16.99 34.04 -32.01
CA GLY J 231 -16.68 33.29 -33.22
C GLY J 231 -17.90 32.57 -33.74
N THR J 232 -17.71 31.56 -34.59
CA THR J 232 -18.83 30.93 -35.25
C THR J 232 -19.22 29.59 -34.71
N ALA J 233 -18.53 29.09 -33.70
CA ALA J 233 -18.92 27.81 -33.14
C ALA J 233 -20.26 28.01 -32.45
N LYS J 234 -21.16 27.04 -32.50
CA LYS J 234 -22.46 27.24 -31.89
C LYS J 234 -22.66 26.63 -30.51
N HIS J 235 -21.90 25.61 -30.17
CA HIS J 235 -22.06 24.97 -28.87
C HIS J 235 -20.75 24.33 -28.48
N ILE J 236 -20.29 24.61 -27.28
CA ILE J 236 -19.01 24.06 -26.85
C ILE J 236 -18.96 23.38 -25.50
N GLU J 237 -18.47 22.15 -25.47
CA GLU J 237 -18.25 21.45 -24.22
C GLU J 237 -16.94 20.65 -24.23
N GLU J 238 -16.37 20.40 -23.06
CA GLU J 238 -15.26 19.46 -22.92
C GLU J 238 -14.01 19.66 -23.81
N CYS J 239 -13.43 20.85 -23.84
CA CYS J 239 -12.28 21.11 -24.71
C CYS J 239 -10.99 20.39 -24.32
N SER J 240 -10.26 19.94 -25.34
CA SER J 240 -8.93 19.31 -25.28
C SER J 240 -7.92 20.22 -25.92
N CYS J 241 -6.96 20.70 -25.16
CA CYS J 241 -6.10 21.74 -25.69
C CYS J 241 -4.62 21.40 -25.64
N TYR J 242 -3.87 21.97 -26.59
CA TYR J 242 -2.43 21.89 -26.59
C TYR J 242 -1.86 23.22 -27.04
N GLY J 243 -0.66 23.55 -26.59
CA GLY J 243 -0.04 24.78 -27.02
C GLY J 243 1.04 24.58 -28.04
N GLU J 244 1.25 25.58 -28.89
CA GLU J 244 2.33 25.50 -29.85
C GLU J 244 2.83 26.80 -30.44
N ARG J 245 4.14 27.05 -30.32
CA ARG J 245 4.79 28.19 -30.94
C ARG J 245 4.02 29.47 -30.73
N THR J 246 3.57 29.65 -29.50
CA THR J 246 2.74 30.73 -29.02
C THR J 246 1.32 30.55 -29.54
N GLY J 247 0.39 30.33 -28.63
CA GLY J 247 -1.00 30.11 -29.00
C GLY J 247 -1.47 28.74 -28.60
N ILE J 248 -2.74 28.67 -28.24
CA ILE J 248 -3.34 27.45 -27.78
C ILE J 248 -4.49 27.02 -28.65
N THR J 249 -4.47 25.77 -29.04
CA THR J 249 -5.52 25.25 -29.88
C THR J 249 -6.36 24.25 -29.12
N CYS J 250 -7.66 24.44 -29.14
CA CYS J 250 -8.53 23.51 -28.45
C CYS J 250 -9.57 22.88 -29.32
N THR J 251 -9.72 21.58 -29.20
CA THR J 251 -10.74 20.89 -29.94
C THR J 251 -11.81 20.57 -28.94
N CYS J 252 -13.03 20.93 -29.26
CA CYS J 252 -14.08 20.78 -28.30
C CYS J 252 -15.22 20.00 -28.86
N ARG J 253 -16.26 19.80 -28.09
CA ARG J 253 -17.38 19.06 -28.60
C ARG J 253 -18.66 19.86 -28.71
N ASP J 254 -19.41 19.60 -29.78
CA ASP J 254 -20.72 20.18 -30.00
C ASP J 254 -21.75 19.10 -29.73
N ASN J 255 -22.44 19.21 -28.61
CA ASN J 255 -23.42 18.23 -28.17
C ASN J 255 -24.78 18.62 -28.63
N TRP J 256 -24.88 19.61 -29.46
CA TRP J 256 -26.20 20.04 -29.85
C TRP J 256 -26.51 19.71 -31.29
N GLN J 257 -25.77 20.29 -32.23
CA GLN J 257 -26.15 20.15 -33.63
C GLN J 257 -25.26 19.44 -34.64
N GLY J 258 -24.21 18.72 -34.26
CA GLY J 258 -23.48 18.11 -35.38
C GLY J 258 -22.23 17.30 -35.05
N SER J 259 -21.66 16.71 -36.10
CA SER J 259 -20.50 15.83 -35.98
C SER J 259 -19.11 16.39 -36.33
N ASN J 260 -19.09 17.65 -36.69
CA ASN J 260 -17.90 18.38 -37.02
C ASN J 260 -17.49 19.17 -35.80
N ARG J 261 -16.53 18.67 -35.08
CA ARG J 261 -16.16 19.27 -33.82
C ARG J 261 -15.69 20.72 -33.99
N PRO J 262 -16.08 21.62 -33.07
CA PRO J 262 -15.66 23.00 -32.97
C PRO J 262 -14.25 23.11 -32.47
N VAL J 263 -13.60 24.18 -32.87
CA VAL J 263 -12.28 24.54 -32.46
C VAL J 263 -12.17 25.93 -31.90
N ILE J 264 -11.47 26.06 -30.79
CA ILE J 264 -11.26 27.38 -30.22
C ILE J 264 -9.81 27.71 -30.38
N GLN J 265 -9.54 28.87 -30.90
CA GLN J 265 -8.17 29.31 -31.07
C GLN J 265 -7.93 30.43 -30.08
N ILE J 266 -7.04 30.19 -29.13
CA ILE J 266 -6.81 31.13 -28.04
C ILE J 266 -5.45 31.76 -28.05
N ASP J 267 -5.43 33.07 -27.93
CA ASP J 267 -4.19 33.81 -27.81
C ASP J 267 -4.02 34.19 -26.36
N PRO J 268 -3.16 33.51 -25.59
CA PRO J 268 -2.98 33.66 -24.16
C PRO J 268 -2.31 34.94 -23.78
N VAL J 269 -1.73 35.63 -24.75
CA VAL J 269 -1.04 36.84 -24.42
C VAL J 269 -2.03 37.94 -24.50
N ALA J 270 -2.79 37.91 -25.59
CA ALA J 270 -3.80 38.89 -25.82
C ALA J 270 -5.02 38.63 -24.98
N MET J 271 -5.20 37.36 -24.60
CA MET J 271 -6.36 36.89 -23.91
C MET J 271 -7.56 37.16 -24.74
N THR J 272 -7.47 36.76 -26.00
CA THR J 272 -8.58 36.87 -26.95
C THR J 272 -8.74 35.56 -27.65
N HIS J 273 -9.88 35.37 -28.29
CA HIS J 273 -10.06 34.11 -28.96
C HIS J 273 -11.06 34.19 -30.08
N THR J 274 -11.00 33.19 -30.93
CA THR J 274 -12.00 32.98 -31.97
C THR J 274 -12.43 31.55 -32.03
N SER J 275 -13.40 31.27 -32.87
CA SER J 275 -13.85 29.89 -33.00
C SER J 275 -14.43 29.60 -34.37
N GLN J 276 -14.40 28.31 -34.72
CA GLN J 276 -14.92 27.79 -35.99
C GLN J 276 -15.04 26.28 -35.90
N TYR J 277 -15.50 25.63 -36.94
CA TYR J 277 -15.55 24.19 -36.97
C TYR J 277 -14.44 23.65 -37.84
N ILE J 278 -14.09 22.39 -37.65
CA ILE J 278 -13.12 21.80 -38.56
C ILE J 278 -13.84 21.54 -39.87
N CYS J 279 -13.31 22.10 -40.97
CA CYS J 279 -13.89 22.05 -42.30
C CYS J 279 -13.94 20.66 -42.93
N SER J 280 -12.94 19.84 -42.65
CA SER J 280 -12.84 18.53 -43.24
C SER J 280 -14.14 17.74 -43.26
N PRO J 281 -14.41 16.97 -44.33
CA PRO J 281 -15.54 16.12 -44.51
C PRO J 281 -15.44 14.92 -43.61
N VAL J 282 -14.29 14.72 -43.00
CA VAL J 282 -14.16 13.58 -42.13
C VAL J 282 -14.85 13.96 -40.85
N LEU J 283 -15.85 13.20 -40.45
CA LEU J 283 -16.54 13.57 -39.24
C LEU J 283 -15.87 12.88 -38.08
N THR J 284 -15.85 13.53 -36.92
CA THR J 284 -15.15 12.96 -35.78
C THR J 284 -15.96 12.67 -34.53
N ASP J 285 -17.21 13.08 -34.46
CA ASP J 285 -17.95 12.80 -33.25
C ASP J 285 -18.59 11.40 -33.31
N ASN J 286 -19.29 11.02 -32.26
CA ASN J 286 -19.92 9.72 -32.13
C ASN J 286 -21.16 9.82 -31.27
N PRO J 287 -22.33 9.49 -31.79
CA PRO J 287 -22.67 8.97 -33.09
C PRO J 287 -22.48 10.01 -34.16
N ARG J 288 -22.23 9.55 -35.36
CA ARG J 288 -22.06 10.47 -36.48
C ARG J 288 -22.65 9.94 -37.77
N PRO J 289 -22.94 10.79 -38.75
CA PRO J 289 -23.31 10.48 -40.10
C PRO J 289 -22.15 9.86 -40.81
N ASN J 290 -22.42 9.17 -41.89
CA ASN J 290 -21.37 8.65 -42.72
C ASN J 290 -20.74 9.81 -43.47
N ASP J 291 -19.47 9.76 -43.69
CA ASP J 291 -18.80 10.88 -44.30
C ASP J 291 -19.30 11.32 -45.71
N PRO J 292 -19.53 12.64 -45.93
CA PRO J 292 -19.91 13.35 -47.13
C PRO J 292 -18.69 13.61 -47.97
N ASN J 293 -18.85 14.26 -49.12
CA ASN J 293 -17.67 14.65 -49.85
C ASN J 293 -17.22 16.01 -49.35
N ILE J 294 -18.19 16.87 -49.05
CA ILE J 294 -17.86 18.23 -48.63
C ILE J 294 -18.30 18.53 -47.21
N GLY J 295 -17.38 19.05 -46.40
CA GLY J 295 -17.67 19.40 -45.03
C GLY J 295 -18.13 20.86 -44.86
N LYS J 296 -18.19 21.33 -43.61
CA LYS J 296 -18.67 22.67 -43.30
C LYS J 296 -17.76 23.37 -42.31
N CYS J 297 -17.70 24.69 -42.37
CA CYS J 297 -16.77 25.39 -41.50
C CYS J 297 -17.36 26.32 -40.45
N ASN J 298 -18.48 26.95 -40.74
CA ASN J 298 -19.00 27.94 -39.81
C ASN J 298 -20.38 27.59 -39.33
N ASP J 299 -20.68 26.33 -39.37
CA ASP J 299 -21.98 25.83 -39.00
C ASP J 299 -21.81 24.31 -38.77
N PRO J 300 -22.45 23.73 -37.78
CA PRO J 300 -22.38 22.32 -37.47
C PRO J 300 -22.97 21.46 -38.58
N TYR J 301 -22.46 20.26 -38.69
CA TYR J 301 -22.87 19.30 -39.70
C TYR J 301 -23.92 18.35 -39.10
N PRO J 302 -25.15 18.35 -39.61
CA PRO J 302 -26.34 17.69 -39.09
C PRO J 302 -26.44 16.20 -39.22
N GLY J 303 -27.42 15.64 -38.52
CA GLY J 303 -27.81 14.23 -38.63
C GLY J 303 -27.84 13.48 -37.30
N ASN J 304 -27.09 13.95 -36.33
CA ASN J 304 -27.05 13.33 -35.02
C ASN J 304 -27.11 14.39 -33.95
N ASN J 305 -28.30 14.68 -33.49
CA ASN J 305 -28.50 15.77 -32.56
C ASN J 305 -28.44 15.29 -31.13
N ASN J 306 -28.14 16.22 -30.25
CA ASN J 306 -28.16 16.00 -28.82
C ASN J 306 -27.27 14.87 -28.32
N ASN J 307 -26.10 14.69 -28.91
CA ASN J 307 -25.21 13.63 -28.45
C ASN J 307 -23.76 13.94 -28.82
N GLY J 308 -22.85 13.05 -28.43
CA GLY J 308 -21.44 13.18 -28.78
C GLY J 308 -20.50 12.69 -27.67
N VAL J 309 -19.22 12.59 -28.02
CA VAL J 309 -18.13 12.16 -27.15
C VAL J 309 -16.92 13.11 -27.24
N LYS J 310 -16.25 13.36 -26.14
CA LYS J 310 -15.05 14.19 -26.11
C LYS J 310 -13.98 13.60 -27.00
N GLY J 311 -13.24 14.45 -27.72
CA GLY J 311 -12.17 13.98 -28.60
C GLY J 311 -11.13 15.05 -28.86
N PHE J 312 -10.23 14.79 -29.80
CA PHE J 312 -9.17 15.74 -30.06
C PHE J 312 -8.63 15.68 -31.44
N SER J 313 -7.84 16.69 -31.74
CA SER J 313 -7.13 16.78 -32.98
C SER J 313 -5.89 17.61 -32.81
N TYR J 314 -4.96 17.45 -33.73
CA TYR J 314 -3.79 18.28 -33.82
C TYR J 314 -3.85 18.96 -35.13
N LEU J 315 -3.94 20.26 -35.12
CA LEU J 315 -4.10 20.96 -36.37
C LEU J 315 -2.83 21.65 -36.73
N ASP J 316 -2.20 21.19 -37.80
CA ASP J 316 -0.92 21.73 -38.21
C ASP J 316 -0.69 21.60 -39.70
N GLY J 317 -1.62 22.10 -40.50
CA GLY J 317 -1.41 22.05 -41.94
C GLY J 317 -1.29 20.63 -42.43
N ALA J 318 -0.20 20.33 -43.10
CA ALA J 318 0.04 19.01 -43.64
C ALA J 318 0.45 18.02 -42.57
N ASN J 319 0.66 18.50 -41.37
CA ASN J 319 1.01 17.67 -40.25
C ASN J 319 -0.21 17.48 -39.35
N THR J 320 -1.38 17.72 -39.91
CA THR J 320 -2.63 17.56 -39.21
C THR J 320 -3.12 16.14 -39.06
N TRP J 321 -3.49 15.81 -37.83
CA TRP J 321 -4.06 14.49 -37.49
C TRP J 321 -5.36 14.62 -36.71
N LEU J 322 -6.30 13.75 -37.01
CA LEU J 322 -7.58 13.77 -36.31
C LEU J 322 -7.83 12.46 -35.59
N GLY J 323 -8.43 12.50 -34.40
CA GLY J 323 -8.80 11.23 -33.77
C GLY J 323 -10.29 11.01 -33.83
N ARG J 324 -10.71 9.76 -33.88
CA ARG J 324 -12.13 9.46 -33.82
C ARG J 324 -12.41 8.01 -33.50
N THR J 325 -13.67 7.68 -33.20
CA THR J 325 -14.06 6.30 -32.97
C THR J 325 -14.15 5.64 -34.30
N ILE J 326 -14.25 4.33 -34.33
CA ILE J 326 -14.36 3.71 -35.62
C ILE J 326 -15.79 3.51 -35.95
N SER J 327 -16.56 3.02 -35.01
CA SER J 327 -17.95 2.87 -35.28
C SER J 327 -18.63 4.20 -35.25
N THR J 328 -19.61 4.36 -36.13
CA THR J 328 -20.40 5.55 -36.19
C THR J 328 -21.62 5.46 -35.31
N ALA J 329 -21.93 4.25 -34.87
CA ALA J 329 -23.12 4.00 -34.08
C ALA J 329 -22.91 4.05 -32.57
N SER J 330 -21.71 3.77 -32.11
CA SER J 330 -21.48 3.70 -30.69
C SER J 330 -20.02 3.95 -30.34
N ARG J 331 -19.73 4.08 -29.07
CA ARG J 331 -18.36 4.37 -28.69
C ARG J 331 -17.41 3.18 -28.65
N SER J 332 -17.03 2.74 -29.84
CA SER J 332 -16.10 1.62 -29.99
C SER J 332 -15.08 1.91 -31.08
N GLY J 333 -13.88 1.38 -30.84
CA GLY J 333 -12.76 1.50 -31.75
C GLY J 333 -12.13 2.84 -31.59
N TYR J 334 -10.95 3.00 -32.15
CA TYR J 334 -10.36 4.31 -32.13
C TYR J 334 -9.25 4.35 -33.14
N GLU J 335 -9.22 5.41 -33.93
CA GLU J 335 -8.19 5.53 -34.93
C GLU J 335 -7.68 6.93 -35.11
N MET J 336 -6.46 7.02 -35.60
CA MET J 336 -5.86 8.28 -35.96
C MET J 336 -5.77 8.42 -37.46
N LEU J 337 -6.19 9.55 -37.98
CA LEU J 337 -6.09 9.77 -39.41
C LEU J 337 -5.26 10.98 -39.72
N LYS J 338 -4.42 10.89 -40.73
CA LYS J 338 -3.62 12.03 -41.16
C LYS J 338 -4.39 12.70 -42.25
N VAL J 339 -4.85 13.91 -42.00
CA VAL J 339 -5.72 14.62 -42.94
C VAL J 339 -5.22 16.04 -43.16
N PRO J 340 -4.40 16.29 -44.16
CA PRO J 340 -3.78 17.55 -44.41
C PRO J 340 -4.80 18.65 -44.52
N ASN J 341 -4.50 19.73 -43.87
CA ASN J 341 -5.30 20.93 -43.86
C ASN J 341 -6.75 20.73 -43.46
N ALA J 342 -7.02 19.77 -42.58
CA ALA J 342 -8.39 19.49 -42.16
C ALA J 342 -9.12 20.68 -41.59
N LEU J 343 -8.40 21.56 -40.94
CA LEU J 343 -9.08 22.70 -40.36
C LEU J 343 -9.74 23.60 -41.39
N THR J 344 -9.12 23.79 -42.55
CA THR J 344 -9.64 24.74 -43.52
C THR J 344 -10.12 24.16 -44.84
N ASP J 345 -9.71 22.95 -45.19
CA ASP J 345 -10.07 22.37 -46.48
C ASP J 345 -11.27 21.44 -46.38
N ASP J 346 -12.41 21.87 -46.89
CA ASP J 346 -13.62 21.11 -46.72
C ASP J 346 -13.76 19.93 -47.66
N ARG J 347 -12.74 19.68 -48.46
CA ARG J 347 -12.71 18.51 -49.31
C ARG J 347 -11.51 17.62 -48.98
N SER J 348 -10.81 17.90 -47.89
CA SER J 348 -9.64 17.09 -47.55
C SER J 348 -9.97 15.70 -47.09
N LYS J 349 -9.13 14.74 -47.47
CA LYS J 349 -9.29 13.35 -47.08
C LYS J 349 -8.01 12.76 -46.50
N PRO J 350 -8.08 11.67 -45.72
CA PRO J 350 -6.97 10.97 -45.15
C PRO J 350 -6.01 10.44 -46.16
N ILE J 351 -4.75 10.55 -45.81
CA ILE J 351 -3.66 10.05 -46.64
C ILE J 351 -2.84 9.00 -45.92
N GLN J 352 -3.23 8.67 -44.71
CA GLN J 352 -2.52 7.74 -43.86
C GLN J 352 -3.33 7.59 -42.59
N GLY J 353 -3.12 6.53 -41.83
CA GLY J 353 -3.72 6.44 -40.52
C GLY J 353 -3.19 5.27 -39.69
N GLN J 354 -3.66 5.16 -38.47
CA GLN J 354 -3.24 4.11 -37.55
C GLN J 354 -4.37 3.69 -36.63
N THR J 355 -4.54 2.39 -36.45
CA THR J 355 -5.59 1.89 -35.56
C THR J 355 -5.05 1.79 -34.16
N ILE J 356 -5.80 2.28 -33.19
CA ILE J 356 -5.37 2.21 -31.81
C ILE J 356 -6.19 1.14 -31.08
N VAL J 357 -7.48 1.18 -31.31
CA VAL J 357 -8.42 0.31 -30.66
C VAL J 357 -9.29 -0.30 -31.76
N LEU J 358 -9.60 -1.58 -31.67
CA LEU J 358 -10.42 -2.16 -32.72
C LEU J 358 -11.85 -1.83 -32.47
N ASN J 359 -12.69 -1.87 -33.49
CA ASN J 359 -14.10 -1.61 -33.30
C ASN J 359 -14.79 -2.72 -32.52
N ALA J 360 -14.06 -3.81 -32.34
CA ALA J 360 -14.50 -4.96 -31.58
C ALA J 360 -14.29 -4.74 -30.09
N ASP J 361 -13.52 -3.72 -29.74
CA ASP J 361 -13.18 -3.44 -28.36
C ASP J 361 -14.06 -2.28 -27.92
N TRP J 362 -13.97 -1.85 -26.68
CA TRP J 362 -14.72 -0.67 -26.27
C TRP J 362 -13.83 0.53 -26.22
N SER J 363 -14.38 1.70 -26.52
CA SER J 363 -13.62 2.94 -26.48
C SER J 363 -14.19 3.86 -25.44
N GLY J 364 -14.08 5.16 -25.68
CA GLY J 364 -14.51 6.11 -24.67
C GLY J 364 -14.04 7.51 -25.01
N TYR J 365 -13.89 8.34 -24.00
CA TYR J 365 -13.48 9.70 -24.25
C TYR J 365 -12.04 9.72 -24.62
N SER J 366 -11.63 10.66 -25.45
CA SER J 366 -10.22 10.77 -25.72
C SER J 366 -9.81 12.20 -25.66
N GLY J 367 -8.51 12.44 -25.64
CA GLY J 367 -8.04 13.81 -25.59
C GLY J 367 -6.54 13.92 -25.76
N SER J 368 -6.05 15.15 -25.87
CA SER J 368 -4.63 15.42 -26.10
C SER J 368 -3.87 15.93 -24.89
N PHE J 369 -2.55 15.76 -24.93
CA PHE J 369 -1.65 16.34 -23.93
C PHE J 369 -0.25 16.46 -24.48
N MET J 370 0.59 17.26 -23.84
CA MET J 370 1.99 17.38 -24.23
C MET J 370 2.90 17.58 -23.04
N ASP J 371 4.13 17.09 -23.14
CA ASP J 371 5.10 17.38 -22.12
C ASP J 371 5.86 18.62 -22.53
N TYR J 372 5.65 19.70 -21.83
CA TYR J 372 6.20 20.97 -22.26
C TYR J 372 7.56 21.26 -21.64
N TRP J 373 8.08 20.30 -20.89
CA TRP J 373 9.39 20.46 -20.27
C TRP J 373 10.41 19.51 -20.83
N ALA J 374 10.01 18.75 -21.82
CA ALA J 374 10.90 17.78 -22.41
C ALA J 374 11.95 18.50 -23.21
N GLU J 375 13.13 17.92 -23.30
CA GLU J 375 14.17 18.49 -24.12
C GLU J 375 13.87 18.27 -25.59
N GLY J 376 14.44 19.11 -26.45
CA GLY J 376 14.25 18.97 -27.88
C GLY J 376 13.81 20.29 -28.48
N ASP J 377 13.66 20.32 -29.79
CA ASP J 377 13.26 21.51 -30.53
C ASP J 377 11.80 21.56 -30.94
N CYS J 378 11.01 20.65 -30.42
CA CYS J 378 9.59 20.61 -30.71
C CYS J 378 8.86 19.89 -29.62
N TYR J 379 7.55 20.02 -29.59
CA TYR J 379 6.79 19.29 -28.59
C TYR J 379 6.28 18.01 -29.18
N ARG J 380 6.38 16.95 -28.42
CA ARG J 380 5.90 15.69 -28.92
C ARG J 380 4.46 15.55 -28.58
N ALA J 381 3.62 15.45 -29.58
CA ALA J 381 2.20 15.31 -29.34
C ALA J 381 1.88 13.98 -28.73
N CYS J 382 0.93 13.96 -27.80
CA CYS J 382 0.45 12.72 -27.24
C CYS J 382 -1.05 12.72 -27.05
N PHE J 383 -1.64 11.56 -26.85
CA PHE J 383 -3.05 11.51 -26.57
C PHE J 383 -3.43 10.31 -25.75
N TYR J 384 -4.61 10.34 -25.21
CA TYR J 384 -5.10 9.22 -24.44
C TYR J 384 -6.49 8.84 -24.82
N VAL J 385 -6.81 7.58 -24.57
CA VAL J 385 -8.14 7.07 -24.78
C VAL J 385 -8.65 6.32 -23.56
N GLU J 386 -9.86 6.65 -23.15
CA GLU J 386 -10.55 5.98 -22.07
C GLU J 386 -11.16 4.72 -22.62
N LEU J 387 -10.97 3.60 -21.99
CA LEU J 387 -11.60 2.39 -22.47
C LEU J 387 -12.66 1.99 -21.49
N ILE J 388 -13.92 2.14 -21.85
CA ILE J 388 -14.99 1.90 -20.89
C ILE J 388 -15.51 0.49 -20.90
N ARG J 389 -15.61 -0.08 -19.71
CA ARG J 389 -16.16 -1.42 -19.53
C ARG J 389 -17.29 -1.36 -18.53
N GLY J 390 -18.21 -2.31 -18.63
CA GLY J 390 -19.31 -2.35 -17.71
C GLY J 390 -20.49 -1.55 -18.26
N ARG J 391 -21.31 -1.05 -17.37
CA ARG J 391 -22.49 -0.38 -17.82
C ARG J 391 -22.02 0.87 -18.49
N PRO J 392 -22.77 1.40 -19.43
CA PRO J 392 -24.07 1.01 -19.95
C PRO J 392 -24.09 -0.04 -21.04
N LYS J 393 -22.97 -0.70 -21.34
CA LYS J 393 -23.00 -1.64 -22.46
C LYS J 393 -23.06 -3.06 -22.00
N GLU J 394 -22.48 -3.32 -20.85
CA GLU J 394 -22.44 -4.65 -20.30
C GLU J 394 -23.34 -4.69 -19.09
N ASP J 395 -24.40 -5.47 -19.16
CA ASP J 395 -25.41 -5.53 -18.12
C ASP J 395 -25.16 -6.58 -17.09
N LYS J 396 -24.02 -7.21 -17.17
CA LYS J 396 -23.72 -8.29 -16.28
C LYS J 396 -23.11 -7.79 -15.00
N VAL J 397 -22.79 -6.53 -14.99
CA VAL J 397 -22.23 -5.92 -13.80
C VAL J 397 -23.04 -4.70 -13.49
N TRP J 398 -22.97 -4.26 -12.26
CA TRP J 398 -23.69 -3.08 -11.85
C TRP J 398 -22.87 -1.82 -11.81
N TRP J 399 -21.63 -1.94 -12.21
CA TRP J 399 -20.72 -0.82 -12.23
C TRP J 399 -20.34 -0.44 -13.61
N THR J 400 -19.56 0.63 -13.69
CA THR J 400 -18.95 1.12 -14.91
C THR J 400 -17.56 1.51 -14.50
N SER J 401 -16.58 1.31 -15.36
CA SER J 401 -15.22 1.68 -15.05
C SER J 401 -14.41 1.83 -16.32
N ASN J 402 -13.17 2.28 -16.20
CA ASN J 402 -12.37 2.42 -17.39
C ASN J 402 -10.93 2.07 -17.19
N SER J 403 -10.28 1.75 -18.30
CA SER J 403 -8.84 1.58 -18.32
C SER J 403 -8.26 2.69 -19.17
N ILE J 404 -7.00 3.01 -18.97
CA ILE J 404 -6.40 4.07 -19.77
C ILE J 404 -5.30 3.60 -20.67
N VAL J 405 -5.37 4.00 -21.93
CA VAL J 405 -4.28 3.73 -22.87
C VAL J 405 -3.80 5.05 -23.45
N SER J 406 -2.50 5.23 -23.56
CA SER J 406 -1.99 6.46 -24.15
C SER J 406 -0.85 6.24 -25.11
N MET J 407 -0.76 7.16 -26.07
CA MET J 407 0.18 7.15 -27.17
C MET J 407 0.91 8.46 -27.40
N CYS J 408 2.13 8.37 -27.87
CA CYS J 408 2.85 9.56 -28.30
C CYS J 408 3.35 9.44 -29.71
N SER J 409 3.49 10.56 -30.36
CA SER J 409 3.95 10.56 -31.72
C SER J 409 5.43 10.34 -31.83
N SER J 410 5.81 9.99 -33.04
CA SER J 410 7.19 9.85 -33.48
C SER J 410 7.36 10.23 -34.92
N THR J 411 8.59 10.58 -35.26
CA THR J 411 8.98 10.95 -36.61
C THR J 411 9.31 9.75 -37.44
N GLU J 412 9.39 8.61 -36.80
CA GLU J 412 9.68 7.38 -37.48
C GLU J 412 8.40 6.72 -37.90
N PHE J 413 8.49 5.86 -38.89
CA PHE J 413 7.32 5.09 -39.25
C PHE J 413 7.42 3.78 -38.56
N LEU J 414 6.60 3.61 -37.54
CA LEU J 414 6.57 2.47 -36.66
C LEU J 414 5.39 1.62 -37.01
N GLY J 415 5.39 0.37 -36.58
CA GLY J 415 4.27 -0.52 -36.89
C GLY J 415 3.12 -0.26 -35.94
N GLN J 416 2.06 -1.05 -36.05
CA GLN J 416 0.89 -0.81 -35.21
C GLN J 416 0.35 -2.04 -34.53
N TRP J 417 -0.32 -1.80 -33.44
CA TRP J 417 -0.95 -2.84 -32.65
C TRP J 417 -2.16 -2.25 -31.95
N ASN J 418 -3.25 -3.01 -31.83
CA ASN J 418 -4.40 -2.49 -31.10
C ASN J 418 -4.22 -2.71 -29.61
N TRP J 419 -4.89 -1.92 -28.80
CA TRP J 419 -4.74 -2.06 -27.36
C TRP J 419 -6.01 -2.21 -26.52
N PRO J 420 -6.65 -3.38 -26.46
CA PRO J 420 -7.88 -3.66 -25.74
C PRO J 420 -7.58 -3.48 -24.27
N ASP J 421 -8.58 -3.22 -23.43
CA ASP J 421 -8.30 -3.14 -22.01
C ASP J 421 -7.93 -4.52 -21.49
N GLY J 422 -8.51 -5.53 -22.11
CA GLY J 422 -8.19 -6.92 -21.81
C GLY J 422 -8.89 -7.55 -20.63
N ALA J 423 -9.87 -6.90 -20.03
CA ALA J 423 -10.46 -7.57 -18.91
C ALA J 423 -11.51 -8.58 -19.33
N LYS J 424 -11.60 -9.64 -18.56
CA LYS J 424 -12.68 -10.57 -18.76
C LYS J 424 -13.84 -10.17 -17.88
N ILE J 425 -14.97 -9.85 -18.48
CA ILE J 425 -16.09 -9.41 -17.68
C ILE J 425 -16.59 -10.58 -16.85
N GLU J 426 -16.39 -11.78 -17.35
CA GLU J 426 -16.80 -13.00 -16.70
C GLU J 426 -16.19 -13.16 -15.33
N TYR J 427 -15.05 -12.55 -15.11
CA TYR J 427 -14.37 -12.73 -13.85
C TYR J 427 -14.97 -11.86 -12.78
N PHE J 428 -15.83 -10.94 -13.19
CA PHE J 428 -16.49 -10.07 -12.28
C PHE J 428 -17.92 -10.51 -12.11
N LEU J 429 -18.25 -11.64 -12.69
CA LEU J 429 -19.61 -12.14 -12.69
C LEU J 429 -19.73 -13.44 -11.93
N ASP K 1 -22.75 19.25 -70.83
CA ASP K 1 -23.72 18.18 -70.67
C ASP K 1 -23.09 17.09 -69.82
N ILE K 2 -23.59 16.91 -68.60
CA ILE K 2 -23.02 15.93 -67.70
C ILE K 2 -23.97 14.74 -67.80
N VAL K 3 -23.45 13.72 -68.46
CA VAL K 3 -24.27 12.62 -68.94
C VAL K 3 -24.22 11.36 -68.13
N MET K 4 -25.40 10.83 -67.85
CA MET K 4 -25.48 9.58 -67.13
C MET K 4 -26.66 8.74 -67.55
N THR K 5 -26.42 7.43 -67.59
CA THR K 5 -27.43 6.47 -67.92
C THR K 5 -27.66 5.49 -66.79
N GLN K 6 -28.75 4.75 -66.89
CA GLN K 6 -29.15 3.75 -65.92
C GLN K 6 -29.24 2.41 -66.61
N SER K 7 -28.92 1.36 -65.90
CA SER K 7 -29.08 0.02 -66.44
C SER K 7 -29.29 -0.96 -65.30
N PRO K 8 -30.34 -1.77 -65.33
CA PRO K 8 -31.43 -1.89 -66.27
C PRO K 8 -32.29 -0.66 -66.28
N SER K 9 -33.01 -0.39 -67.36
CA SER K 9 -33.96 0.72 -67.34
C SER K 9 -35.16 0.29 -66.50
N SER K 10 -35.40 -1.00 -66.49
CA SER K 10 -36.44 -1.60 -65.70
C SER K 10 -36.05 -3.03 -65.41
N LEU K 11 -36.58 -3.53 -64.32
CA LEU K 11 -36.39 -4.91 -63.91
C LEU K 11 -37.50 -5.27 -62.97
N SER K 12 -37.54 -6.53 -62.58
CA SER K 12 -38.48 -6.94 -61.58
C SER K 12 -37.88 -8.05 -60.79
N ALA K 13 -38.35 -8.20 -59.58
CA ALA K 13 -37.88 -9.30 -58.75
C ALA K 13 -38.89 -9.66 -57.68
N SER K 14 -38.91 -10.92 -57.28
CA SER K 14 -39.72 -11.38 -56.15
C SER K 14 -39.21 -10.82 -54.85
N VAL K 15 -40.10 -10.56 -53.93
CA VAL K 15 -39.66 -10.04 -52.64
C VAL K 15 -38.73 -11.08 -52.03
N GLY K 16 -37.63 -10.61 -51.46
CA GLY K 16 -36.59 -11.45 -50.89
C GLY K 16 -35.45 -11.73 -51.88
N ASP K 17 -35.66 -11.41 -53.15
CA ASP K 17 -34.70 -11.62 -54.23
C ASP K 17 -33.75 -10.44 -54.43
N ARG K 18 -32.49 -10.62 -54.09
CA ARG K 18 -31.45 -9.60 -54.17
C ARG K 18 -31.21 -9.04 -55.58
N VAL K 19 -31.18 -7.71 -55.71
CA VAL K 19 -30.95 -7.09 -57.02
C VAL K 19 -29.83 -6.05 -57.00
N THR K 20 -29.35 -5.70 -58.19
CA THR K 20 -28.37 -4.63 -58.38
C THR K 20 -28.82 -3.70 -59.51
N ILE K 21 -28.68 -2.40 -59.29
CA ILE K 21 -28.97 -1.37 -60.26
C ILE K 21 -27.72 -0.55 -60.55
N SER K 22 -27.39 -0.33 -61.83
CA SER K 22 -26.19 0.43 -62.14
C SER K 22 -26.45 1.78 -62.80
N CYS K 23 -25.51 2.69 -62.60
CA CYS K 23 -25.47 3.97 -63.29
C CYS K 23 -24.10 4.24 -63.89
N ARG K 24 -24.11 4.78 -65.09
CA ARG K 24 -22.85 5.07 -65.77
C ARG K 24 -22.70 6.50 -66.19
N ALA K 25 -21.70 7.15 -65.66
CA ALA K 25 -21.47 8.53 -66.01
C ALA K 25 -20.49 8.56 -67.16
N SER K 26 -20.62 9.56 -68.00
CA SER K 26 -19.66 9.77 -69.06
C SER K 26 -18.40 10.36 -68.45
N GLN K 27 -18.60 11.37 -67.63
CA GLN K 27 -17.53 12.10 -66.97
C GLN K 27 -17.00 11.44 -65.71
N SER K 28 -15.75 11.77 -65.39
CA SER K 28 -15.10 11.26 -64.20
C SER K 28 -15.52 11.99 -62.94
N ILE K 29 -16.77 11.77 -62.57
CA ILE K 29 -17.41 12.40 -61.43
C ILE K 29 -16.91 11.93 -60.07
N SER K 30 -16.11 10.88 -60.05
CA SER K 30 -15.55 10.33 -58.83
C SER K 30 -16.60 9.89 -57.84
N SER K 31 -16.50 10.35 -56.62
CA SER K 31 -17.42 9.96 -55.57
C SER K 31 -18.73 10.72 -55.59
N TYR K 32 -18.84 11.74 -56.40
CA TYR K 32 -20.00 12.60 -56.33
C TYR K 32 -21.24 12.07 -57.00
N LEU K 33 -21.79 11.03 -56.40
CA LEU K 33 -23.02 10.45 -56.89
C LEU K 33 -23.91 10.01 -55.76
N ASN K 34 -25.17 10.42 -55.85
CA ASN K 34 -26.13 10.07 -54.81
C ASN K 34 -27.24 9.21 -55.35
N TRP K 35 -27.81 8.37 -54.51
CA TRP K 35 -28.95 7.57 -54.93
C TRP K 35 -30.20 7.93 -54.18
N TYR K 36 -31.26 8.05 -54.96
CA TYR K 36 -32.60 8.38 -54.52
C TYR K 36 -33.62 7.30 -54.81
N GLN K 37 -34.64 7.24 -53.98
CA GLN K 37 -35.75 6.32 -54.14
C GLN K 37 -37.08 7.02 -54.26
N GLN K 38 -37.81 6.80 -55.34
CA GLN K 38 -39.09 7.50 -55.44
C GLN K 38 -40.27 6.59 -55.64
N LYS K 39 -41.27 6.82 -54.81
CA LYS K 39 -42.51 6.10 -54.87
C LYS K 39 -43.56 7.00 -55.50
N PRO K 40 -44.59 6.48 -56.13
CA PRO K 40 -45.62 7.26 -56.74
C PRO K 40 -46.26 8.17 -55.75
N GLY K 41 -46.43 9.41 -56.14
CA GLY K 41 -47.10 10.40 -55.31
C GLY K 41 -46.20 11.04 -54.25
N LYS K 42 -44.94 10.65 -54.18
CA LYS K 42 -44.08 11.19 -53.14
C LYS K 42 -42.81 11.84 -53.64
N ALA K 43 -42.30 12.74 -52.82
CA ALA K 43 -41.02 13.34 -53.06
C ALA K 43 -39.99 12.25 -52.92
N PRO K 44 -38.87 12.30 -53.64
CA PRO K 44 -37.85 11.30 -53.56
C PRO K 44 -37.19 11.27 -52.20
N LYS K 45 -36.83 10.07 -51.77
CA LYS K 45 -36.14 9.76 -50.54
C LYS K 45 -34.67 9.50 -50.80
N LEU K 46 -33.82 9.70 -49.81
CA LEU K 46 -32.43 9.37 -50.05
C LEU K 46 -32.00 8.10 -49.46
N LEU K 47 -31.12 7.42 -50.16
CA LEU K 47 -30.55 6.23 -49.64
C LEU K 47 -29.08 6.33 -49.41
N ILE K 48 -28.35 6.66 -50.47
CA ILE K 48 -26.88 6.66 -50.43
C ILE K 48 -26.28 7.94 -50.96
N TYR K 49 -25.24 8.41 -50.31
CA TYR K 49 -24.59 9.59 -50.80
C TYR K 49 -23.11 9.46 -50.87
N ALA K 50 -22.51 10.30 -51.68
CA ALA K 50 -21.07 10.28 -51.83
C ALA K 50 -20.64 8.86 -52.21
N ALA K 51 -21.35 8.27 -53.18
CA ALA K 51 -21.14 6.95 -53.75
C ALA K 51 -21.51 5.81 -52.82
N SER K 52 -20.98 5.78 -51.62
CA SER K 52 -21.25 4.65 -50.74
C SER K 52 -21.67 4.95 -49.30
N SER K 53 -21.88 6.20 -48.92
CA SER K 53 -22.26 6.49 -47.55
C SER K 53 -23.75 6.31 -47.36
N LEU K 54 -24.14 5.46 -46.44
CA LEU K 54 -25.57 5.25 -46.27
C LEU K 54 -26.16 6.39 -45.44
N GLN K 55 -27.33 6.87 -45.82
CA GLN K 55 -28.01 7.88 -45.03
C GLN K 55 -28.67 7.33 -43.78
N SER K 56 -28.42 7.98 -42.66
CA SER K 56 -28.99 7.53 -41.42
C SER K 56 -30.49 7.43 -41.55
N GLY K 57 -31.04 6.35 -41.03
CA GLY K 57 -32.47 6.09 -41.08
C GLY K 57 -32.80 5.14 -42.22
N VAL K 58 -31.86 4.93 -43.12
CA VAL K 58 -32.04 4.03 -44.23
C VAL K 58 -31.65 2.64 -43.79
N PRO K 59 -32.46 1.61 -44.03
CA PRO K 59 -32.18 0.27 -43.66
C PRO K 59 -30.85 -0.18 -44.22
N SER K 60 -30.18 -1.02 -43.43
CA SER K 60 -28.88 -1.58 -43.68
C SER K 60 -28.84 -2.50 -44.87
N ARG K 61 -30.00 -2.86 -45.38
CA ARG K 61 -30.07 -3.72 -46.54
C ARG K 61 -29.51 -3.01 -47.75
N PHE K 62 -29.42 -1.68 -47.73
CA PHE K 62 -28.92 -0.94 -48.87
C PHE K 62 -27.43 -0.69 -48.80
N SER K 63 -26.77 -0.82 -49.94
CA SER K 63 -25.35 -0.55 -50.03
C SER K 63 -24.96 -0.21 -51.45
N GLY K 64 -23.74 0.23 -51.65
CA GLY K 64 -23.31 0.51 -53.00
C GLY K 64 -21.81 0.75 -53.06
N SER K 65 -21.33 0.92 -54.27
CA SER K 65 -19.92 1.11 -54.53
C SER K 65 -19.70 1.69 -55.90
N ALA K 66 -18.46 2.01 -56.22
CA ALA K 66 -18.20 2.52 -57.55
C ALA K 66 -16.80 2.21 -58.03
N SER K 67 -16.67 2.12 -59.35
CA SER K 67 -15.39 1.93 -60.03
C SER K 67 -15.42 2.67 -61.35
N GLY K 68 -14.39 3.45 -61.65
CA GLY K 68 -14.42 4.18 -62.91
C GLY K 68 -15.60 5.11 -62.83
N THR K 69 -16.49 5.05 -63.82
CA THR K 69 -17.66 5.91 -63.81
C THR K 69 -18.91 5.07 -63.59
N ASP K 70 -18.70 3.80 -63.24
CA ASP K 70 -19.78 2.85 -62.99
C ASP K 70 -20.11 2.71 -61.52
N PHE K 71 -21.33 3.08 -61.19
CA PHE K 71 -21.79 3.09 -59.82
C PHE K 71 -22.89 2.09 -59.65
N THR K 72 -22.91 1.43 -58.51
CA THR K 72 -24.02 0.52 -58.30
C THR K 72 -24.67 0.67 -56.98
N LEU K 73 -25.93 0.33 -56.97
CA LEU K 73 -26.73 0.22 -55.78
C LEU K 73 -27.22 -1.15 -55.70
N THR K 74 -27.10 -1.71 -54.54
CA THR K 74 -27.62 -3.02 -54.37
C THR K 74 -28.28 -3.17 -53.06
N ILE K 75 -28.89 -4.30 -52.94
CA ILE K 75 -29.55 -4.65 -51.71
C ILE K 75 -29.15 -6.01 -51.23
N SER K 76 -29.45 -6.30 -49.99
CA SER K 76 -29.31 -7.67 -49.54
C SER K 76 -30.61 -8.33 -49.93
N SER K 77 -31.54 -8.53 -49.01
CA SER K 77 -32.82 -9.08 -49.43
C SER K 77 -33.65 -7.94 -49.98
N LEU K 78 -34.70 -8.27 -50.72
CA LEU K 78 -35.60 -7.25 -51.26
C LEU K 78 -36.79 -7.09 -50.32
N GLN K 79 -37.00 -5.89 -49.84
CA GLN K 79 -38.02 -5.56 -48.87
C GLN K 79 -39.37 -5.43 -49.57
N PRO K 80 -40.49 -5.86 -49.00
CA PRO K 80 -41.80 -5.67 -49.61
C PRO K 80 -42.11 -4.21 -49.92
N GLU K 81 -41.46 -3.32 -49.19
CA GLU K 81 -41.65 -1.89 -49.32
C GLU K 81 -40.64 -1.13 -50.18
N ASP K 82 -39.70 -1.80 -50.83
CA ASP K 82 -38.69 -1.03 -51.59
C ASP K 82 -38.88 -1.07 -53.11
N PHE K 83 -40.09 -1.35 -53.54
CA PHE K 83 -40.33 -1.31 -54.97
C PHE K 83 -40.54 0.15 -55.26
N ALA K 84 -39.66 0.69 -56.07
CA ALA K 84 -39.61 2.11 -56.34
C ALA K 84 -38.79 2.37 -57.57
N THR K 85 -38.84 3.60 -58.07
CA THR K 85 -37.94 3.93 -59.15
C THR K 85 -36.71 4.53 -58.49
N TYR K 86 -35.56 4.01 -58.84
CA TYR K 86 -34.33 4.46 -58.25
C TYR K 86 -33.60 5.38 -59.17
N TYR K 87 -33.00 6.41 -58.62
CA TYR K 87 -32.29 7.35 -59.47
C TYR K 87 -30.91 7.69 -59.01
N CYS K 88 -30.02 7.82 -59.96
CA CYS K 88 -28.73 8.37 -59.63
C CYS K 88 -28.67 9.83 -59.90
N GLN K 89 -27.97 10.55 -59.03
CA GLN K 89 -27.72 11.97 -59.23
C GLN K 89 -26.25 12.27 -59.31
N GLN K 90 -25.89 13.07 -60.28
CA GLN K 90 -24.51 13.51 -60.44
C GLN K 90 -24.40 14.86 -59.81
N SER K 91 -23.71 14.90 -58.68
CA SER K 91 -23.57 16.12 -57.89
C SER K 91 -22.24 16.77 -58.12
N TYR K 92 -21.48 16.18 -59.00
CA TYR K 92 -20.14 16.62 -59.27
C TYR K 92 -20.01 18.05 -59.71
N SER K 93 -20.82 18.44 -60.67
CA SER K 93 -20.77 19.79 -61.18
C SER K 93 -22.10 20.21 -61.66
N ALA K 94 -22.35 21.49 -61.57
CA ALA K 94 -23.57 22.00 -62.10
C ALA K 94 -23.45 21.85 -63.61
N PRO K 95 -24.57 21.68 -64.31
CA PRO K 95 -25.92 21.50 -63.84
C PRO K 95 -25.96 20.17 -63.21
N PHE K 96 -26.73 20.02 -62.19
CA PHE K 96 -26.73 18.72 -61.58
C PHE K 96 -27.71 17.92 -62.35
N THR K 97 -27.38 16.67 -62.60
CA THR K 97 -28.30 15.89 -63.41
C THR K 97 -28.64 14.57 -62.78
N PHE K 98 -29.73 14.02 -63.25
CA PHE K 98 -30.18 12.72 -62.82
C PHE K 98 -30.24 11.78 -63.97
N GLY K 99 -30.10 10.51 -63.70
CA GLY K 99 -30.28 9.56 -64.76
C GLY K 99 -31.78 9.47 -64.91
N PRO K 100 -32.29 8.78 -65.92
CA PRO K 100 -33.71 8.58 -66.19
C PRO K 100 -34.47 7.79 -65.13
N GLY K 101 -33.75 7.04 -64.33
CA GLY K 101 -34.29 6.21 -63.28
C GLY K 101 -34.50 4.76 -63.69
N THR K 102 -34.38 3.87 -62.72
CA THR K 102 -34.61 2.45 -62.92
C THR K 102 -35.78 1.97 -62.12
N LYS K 103 -36.74 1.39 -62.80
CA LYS K 103 -37.90 0.90 -62.07
C LYS K 103 -37.80 -0.55 -61.70
N VAL K 104 -37.94 -0.86 -60.41
CA VAL K 104 -37.99 -2.26 -60.05
C VAL K 104 -39.43 -2.59 -59.72
N ASP K 105 -39.96 -3.52 -60.46
CA ASP K 105 -41.32 -3.96 -60.30
C ASP K 105 -41.32 -5.27 -59.56
N ILE K 106 -42.49 -5.82 -59.33
CA ILE K 106 -42.56 -7.07 -58.60
C ILE K 106 -42.77 -8.20 -59.56
N GLU K 107 -41.95 -9.21 -59.39
CA GLU K 107 -41.99 -10.36 -60.28
C GLU K 107 -43.32 -11.10 -60.19
N ARG K 108 -43.88 -11.43 -61.36
CA ARG K 108 -45.14 -12.15 -61.44
C ARG K 108 -45.10 -13.19 -62.55
N GLN L 1 -37.68 18.43 -35.59
CA GLN L 1 -37.95 17.70 -36.83
C GLN L 1 -37.87 18.59 -38.04
N VAL L 2 -36.99 18.25 -38.97
CA VAL L 2 -36.87 19.02 -40.18
C VAL L 2 -37.94 18.67 -41.19
N GLN L 3 -38.59 19.72 -41.67
CA GLN L 3 -39.64 19.62 -42.66
C GLN L 3 -39.55 20.74 -43.67
N LEU L 4 -40.03 20.47 -44.87
CA LEU L 4 -40.16 21.51 -45.88
C LEU L 4 -41.59 21.51 -46.35
N VAL L 5 -42.25 22.65 -46.29
CA VAL L 5 -43.65 22.69 -46.65
C VAL L 5 -43.94 23.62 -47.81
N GLN L 6 -44.46 23.04 -48.86
CA GLN L 6 -44.74 23.77 -50.08
C GLN L 6 -46.17 24.21 -50.24
N SER L 7 -46.32 25.24 -51.08
CA SER L 7 -47.60 25.76 -51.52
C SER L 7 -48.41 24.71 -52.27
N GLY L 8 -49.73 24.81 -52.21
CA GLY L 8 -50.57 23.84 -52.88
C GLY L 8 -50.63 24.08 -54.38
N ALA L 9 -51.38 23.23 -55.08
CA ALA L 9 -51.47 23.27 -56.53
C ALA L 9 -52.14 24.51 -57.09
N GLU L 10 -51.66 24.92 -58.27
CA GLU L 10 -52.21 26.07 -59.00
C GLU L 10 -52.34 25.78 -60.48
N VAL L 11 -53.28 26.47 -61.15
CA VAL L 11 -53.40 26.39 -62.60
C VAL L 11 -53.25 27.76 -63.19
N LYS L 12 -52.44 27.83 -64.23
CA LYS L 12 -52.12 29.05 -64.94
C LYS L 12 -52.35 28.94 -66.41
N ARG L 13 -52.61 30.05 -67.06
CA ARG L 13 -52.67 30.01 -68.50
C ARG L 13 -51.29 30.39 -69.02
N PRO L 14 -50.90 29.96 -70.20
CA PRO L 14 -49.63 30.30 -70.79
C PRO L 14 -49.42 31.79 -70.83
N GLY L 15 -48.19 32.17 -70.52
CA GLY L 15 -47.74 33.56 -70.47
C GLY L 15 -47.71 34.09 -69.03
N ALA L 16 -48.41 33.41 -68.12
CA ALA L 16 -48.50 33.77 -66.72
C ALA L 16 -47.24 33.42 -65.97
N SER L 17 -47.03 34.03 -64.80
CA SER L 17 -45.93 33.57 -63.95
C SER L 17 -46.52 32.87 -62.73
N VAL L 18 -45.74 31.98 -62.15
CA VAL L 18 -46.15 31.29 -60.94
C VAL L 18 -45.09 31.37 -59.89
N LYS L 19 -45.48 31.66 -58.66
CA LYS L 19 -44.52 31.69 -57.59
C LYS L 19 -44.84 30.60 -56.59
N VAL L 20 -43.87 29.76 -56.32
CA VAL L 20 -44.07 28.66 -55.41
C VAL L 20 -43.22 28.82 -54.17
N SER L 21 -43.88 28.82 -53.03
CA SER L 21 -43.19 28.95 -51.78
C SER L 21 -42.81 27.58 -51.21
N CYS L 22 -41.85 27.59 -50.31
CA CYS L 22 -41.40 26.43 -49.55
C CYS L 22 -40.89 26.85 -48.18
N LYS L 23 -41.68 26.58 -47.15
CA LYS L 23 -41.34 26.98 -45.80
C LYS L 23 -40.51 25.96 -45.08
N ALA L 24 -39.45 26.43 -44.47
CA ALA L 24 -38.58 25.55 -43.71
C ALA L 24 -38.90 25.55 -42.24
N SER L 25 -38.73 24.40 -41.64
CA SER L 25 -38.83 24.29 -40.20
C SER L 25 -37.87 23.24 -39.66
N GLY L 26 -37.52 23.38 -38.38
CA GLY L 26 -36.67 22.42 -37.68
C GLY L 26 -35.17 22.69 -37.76
N TYR L 27 -34.77 23.74 -38.48
CA TYR L 27 -33.36 24.05 -38.63
C TYR L 27 -33.13 25.51 -38.97
N THR L 28 -31.90 25.96 -38.84
CA THR L 28 -31.61 27.32 -39.23
C THR L 28 -31.71 27.46 -40.73
N PHE L 29 -32.62 28.29 -41.17
CA PHE L 29 -32.89 28.44 -42.59
C PHE L 29 -31.70 28.90 -43.38
N ILE L 30 -31.07 29.93 -42.87
CA ILE L 30 -29.94 30.54 -43.56
C ILE L 30 -28.69 29.71 -43.59
N SER L 31 -28.66 28.56 -42.94
CA SER L 31 -27.44 27.78 -42.99
C SER L 31 -27.46 26.72 -44.08
N TYR L 32 -28.58 26.54 -44.74
CA TYR L 32 -28.68 25.50 -45.74
C TYR L 32 -29.06 26.05 -47.07
N GLY L 33 -28.66 25.38 -48.11
CA GLY L 33 -29.02 25.89 -49.42
C GLY L 33 -30.37 25.35 -49.81
N ILE L 34 -30.94 25.93 -50.84
CA ILE L 34 -32.21 25.47 -51.37
C ILE L 34 -32.12 25.20 -52.83
N SER L 35 -32.73 24.13 -53.25
CA SER L 35 -32.76 23.84 -54.66
C SER L 35 -34.10 23.38 -55.05
N TRP L 36 -34.33 23.41 -56.35
CA TRP L 36 -35.56 22.94 -56.89
C TRP L 36 -35.34 21.98 -58.03
N VAL L 37 -36.26 21.03 -58.15
CA VAL L 37 -36.31 20.13 -59.29
C VAL L 37 -37.75 20.13 -59.74
N ARG L 38 -38.01 19.70 -60.96
CA ARG L 38 -39.41 19.53 -61.33
C ARG L 38 -39.61 18.20 -61.98
N GLN L 39 -40.76 17.62 -61.75
CA GLN L 39 -41.05 16.37 -62.38
C GLN L 39 -42.29 16.42 -63.23
N ALA L 40 -42.09 16.46 -64.52
CA ALA L 40 -43.21 16.53 -65.43
C ALA L 40 -43.88 15.18 -65.33
N PRO L 41 -45.17 15.03 -65.58
CA PRO L 41 -45.81 13.75 -65.52
C PRO L 41 -45.09 12.74 -66.38
N GLY L 42 -44.81 11.59 -65.80
CA GLY L 42 -44.16 10.47 -66.46
C GLY L 42 -42.65 10.62 -66.59
N GLN L 43 -42.10 11.71 -66.08
CA GLN L 43 -40.68 11.98 -66.25
C GLN L 43 -39.88 11.82 -64.98
N GLY L 44 -38.57 12.00 -65.11
CA GLY L 44 -37.65 11.92 -63.99
C GLY L 44 -37.50 13.31 -63.41
N LEU L 45 -36.43 13.53 -62.66
CA LEU L 45 -36.29 14.82 -62.01
C LEU L 45 -35.40 15.78 -62.77
N GLU L 46 -35.95 16.92 -63.15
CA GLU L 46 -35.17 17.91 -63.86
C GLU L 46 -34.71 18.96 -62.88
N TRP L 47 -33.42 19.18 -62.80
CA TRP L 47 -32.94 20.18 -61.87
C TRP L 47 -33.29 21.55 -62.38
N MET L 48 -33.83 22.41 -61.51
CA MET L 48 -34.22 23.75 -61.89
C MET L 48 -33.12 24.73 -61.61
N GLY L 49 -32.51 24.52 -60.47
CA GLY L 49 -31.52 25.46 -60.00
C GLY L 49 -31.21 25.29 -58.52
N TRP L 50 -30.22 26.03 -58.08
CA TRP L 50 -29.74 26.06 -56.71
C TRP L 50 -29.36 27.42 -56.20
N ILE L 51 -29.88 27.77 -55.03
CA ILE L 51 -29.57 29.03 -54.40
C ILE L 51 -28.78 28.83 -53.10
N SER L 52 -27.65 29.52 -53.02
CA SER L 52 -26.72 29.47 -51.89
C SER L 52 -27.28 30.02 -50.59
N ALA L 53 -26.97 29.32 -49.50
CA ALA L 53 -27.46 29.64 -48.17
C ALA L 53 -27.16 31.01 -47.60
N TYR L 54 -25.98 31.57 -47.85
CA TYR L 54 -25.71 32.82 -47.16
C TYR L 54 -25.86 34.06 -48.01
N ASN L 55 -25.67 33.93 -49.30
CA ASN L 55 -25.72 35.10 -50.13
C ASN L 55 -26.72 35.05 -51.26
N GLY L 56 -27.39 33.93 -51.46
CA GLY L 56 -28.37 33.89 -52.52
C GLY L 56 -27.80 34.06 -53.93
N ASN L 57 -26.56 33.64 -54.19
CA ASN L 57 -26.00 33.89 -55.53
C ASN L 57 -26.74 33.25 -56.69
N THR L 58 -27.37 32.12 -56.45
CA THR L 58 -28.11 31.36 -57.44
C THR L 58 -27.30 30.74 -58.55
N ASN L 59 -27.93 29.78 -59.19
CA ASN L 59 -27.40 28.98 -60.27
C ASN L 59 -28.59 28.37 -60.97
N TYR L 60 -28.87 28.78 -62.18
CA TYR L 60 -30.08 28.30 -62.82
C TYR L 60 -29.80 27.29 -63.89
N ALA L 61 -30.66 26.28 -64.00
CA ALA L 61 -30.51 25.29 -65.05
C ALA L 61 -30.56 26.03 -66.37
N GLN L 62 -29.69 25.68 -67.29
CA GLN L 62 -29.58 26.43 -68.53
C GLN L 62 -30.83 26.47 -69.38
N ASN L 63 -31.58 25.39 -69.40
CA ASN L 63 -32.73 25.31 -70.27
C ASN L 63 -33.90 26.14 -69.78
N LEU L 64 -33.77 26.68 -68.58
CA LEU L 64 -34.79 27.50 -67.99
C LEU L 64 -34.43 28.96 -67.96
N GLN L 65 -33.20 29.29 -68.32
CA GLN L 65 -32.78 30.64 -68.10
C GLN L 65 -33.59 31.61 -68.92
N GLY L 66 -33.89 32.73 -68.27
CA GLY L 66 -34.68 33.80 -68.83
C GLY L 66 -36.12 33.71 -68.36
N ARG L 67 -36.51 32.55 -67.82
CA ARG L 67 -37.86 32.38 -67.32
C ARG L 67 -37.88 32.15 -65.83
N VAL L 68 -36.72 31.96 -65.23
CA VAL L 68 -36.70 31.56 -63.82
C VAL L 68 -35.89 32.44 -62.90
N THR L 69 -36.43 32.62 -61.71
CA THR L 69 -35.76 33.34 -60.65
C THR L 69 -35.98 32.68 -59.29
N MET L 70 -34.99 32.81 -58.40
CA MET L 70 -35.09 32.31 -57.02
C MET L 70 -34.77 33.39 -56.02
N THR L 71 -35.45 33.33 -54.88
CA THR L 71 -35.24 34.28 -53.80
C THR L 71 -35.66 33.70 -52.47
N THR L 72 -35.11 34.21 -51.37
CA THR L 72 -35.57 33.74 -50.07
C THR L 72 -35.89 34.85 -49.12
N ASP L 73 -36.78 34.56 -48.18
CA ASP L 73 -37.12 35.45 -47.10
C ASP L 73 -36.69 34.84 -45.78
N THR L 74 -35.62 35.35 -45.24
CA THR L 74 -35.01 34.76 -44.08
C THR L 74 -35.80 35.03 -42.82
N SER L 75 -36.72 35.98 -42.87
CA SER L 75 -37.48 36.31 -41.68
C SER L 75 -38.65 35.36 -41.50
N THR L 76 -39.02 34.64 -42.56
CA THR L 76 -40.16 33.74 -42.53
C THR L 76 -39.70 32.34 -42.83
N SER L 77 -38.39 32.19 -42.93
CA SER L 77 -37.72 30.95 -43.27
C SER L 77 -38.35 30.33 -44.49
N THR L 78 -38.62 31.15 -45.49
CA THR L 78 -39.30 30.64 -46.66
C THR L 78 -38.62 30.94 -47.95
N ALA L 79 -38.49 29.91 -48.74
CA ALA L 79 -37.89 30.03 -50.04
C ALA L 79 -38.94 30.19 -51.09
N TYR L 80 -38.63 30.97 -52.12
CA TYR L 80 -39.52 31.12 -53.23
C TYR L 80 -38.81 30.90 -54.56
N MET L 81 -39.56 30.34 -55.47
CA MET L 81 -39.11 30.18 -56.83
C MET L 81 -40.19 30.68 -57.75
N GLU L 82 -39.80 31.36 -58.82
CA GLU L 82 -40.79 31.83 -59.75
C GLU L 82 -40.45 31.59 -61.20
N LEU L 83 -41.46 31.12 -61.93
CA LEU L 83 -41.32 30.95 -63.37
C LEU L 83 -42.18 31.94 -64.06
N ARG L 84 -41.69 32.46 -65.15
CA ARG L 84 -42.40 33.43 -65.95
C ARG L 84 -42.68 32.90 -67.32
N SER L 85 -43.63 33.53 -67.99
CA SER L 85 -43.91 33.17 -69.35
C SER L 85 -44.12 31.68 -69.51
N LEU L 86 -45.02 31.12 -68.71
CA LEU L 86 -45.32 29.70 -68.70
C LEU L 86 -45.87 29.16 -69.99
N ARG L 87 -45.56 27.90 -70.24
CA ARG L 87 -46.02 27.14 -71.40
C ARG L 87 -46.71 25.86 -70.91
N SER L 88 -47.52 25.23 -71.76
CA SER L 88 -48.20 24.01 -71.32
C SER L 88 -47.24 22.87 -70.95
N ASP L 89 -46.02 22.89 -71.46
CA ASP L 89 -45.08 21.85 -71.16
C ASP L 89 -44.27 22.11 -69.90
N ASP L 90 -44.65 23.15 -69.16
CA ASP L 90 -44.04 23.42 -67.88
C ASP L 90 -44.89 22.77 -66.80
N THR L 91 -45.91 22.01 -67.21
CA THR L 91 -46.69 21.32 -66.21
C THR L 91 -45.76 20.33 -65.54
N ALA L 92 -45.70 20.41 -64.23
CA ALA L 92 -44.82 19.54 -63.47
C ALA L 92 -45.09 19.67 -61.99
N VAL L 93 -44.61 18.71 -61.22
CA VAL L 93 -44.63 18.93 -59.80
C VAL L 93 -43.30 19.53 -59.42
N TYR L 94 -43.35 20.66 -58.78
CA TYR L 94 -42.12 21.33 -58.42
C TYR L 94 -41.78 20.99 -57.00
N TYR L 95 -40.54 20.63 -56.78
CA TYR L 95 -40.14 20.26 -55.44
C TYR L 95 -39.05 21.12 -54.95
N CYS L 96 -39.13 21.46 -53.69
CA CYS L 96 -38.05 22.17 -53.06
C CYS L 96 -37.26 21.19 -52.27
N ALA L 97 -35.98 21.43 -52.14
CA ALA L 97 -35.17 20.57 -51.33
C ALA L 97 -34.02 21.29 -50.66
N ARG L 98 -33.58 20.72 -49.55
CA ARG L 98 -32.47 21.27 -48.80
C ARG L 98 -31.19 20.56 -49.13
N VAL L 99 -30.11 21.36 -49.28
CA VAL L 99 -28.77 20.82 -49.57
C VAL L 99 -27.80 21.03 -48.42
N ILE L 100 -27.05 19.97 -48.11
CA ILE L 100 -26.18 19.99 -46.96
C ILE L 100 -25.09 21.03 -46.90
N PRO L 101 -24.07 21.13 -47.73
CA PRO L 101 -23.27 22.30 -47.65
C PRO L 101 -24.25 23.33 -48.09
N GLY L 102 -24.23 24.51 -47.52
CA GLY L 102 -25.14 25.51 -48.01
C GLY L 102 -24.45 26.37 -49.03
N THR L 103 -23.17 26.09 -49.22
CA THR L 103 -22.31 26.88 -50.08
C THR L 103 -21.81 26.11 -51.29
N ALA L 104 -22.21 24.87 -51.36
CA ALA L 104 -21.78 23.98 -52.41
C ALA L 104 -22.81 22.92 -52.55
N VAL L 105 -22.86 22.26 -53.67
CA VAL L 105 -23.80 21.17 -53.72
C VAL L 105 -23.15 19.86 -53.50
N ASP L 106 -23.69 19.18 -52.53
CA ASP L 106 -23.30 17.85 -52.15
C ASP L 106 -24.45 17.28 -51.38
N TYR L 107 -25.35 16.57 -52.06
CA TYR L 107 -26.45 15.89 -51.40
C TYR L 107 -27.64 16.69 -50.87
N PHE L 108 -28.77 16.53 -51.57
CA PHE L 108 -30.03 17.21 -51.25
C PHE L 108 -30.83 16.23 -50.42
N ASP L 109 -30.90 16.42 -49.09
CA ASP L 109 -31.49 15.41 -48.20
C ASP L 109 -32.94 15.63 -47.78
N TYR L 110 -33.42 16.85 -47.81
CA TYR L 110 -34.80 17.06 -47.38
C TYR L 110 -35.61 17.57 -48.48
N TRP L 111 -36.79 16.99 -48.63
CA TRP L 111 -37.67 17.34 -49.71
C TRP L 111 -39.04 17.77 -49.25
N GLY L 112 -39.63 18.71 -49.96
CA GLY L 112 -40.98 19.16 -49.66
C GLY L 112 -41.92 18.17 -50.28
N GLN L 113 -43.23 18.36 -50.12
CA GLN L 113 -44.16 17.37 -50.66
C GLN L 113 -44.38 17.52 -52.15
N GLY L 114 -44.02 18.67 -52.70
CA GLY L 114 -44.21 18.95 -54.11
C GLY L 114 -45.43 19.81 -54.41
N THR L 115 -45.28 20.74 -55.35
CA THR L 115 -46.36 21.62 -55.75
C THR L 115 -46.74 21.36 -57.17
N LEU L 116 -47.98 21.02 -57.42
CA LEU L 116 -48.34 20.78 -58.80
C LEU L 116 -48.78 22.02 -59.50
N VAL L 117 -48.11 22.32 -60.59
CA VAL L 117 -48.48 23.47 -61.37
C VAL L 117 -48.93 22.98 -62.72
N THR L 118 -50.15 23.36 -63.08
CA THR L 118 -50.73 22.99 -64.36
C THR L 118 -50.84 24.19 -65.26
N VAL L 119 -50.40 24.06 -66.49
CA VAL L 119 -50.52 25.20 -67.40
C VAL L 119 -51.46 24.82 -68.53
N SER L 120 -52.51 25.62 -68.71
CA SER L 120 -53.55 25.31 -69.68
C SER L 120 -54.30 26.52 -70.26
C1 NAG M . -8.41 -21.14 -17.43
C2 NAG M . -9.47 -21.77 -16.57
C3 NAG M . -9.79 -23.07 -17.15
C4 NAG M . -10.34 -22.96 -18.61
C5 NAG M . -9.21 -22.24 -19.41
C6 NAG M . -9.58 -21.95 -20.84
C7 NAG M . -9.24 -21.23 -14.25
C8 NAG M . -8.56 -21.53 -12.96
N2 NAG M . -8.93 -21.99 -15.25
O3 NAG M . -10.74 -23.73 -16.30
O4 NAG M . -10.45 -24.31 -19.01
O5 NAG M . -8.92 -20.96 -18.87
O6 NAG M . -10.89 -21.45 -20.98
O7 NAG M . -10.05 -20.32 -14.35
C1 NAG M . -11.62 -24.61 -19.73
C2 NAG M . -11.30 -25.81 -20.55
C3 NAG M . -12.44 -26.19 -21.40
C4 NAG M . -13.63 -26.52 -20.44
C5 NAG M . -13.96 -25.27 -19.57
C6 NAG M . -15.07 -25.56 -18.61
C7 NAG M . -9.00 -26.09 -21.17
C8 NAG M . -7.87 -25.65 -22.05
N2 NAG M . -10.16 -25.52 -21.38
O3 NAG M . -12.09 -27.30 -22.24
O4 NAG M . -14.74 -26.87 -21.21
O5 NAG M . -12.81 -24.92 -18.79
O6 NAG M . -16.10 -26.31 -19.22
O7 NAG M . -8.85 -26.94 -20.30
C1 NAG N . 2.87 -2.15 -40.43
C2 NAG N . 1.76 -2.67 -41.26
C3 NAG N . 1.45 -1.76 -42.36
C4 NAG N . 1.00 -0.37 -41.77
C5 NAG N . 2.21 0.15 -40.94
C6 NAG N . 1.93 1.42 -40.20
C7 NAG N . 1.65 -5.06 -41.40
C8 NAG N . 2.24 -6.30 -41.96
N2 NAG N . 2.17 -3.93 -41.80
O3 NAG N . 0.41 -2.34 -43.17
O4 NAG N . 0.66 0.52 -42.81
O5 NAG N . 2.49 -0.77 -39.90
O6 NAG N . 0.76 1.34 -39.42
O7 NAG N . 0.71 -5.09 -40.60
C1 NAG N . -0.60 1.13 -42.63
C2 NAG N . -0.66 2.40 -43.42
C3 NAG N . -1.98 2.99 -43.12
C4 NAG N . -3.20 2.13 -43.54
C5 NAG N . -2.99 0.82 -42.74
C6 NAG N . -4.06 -0.19 -43.05
C7 NAG N . 1.53 3.43 -43.52
C8 NAG N . 2.48 4.43 -42.93
N2 NAG N . 0.36 3.32 -42.95
O3 NAG N . -2.11 4.31 -43.71
O4 NAG N . -4.34 2.82 -43.08
O5 NAG N . -1.75 0.18 -43.03
O6 NAG N . -5.30 0.25 -42.50
O7 NAG N . 1.84 2.73 -44.48
C1 BMA N . -5.37 3.06 -44.11
C2 BMA N . -6.63 3.54 -43.40
C3 BMA N . -7.76 3.74 -44.34
C4 BMA N . -7.30 4.80 -45.31
C5 BMA N . -6.01 4.33 -46.05
C6 BMA N . -5.50 5.45 -47.02
O2 BMA N . -6.35 4.71 -42.83
O3 BMA N . -8.92 4.21 -43.60
O4 BMA N . -8.32 5.00 -46.24
O5 BMA N . -4.97 4.10 -45.07
O6 BMA N . -4.45 5.02 -47.96
C1 MAN N . -10.18 3.55 -43.96
C2 MAN N . -11.31 4.24 -43.17
C3 MAN N . -11.10 4.04 -41.71
C4 MAN N . -11.17 2.54 -41.47
C5 MAN N . -10.03 1.86 -42.27
C6 MAN N . -10.07 0.30 -42.11
O2 MAN N . -12.54 3.64 -43.40
O3 MAN N . -12.14 4.74 -40.99
O4 MAN N . -11.03 2.27 -40.11
O5 MAN N . -10.21 2.13 -43.66
O6 MAN N . -10.73 -0.16 -40.87
C1 MAN N . -13.38 4.24 -44.48
C2 MAN N . -13.87 5.66 -44.13
C3 MAN N . -14.75 5.64 -42.93
C4 MAN N . -15.99 4.86 -43.24
C5 MAN N . -15.51 3.45 -43.61
C6 MAN N . -16.78 2.61 -43.96
O2 MAN N . -14.62 6.23 -45.11
O3 MAN N . -15.08 7.00 -42.57
O4 MAN N . -16.82 4.81 -42.13
O5 MAN N . -14.61 3.47 -44.74
O6 MAN N . -17.93 2.92 -43.09
C1 MAN N . -14.05 6.31 -46.48
C2 MAN N . -12.65 6.92 -46.47
C3 MAN N . -12.67 8.30 -45.94
C4 MAN N . -13.50 9.17 -46.85
C5 MAN N . -14.92 8.54 -46.87
C6 MAN N . -15.89 9.35 -47.82
O2 MAN N . -12.27 6.97 -47.75
O3 MAN N . -11.33 8.77 -45.84
O4 MAN N . -13.53 10.44 -46.29
O5 MAN N . -14.86 7.18 -47.35
O6 MAN N . -15.69 9.19 -49.26
C1 MAN N . -3.28 5.91 -48.01
C2 MAN N . -3.45 6.90 -49.16
C3 MAN N . -3.47 6.26 -50.48
C4 MAN N . -2.13 5.54 -50.58
C5 MAN N . -1.98 4.49 -49.44
C6 MAN N . -0.58 3.74 -49.38
O2 MAN N . -2.39 7.72 -49.13
O3 MAN N . -3.62 7.33 -51.47
O4 MAN N . -2.03 4.90 -51.81
O5 MAN N . -2.04 5.21 -48.20
O6 MAN N . 0.37 3.90 -50.52
C1 MAN N . -4.25 6.92 -52.74
C2 MAN N . -3.60 7.71 -53.88
C3 MAN N . -3.86 9.18 -53.79
C4 MAN N . -5.36 9.34 -53.89
C5 MAN N . -6.03 8.57 -52.71
C6 MAN N . -7.60 8.70 -52.81
O2 MAN N . -4.12 7.27 -55.02
O3 MAN N . -3.18 9.85 -54.86
O4 MAN N . -5.71 10.68 -53.82
O5 MAN N . -5.70 7.17 -52.81
O6 MAN N . -8.05 9.94 -53.46
C1 MAN N . 1.28 5.07 -50.47
C2 MAN N . 2.56 4.77 -51.22
C3 MAN N . 3.46 3.82 -50.52
C4 MAN N . 3.83 4.48 -49.20
C5 MAN N . 2.55 4.72 -48.38
C6 MAN N . 2.88 5.49 -47.05
O2 MAN N . 3.21 5.93 -51.36
O3 MAN N . 4.63 3.58 -51.33
O4 MAN N . 4.71 3.69 -48.51
O5 MAN N . 1.68 5.57 -49.16
O6 MAN N . 4.28 5.38 -46.63
C1 NAG O . -0.09 -27.22 8.98
C2 NAG O . -1.51 -27.58 8.68
C3 NAG O . -1.80 -28.83 9.37
C4 NAG O . -0.89 -30.00 8.91
C5 NAG O . 0.57 -29.52 9.19
C6 NAG O . 1.63 -30.48 8.72
C7 NAG O . -2.94 -25.67 8.47
C8 NAG O . -3.75 -24.63 9.16
N2 NAG O . -2.37 -26.56 9.22
O3 NAG O . -3.19 -29.15 9.17
O4 NAG O . -1.25 -31.05 9.78
O5 NAG O . 0.87 -28.31 8.50
O6 NAG O . 1.36 -31.02 7.45
O7 NAG O . -2.81 -25.67 7.25
C1 NAG O . -1.37 -32.31 9.17
C2 NAG O . -1.14 -33.33 10.24
C3 NAG O . -1.18 -34.68 9.69
C4 NAG O . -2.60 -34.89 9.09
C5 NAG O . -2.85 -33.83 7.98
C6 NAG O . -4.23 -33.97 7.40
C7 NAG O . 0.27 -32.62 12.06
C8 NAG O . 1.65 -32.34 12.54
N2 NAG O . 0.15 -33.08 10.84
O3 NAG O . -0.87 -35.63 10.73
O4 NAG O . -2.68 -36.17 8.56
O5 NAG O . -2.76 -32.52 8.55
O6 NAG O . -4.58 -35.33 7.21
O7 NAG O . -0.71 -32.45 12.78
C1 NAG P . 31.29 -25.62 3.47
C2 NAG P . 31.18 -27.04 3.05
C3 NAG P . 32.29 -27.42 2.19
C4 NAG P . 32.26 -26.53 0.89
C5 NAG P . 32.41 -25.06 1.38
C6 NAG P . 32.30 -24.05 0.28
C7 NAG P . 30.15 -28.49 4.67
C8 NAG P . 30.29 -29.20 5.96
N2 NAG P . 31.20 -27.85 4.23
O3 NAG P . 32.17 -28.82 1.86
O4 NAG P . 33.32 -26.91 0.02
O5 NAG P . 31.33 -24.74 2.23
O6 NAG P . 31.13 -24.23 -0.49
O7 NAG P . 29.10 -28.50 4.02
C1 NAG P . 32.87 -27.14 -1.31
C2 NAG P . 34.03 -26.99 -2.25
C3 NAG P . 33.47 -27.19 -3.59
C4 NAG P . 32.84 -28.59 -3.85
C5 NAG P . 31.72 -28.67 -2.78
C6 NAG P . 31.01 -29.99 -2.82
C7 NAG P . 35.56 -25.31 -1.42
C8 NAG P . 36.00 -23.88 -1.47
N2 NAG P . 34.55 -25.63 -2.18
O3 NAG P . 34.45 -26.92 -4.63
O4 NAG P . 32.28 -28.53 -5.14
O5 NAG P . 32.23 -28.54 -1.45
O6 NAG P . 30.24 -30.08 -4.00
O7 NAG P . 36.13 -26.14 -0.72
C1 BMA P . 32.71 -29.62 -6.05
C2 BMA P . 31.80 -29.60 -7.27
C3 BMA P . 32.11 -30.70 -8.21
C4 BMA P . 33.54 -30.51 -8.64
C5 BMA P . 34.47 -30.53 -7.40
C6 BMA P . 35.95 -30.27 -7.84
O2 BMA P . 32.03 -28.44 -7.91
O3 BMA P . 31.22 -30.59 -9.36
O4 BMA P . 33.87 -31.54 -9.51
O5 BMA P . 34.09 -29.46 -6.50
O6 BMA P . 36.96 -30.54 -6.79
C1 MAN P . 30.62 -31.86 -9.79
C2 MAN P . 29.81 -31.59 -11.07
C3 MAN P . 28.70 -30.65 -10.78
C4 MAN P . 27.80 -31.34 -9.77
C5 MAN P . 28.62 -31.61 -8.49
C6 MAN P . 27.77 -32.37 -7.40
O2 MAN P . 29.16 -32.73 -11.52
O3 MAN P . 27.99 -30.37 -12.01
O4 MAN P . 26.70 -30.55 -9.48
O5 MAN P . 29.74 -32.46 -8.81
O6 MAN P . 26.33 -32.19 -7.54
C1 MAN P . 29.87 -33.56 -12.54
C2 MAN P . 30.02 -32.82 -13.89
C3 MAN P . 28.70 -32.54 -14.50
C4 MAN P . 28.01 -33.83 -14.83
C5 MAN P . 27.87 -34.58 -13.49
C6 MAN P . 27.18 -35.94 -13.78
O2 MAN P . 30.69 -33.55 -14.82
O3 MAN P . 28.88 -31.75 -15.69
O4 MAN P . 26.76 -33.60 -15.37
O5 MAN P . 29.16 -34.81 -12.86
O6 MAN P . 26.13 -35.84 -14.82
C1 MAN P . 32.03 -34.08 -14.49
C2 MAN P . 32.93 -32.98 -13.92
C3 MAN P . 33.15 -31.91 -14.91
C4 MAN P . 33.87 -32.47 -16.12
C5 MAN P . 32.95 -33.60 -16.68
C6 MAN P . 33.59 -34.30 -17.94
O2 MAN P . 34.12 -33.58 -13.70
O3 MAN P . 33.90 -30.87 -14.30
O4 MAN P . 34.00 -31.44 -17.04
O5 MAN P . 32.72 -34.61 -15.67
O6 MAN P . 34.73 -35.20 -17.68
C1 MAN P . 37.94 -29.46 -6.60
C2 MAN P . 39.19 -29.75 -7.41
C3 MAN P . 39.89 -30.97 -6.98
C4 MAN P . 40.26 -30.69 -5.52
C5 MAN P . 38.98 -30.45 -4.67
C6 MAN P . 39.24 -30.06 -3.15
O2 MAN P . 40.03 -28.72 -7.25
O3 MAN P . 41.07 -31.11 -7.84
O4 MAN P . 40.96 -31.78 -5.00
O5 MAN P . 38.33 -29.29 -5.22
O6 MAN P . 40.61 -30.19 -2.60
C1 MAN P . 41.58 -32.48 -8.01
C2 MAN P . 43.10 -32.43 -8.11
C3 MAN P . 43.58 -31.72 -9.32
C4 MAN P . 43.04 -32.52 -10.51
C5 MAN P . 41.48 -32.53 -10.43
C6 MAN P . 40.90 -33.37 -11.63
O2 MAN P . 43.53 -33.69 -8.16
O3 MAN P . 45.02 -31.68 -9.32
O4 MAN P . 43.44 -31.92 -11.70
O5 MAN P . 41.09 -33.17 -9.20
O6 MAN P . 41.76 -33.36 -12.83
C1 MAN P . 41.52 -29.03 -2.78
C2 MAN P . 42.55 -28.99 -1.66
C3 MAN P . 41.99 -28.56 -0.35
C4 MAN P . 41.45 -27.15 -0.56
C5 MAN P . 40.34 -27.19 -1.63
C6 MAN P . 39.83 -25.75 -1.93
O2 MAN P . 43.48 -28.10 -2.02
O3 MAN P . 43.03 -28.58 0.64
O4 MAN P . 40.95 -26.66 0.63
O5 MAN P . 40.92 -27.70 -2.85
O6 MAN P . 40.09 -24.77 -0.87
C1 NAG Q . -19.27 -9.02 19.21
C2 NAG Q . -19.84 -10.18 18.47
C3 NAG Q . -21.07 -10.57 19.14
C4 NAG Q . -20.83 -11.01 20.62
C5 NAG Q . -20.16 -9.77 21.31
C6 NAG Q . -19.76 -10.01 22.74
C7 NAG Q . -19.46 -10.04 16.10
C8 NAG Q . -19.90 -9.48 14.80
N2 NAG Q . -20.19 -9.74 17.13
O3 NAG Q . -21.70 -11.62 18.39
O4 NAG Q . -22.14 -11.21 21.11
O5 NAG Q . -18.95 -9.40 20.66
O6 NAG Q . -19.15 -11.27 22.92
O7 NAG Q . -18.48 -10.77 16.19
C1 NAG Q . -22.29 -12.35 21.92
C2 NAG Q . -23.47 -12.08 22.80
C3 NAG Q . -23.68 -13.19 23.73
C4 NAG Q . -23.97 -14.46 22.87
C5 NAG Q . -22.75 -14.74 21.94
C6 NAG Q . -23.01 -15.93 21.06
C7 NAG Q . -23.91 -9.77 23.30
C8 NAG Q . -23.52 -8.56 24.07
N2 NAG Q . -23.23 -10.86 23.53
O3 NAG Q . -24.77 -12.87 24.62
O4 NAG Q . -24.18 -15.54 23.72
O5 NAG Q . -22.55 -13.61 21.08
O6 NAG Q . -23.64 -16.98 21.79
O7 NAG Q . -24.83 -9.75 22.48
C1 NAG R . 0.00 5.27 40.24
C2 NAG R . -0.38 4.17 41.17
C3 NAG R . 0.62 4.02 42.22
C4 NAG R . 2.00 3.64 41.57
C5 NAG R . 2.37 4.84 40.64
C6 NAG R . 3.61 4.62 39.84
C7 NAG R . -2.74 3.88 41.47
C8 NAG R . -3.99 4.40 42.08
N2 NAG R . -1.63 4.51 41.76
O3 NAG R . 0.19 2.98 43.14
O4 NAG R . 2.97 3.44 42.58
O5 NAG R . 1.37 4.98 39.65
O6 NAG R . 3.59 3.40 39.14
O7 NAG R . -2.73 2.89 40.73
C1 NAG R . 3.70 2.23 42.43
C2 NAG R . 5.00 2.33 43.14
C3 NAG R . 5.69 1.06 42.88
C4 NAG R . 4.97 -0.21 43.43
C5 NAG R . 3.59 -0.16 42.71
C6 NAG R . 2.71 -1.29 43.13
C7 NAG R . 5.84 4.60 43.04
C8 NAG R . 6.72 5.59 42.33
N2 NAG R . 5.80 3.39 42.55
O3 NAG R . 7.05 1.06 43.39
O4 NAG R . 5.73 -1.32 42.99
O5 NAG R . 2.87 1.04 42.96
O6 NAG R . 3.22 -2.51 42.64
O7 NAG R . 5.18 4.92 44.03
C1 BMA R . 6.11 -2.24 44.07
C2 BMA R . 6.65 -3.51 43.40
C3 BMA R . 7.01 -4.55 44.39
C4 BMA R . 8.08 -3.95 45.27
C5 BMA R . 7.55 -2.66 45.95
C6 BMA R . 8.67 -2.00 46.81
O2 BMA R . 7.77 -3.17 42.74
O3 BMA R . 7.54 -5.72 43.69
O4 BMA R . 8.42 -4.89 46.23
O5 BMA R . 7.17 -1.70 44.93
O6 BMA R . 8.21 -0.92 47.71
C1 MAN R . 7.02 -7.01 44.16
C2 MAN R . 7.75 -8.12 43.40
C3 MAN R . 7.45 -8.02 41.95
C4 MAN R . 5.95 -8.23 41.80
C5 MAN R . 5.22 -7.11 42.58
C6 MAN R . 3.66 -7.28 42.51
O2 MAN R . 7.28 -9.38 43.74
O3 MAN R . 8.18 -9.05 41.24
O4 MAN R . 5.58 -8.21 40.46
O5 MAN R . 5.59 -7.17 43.96
O6 MAN R . 3.18 -8.05 41.37
C1 MAN R . 8.01 -10.09 44.83
C2 MAN R . 9.45 -10.48 44.41
C3 MAN R . 9.44 -11.44 43.28
C4 MAN R . 8.79 -12.72 43.70
C5 MAN R . 7.36 -12.34 44.14
C6 MAN R . 6.65 -13.64 44.61
O2 MAN R . 10.13 -11.12 45.40
O3 MAN R . 10.79 -11.67 42.84
O4 MAN R . 8.74 -13.62 42.65
O5 MAN R . 7.36 -11.37 45.21
O6 MAN R . 7.01 -14.82 43.80
C1 MAN R . 10.25 -10.46 46.72
C2 MAN R . 10.72 -9.01 46.60
C3 MAN R . 12.07 -8.95 45.98
C4 MAN R . 13.06 -9.65 46.88
C5 MAN R . 12.57 -11.11 47.02
C6 MAN R . 13.50 -11.96 47.97
O2 MAN R . 10.82 -8.55 47.84
O3 MAN R . 12.41 -7.59 45.77
O4 MAN R . 14.30 -9.61 46.24
O5 MAN R . 11.23 -11.13 47.58
O6 MAN R . 13.41 -11.66 49.41
C1 MAN R . 8.99 0.31 47.64
C2 MAN R . 10.06 0.31 48.73
C3 MAN R . 9.49 0.31 50.10
C4 MAN R . 8.67 1.60 50.17
C5 MAN R . 7.55 1.58 49.08
C6 MAN R . 6.68 2.91 48.99
O2 MAN R . 10.78 1.43 48.59
O3 MAN R . 10.63 0.32 51.02
O4 MAN R . 8.10 1.72 51.42
O5 MAN R . 8.19 1.50 47.80
O6 MAN R . 6.83 3.94 50.05
C1 MAN R . 10.36 -0.27 52.34
C2 MAN R . 11.16 0.52 53.39
C3 MAN R . 12.63 0.39 53.22
C4 MAN R . 12.93 -1.10 53.40
C5 MAN R . 12.16 -1.89 52.32
C6 MAN R . 12.43 -3.44 52.49
O2 MAN R . 10.83 0.03 54.59
O3 MAN R . 13.31 1.18 54.21
O4 MAN R . 14.29 -1.33 53.26
O5 MAN R . 10.75 -1.67 52.49
O6 MAN R . 13.74 -3.74 53.09
C1 MAN R . 7.90 4.94 49.87
C2 MAN R . 7.54 6.24 50.57
C3 MAN R . 6.48 7.01 49.87
C4 MAN R . 7.02 7.35 48.50
C5 MAN R . 7.32 6.03 47.74
C6 MAN R . 7.98 6.34 46.36
O2 MAN R . 8.64 6.99 50.60
O3 MAN R . 6.18 8.20 50.63
O4 MAN R . 6.11 8.10 47.81
O5 MAN R . 8.29 5.29 48.51
O6 MAN R . 7.72 7.71 45.86
C1 NAG S . -27.59 -2.95 -7.20
C2 NAG S . -27.81 -4.36 -6.78
C3 NAG S . -29.06 -4.80 -7.38
C4 NAG S . -30.28 -3.97 -6.89
C5 NAG S . -29.95 -2.49 -7.29
C6 NAG S . -30.96 -1.49 -6.83
C7 NAG S . -25.76 -5.61 -6.62
C8 NAG S . -24.71 -6.38 -7.33
N2 NAG S . -26.75 -5.17 -7.33
O3 NAG S . -29.24 -6.21 -7.07
O4 NAG S . -31.35 -4.46 -7.67
O5 NAG S . -28.73 -2.05 -6.69
O6 NAG S . -31.40 -1.72 -5.51
O7 NAG S . -25.72 -5.41 -5.40
C1 NAG S . -32.55 -4.64 -6.97
C2 NAG S . -33.64 -4.57 -7.99
C3 NAG S . -34.96 -4.69 -7.36
C4 NAG S . -35.00 -6.09 -6.67
C5 NAG S . -33.86 -6.18 -5.61
C6 NAG S . -33.85 -7.52 -4.95
C7 NAG S . -33.17 -3.23 -9.94
C8 NAG S . -33.04 -1.87 -10.52
N2 NAG S . -33.55 -3.30 -8.68
O3 NAG S . -35.99 -4.53 -8.35
O4 NAG S . -36.24 -6.24 -6.04
O5 NAG S . -32.60 -6.01 -6.26
O6 NAG S . -35.17 -7.96 -4.65
O7 NAG S . -32.96 -4.24 -10.60
C1 NAG T . -28.41 28.75 -3.66
C2 NAG T . -29.79 28.55 -3.14
C3 NAG T . -30.22 29.68 -2.31
C4 NAG T . -29.25 29.81 -1.08
C5 NAG T . -27.84 30.05 -1.67
C6 NAG T . -26.75 30.09 -0.64
C7 NAG T . -31.24 27.30 -4.60
C8 NAG T . -32.04 27.30 -5.85
N2 NAG T . -30.67 28.43 -4.27
O3 NAG T . -31.59 29.47 -1.89
O4 NAG T . -29.68 30.88 -0.26
O5 NAG T . -27.48 28.95 -2.48
O6 NAG T . -26.79 28.96 0.21
O7 NAG T . -31.12 26.30 -3.89
C1 NAG T . -29.78 30.50 1.11
C2 NAG T . -29.68 31.72 1.97
C3 NAG T . -29.76 31.24 3.35
C4 NAG T . -31.08 30.52 3.74
C5 NAG T . -31.13 29.33 2.73
C6 NAG T . -32.37 28.51 2.91
C7 NAG T . -28.20 33.35 0.95
C8 NAG T . -26.81 33.90 0.87
N2 NAG T . -28.39 32.36 1.79
O3 NAG T . -29.51 32.31 4.31
O4 NAG T . -30.90 30.05 5.06
O5 NAG T . -31.11 29.75 1.38
O6 NAG T . -32.31 27.81 4.14
O7 NAG T . -29.11 33.79 0.26
C1 BMA T . -31.96 30.44 6.00
C2 BMA T . -31.78 29.62 7.27
C3 BMA T . -32.85 29.88 8.27
C4 BMA T . -32.76 31.36 8.59
C5 BMA T . -32.94 32.20 7.30
C6 BMA T . -32.79 33.73 7.64
O2 BMA T . -30.62 29.98 7.81
O3 BMA T . -32.60 29.09 9.45
O4 BMA T . -33.77 31.65 9.50
O5 BMA T . -31.89 31.86 6.36
O6 BMA T . -33.20 34.64 6.55
C1 MAN T . -33.78 28.41 10.00
C2 MAN T . -33.37 27.71 11.30
C3 MAN T . -32.36 26.67 11.01
C4 MAN T . -33.02 25.65 10.11
C5 MAN T . -33.44 26.36 8.80
C6 MAN T . -34.18 25.39 7.82
O2 MAN T . -34.42 27.00 11.86
O3 MAN T . -31.94 26.06 12.26
O4 MAN T . -32.15 24.61 9.83
O5 MAN T . -34.36 27.42 9.11
O6 MAN T . -33.87 23.97 8.03
C1 MAN T . -35.24 27.71 12.88
C2 MAN T . -34.44 28.00 14.18
C3 MAN T . -34.02 26.75 14.85
C4 MAN T . -35.22 25.98 15.30
C5 MAN T . -36.02 25.69 14.01
C6 MAN T . -37.30 24.91 14.44
O2 MAN T . -35.18 28.66 15.12
O3 MAN T . -33.17 27.08 15.96
O4 MAN T . -34.84 24.79 15.90
O5 MAN T . -36.41 26.91 13.33
O6 MAN T . -37.05 23.94 15.53
C1 MAN T . -35.83 29.94 14.73
C2 MAN T . -34.86 30.89 14.05
C3 MAN T . -33.75 31.26 14.95
C4 MAN T . -34.30 32.00 16.14
C5 MAN T . -35.31 31.03 16.83
C6 MAN T . -35.99 31.69 18.09
O2 MAN T . -35.57 32.00 13.79
O3 MAN T . -32.82 32.05 14.22
O4 MAN T . -33.23 32.27 16.99
O5 MAN T . -36.35 30.65 15.90
O6 MAN T . -37.00 32.72 17.82
C1 MAN T . -32.23 35.68 6.22
C2 MAN T . -32.57 36.96 6.99
C3 MAN T . -33.87 37.53 6.59
C4 MAN T . -33.72 37.83 5.09
C5 MAN T . -33.41 36.52 4.31
C6 MAN T . -33.14 36.71 2.76
O2 MAN T . -31.63 37.87 6.71
O3 MAN T . -34.06 38.74 7.38
O4 MAN T . -34.89 38.39 4.60
O5 MAN T . -32.17 36.00 4.82
O6 MAN T . -33.41 38.03 2.13
C1 MAN T . -35.46 39.14 7.61
C2 MAN T . -35.54 40.67 7.62
C3 MAN T . -34.80 41.28 8.75
C4 MAN T . -35.48 40.75 10.01
C5 MAN T . -35.36 39.21 10.04
C6 MAN T . -36.07 38.63 11.31
O2 MAN T . -36.82 41.00 7.73
O3 MAN T . -34.89 42.72 8.67
O4 MAN T . -34.85 41.28 11.14
O5 MAN T . -36.04 38.67 8.88
O6 MAN T . -36.07 39.57 12.46
C1 MAN T . -32.33 39.04 2.18
C2 MAN T . -32.45 39.99 1.01
C3 MAN T . -32.05 39.39 -0.28
C4 MAN T . -30.60 38.99 -0.14
C5 MAN T . -30.47 37.94 1.00
C6 MAN T . -28.97 37.57 1.24
O2 MAN T . -31.62 41.01 1.26
O3 MAN T . -32.22 40.37 -1.33
O4 MAN T . -30.13 38.46 -1.33
O5 MAN T . -30.96 38.56 2.20
O6 MAN T . -28.08 37.85 0.09
C1 NAG U . 35.61 8.89 -18.66
C2 NAG U . 35.69 10.23 -18.00
C3 NAG U . 35.70 11.29 -19.02
C4 NAG U . 36.95 11.09 -19.92
C5 NAG U . 36.84 9.69 -20.57
C6 NAG U . 37.99 9.41 -21.50
C7 NAG U . 34.68 10.62 -15.84
C8 NAG U . 33.42 10.71 -15.05
N2 NAG U . 34.55 10.42 -17.13
O3 NAG U . 35.65 12.59 -18.41
O4 NAG U . 36.98 12.08 -20.89
O5 NAG U . 36.83 8.67 -19.57
O6 NAG U . 38.20 10.51 -22.38
O7 NAG U . 35.79 10.73 -15.32
C1 NAG V . 34.56 12.07 18.83
C2 NAG V . 34.70 13.27 17.95
C3 NAG V . 35.96 13.18 17.21
C4 NAG V . 37.14 13.18 18.22
C5 NAG V . 36.95 11.94 19.14
C6 NAG V . 38.06 11.81 20.14
C7 NAG V . 32.78 14.31 16.96
C8 NAG V . 31.63 14.19 16.01
N2 NAG V . 33.61 13.31 17.01
O3 NAG V . 36.07 14.26 16.25
O4 NAG V . 38.35 13.11 17.54
O5 NAG V . 35.72 12.03 19.85
O6 NAG V . 39.33 11.96 19.52
O7 NAG V . 32.93 15.31 17.67
C1 NAG W . 6.82 37.35 15.91
C2 NAG W . 8.12 37.50 15.17
C3 NAG W . 9.22 37.66 16.12
C4 NAG W . 8.97 38.96 16.95
C5 NAG W . 7.63 38.77 17.71
C6 NAG W . 7.31 39.94 18.57
C7 NAG W . 8.46 36.39 13.06
C8 NAG W . 8.61 35.10 12.34
N2 NAG W . 8.35 36.33 14.36
O3 NAG W . 10.50 37.68 15.43
O4 NAG W . 10.01 39.13 17.86
O5 NAG W . 6.56 38.61 16.77
O6 NAG W . 8.43 40.30 19.37
O7 NAG W . 8.45 37.48 12.47
C1 NAG X . 7.87 34.16 -21.58
C2 NAG X . 9.10 34.47 -20.78
C3 NAG X . 8.95 35.76 -20.10
C4 NAG X . 8.79 36.87 -21.19
C5 NAG X . 7.51 36.52 -22.01
C6 NAG X . 7.23 37.54 -23.07
C7 NAG X . 10.37 32.70 -19.75
C8 NAG X . 10.40 31.62 -18.72
N2 NAG X . 9.29 33.44 -19.78
O3 NAG X . 10.07 36.02 -19.22
O4 NAG X . 8.65 38.10 -20.57
O5 NAG X . 7.67 35.25 -22.66
O6 NAG X . 7.30 38.86 -22.53
O7 NAG X . 11.31 32.89 -20.53
#